data_7JQZ
#
_entry.id   7JQZ
#
_cell.length_a   182.734
_cell.length_b   210.471
_cell.length_c   86.956
_cell.angle_alpha   90.000
_cell.angle_beta   90.000
_cell.angle_gamma   90.000
#
_symmetry.space_group_name_H-M   'P 21 21 2'
#
loop_
_entity.id
_entity.type
_entity.pdbx_description
1 polymer 'Alpha/beta hydrolase fold'
2 water water
#
_entity_poly.entity_id   1
_entity_poly.type   'polypeptide(L)'
_entity_poly.pdbx_seq_one_letter_code
;MYQHQSTEAASHLEATPYFREDPRLTGFRHRFDTVDGVRLHFVEGGRADGETIVLLAGFPESWYAWRRVMPLLADEFRIV
APDLPGQGDSDRPLVGYDTQTVAATLARLLERQNIARFYLAAHDVGAWVAYPFAAMYPESVKRLALLDAGIPGVTLPAAL
PIEPGNAWRTWHFAFHTVADLPETLIAGKEREYLDWFLRRKAANPESFSDADVDEYLRVFTRDGGLRAGLAFYRAVSESS
AQNRKLQALGKLKMPVLAVSADQGSIPDMAGPLEHVAEEVTAATIAYSGHFIPEEQPQALARELRDFFR
;
_entity_poly.pdbx_strand_id   A,B,C,D,E,F,G,H,I,J
#
# COMPACT_ATOMS: atom_id res chain seq x y z
N THR A 16 -28.59 -29.99 -28.64
CA THR A 16 -29.10 -28.83 -27.92
C THR A 16 -28.09 -27.95 -27.15
N PRO A 17 -28.28 -26.65 -27.21
CA PRO A 17 -27.44 -25.68 -26.49
C PRO A 17 -27.70 -25.67 -25.00
N TYR A 18 -26.66 -25.34 -24.25
CA TYR A 18 -26.80 -25.18 -22.80
C TYR A 18 -27.58 -23.93 -22.48
N PHE A 19 -28.56 -24.06 -21.60
CA PHE A 19 -29.29 -22.93 -21.03
C PHE A 19 -29.51 -23.20 -19.55
N ARG A 20 -29.93 -22.15 -18.84
CA ARG A 20 -30.08 -22.20 -17.39
C ARG A 20 -31.35 -21.48 -16.97
N GLU A 21 -32.11 -22.08 -16.09
CA GLU A 21 -33.31 -21.45 -15.64
C GLU A 21 -32.93 -20.41 -14.64
N ASP A 22 -33.55 -19.25 -14.75
CA ASP A 22 -33.29 -18.17 -13.83
C ASP A 22 -33.72 -18.64 -12.46
N PRO A 23 -32.90 -18.48 -11.43
CA PRO A 23 -33.22 -19.02 -10.10
C PRO A 23 -34.41 -18.36 -9.45
N ARG A 24 -34.84 -17.26 -10.04
CA ARG A 24 -35.98 -16.51 -9.52
C ARG A 24 -37.16 -16.33 -10.45
N LEU A 25 -36.93 -16.10 -11.74
CA LEU A 25 -38.04 -15.88 -12.65
C LEU A 25 -38.47 -17.23 -13.20
N THR A 26 -39.59 -17.74 -12.67
CA THR A 26 -40.14 -19.04 -13.08
C THR A 26 -40.38 -19.07 -14.58
N GLY A 27 -39.88 -20.12 -15.24
CA GLY A 27 -40.14 -20.24 -16.64
C GLY A 27 -39.23 -19.45 -17.56
N PHE A 28 -38.26 -18.72 -17.02
CA PHE A 28 -37.36 -17.93 -17.85
C PHE A 28 -35.98 -18.58 -17.88
N ARG A 29 -35.39 -18.61 -19.08
CA ARG A 29 -34.16 -19.32 -19.35
C ARG A 29 -33.11 -18.34 -19.88
N HIS A 30 -31.88 -18.49 -19.41
CA HIS A 30 -30.75 -17.74 -19.92
C HIS A 30 -30.15 -18.48 -21.10
N ARG A 31 -29.91 -17.77 -22.20
N ARG A 31 -29.91 -17.77 -22.19
CA ARG A 31 -29.41 -18.35 -23.42
CA ARG A 31 -29.35 -18.39 -23.39
C ARG A 31 -28.30 -17.47 -23.99
C ARG A 31 -28.29 -17.48 -23.98
N PHE A 32 -27.48 -18.06 -24.84
CA PHE A 32 -26.51 -17.32 -25.62
C PHE A 32 -26.64 -17.80 -27.06
N ASP A 33 -26.44 -16.88 -27.99
CA ASP A 33 -26.38 -17.25 -29.40
C ASP A 33 -25.32 -16.37 -30.05
N THR A 34 -24.63 -16.92 -31.03
CA THR A 34 -23.58 -16.18 -31.70
C THR A 34 -24.12 -15.70 -33.04
N VAL A 35 -24.06 -14.41 -33.27
CA VAL A 35 -24.62 -13.76 -34.46
C VAL A 35 -23.45 -13.12 -35.19
N ASP A 36 -23.04 -13.75 -36.29
CA ASP A 36 -21.90 -13.32 -37.09
C ASP A 36 -20.70 -12.93 -36.24
N GLY A 37 -20.27 -13.86 -35.38
CA GLY A 37 -19.11 -13.65 -34.54
C GLY A 37 -19.37 -12.96 -33.23
N VAL A 38 -20.58 -12.40 -33.02
CA VAL A 38 -20.90 -11.68 -31.82
C VAL A 38 -21.86 -12.54 -30.99
N ARG A 39 -21.38 -12.89 -29.79
CA ARG A 39 -22.15 -13.65 -28.82
C ARG A 39 -23.09 -12.70 -28.10
N LEU A 40 -24.36 -13.08 -28.03
CA LEU A 40 -25.42 -12.29 -27.41
C LEU A 40 -26.09 -13.10 -26.31
N HIS A 41 -26.27 -12.49 -25.15
CA HIS A 41 -26.99 -13.11 -24.05
C HIS A 41 -28.44 -12.65 -24.10
N PHE A 42 -29.38 -13.56 -23.82
CA PHE A 42 -30.76 -13.11 -23.71
C PHE A 42 -31.53 -14.02 -22.77
N VAL A 43 -32.60 -13.47 -22.21
CA VAL A 43 -33.50 -14.20 -21.33
C VAL A 43 -34.84 -14.30 -22.04
N GLU A 44 -35.39 -15.52 -22.10
CA GLU A 44 -36.65 -15.79 -22.78
C GLU A 44 -37.50 -16.70 -21.90
N GLY A 45 -38.81 -16.48 -21.97
CA GLY A 45 -39.82 -17.21 -21.23
C GLY A 45 -41.22 -16.75 -21.62
N GLY A 46 -42.18 -16.90 -20.70
CA GLY A 46 -43.51 -16.44 -20.96
C GLY A 46 -44.24 -17.48 -21.79
N ARG A 47 -45.43 -17.13 -22.29
CA ARG A 47 -46.30 -18.02 -23.06
C ARG A 47 -45.76 -18.50 -24.40
N ALA A 48 -45.60 -19.81 -24.52
CA ALA A 48 -44.96 -20.44 -25.67
C ALA A 48 -45.58 -20.05 -27.02
N ASP A 49 -46.90 -20.06 -27.13
CA ASP A 49 -47.53 -19.69 -28.39
C ASP A 49 -48.10 -18.27 -28.37
N GLY A 50 -47.81 -17.51 -27.34
CA GLY A 50 -48.35 -16.18 -27.26
C GLY A 50 -47.64 -15.23 -28.23
N GLU A 51 -48.21 -14.05 -28.39
CA GLU A 51 -47.50 -13.03 -29.13
C GLU A 51 -46.24 -12.63 -28.37
N THR A 52 -45.22 -12.24 -29.10
CA THR A 52 -43.91 -11.99 -28.52
C THR A 52 -43.73 -10.52 -28.20
N ILE A 53 -43.21 -10.24 -27.01
CA ILE A 53 -42.67 -8.94 -26.64
C ILE A 53 -41.15 -9.06 -26.55
N VAL A 54 -40.44 -8.16 -27.24
CA VAL A 54 -39.00 -7.97 -27.12
C VAL A 54 -38.77 -6.75 -26.25
N LEU A 55 -37.90 -6.85 -25.25
CA LEU A 55 -37.66 -5.78 -24.28
C LEU A 55 -36.21 -5.33 -24.34
N LEU A 56 -35.98 -4.02 -24.50
CA LEU A 56 -34.63 -3.46 -24.59
C LEU A 56 -34.36 -2.52 -23.44
N ALA A 57 -33.19 -2.66 -22.80
CA ALA A 57 -32.80 -1.77 -21.72
C ALA A 57 -31.66 -0.87 -22.17
N GLY A 58 -31.29 0.09 -21.31
CA GLY A 58 -30.30 1.11 -21.61
C GLY A 58 -29.21 1.17 -20.55
N PHE A 59 -28.63 2.37 -20.37
CA PHE A 59 -27.45 2.66 -19.54
C PHE A 59 -27.84 3.10 -18.13
N PRO A 60 -27.16 2.63 -17.06
CA PRO A 60 -26.10 1.62 -17.06
C PRO A 60 -26.66 0.26 -16.68
N GLU A 61 -27.64 -0.25 -17.44
CA GLU A 61 -28.32 -1.48 -17.04
C GLU A 61 -28.19 -2.56 -18.10
N SER A 62 -29.16 -3.47 -18.16
CA SER A 62 -29.09 -4.71 -18.94
C SER A 62 -30.49 -5.30 -18.94
N TRP A 63 -30.65 -6.49 -19.54
CA TRP A 63 -31.93 -7.20 -19.48
C TRP A 63 -32.49 -7.18 -18.07
N TYR A 64 -31.61 -7.21 -17.06
CA TYR A 64 -32.02 -7.32 -15.66
C TYR A 64 -33.00 -6.21 -15.25
N ALA A 65 -32.95 -5.06 -15.93
CA ALA A 65 -33.85 -3.96 -15.58
C ALA A 65 -35.30 -4.34 -15.80
N TRP A 66 -35.57 -5.34 -16.63
CA TRP A 66 -36.92 -5.78 -16.90
C TRP A 66 -37.38 -6.93 -15.97
N ARG A 67 -36.61 -7.30 -14.94
CA ARG A 67 -36.89 -8.51 -14.15
C ARG A 67 -38.21 -8.46 -13.42
N ARG A 68 -38.69 -7.28 -13.07
CA ARG A 68 -39.96 -7.15 -12.35
C ARG A 68 -41.16 -7.09 -13.29
N VAL A 69 -40.95 -6.67 -14.55
CA VAL A 69 -42.05 -6.62 -15.51
C VAL A 69 -42.27 -7.99 -16.17
N MET A 70 -41.17 -8.70 -16.49
CA MET A 70 -41.25 -9.96 -17.24
C MET A 70 -42.20 -10.99 -16.63
N PRO A 71 -42.16 -11.30 -15.33
CA PRO A 71 -43.14 -12.27 -14.82
C PRO A 71 -44.57 -11.74 -14.87
N LEU A 72 -44.77 -10.42 -14.79
CA LEU A 72 -46.13 -9.87 -14.78
C LEU A 72 -46.83 -10.05 -16.13
N LEU A 73 -46.07 -10.08 -17.22
CA LEU A 73 -46.61 -10.24 -18.56
C LEU A 73 -46.49 -11.67 -19.09
N ALA A 74 -45.79 -12.57 -18.38
CA ALA A 74 -45.50 -13.91 -18.90
C ALA A 74 -46.75 -14.75 -19.11
N ASP A 75 -47.83 -14.45 -18.41
CA ASP A 75 -49.07 -15.20 -18.57
C ASP A 75 -49.64 -15.07 -19.99
N GLU A 76 -49.46 -13.92 -20.63
CA GLU A 76 -50.08 -13.66 -21.93
C GLU A 76 -49.10 -13.65 -23.09
N PHE A 77 -47.93 -13.11 -22.87
CA PHE A 77 -46.99 -12.99 -23.93
C PHE A 77 -45.80 -13.89 -23.82
N ARG A 78 -45.14 -14.02 -24.94
CA ARG A 78 -43.91 -14.70 -25.12
C ARG A 78 -42.92 -13.54 -24.97
N ILE A 79 -41.98 -13.69 -24.05
CA ILE A 79 -41.05 -12.64 -23.69
C ILE A 79 -39.58 -12.88 -23.90
N VAL A 80 -38.93 -11.98 -24.60
CA VAL A 80 -37.51 -12.06 -24.95
C VAL A 80 -36.86 -10.75 -24.49
N ALA A 81 -35.85 -10.85 -23.62
CA ALA A 81 -35.13 -9.68 -23.10
C ALA A 81 -33.66 -9.86 -23.40
N PRO A 82 -33.16 -9.31 -24.50
CA PRO A 82 -31.73 -9.48 -24.80
C PRO A 82 -30.88 -8.38 -24.22
N ASP A 83 -29.61 -8.75 -23.97
CA ASP A 83 -28.52 -7.81 -23.76
C ASP A 83 -28.00 -7.40 -25.13
N LEU A 84 -28.12 -6.13 -25.47
CA LEU A 84 -27.56 -5.66 -26.73
C LEU A 84 -26.05 -5.87 -26.72
N PRO A 85 -25.41 -5.89 -27.90
CA PRO A 85 -23.95 -5.83 -27.94
C PRO A 85 -23.47 -4.68 -27.08
N GLY A 86 -22.46 -4.94 -26.27
CA GLY A 86 -21.98 -3.93 -25.33
C GLY A 86 -22.73 -3.87 -24.00
N GLN A 87 -23.67 -4.78 -23.76
CA GLN A 87 -24.48 -4.76 -22.54
C GLN A 87 -24.37 -6.07 -21.77
N GLY A 88 -24.46 -5.97 -20.44
CA GLY A 88 -24.62 -7.15 -19.61
C GLY A 88 -23.59 -8.22 -19.91
N ASP A 89 -24.05 -9.44 -20.24
CA ASP A 89 -23.15 -10.56 -20.50
C ASP A 89 -22.95 -10.81 -21.99
N SER A 90 -23.49 -9.95 -22.85
CA SER A 90 -23.21 -10.09 -24.27
C SER A 90 -21.77 -9.64 -24.57
N ASP A 91 -21.26 -10.05 -25.72
CA ASP A 91 -19.93 -9.62 -26.16
C ASP A 91 -19.88 -8.11 -26.33
N ARG A 92 -18.65 -7.57 -26.36
CA ARG A 92 -18.36 -6.15 -26.52
C ARG A 92 -17.47 -5.97 -27.74
N PRO A 93 -18.03 -5.87 -28.92
CA PRO A 93 -17.21 -5.68 -30.13
C PRO A 93 -16.46 -4.36 -30.07
N LEU A 94 -15.46 -4.24 -30.94
CA LEU A 94 -14.65 -3.04 -30.93
C LEU A 94 -15.35 -1.84 -31.55
N VAL A 95 -16.19 -2.04 -32.57
CA VAL A 95 -16.90 -0.97 -33.27
C VAL A 95 -18.34 -1.41 -33.51
N GLY A 96 -19.13 -0.53 -34.13
CA GLY A 96 -20.49 -0.85 -34.47
C GLY A 96 -21.53 -0.40 -33.48
N TYR A 97 -21.27 0.68 -32.73
CA TYR A 97 -22.22 1.15 -31.73
C TYR A 97 -23.10 2.27 -32.27
N ASP A 98 -22.96 2.63 -33.55
CA ASP A 98 -24.03 3.35 -34.24
C ASP A 98 -25.32 2.53 -34.21
N THR A 99 -26.47 3.19 -34.00
CA THR A 99 -27.66 2.40 -33.67
C THR A 99 -28.23 1.63 -34.88
N GLN A 100 -27.94 2.04 -36.11
CA GLN A 100 -28.40 1.23 -37.23
C GLN A 100 -27.70 -0.12 -37.24
N THR A 101 -26.38 -0.15 -36.97
CA THR A 101 -25.66 -1.40 -36.90
C THR A 101 -26.14 -2.26 -35.71
N VAL A 102 -26.41 -1.64 -34.54
CA VAL A 102 -26.90 -2.40 -33.39
C VAL A 102 -28.27 -3.01 -33.68
N ALA A 103 -29.17 -2.23 -34.30
CA ALA A 103 -30.49 -2.74 -34.65
C ALA A 103 -30.40 -3.90 -35.64
N ALA A 104 -29.53 -3.79 -36.64
CA ALA A 104 -29.37 -4.89 -37.58
C ALA A 104 -28.86 -6.15 -36.88
N THR A 105 -27.94 -5.97 -35.90
CA THR A 105 -27.47 -7.12 -35.14
C THR A 105 -28.61 -7.75 -34.36
N LEU A 106 -29.45 -6.93 -33.73
CA LEU A 106 -30.61 -7.46 -32.99
C LEU A 106 -31.57 -8.21 -33.91
N ALA A 107 -31.83 -7.65 -35.11
CA ALA A 107 -32.73 -8.28 -36.08
C ALA A 107 -32.23 -9.67 -36.44
N ARG A 108 -30.93 -9.75 -36.66
CA ARG A 108 -30.23 -10.98 -37.00
C ARG A 108 -30.36 -12.00 -35.86
N LEU A 109 -30.33 -11.54 -34.60
CA LEU A 109 -30.56 -12.43 -33.46
C LEU A 109 -32.00 -12.95 -33.41
N LEU A 110 -32.98 -12.04 -33.60
CA LEU A 110 -34.38 -12.44 -33.54
C LEU A 110 -34.73 -13.41 -34.64
N GLU A 111 -34.20 -13.19 -35.84
CA GLU A 111 -34.40 -14.11 -36.96
C GLU A 111 -33.92 -15.51 -36.61
N ARG A 112 -32.72 -15.61 -36.04
CA ARG A 112 -32.20 -16.92 -35.70
C ARG A 112 -33.07 -17.61 -34.66
N GLN A 113 -33.81 -16.86 -33.84
CA GLN A 113 -34.75 -17.44 -32.91
C GLN A 113 -36.17 -17.58 -33.47
N ASN A 114 -36.35 -17.39 -34.79
CA ASN A 114 -37.66 -17.50 -35.46
C ASN A 114 -38.69 -16.53 -34.87
N ILE A 115 -38.26 -15.32 -34.59
CA ILE A 115 -39.16 -14.25 -34.12
C ILE A 115 -39.38 -13.32 -35.30
N ALA A 116 -40.56 -13.41 -35.95
CA ALA A 116 -40.81 -12.68 -37.19
C ALA A 116 -41.52 -11.33 -37.00
N ARG A 117 -42.51 -11.25 -36.13
CA ARG A 117 -43.29 -10.04 -35.81
C ARG A 117 -43.49 -10.04 -34.30
N PHE A 118 -43.48 -8.89 -33.63
CA PHE A 118 -43.48 -8.85 -32.18
C PHE A 118 -43.77 -7.43 -31.78
N TYR A 119 -44.19 -7.28 -30.54
CA TYR A 119 -44.24 -5.98 -29.92
C TYR A 119 -42.87 -5.65 -29.36
N LEU A 120 -42.51 -4.38 -29.45
CA LEU A 120 -41.16 -3.95 -29.04
C LEU A 120 -41.32 -2.85 -28.02
N ALA A 121 -40.74 -3.07 -26.83
CA ALA A 121 -40.73 -2.07 -25.77
C ALA A 121 -39.29 -1.76 -25.38
N ALA A 122 -38.93 -0.47 -25.32
CA ALA A 122 -37.52 -0.11 -25.20
C ALA A 122 -37.34 1.08 -24.26
N HIS A 123 -36.34 0.98 -23.40
CA HIS A 123 -36.06 1.98 -22.37
C HIS A 123 -34.67 2.55 -22.55
N ASP A 124 -34.55 3.88 -22.39
CA ASP A 124 -33.26 4.59 -22.35
C ASP A 124 -32.51 4.33 -23.66
N VAL A 125 -31.22 3.98 -23.61
CA VAL A 125 -30.45 3.69 -24.83
C VAL A 125 -31.11 2.56 -25.63
N GLY A 126 -31.82 1.67 -24.97
CA GLY A 126 -32.60 0.68 -25.70
C GLY A 126 -33.54 1.32 -26.71
N ALA A 127 -34.16 2.44 -26.32
CA ALA A 127 -35.03 3.14 -27.25
C ALA A 127 -34.27 3.72 -28.43
N TRP A 128 -32.99 4.09 -28.23
CA TRP A 128 -32.18 4.54 -29.36
C TRP A 128 -32.07 3.47 -30.41
N VAL A 129 -31.99 2.20 -29.99
CA VAL A 129 -31.90 1.10 -30.95
C VAL A 129 -33.26 0.81 -31.56
N ALA A 130 -34.32 0.92 -30.76
CA ALA A 130 -35.65 0.54 -31.23
C ALA A 130 -36.16 1.46 -32.36
N TYR A 131 -35.81 2.75 -32.34
CA TYR A 131 -36.31 3.66 -33.37
C TYR A 131 -35.80 3.30 -34.76
N PRO A 132 -34.49 3.23 -35.02
CA PRO A 132 -34.07 2.78 -36.35
C PRO A 132 -34.50 1.35 -36.61
N PHE A 133 -34.63 0.52 -35.57
CA PHE A 133 -35.13 -0.82 -35.80
C PHE A 133 -36.54 -0.78 -36.41
N ALA A 134 -37.44 0.00 -35.81
CA ALA A 134 -38.80 0.08 -36.33
C ALA A 134 -38.86 0.74 -37.70
N ALA A 135 -37.96 1.70 -37.99
CA ALA A 135 -37.96 2.35 -39.30
C ALA A 135 -37.43 1.43 -40.38
N MET A 136 -36.46 0.57 -40.03
CA MET A 136 -35.85 -0.30 -41.03
C MET A 136 -36.65 -1.58 -41.24
N TYR A 137 -37.35 -2.07 -40.22
CA TYR A 137 -38.07 -3.34 -40.30
C TYR A 137 -39.53 -3.17 -39.88
N PRO A 138 -40.30 -2.31 -40.57
CA PRO A 138 -41.67 -1.98 -40.10
C PRO A 138 -42.61 -3.18 -40.02
N GLU A 139 -42.44 -4.12 -40.94
CA GLU A 139 -43.25 -5.34 -40.95
C GLU A 139 -42.96 -6.26 -39.76
N SER A 140 -41.81 -6.09 -39.11
CA SER A 140 -41.49 -6.95 -37.98
C SER A 140 -42.02 -6.41 -36.66
N VAL A 141 -42.36 -5.13 -36.60
CA VAL A 141 -42.79 -4.51 -35.35
C VAL A 141 -44.29 -4.22 -35.42
N LYS A 142 -45.05 -4.96 -34.67
CA LYS A 142 -46.44 -4.73 -34.59
C LYS A 142 -46.71 -3.38 -33.97
N ARG A 143 -46.21 -3.11 -32.77
CA ARG A 143 -46.39 -1.88 -32.08
C ARG A 143 -45.12 -1.64 -31.29
N LEU A 144 -44.87 -0.37 -31.00
CA LEU A 144 -43.64 0.11 -30.41
C LEU A 144 -43.97 0.89 -29.14
N ALA A 145 -43.25 0.61 -28.05
CA ALA A 145 -43.35 1.40 -26.83
C ALA A 145 -41.97 1.95 -26.48
N LEU A 146 -41.88 3.27 -26.31
CA LEU A 146 -40.64 3.94 -25.99
C LEU A 146 -40.78 4.65 -24.67
N LEU A 147 -39.88 4.35 -23.76
CA LEU A 147 -39.93 4.88 -22.44
C LEU A 147 -38.79 5.81 -22.02
N ASP A 148 -39.15 7.05 -21.65
CA ASP A 148 -38.26 8.06 -21.09
C ASP A 148 -36.88 8.05 -21.73
N ALA A 149 -36.83 8.39 -23.01
CA ALA A 149 -35.58 8.42 -23.73
C ALA A 149 -35.75 9.33 -24.94
N GLY A 150 -34.75 10.11 -25.25
CA GLY A 150 -34.75 10.83 -26.51
C GLY A 150 -34.05 10.01 -27.58
N ILE A 151 -34.36 10.29 -28.83
CA ILE A 151 -33.76 9.52 -29.91
C ILE A 151 -32.79 10.44 -30.65
N PRO A 152 -31.51 10.09 -30.73
CA PRO A 152 -30.53 10.95 -31.40
C PRO A 152 -30.97 11.40 -32.79
N GLY A 153 -30.66 12.66 -33.10
CA GLY A 153 -30.97 13.24 -34.38
C GLY A 153 -32.43 13.32 -34.76
N VAL A 154 -33.32 12.94 -33.87
CA VAL A 154 -34.70 13.01 -34.22
C VAL A 154 -35.58 13.57 -33.11
N THR A 155 -35.43 13.13 -31.87
CA THR A 155 -36.20 13.71 -30.77
C THR A 155 -35.32 14.24 -29.64
N LEU A 156 -34.13 13.68 -29.51
CA LEU A 156 -33.17 14.18 -28.53
C LEU A 156 -32.66 15.54 -29.02
N PRO A 157 -32.85 16.62 -28.26
CA PRO A 157 -32.43 17.96 -28.74
C PRO A 157 -30.93 18.04 -28.98
N ALA A 158 -30.54 19.00 -29.83
CA ALA A 158 -29.12 19.23 -30.07
C ALA A 158 -28.43 19.92 -28.91
N ALA A 159 -29.20 20.52 -28.00
CA ALA A 159 -28.65 21.17 -26.81
C ALA A 159 -29.42 20.74 -25.57
N LEU A 160 -28.71 20.54 -24.47
CA LEU A 160 -29.23 20.11 -23.17
C LEU A 160 -29.00 21.14 -22.08
N PRO A 161 -29.86 21.15 -21.05
CA PRO A 161 -29.78 22.23 -20.08
C PRO A 161 -28.57 22.19 -19.16
N ILE A 162 -28.19 23.39 -18.72
CA ILE A 162 -27.09 23.61 -17.79
C ILE A 162 -27.58 24.20 -16.48
N GLU A 163 -28.87 24.46 -16.35
CA GLU A 163 -29.42 25.01 -15.12
C GLU A 163 -29.26 23.97 -14.00
N PRO A 164 -28.72 24.36 -12.84
CA PRO A 164 -28.73 23.43 -11.69
C PRO A 164 -30.15 23.05 -11.33
N GLY A 165 -30.38 21.80 -10.97
CA GLY A 165 -31.73 21.33 -10.79
C GLY A 165 -32.34 20.75 -12.04
N ASN A 166 -31.84 21.13 -13.21
CA ASN A 166 -32.13 20.42 -14.45
C ASN A 166 -30.90 19.72 -15.03
N ALA A 167 -29.70 20.29 -14.85
CA ALA A 167 -28.54 19.77 -15.55
C ALA A 167 -28.19 18.34 -15.13
N TRP A 168 -28.44 17.96 -13.88
CA TRP A 168 -28.06 16.62 -13.43
C TRP A 168 -28.78 15.51 -14.19
N ARG A 169 -29.89 15.82 -14.87
CA ARG A 169 -30.63 14.82 -15.60
C ARG A 169 -29.89 14.36 -16.85
N THR A 170 -29.05 15.20 -17.42
CA THR A 170 -28.52 14.97 -18.75
C THR A 170 -27.05 15.30 -18.87
N TRP A 171 -26.38 15.66 -17.77
CA TRP A 171 -24.98 16.08 -17.86
C TRP A 171 -24.10 15.00 -18.46
N HIS A 172 -24.46 13.73 -18.24
CA HIS A 172 -23.62 12.60 -18.60
C HIS A 172 -23.52 12.41 -20.11
N PHE A 173 -24.53 12.89 -20.85
N PHE A 173 -24.50 12.91 -20.87
CA PHE A 173 -24.54 12.77 -22.31
CA PHE A 173 -24.47 12.70 -22.31
C PHE A 173 -23.27 13.33 -22.92
C PHE A 173 -23.23 13.32 -22.94
N ALA A 174 -23.02 14.62 -22.69
CA ALA A 174 -21.83 15.27 -23.23
C ALA A 174 -20.55 14.68 -22.64
N PHE A 175 -20.56 14.38 -21.34
CA PHE A 175 -19.37 13.80 -20.70
C PHE A 175 -18.93 12.54 -21.42
N HIS A 176 -19.89 11.67 -21.71
CA HIS A 176 -19.56 10.38 -22.28
C HIS A 176 -18.95 10.51 -23.68
N THR A 177 -19.18 11.62 -24.41
CA THR A 177 -18.58 11.74 -25.74
C THR A 177 -17.10 12.09 -25.69
N VAL A 178 -16.60 12.58 -24.55
CA VAL A 178 -15.20 12.95 -24.45
C VAL A 178 -14.34 11.70 -24.46
N ALA A 179 -13.27 11.71 -25.26
CA ALA A 179 -12.34 10.58 -25.29
C ALA A 179 -11.53 10.51 -24.01
N ASP A 180 -11.39 9.29 -23.47
CA ASP A 180 -10.39 8.92 -22.47
C ASP A 180 -10.59 9.56 -21.09
N LEU A 181 -11.04 10.82 -21.00
CA LEU A 181 -11.24 11.41 -19.68
C LEU A 181 -12.28 10.65 -18.84
N PRO A 182 -13.41 10.20 -19.39
CA PRO A 182 -14.36 9.44 -18.55
C PRO A 182 -13.74 8.18 -17.97
N GLU A 183 -12.99 7.41 -18.77
CA GLU A 183 -12.30 6.25 -18.22
C GLU A 183 -11.37 6.64 -17.08
N THR A 184 -10.65 7.76 -17.24
CA THR A 184 -9.71 8.20 -16.21
C THR A 184 -10.40 8.62 -14.92
N LEU A 185 -11.55 9.29 -15.01
CA LEU A 185 -12.19 9.76 -13.77
C LEU A 185 -12.99 8.66 -13.08
N ILE A 186 -13.58 7.75 -13.86
CA ILE A 186 -14.42 6.70 -13.31
C ILE A 186 -13.59 5.58 -12.69
N ALA A 187 -12.32 5.42 -13.12
CA ALA A 187 -11.46 4.36 -12.61
C ALA A 187 -11.37 4.39 -11.08
N GLY A 188 -11.58 3.24 -10.45
CA GLY A 188 -11.58 3.16 -9.00
C GLY A 188 -12.83 3.71 -8.33
N LYS A 189 -13.77 4.28 -9.10
CA LYS A 189 -15.01 4.84 -8.55
C LYS A 189 -16.24 4.25 -9.24
N GLU A 190 -16.12 3.03 -9.77
CA GLU A 190 -17.19 2.46 -10.58
C GLU A 190 -18.48 2.31 -9.78
N ARG A 191 -18.40 1.76 -8.56
CA ARG A 191 -19.63 1.63 -7.77
C ARG A 191 -20.23 3.00 -7.44
N GLU A 192 -19.41 3.98 -7.08
CA GLU A 192 -19.92 5.32 -6.81
C GLU A 192 -20.61 5.91 -8.04
N TYR A 193 -20.03 5.69 -9.21
CA TYR A 193 -20.62 6.22 -10.43
C TYR A 193 -21.97 5.57 -10.70
N LEU A 194 -22.03 4.24 -10.61
CA LEU A 194 -23.29 3.51 -10.81
C LEU A 194 -24.32 3.92 -9.79
N ASP A 195 -23.92 3.91 -8.52
CA ASP A 195 -24.86 4.22 -7.45
C ASP A 195 -25.49 5.59 -7.67
N TRP A 196 -24.70 6.56 -8.12
CA TRP A 196 -25.26 7.88 -8.39
C TRP A 196 -26.34 7.79 -9.46
N PHE A 197 -26.08 7.09 -10.55
CA PHE A 197 -27.07 7.03 -11.63
C PHE A 197 -28.38 6.42 -11.15
N LEU A 198 -28.28 5.28 -10.47
CA LEU A 198 -29.47 4.53 -10.07
C LEU A 198 -30.26 5.26 -8.99
N ARG A 199 -29.62 5.67 -7.92
CA ARG A 199 -30.35 6.27 -6.83
C ARG A 199 -30.81 7.67 -7.02
N ARG A 200 -30.00 8.49 -7.68
CA ARG A 200 -30.36 9.89 -7.86
C ARG A 200 -31.51 10.07 -8.84
N LYS A 201 -31.64 9.18 -9.82
CA LYS A 201 -32.65 9.33 -10.86
C LYS A 201 -33.94 8.54 -10.58
N ALA A 202 -33.95 7.71 -9.53
CA ALA A 202 -35.20 7.05 -9.12
C ALA A 202 -36.00 8.00 -8.24
N ALA A 203 -37.33 7.87 -8.27
CA ALA A 203 -38.13 8.66 -7.33
C ALA A 203 -37.86 8.21 -5.90
N ASN A 204 -37.69 6.91 -5.70
CA ASN A 204 -37.40 6.31 -4.40
C ASN A 204 -36.17 5.43 -4.54
N PRO A 205 -35.04 5.77 -3.92
CA PRO A 205 -33.80 5.01 -4.14
C PRO A 205 -33.89 3.58 -3.66
N GLU A 206 -34.84 3.26 -2.79
CA GLU A 206 -34.98 1.88 -2.35
C GLU A 206 -35.54 0.98 -3.44
N SER A 207 -35.89 1.54 -4.59
CA SER A 207 -36.21 0.70 -5.75
C SER A 207 -35.01 -0.14 -6.17
N PHE A 208 -33.80 0.24 -5.75
CA PHE A 208 -32.60 -0.54 -6.04
C PHE A 208 -32.04 -1.08 -4.73
N SER A 209 -32.05 -2.40 -4.58
CA SER A 209 -31.37 -3.07 -3.47
C SER A 209 -29.85 -3.06 -3.67
N ASP A 210 -29.11 -3.26 -2.56
CA ASP A 210 -27.67 -3.45 -2.66
C ASP A 210 -27.33 -4.60 -3.60
N ALA A 211 -28.13 -5.68 -3.57
CA ALA A 211 -27.87 -6.77 -4.51
C ALA A 211 -28.10 -6.35 -5.96
N ASP A 212 -29.06 -5.46 -6.23
CA ASP A 212 -29.26 -4.94 -7.59
C ASP A 212 -28.05 -4.15 -8.09
N VAL A 213 -27.55 -3.23 -7.24
CA VAL A 213 -26.36 -2.46 -7.60
C VAL A 213 -25.17 -3.39 -7.84
N ASP A 214 -25.04 -4.44 -7.02
CA ASP A 214 -23.99 -5.43 -7.24
C ASP A 214 -24.08 -6.03 -8.63
N GLU A 215 -25.29 -6.36 -9.07
CA GLU A 215 -25.44 -7.02 -10.38
C GLU A 215 -25.05 -6.09 -11.51
N TYR A 216 -25.51 -4.84 -11.45
CA TYR A 216 -25.11 -3.87 -12.46
C TYR A 216 -23.62 -3.58 -12.37
N LEU A 217 -23.04 -3.59 -11.16
CA LEU A 217 -21.61 -3.39 -11.02
C LEU A 217 -20.83 -4.53 -11.65
N ARG A 218 -21.31 -5.77 -11.51
CA ARG A 218 -20.65 -6.91 -12.13
C ARG A 218 -20.50 -6.70 -13.64
N VAL A 219 -21.58 -6.36 -14.33
CA VAL A 219 -21.49 -6.25 -15.80
C VAL A 219 -20.84 -4.92 -16.20
N PHE A 220 -20.89 -3.91 -15.35
CA PHE A 220 -20.21 -2.65 -15.62
C PHE A 220 -18.69 -2.84 -15.67
N THR A 221 -18.13 -3.62 -14.75
CA THR A 221 -16.69 -3.75 -14.57
C THR A 221 -16.08 -4.94 -15.29
N ARG A 222 -16.87 -5.82 -15.90
CA ARG A 222 -16.29 -6.89 -16.69
C ARG A 222 -15.59 -6.29 -17.91
N ASP A 223 -14.77 -7.11 -18.55
CA ASP A 223 -14.02 -6.75 -19.75
C ASP A 223 -14.78 -5.84 -20.73
N GLY A 224 -14.35 -4.59 -20.86
CA GLY A 224 -14.90 -3.68 -21.85
C GLY A 224 -16.28 -3.12 -21.56
N GLY A 225 -16.82 -3.37 -20.37
CA GLY A 225 -18.15 -2.86 -20.05
C GLY A 225 -18.22 -1.36 -20.13
N LEU A 226 -17.27 -0.67 -19.49
CA LEU A 226 -17.27 0.78 -19.51
C LEU A 226 -17.03 1.32 -20.92
N ARG A 227 -16.02 0.77 -21.60
CA ARG A 227 -15.74 1.15 -22.98
C ARG A 227 -16.98 1.02 -23.85
N ALA A 228 -17.68 -0.11 -23.74
CA ALA A 228 -18.82 -0.33 -24.62
C ALA A 228 -19.98 0.57 -24.22
N GLY A 229 -20.22 0.72 -22.92
CA GLY A 229 -21.26 1.63 -22.49
C GLY A 229 -21.06 3.02 -23.04
N LEU A 230 -19.82 3.52 -22.95
CA LEU A 230 -19.52 4.85 -23.46
C LEU A 230 -19.65 4.90 -24.98
N ALA A 231 -19.40 3.77 -25.66
CA ALA A 231 -19.35 3.78 -27.13
C ALA A 231 -20.69 4.21 -27.74
N PHE A 232 -21.80 3.82 -27.10
CA PHE A 232 -23.11 4.24 -27.61
C PHE A 232 -23.20 5.76 -27.66
N TYR A 233 -22.72 6.43 -26.61
CA TYR A 233 -22.74 7.89 -26.58
C TYR A 233 -21.75 8.50 -27.55
N ARG A 234 -20.60 7.84 -27.75
CA ARG A 234 -19.58 8.39 -28.65
C ARG A 234 -19.99 8.29 -30.11
N ALA A 235 -20.94 7.42 -30.45
CA ALA A 235 -21.40 7.30 -31.82
C ALA A 235 -22.70 8.05 -32.07
N VAL A 236 -23.10 8.92 -31.15
CA VAL A 236 -24.43 9.52 -31.24
C VAL A 236 -24.56 10.39 -32.50
N SER A 237 -23.45 10.93 -33.02
CA SER A 237 -23.53 11.77 -34.22
C SER A 237 -23.75 10.92 -35.46
N GLU A 238 -23.09 9.76 -35.56
CA GLU A 238 -23.43 8.86 -36.65
C GLU A 238 -24.85 8.33 -36.49
N SER A 239 -25.25 8.00 -35.25
CA SER A 239 -26.62 7.53 -35.03
C SER A 239 -27.64 8.61 -35.37
N SER A 240 -27.32 9.87 -35.03
CA SER A 240 -28.20 10.99 -35.37
C SER A 240 -28.34 11.15 -36.87
N ALA A 241 -27.22 11.13 -37.58
CA ALA A 241 -27.25 11.29 -39.03
C ALA A 241 -28.05 10.16 -39.69
N GLN A 242 -27.86 8.92 -39.22
CA GLN A 242 -28.66 7.80 -39.72
C GLN A 242 -30.15 8.05 -39.48
N ASN A 243 -30.50 8.46 -38.26
CA ASN A 243 -31.92 8.62 -37.93
C ASN A 243 -32.58 9.74 -38.73
N ARG A 244 -31.83 10.80 -39.09
CA ARG A 244 -32.41 11.87 -39.90
C ARG A 244 -32.71 11.39 -41.34
N LYS A 245 -31.86 10.51 -41.83
CA LYS A 245 -32.04 9.90 -43.14
C LYS A 245 -33.24 8.94 -43.12
N LEU A 246 -33.44 8.21 -42.01
CA LEU A 246 -34.58 7.29 -41.97
C LEU A 246 -35.89 8.04 -41.83
N GLN A 247 -35.92 9.11 -41.04
CA GLN A 247 -37.17 9.83 -40.89
C GLN A 247 -37.56 10.52 -42.19
N ALA A 248 -36.59 10.82 -43.06
CA ALA A 248 -36.91 11.45 -44.33
C ALA A 248 -37.67 10.50 -45.25
N LEU A 249 -37.72 9.21 -44.93
CA LEU A 249 -38.53 8.29 -45.72
C LEU A 249 -39.98 8.22 -45.27
N GLY A 250 -40.35 8.89 -44.19
CA GLY A 250 -41.72 8.81 -43.70
C GLY A 250 -41.85 8.52 -42.22
N LYS A 251 -43.02 8.80 -41.66
CA LYS A 251 -43.20 8.54 -40.25
C LYS A 251 -43.36 7.04 -40.03
N LEU A 252 -43.03 6.61 -38.81
CA LEU A 252 -43.26 5.22 -38.39
C LEU A 252 -44.73 4.89 -38.51
N LYS A 253 -44.99 3.74 -39.10
CA LYS A 253 -46.33 3.29 -39.41
C LYS A 253 -47.09 2.48 -38.38
N MET A 254 -46.40 1.75 -37.53
CA MET A 254 -47.09 1.03 -36.50
C MET A 254 -47.42 1.98 -35.36
N PRO A 255 -48.44 1.67 -34.58
CA PRO A 255 -48.76 2.49 -33.40
C PRO A 255 -47.59 2.56 -32.44
N VAL A 256 -47.45 3.72 -31.79
CA VAL A 256 -46.34 4.03 -30.90
C VAL A 256 -46.89 4.49 -29.57
N LEU A 257 -46.43 3.88 -28.49
CA LEU A 257 -46.76 4.33 -27.14
C LEU A 257 -45.57 5.11 -26.59
N ALA A 258 -45.79 6.39 -26.27
CA ALA A 258 -44.78 7.25 -25.69
C ALA A 258 -44.97 7.28 -24.16
N VAL A 259 -44.08 6.62 -23.43
CA VAL A 259 -44.22 6.46 -21.99
C VAL A 259 -43.30 7.45 -21.28
N SER A 260 -43.89 8.35 -20.51
CA SER A 260 -43.18 9.28 -19.64
C SER A 260 -43.27 8.84 -18.18
N ALA A 261 -42.42 9.44 -17.36
CA ALA A 261 -42.49 9.31 -15.91
C ALA A 261 -42.60 10.70 -15.30
N ASP A 262 -43.44 10.86 -14.28
CA ASP A 262 -43.66 12.19 -13.71
C ASP A 262 -42.40 12.76 -13.08
N GLN A 263 -41.45 11.92 -12.68
CA GLN A 263 -40.14 12.42 -12.24
C GLN A 263 -39.04 11.92 -13.17
N GLY A 264 -39.39 11.60 -14.43
CA GLY A 264 -38.43 11.06 -15.36
C GLY A 264 -37.49 12.09 -15.94
N SER A 265 -36.62 11.62 -16.84
CA SER A 265 -35.58 12.46 -17.43
C SER A 265 -36.11 13.37 -18.55
N ILE A 266 -37.11 12.94 -19.29
CA ILE A 266 -37.49 13.61 -20.53
C ILE A 266 -38.78 14.37 -20.26
N PRO A 267 -38.80 15.69 -20.43
CA PRO A 267 -40.02 16.46 -20.13
C PRO A 267 -41.19 16.13 -21.02
N ASP A 268 -40.97 15.93 -22.32
CA ASP A 268 -42.06 15.66 -23.26
C ASP A 268 -41.67 14.52 -24.20
N MET A 269 -42.31 13.35 -24.03
CA MET A 269 -42.11 12.21 -24.92
C MET A 269 -43.10 12.22 -26.08
N ALA A 270 -44.39 12.47 -25.80
CA ALA A 270 -45.41 12.34 -26.83
C ALA A 270 -45.21 13.35 -27.96
N GLY A 271 -44.94 14.61 -27.61
CA GLY A 271 -44.82 15.71 -28.55
C GLY A 271 -43.87 15.42 -29.69
N PRO A 272 -42.58 15.25 -29.38
CA PRO A 272 -41.62 14.99 -30.46
C PRO A 272 -41.91 13.71 -31.20
N LEU A 273 -42.45 12.70 -30.54
CA LEU A 273 -42.72 11.46 -31.25
C LEU A 273 -43.90 11.59 -32.20
N GLU A 274 -44.84 12.50 -31.92
CA GLU A 274 -45.93 12.76 -32.85
C GLU A 274 -45.43 13.29 -34.18
N HIS A 275 -44.22 13.86 -34.22
CA HIS A 275 -43.64 14.30 -35.48
C HIS A 275 -42.99 13.17 -36.26
N VAL A 276 -42.78 11.99 -35.68
CA VAL A 276 -42.06 10.93 -36.37
C VAL A 276 -42.87 9.67 -36.58
N ALA A 277 -44.04 9.57 -35.97
CA ALA A 277 -44.92 8.42 -36.07
C ALA A 277 -46.34 8.92 -36.34
N GLU A 278 -47.12 8.13 -37.08
CA GLU A 278 -48.46 8.56 -37.45
C GLU A 278 -49.46 8.44 -36.31
N GLU A 279 -49.30 7.45 -35.43
CA GLU A 279 -50.24 7.25 -34.34
C GLU A 279 -49.46 7.08 -33.05
N VAL A 280 -49.54 8.09 -32.20
CA VAL A 280 -48.84 8.12 -30.93
C VAL A 280 -49.88 8.16 -29.83
N THR A 281 -49.78 7.23 -28.89
CA THR A 281 -50.56 7.25 -27.67
C THR A 281 -49.63 7.63 -26.53
N ALA A 282 -50.08 8.53 -25.67
CA ALA A 282 -49.26 9.02 -24.57
C ALA A 282 -49.67 8.33 -23.28
N ALA A 283 -48.70 8.04 -22.42
CA ALA A 283 -48.96 7.53 -21.08
C ALA A 283 -47.90 8.07 -20.15
N THR A 284 -48.31 8.48 -18.96
CA THR A 284 -47.40 8.95 -17.93
C THR A 284 -47.52 8.04 -16.72
N ILE A 285 -46.39 7.48 -16.28
CA ILE A 285 -46.41 6.61 -15.11
C ILE A 285 -46.15 7.49 -13.89
N ALA A 286 -47.07 7.43 -12.91
CA ALA A 286 -46.98 8.28 -11.73
C ALA A 286 -46.03 7.68 -10.70
N TYR A 287 -45.46 8.56 -9.88
CA TYR A 287 -44.57 8.15 -8.79
C TYR A 287 -43.38 7.35 -9.32
N SER A 288 -42.76 7.84 -10.39
CA SER A 288 -41.67 7.11 -11.00
C SER A 288 -40.62 8.05 -11.49
N GLY A 289 -39.36 7.72 -11.20
CA GLY A 289 -38.24 8.35 -11.85
C GLY A 289 -37.96 7.72 -13.20
N HIS A 290 -36.71 7.86 -13.63
CA HIS A 290 -36.31 7.46 -14.98
C HIS A 290 -36.45 5.94 -15.21
N PHE A 291 -36.29 5.15 -14.15
CA PHE A 291 -36.20 3.69 -14.30
C PHE A 291 -37.57 3.03 -14.14
N ILE A 292 -38.48 3.39 -15.06
CA ILE A 292 -39.88 2.96 -14.95
C ILE A 292 -40.04 1.46 -14.76
N PRO A 293 -39.39 0.58 -15.55
CA PRO A 293 -39.63 -0.87 -15.35
C PRO A 293 -39.28 -1.36 -13.96
N GLU A 294 -38.31 -0.75 -13.28
CA GLU A 294 -37.96 -1.18 -11.93
C GLU A 294 -38.73 -0.40 -10.86
N GLU A 295 -39.14 0.83 -11.16
CA GLU A 295 -39.79 1.63 -10.13
C GLU A 295 -41.28 1.37 -10.05
N GLN A 296 -41.96 1.22 -11.19
CA GLN A 296 -43.40 0.98 -11.22
C GLN A 296 -43.71 -0.15 -12.21
N PRO A 297 -43.20 -1.36 -11.95
CA PRO A 297 -43.34 -2.44 -12.95
C PRO A 297 -44.79 -2.74 -13.28
N GLN A 298 -45.61 -2.67 -12.24
CA GLN A 298 -47.03 -3.00 -12.28
C GLN A 298 -47.82 -2.07 -13.14
N ALA A 299 -47.79 -0.79 -12.82
CA ALA A 299 -48.44 0.17 -13.68
C ALA A 299 -47.91 0.08 -15.10
N LEU A 300 -46.59 -0.06 -15.26
CA LEU A 300 -46.02 -0.11 -16.61
C LEU A 300 -46.50 -1.34 -17.36
N ALA A 301 -46.52 -2.49 -16.68
CA ALA A 301 -47.01 -3.71 -17.32
C ALA A 301 -48.48 -3.57 -17.75
N ARG A 302 -49.29 -2.92 -16.94
CA ARG A 302 -50.70 -2.73 -17.33
C ARG A 302 -50.80 -1.93 -18.63
N GLU A 303 -50.06 -0.83 -18.71
CA GLU A 303 -50.06 -0.02 -19.93
C GLU A 303 -49.57 -0.84 -21.12
N LEU A 304 -48.49 -1.61 -20.95
CA LEU A 304 -47.99 -2.40 -22.07
C LEU A 304 -49.00 -3.46 -22.45
N ARG A 305 -49.62 -4.10 -21.46
CA ARG A 305 -50.61 -5.12 -21.79
C ARG A 305 -51.77 -4.50 -22.56
N ASP A 306 -52.22 -3.33 -22.13
CA ASP A 306 -53.36 -2.71 -22.79
C ASP A 306 -53.01 -2.29 -24.22
N PHE A 307 -51.78 -1.80 -24.43
CA PHE A 307 -51.39 -1.29 -25.73
C PHE A 307 -51.02 -2.38 -26.71
N PHE A 308 -50.45 -3.49 -26.21
CA PHE A 308 -49.91 -4.52 -27.11
C PHE A 308 -51.00 -5.53 -27.50
N ARG A 309 -52.04 -4.99 -28.16
CA ARG A 309 -53.23 -5.75 -28.59
C ARG A 309 -53.49 -5.59 -30.09
N THR B 16 3.41 49.70 7.12
CA THR B 16 3.73 49.06 5.86
C THR B 16 3.32 47.58 5.82
N PRO B 17 2.50 47.19 4.85
CA PRO B 17 2.20 45.77 4.70
C PRO B 17 3.34 45.03 4.02
N TYR B 18 3.49 43.76 4.38
CA TYR B 18 4.49 42.96 3.69
C TYR B 18 4.01 42.72 2.26
N PHE B 19 4.92 42.95 1.31
CA PHE B 19 4.70 42.57 -0.08
C PHE B 19 5.99 41.99 -0.61
N ARG B 20 5.89 41.28 -1.73
CA ARG B 20 7.02 40.57 -2.30
C ARG B 20 7.00 40.79 -3.80
N GLU B 21 8.15 41.19 -4.37
CA GLU B 21 8.21 41.35 -5.81
C GLU B 21 8.23 39.99 -6.48
N ASP B 22 7.53 39.88 -7.60
CA ASP B 22 7.49 38.63 -8.33
C ASP B 22 8.89 38.29 -8.84
N PRO B 23 9.36 37.05 -8.69
CA PRO B 23 10.72 36.73 -9.12
C PRO B 23 10.91 36.77 -10.63
N ARG B 24 9.83 36.78 -11.41
CA ARG B 24 9.98 36.84 -12.86
C ARG B 24 9.34 38.08 -13.47
N LEU B 25 8.21 38.55 -12.94
CA LEU B 25 7.60 39.78 -13.46
C LEU B 25 8.16 40.95 -12.64
N THR B 26 9.32 41.42 -13.07
CA THR B 26 9.97 42.52 -12.37
C THR B 26 9.09 43.77 -12.43
N GLY B 27 8.96 44.43 -11.28
CA GLY B 27 8.09 45.57 -11.17
C GLY B 27 6.69 45.21 -10.74
N PHE B 28 6.38 43.92 -10.58
CA PHE B 28 5.09 43.50 -10.08
C PHE B 28 5.24 42.95 -8.67
N ARG B 29 4.31 43.30 -7.79
CA ARG B 29 4.39 42.94 -6.39
C ARG B 29 3.15 42.14 -6.00
N HIS B 30 3.37 41.13 -5.18
CA HIS B 30 2.31 40.32 -4.59
C HIS B 30 1.85 40.96 -3.30
N ARG B 31 0.54 41.12 -3.15
CA ARG B 31 -0.05 41.79 -2.01
C ARG B 31 -1.22 40.96 -1.51
N PHE B 32 -1.62 41.23 -0.27
CA PHE B 32 -2.83 40.69 0.30
C PHE B 32 -3.54 41.82 1.02
N ASP B 33 -4.86 41.82 0.94
CA ASP B 33 -5.67 42.75 1.71
C ASP B 33 -6.90 42.00 2.18
N THR B 34 -7.37 42.34 3.37
CA THR B 34 -8.53 41.65 3.94
C THR B 34 -9.75 42.55 3.75
N VAL B 35 -10.76 42.00 3.13
CA VAL B 35 -11.94 42.74 2.72
C VAL B 35 -13.11 42.10 3.45
N ASP B 36 -13.56 42.76 4.53
CA ASP B 36 -14.65 42.28 5.37
C ASP B 36 -14.48 40.79 5.70
N GLY B 37 -13.32 40.46 6.28
CA GLY B 37 -13.00 39.12 6.73
C GLY B 37 -12.42 38.20 5.68
N VAL B 38 -12.43 38.61 4.40
CA VAL B 38 -12.00 37.78 3.29
C VAL B 38 -10.64 38.29 2.81
N ARG B 39 -9.59 37.51 2.98
CA ARG B 39 -8.30 37.84 2.43
C ARG B 39 -8.28 37.69 0.94
N LEU B 40 -7.77 38.66 0.24
CA LEU B 40 -7.64 38.51 -1.21
C LEU B 40 -6.17 38.72 -1.59
N HIS B 41 -5.69 37.85 -2.47
CA HIS B 41 -4.35 38.00 -3.05
C HIS B 41 -4.46 38.77 -4.35
N PHE B 42 -3.50 39.66 -4.62
CA PHE B 42 -3.46 40.31 -5.92
C PHE B 42 -2.04 40.72 -6.28
N VAL B 43 -1.81 40.87 -7.59
CA VAL B 43 -0.55 41.29 -8.15
C VAL B 43 -0.78 42.65 -8.82
N GLU B 44 0.05 43.63 -8.48
CA GLU B 44 -0.10 44.99 -8.98
C GLU B 44 1.25 45.51 -9.45
N GLY B 45 1.21 46.32 -10.51
CA GLY B 45 2.43 46.90 -11.05
C GLY B 45 2.15 47.80 -12.23
N GLY B 46 3.17 47.97 -13.06
CA GLY B 46 3.04 48.79 -14.26
C GLY B 46 3.34 50.26 -14.03
N ARG B 47 2.94 51.06 -15.02
CA ARG B 47 3.33 52.46 -15.12
C ARG B 47 2.60 53.31 -14.06
N ALA B 48 3.38 53.96 -13.18
CA ALA B 48 2.78 54.64 -12.03
C ALA B 48 1.84 55.77 -12.46
N ASP B 49 2.16 56.45 -13.54
CA ASP B 49 1.38 57.58 -14.01
C ASP B 49 0.32 57.16 -15.04
N GLY B 50 0.13 55.85 -15.25
CA GLY B 50 -0.79 55.38 -16.26
C GLY B 50 -2.21 55.19 -15.77
N GLU B 51 -3.12 55.10 -16.73
CA GLU B 51 -4.46 54.64 -16.42
C GLU B 51 -4.39 53.17 -15.97
N THR B 52 -5.38 52.78 -15.17
CA THR B 52 -5.40 51.47 -14.52
C THR B 52 -6.23 50.48 -15.35
N ILE B 53 -5.67 49.29 -15.54
CA ILE B 53 -6.38 48.11 -16.06
C ILE B 53 -6.47 47.08 -14.94
N VAL B 54 -7.69 46.59 -14.68
CA VAL B 54 -7.92 45.45 -13.79
C VAL B 54 -8.18 44.24 -14.66
N LEU B 55 -7.54 43.11 -14.34
CA LEU B 55 -7.62 41.87 -15.12
C LEU B 55 -8.23 40.74 -14.29
N LEU B 56 -9.25 40.08 -14.82
CA LEU B 56 -9.90 38.98 -14.12
C LEU B 56 -9.79 37.69 -14.92
N ALA B 57 -9.42 36.61 -14.25
CA ALA B 57 -9.28 35.30 -14.84
C ALA B 57 -10.45 34.40 -14.40
N GLY B 58 -10.52 33.18 -14.96
CA GLY B 58 -11.59 32.24 -14.72
C GLY B 58 -11.08 30.85 -14.36
N PHE B 59 -11.89 29.83 -14.66
CA PHE B 59 -11.65 28.45 -14.22
C PHE B 59 -10.85 27.67 -15.26
N PRO B 60 -9.87 26.85 -14.84
CA PRO B 60 -9.38 26.65 -13.47
C PRO B 60 -8.11 27.43 -13.20
N GLU B 61 -8.17 28.75 -13.38
CA GLU B 61 -6.94 29.53 -13.31
C GLU B 61 -7.04 30.57 -12.20
N SER B 62 -6.32 31.66 -12.37
CA SER B 62 -6.04 32.61 -11.31
C SER B 62 -5.38 33.82 -11.98
N TRP B 63 -4.94 34.80 -11.19
CA TRP B 63 -4.19 35.95 -11.74
C TRP B 63 -3.08 35.50 -12.70
N TYR B 64 -2.48 34.34 -12.42
CA TYR B 64 -1.34 33.84 -13.16
C TYR B 64 -1.62 33.70 -14.64
N ALA B 65 -2.89 33.55 -15.01
CA ALA B 65 -3.24 33.45 -16.43
C ALA B 65 -2.86 34.70 -17.21
N TRP B 66 -2.69 35.84 -16.53
CA TRP B 66 -2.37 37.10 -17.18
C TRP B 66 -0.88 37.39 -17.19
N ARG B 67 -0.06 36.43 -16.76
CA ARG B 67 1.36 36.68 -16.52
C ARG B 67 2.12 37.05 -17.79
N ARG B 68 1.65 36.66 -18.96
CA ARG B 68 2.33 37.03 -20.20
C ARG B 68 1.83 38.34 -20.77
N VAL B 69 0.63 38.75 -20.41
CA VAL B 69 0.08 40.01 -20.91
C VAL B 69 0.54 41.18 -20.05
N MET B 70 0.65 40.94 -18.74
CA MET B 70 0.97 42.02 -17.80
C MET B 70 2.25 42.77 -18.13
N PRO B 71 3.39 42.11 -18.40
CA PRO B 71 4.58 42.91 -18.74
C PRO B 71 4.45 43.63 -20.08
N LEU B 72 3.60 43.15 -20.98
CA LEU B 72 3.45 43.83 -22.26
C LEU B 72 2.68 45.14 -22.12
N LEU B 73 1.78 45.24 -21.14
CA LEU B 73 0.99 46.44 -20.96
C LEU B 73 1.57 47.39 -19.92
N ALA B 74 2.56 46.94 -19.15
CA ALA B 74 3.10 47.74 -18.06
C ALA B 74 3.82 49.00 -18.53
N ASP B 75 4.27 49.04 -19.79
CA ASP B 75 4.87 50.25 -20.33
C ASP B 75 3.88 51.41 -20.36
N GLU B 76 2.59 51.10 -20.47
CA GLU B 76 1.56 52.11 -20.62
C GLU B 76 0.58 52.22 -19.46
N PHE B 77 0.22 51.12 -18.81
CA PHE B 77 -0.84 51.14 -17.81
C PHE B 77 -0.35 50.71 -16.44
N ARG B 78 -1.03 51.18 -15.39
CA ARG B 78 -0.95 50.53 -14.09
C ARG B 78 -1.88 49.31 -14.10
N ILE B 79 -1.39 48.19 -13.58
CA ILE B 79 -2.05 46.90 -13.78
C ILE B 79 -2.34 46.24 -12.43
N VAL B 80 -3.59 45.80 -12.24
CA VAL B 80 -4.01 45.11 -11.03
C VAL B 80 -4.66 43.79 -11.47
N ALA B 81 -4.11 42.67 -11.00
CA ALA B 81 -4.61 41.33 -11.33
C ALA B 81 -4.92 40.59 -10.05
N PRO B 82 -6.16 40.62 -9.58
CA PRO B 82 -6.50 39.95 -8.32
C PRO B 82 -6.94 38.51 -8.52
N ASP B 83 -6.72 37.73 -7.47
CA ASP B 83 -7.39 36.45 -7.33
C ASP B 83 -8.76 36.73 -6.72
N LEU B 84 -9.83 36.47 -7.48
CA LEU B 84 -11.17 36.60 -6.91
C LEU B 84 -11.32 35.62 -5.74
N PRO B 85 -12.28 35.86 -4.85
CA PRO B 85 -12.61 34.86 -3.83
C PRO B 85 -12.78 33.49 -4.47
N GLY B 86 -12.16 32.48 -3.87
CA GLY B 86 -12.23 31.14 -4.42
C GLY B 86 -11.22 30.83 -5.49
N GLN B 87 -10.30 31.75 -5.78
CA GLN B 87 -9.31 31.60 -6.83
C GLN B 87 -7.91 31.71 -6.23
N GLY B 88 -6.97 30.97 -6.81
CA GLY B 88 -5.56 31.18 -6.53
C GLY B 88 -5.24 31.17 -5.05
N ASP B 89 -4.62 32.25 -4.57
CA ASP B 89 -4.22 32.33 -3.16
C ASP B 89 -5.14 33.19 -2.30
N SER B 90 -6.26 33.71 -2.84
CA SER B 90 -7.26 34.35 -1.99
C SER B 90 -8.04 33.32 -1.19
N ASP B 91 -8.70 33.78 -0.12
CA ASP B 91 -9.54 32.93 0.71
C ASP B 91 -10.69 32.32 -0.10
N ARG B 92 -11.27 31.25 0.46
CA ARG B 92 -12.40 30.53 -0.11
C ARG B 92 -13.55 30.58 0.89
N PRO B 93 -14.34 31.65 0.91
CA PRO B 93 -15.48 31.70 1.84
C PRO B 93 -16.41 30.53 1.57
N LEU B 94 -17.29 30.28 2.55
CA LEU B 94 -18.23 29.16 2.45
C LEU B 94 -19.37 29.43 1.46
N VAL B 95 -19.86 30.67 1.37
CA VAL B 95 -20.94 31.04 0.44
C VAL B 95 -20.57 32.35 -0.23
N GLY B 96 -21.44 32.85 -1.08
CA GLY B 96 -21.22 34.12 -1.73
C GLY B 96 -20.63 34.01 -3.11
N TYR B 97 -20.89 32.92 -3.84
CA TYR B 97 -20.32 32.72 -5.15
C TYR B 97 -21.26 33.09 -6.29
N ASP B 98 -22.48 33.56 -5.99
CA ASP B 98 -23.27 34.32 -6.94
C ASP B 98 -22.47 35.56 -7.38
N THR B 99 -22.56 35.92 -8.67
CA THR B 99 -21.58 36.90 -9.19
C THR B 99 -21.84 38.32 -8.70
N GLN B 100 -23.05 38.64 -8.26
CA GLN B 100 -23.24 39.96 -7.66
C GLN B 100 -22.45 40.10 -6.36
N THR B 101 -22.47 39.07 -5.50
CA THR B 101 -21.67 39.13 -4.27
C THR B 101 -20.17 39.17 -4.57
N VAL B 102 -19.72 38.35 -5.52
CA VAL B 102 -18.31 38.41 -5.89
C VAL B 102 -17.95 39.80 -6.44
N ALA B 103 -18.80 40.36 -7.32
CA ALA B 103 -18.52 41.71 -7.84
C ALA B 103 -18.43 42.74 -6.71
N ALA B 104 -19.34 42.66 -5.73
CA ALA B 104 -19.31 43.59 -4.60
C ALA B 104 -18.04 43.43 -3.78
N THR B 105 -17.56 42.19 -3.61
CA THR B 105 -16.30 42.00 -2.92
C THR B 105 -15.16 42.60 -3.72
N LEU B 106 -15.14 42.38 -5.04
CA LEU B 106 -14.09 42.97 -5.86
C LEU B 106 -14.11 44.50 -5.75
N ALA B 107 -15.31 45.10 -5.78
CA ALA B 107 -15.40 46.56 -5.67
C ALA B 107 -14.79 47.06 -4.36
N ARG B 108 -15.06 46.35 -3.26
CA ARG B 108 -14.51 46.77 -1.97
C ARG B 108 -12.98 46.70 -1.96
N LEU B 109 -12.42 45.66 -2.59
CA LEU B 109 -10.96 45.55 -2.67
C LEU B 109 -10.37 46.72 -3.44
N LEU B 110 -10.95 47.04 -4.59
CA LEU B 110 -10.40 48.12 -5.40
C LEU B 110 -10.53 49.46 -4.67
N GLU B 111 -11.67 49.68 -4.01
CA GLU B 111 -11.87 50.92 -3.26
C GLU B 111 -10.82 51.07 -2.17
N ARG B 112 -10.50 49.99 -1.46
CA ARG B 112 -9.48 50.03 -0.42
C ARG B 112 -8.10 50.31 -0.97
N GLN B 113 -7.83 50.02 -2.26
CA GLN B 113 -6.58 50.43 -2.87
C GLN B 113 -6.72 51.75 -3.61
N ASN B 114 -7.83 52.47 -3.42
CA ASN B 114 -8.09 53.77 -4.03
C ASN B 114 -7.98 53.70 -5.56
N ILE B 115 -8.50 52.62 -6.12
CA ILE B 115 -8.64 52.44 -7.55
C ILE B 115 -10.11 52.75 -7.82
N ALA B 116 -10.38 53.99 -8.29
CA ALA B 116 -11.73 54.53 -8.43
C ALA B 116 -12.33 54.36 -9.82
N ARG B 117 -11.51 54.44 -10.86
CA ARG B 117 -11.97 54.32 -12.24
C ARG B 117 -10.88 53.63 -13.05
N PHE B 118 -11.26 52.71 -13.93
CA PHE B 118 -10.27 51.84 -14.56
C PHE B 118 -10.89 51.14 -15.76
N TYR B 119 -10.04 50.59 -16.61
CA TYR B 119 -10.46 49.66 -17.64
C TYR B 119 -10.51 48.24 -17.07
N LEU B 120 -11.46 47.44 -17.54
CA LEU B 120 -11.71 46.12 -16.97
C LEU B 120 -11.67 45.11 -18.12
N ALA B 121 -10.77 44.13 -18.03
CA ALA B 121 -10.71 43.03 -18.99
C ALA B 121 -10.88 41.70 -18.23
N ALA B 122 -11.77 40.82 -18.72
CA ALA B 122 -12.11 39.63 -17.95
C ALA B 122 -12.29 38.43 -18.85
N HIS B 123 -11.77 37.31 -18.39
CA HIS B 123 -11.72 36.07 -19.15
C HIS B 123 -12.50 34.98 -18.42
N ASP B 124 -13.29 34.22 -19.18
CA ASP B 124 -13.95 32.98 -18.70
C ASP B 124 -14.89 33.37 -17.54
N VAL B 125 -14.86 32.65 -16.41
CA VAL B 125 -15.72 32.97 -15.26
C VAL B 125 -15.43 34.38 -14.76
N GLY B 126 -14.20 34.89 -14.99
CA GLY B 126 -13.93 36.29 -14.71
C GLY B 126 -14.90 37.24 -15.41
N ALA B 127 -15.29 36.90 -16.65
CA ALA B 127 -16.30 37.71 -17.34
C ALA B 127 -17.67 37.62 -16.65
N TRP B 128 -17.98 36.49 -16.02
CA TRP B 128 -19.24 36.38 -15.27
C TRP B 128 -19.29 37.42 -14.16
N VAL B 129 -18.14 37.69 -13.53
CA VAL B 129 -18.05 38.70 -12.48
C VAL B 129 -18.06 40.09 -13.08
N ALA B 130 -17.41 40.26 -14.23
CA ALA B 130 -17.25 41.60 -14.81
C ALA B 130 -18.58 42.20 -15.25
N TYR B 131 -19.54 41.37 -15.74
CA TYR B 131 -20.80 41.95 -16.22
C TYR B 131 -21.60 42.62 -15.11
N PRO B 132 -21.96 41.93 -14.00
CA PRO B 132 -22.68 42.64 -12.93
C PRO B 132 -21.86 43.75 -12.30
N PHE B 133 -20.52 43.64 -12.32
CA PHE B 133 -19.68 44.73 -11.81
C PHE B 133 -19.91 45.99 -12.63
N ALA B 134 -19.85 45.88 -13.95
CA ALA B 134 -20.04 47.05 -14.80
C ALA B 134 -21.45 47.58 -14.69
N ALA B 135 -22.44 46.69 -14.53
CA ALA B 135 -23.82 47.13 -14.40
C ALA B 135 -24.04 47.85 -13.09
N MET B 136 -23.39 47.41 -12.01
CA MET B 136 -23.59 47.99 -10.68
C MET B 136 -22.73 49.23 -10.46
N TYR B 137 -21.54 49.27 -11.04
CA TYR B 137 -20.59 50.37 -10.85
C TYR B 137 -20.16 50.95 -12.19
N PRO B 138 -21.11 51.43 -13.00
CA PRO B 138 -20.73 51.90 -14.35
C PRO B 138 -19.76 53.06 -14.34
N GLU B 139 -19.82 53.92 -13.33
CA GLU B 139 -18.88 55.03 -13.31
C GLU B 139 -17.46 54.59 -13.03
N SER B 140 -17.27 53.38 -12.49
CA SER B 140 -15.92 52.91 -12.22
C SER B 140 -15.31 52.22 -13.42
N VAL B 141 -16.13 51.77 -14.36
CA VAL B 141 -15.62 50.99 -15.49
C VAL B 141 -15.61 51.90 -16.71
N LYS B 142 -14.41 52.34 -17.09
CA LYS B 142 -14.26 53.21 -18.26
C LYS B 142 -14.59 52.48 -19.55
N ARG B 143 -14.04 51.27 -19.72
CA ARG B 143 -14.34 50.42 -20.84
C ARG B 143 -14.23 48.97 -20.37
N LEU B 144 -14.95 48.09 -21.03
CA LEU B 144 -15.06 46.70 -20.64
C LEU B 144 -14.64 45.83 -21.80
N ALA B 145 -13.75 44.86 -21.52
CA ALA B 145 -13.37 43.82 -22.48
C ALA B 145 -13.71 42.47 -21.88
N LEU B 146 -14.49 41.67 -22.63
CA LEU B 146 -14.89 40.33 -22.22
C LEU B 146 -14.29 39.31 -23.18
N LEU B 147 -13.67 38.29 -22.65
CA LEU B 147 -12.98 37.35 -23.49
C LEU B 147 -13.47 35.93 -23.45
N ASP B 148 -13.96 35.46 -24.60
CA ASP B 148 -14.39 34.08 -24.83
C ASP B 148 -15.17 33.51 -23.64
N ALA B 149 -16.31 34.13 -23.37
CA ALA B 149 -17.17 33.72 -22.26
C ALA B 149 -18.60 34.20 -22.53
N GLY B 150 -19.58 33.38 -22.12
CA GLY B 150 -20.95 33.83 -22.05
C GLY B 150 -21.25 34.38 -20.67
N ILE B 151 -22.29 35.20 -20.57
CA ILE B 151 -22.66 35.78 -19.27
C ILE B 151 -23.92 35.08 -18.78
N PRO B 152 -23.89 34.47 -17.60
CA PRO B 152 -25.07 33.73 -17.11
C PRO B 152 -26.34 34.55 -17.19
N GLY B 153 -27.36 33.96 -17.79
CA GLY B 153 -28.69 34.54 -17.85
C GLY B 153 -28.91 35.63 -18.89
N VAL B 154 -27.87 36.15 -19.56
CA VAL B 154 -28.12 37.23 -20.50
C VAL B 154 -27.49 36.90 -21.85
N THR B 155 -26.33 36.26 -21.88
CA THR B 155 -25.79 35.75 -23.13
C THR B 155 -25.46 34.26 -23.11
N LEU B 156 -25.21 33.66 -21.95
CA LEU B 156 -25.00 32.21 -21.84
C LEU B 156 -26.33 31.48 -22.06
N PRO B 157 -26.45 30.62 -23.06
CA PRO B 157 -27.74 29.91 -23.28
C PRO B 157 -28.08 29.01 -22.10
N ALA B 158 -29.39 28.73 -21.95
CA ALA B 158 -29.83 27.82 -20.90
C ALA B 158 -29.53 26.35 -21.23
N ALA B 159 -29.26 26.03 -22.49
CA ALA B 159 -28.88 24.68 -22.90
C ALA B 159 -27.65 24.76 -23.82
N LEU B 160 -26.79 23.76 -23.72
CA LEU B 160 -25.53 23.80 -24.48
C LEU B 160 -25.35 22.55 -25.35
N PRO B 161 -24.65 22.67 -26.49
CA PRO B 161 -24.63 21.58 -27.49
C PRO B 161 -23.98 20.29 -27.00
N ILE B 162 -24.42 19.16 -27.52
CA ILE B 162 -23.89 17.87 -27.09
C ILE B 162 -23.22 17.04 -28.19
N GLU B 163 -23.36 17.45 -29.44
CA GLU B 163 -22.76 16.70 -30.54
C GLU B 163 -21.23 16.59 -30.43
N PRO B 164 -20.73 15.36 -30.50
CA PRO B 164 -19.31 15.06 -30.48
C PRO B 164 -18.59 15.96 -31.48
N GLY B 165 -17.71 16.76 -30.95
CA GLY B 165 -16.91 17.60 -31.81
C GLY B 165 -16.96 18.97 -31.19
N ASN B 166 -18.10 19.26 -30.57
CA ASN B 166 -18.27 20.45 -29.76
C ASN B 166 -18.60 20.15 -28.30
N ALA B 167 -19.13 18.96 -27.99
CA ALA B 167 -19.58 18.67 -26.64
C ALA B 167 -18.45 18.77 -25.63
N TRP B 168 -17.23 18.41 -26.02
CA TRP B 168 -16.11 18.48 -25.10
C TRP B 168 -15.80 19.91 -24.64
N ARG B 169 -16.28 20.92 -25.38
CA ARG B 169 -16.02 22.31 -25.00
C ARG B 169 -16.83 22.75 -23.79
N THR B 170 -18.00 22.14 -23.58
CA THR B 170 -18.94 22.66 -22.59
C THR B 170 -19.52 21.60 -21.67
N TRP B 171 -19.08 20.34 -21.78
CA TRP B 171 -19.67 19.27 -20.96
C TRP B 171 -19.52 19.58 -19.47
N HIS B 172 -18.47 20.31 -19.10
CA HIS B 172 -18.15 20.53 -17.69
C HIS B 172 -19.18 21.42 -16.98
N PHE B 173 -19.84 22.33 -17.72
N PHE B 173 -19.86 22.32 -17.71
CA PHE B 173 -20.83 23.23 -17.14
CA PHE B 173 -20.81 23.22 -17.06
C PHE B 173 -21.85 22.46 -16.32
C PHE B 173 -21.86 22.45 -16.29
N ALA B 174 -22.56 21.54 -16.97
CA ALA B 174 -23.59 20.75 -16.30
C ALA B 174 -22.99 19.83 -15.22
N PHE B 175 -21.83 19.20 -15.50
CA PHE B 175 -21.17 18.34 -14.51
C PHE B 175 -20.94 19.10 -13.20
N HIS B 176 -20.42 20.33 -13.31
CA HIS B 176 -20.05 21.07 -12.12
C HIS B 176 -21.25 21.42 -11.24
N THR B 177 -22.46 21.49 -11.81
CA THR B 177 -23.62 21.80 -10.98
C THR B 177 -24.03 20.62 -10.11
N VAL B 178 -23.59 19.40 -10.43
CA VAL B 178 -24.02 18.23 -9.67
C VAL B 178 -23.32 18.22 -8.31
N ALA B 179 -24.11 18.05 -7.25
CA ALA B 179 -23.55 18.01 -5.91
C ALA B 179 -22.72 16.74 -5.72
N ASP B 180 -21.54 16.89 -5.13
CA ASP B 180 -20.76 15.79 -4.55
C ASP B 180 -20.16 14.81 -5.56
N LEU B 181 -20.85 14.49 -6.64
CA LEU B 181 -20.24 13.58 -7.61
C LEU B 181 -18.93 14.12 -8.18
N PRO B 182 -18.81 15.42 -8.52
CA PRO B 182 -17.53 15.90 -9.07
C PRO B 182 -16.37 15.71 -8.10
N GLU B 183 -16.56 16.06 -6.83
CA GLU B 183 -15.50 15.83 -5.85
C GLU B 183 -15.12 14.37 -5.79
N THR B 184 -16.12 13.49 -5.84
CA THR B 184 -15.86 12.05 -5.78
C THR B 184 -15.06 11.60 -6.99
N LEU B 185 -15.40 12.05 -8.19
CA LEU B 185 -14.69 11.54 -9.36
C LEU B 185 -13.34 12.22 -9.57
N ILE B 186 -13.20 13.49 -9.16
CA ILE B 186 -11.94 14.19 -9.40
C ILE B 186 -10.86 13.81 -8.37
N ALA B 187 -11.25 13.32 -7.19
CA ALA B 187 -10.30 13.04 -6.12
C ALA B 187 -9.23 12.06 -6.58
N GLY B 188 -7.96 12.39 -6.31
CA GLY B 188 -6.86 11.56 -6.76
C GLY B 188 -6.55 11.67 -8.24
N LYS B 189 -7.33 12.45 -8.99
CA LYS B 189 -7.09 12.67 -10.42
C LYS B 189 -7.02 14.17 -10.72
N GLU B 190 -6.57 14.96 -9.75
CA GLU B 190 -6.60 16.41 -9.91
C GLU B 190 -5.73 16.86 -11.07
N ARG B 191 -4.50 16.33 -11.14
CA ARG B 191 -3.61 16.73 -12.22
C ARG B 191 -4.14 16.30 -13.59
N GLU B 192 -4.67 15.07 -13.69
CA GLU B 192 -5.25 14.63 -14.95
C GLU B 192 -6.41 15.54 -15.37
N TYR B 193 -7.24 15.96 -14.40
CA TYR B 193 -8.38 16.83 -14.70
C TYR B 193 -7.92 18.20 -15.20
N LEU B 194 -6.96 18.82 -14.50
CA LEU B 194 -6.43 20.11 -14.93
C LEU B 194 -5.73 19.99 -16.28
N ASP B 195 -4.89 18.98 -16.44
CA ASP B 195 -4.16 18.80 -17.68
C ASP B 195 -5.11 18.72 -18.87
N TRP B 196 -6.22 18.03 -18.71
CA TRP B 196 -7.20 17.95 -19.79
C TRP B 196 -7.81 19.32 -20.05
N PHE B 197 -8.28 19.98 -19.02
CA PHE B 197 -8.89 21.28 -19.19
C PHE B 197 -8.03 22.29 -19.89
N LEU B 198 -6.80 22.41 -19.46
CA LEU B 198 -5.91 23.41 -20.04
C LEU B 198 -5.44 23.00 -21.43
N ARG B 199 -4.85 21.81 -21.56
CA ARG B 199 -4.13 21.47 -22.78
C ARG B 199 -5.07 21.05 -23.91
N ARG B 200 -6.25 20.51 -23.58
CA ARG B 200 -7.17 20.12 -24.64
C ARG B 200 -7.84 21.32 -25.29
N LYS B 201 -8.00 22.43 -24.57
CA LYS B 201 -8.72 23.58 -25.10
C LYS B 201 -7.81 24.63 -25.74
N ALA B 202 -6.50 24.46 -25.65
CA ALA B 202 -5.56 25.35 -26.31
C ALA B 202 -5.33 24.92 -27.76
N ALA B 203 -5.00 25.89 -28.60
CA ALA B 203 -4.66 25.58 -30.00
C ALA B 203 -3.38 24.76 -30.05
N ASN B 204 -2.42 25.09 -29.20
CA ASN B 204 -1.14 24.39 -29.07
C ASN B 204 -0.94 24.07 -27.61
N PRO B 205 -0.97 22.79 -27.21
CA PRO B 205 -0.85 22.46 -25.78
C PRO B 205 0.45 22.90 -25.17
N GLU B 206 1.47 23.20 -25.99
CA GLU B 206 2.69 23.69 -25.39
C GLU B 206 2.57 25.12 -24.88
N SER B 207 1.41 25.76 -25.05
CA SER B 207 1.16 27.03 -24.37
C SER B 207 1.16 26.87 -22.85
N PHE B 208 1.01 25.64 -22.35
CA PHE B 208 1.14 25.37 -20.92
C PHE B 208 2.35 24.48 -20.70
N SER B 209 3.37 24.99 -20.01
CA SER B 209 4.48 24.16 -19.55
C SER B 209 4.04 23.32 -18.35
N ASP B 210 4.82 22.27 -18.07
CA ASP B 210 4.61 21.48 -16.86
C ASP B 210 4.66 22.35 -15.61
N ALA B 211 5.57 23.31 -15.59
CA ALA B 211 5.61 24.22 -14.46
C ALA B 211 4.34 25.07 -14.39
N ASP B 212 3.73 25.40 -15.55
CA ASP B 212 2.44 26.10 -15.50
C ASP B 212 1.37 25.21 -14.90
N VAL B 213 1.30 23.97 -15.35
CA VAL B 213 0.32 23.04 -14.79
C VAL B 213 0.57 22.85 -13.30
N ASP B 214 1.85 22.75 -12.90
CA ASP B 214 2.19 22.64 -11.47
C ASP B 214 1.59 23.80 -10.68
N GLU B 215 1.72 25.02 -11.20
CA GLU B 215 1.24 26.17 -10.46
C GLU B 215 -0.27 26.12 -10.29
N TYR B 216 -0.99 25.76 -11.35
CA TYR B 216 -2.43 25.64 -11.26
C TYR B 216 -2.84 24.47 -10.38
N LEU B 217 -2.05 23.39 -10.36
CA LEU B 217 -2.36 22.27 -9.48
C LEU B 217 -2.23 22.68 -8.02
N ARG B 218 -1.22 23.50 -7.71
CA ARG B 218 -0.98 23.99 -6.35
C ARG B 218 -2.23 24.67 -5.81
N VAL B 219 -2.81 25.61 -6.56
CA VAL B 219 -3.97 26.34 -6.04
C VAL B 219 -5.25 25.54 -6.20
N PHE B 220 -5.31 24.61 -7.16
CA PHE B 220 -6.47 23.72 -7.29
C PHE B 220 -6.63 22.82 -6.07
N THR B 221 -5.51 22.28 -5.55
CA THR B 221 -5.52 21.31 -4.47
C THR B 221 -5.38 21.92 -3.08
N ARG B 222 -5.06 23.20 -2.97
CA ARG B 222 -5.01 23.79 -1.64
C ARG B 222 -6.43 23.82 -1.07
N ASP B 223 -6.51 24.00 0.24
CA ASP B 223 -7.75 23.99 1.02
C ASP B 223 -8.96 24.60 0.30
N GLY B 224 -9.90 23.75 -0.10
CA GLY B 224 -11.14 24.19 -0.68
C GLY B 224 -11.07 24.69 -2.10
N GLY B 225 -9.95 24.50 -2.81
CA GLY B 225 -9.86 25.01 -4.16
C GLY B 225 -10.92 24.45 -5.08
N LEU B 226 -11.07 23.13 -5.10
CA LEU B 226 -12.09 22.53 -5.94
C LEU B 226 -13.49 22.93 -5.49
N ARG B 227 -13.73 22.92 -4.18
CA ARG B 227 -15.04 23.35 -3.69
C ARG B 227 -15.41 24.73 -4.23
N ALA B 228 -14.48 25.67 -4.14
CA ALA B 228 -14.77 27.05 -4.52
C ALA B 228 -14.90 27.18 -6.03
N GLY B 229 -14.04 26.50 -6.79
CA GLY B 229 -14.19 26.52 -8.24
C GLY B 229 -15.56 26.00 -8.67
N LEU B 230 -16.00 24.89 -8.09
CA LEU B 230 -17.32 24.35 -8.44
C LEU B 230 -18.46 25.27 -8.01
N ALA B 231 -18.25 26.03 -6.92
CA ALA B 231 -19.30 26.88 -6.37
C ALA B 231 -19.77 27.94 -7.37
N PHE B 232 -18.86 28.46 -8.20
CA PHE B 232 -19.29 29.41 -9.22
C PHE B 232 -20.34 28.82 -10.14
N TYR B 233 -20.11 27.56 -10.57
CA TYR B 233 -21.07 26.92 -11.45
C TYR B 233 -22.34 26.56 -10.69
N ARG B 234 -22.20 26.19 -9.41
CA ARG B 234 -23.38 25.79 -8.63
C ARG B 234 -24.29 26.97 -8.30
N ALA B 235 -23.77 28.18 -8.31
CA ALA B 235 -24.56 29.37 -8.02
C ALA B 235 -25.05 30.06 -9.30
N VAL B 236 -24.94 29.38 -10.44
CA VAL B 236 -25.19 30.05 -11.71
C VAL B 236 -26.66 30.43 -11.89
N SER B 237 -27.60 29.69 -11.27
CA SER B 237 -28.99 30.08 -11.46
C SER B 237 -29.31 31.36 -10.68
N GLU B 238 -28.72 31.52 -9.49
CA GLU B 238 -28.81 32.81 -8.80
C GLU B 238 -28.07 33.91 -9.58
N SER B 239 -26.88 33.61 -10.11
CA SER B 239 -26.19 34.62 -10.90
C SER B 239 -27.01 35.03 -12.13
N SER B 240 -27.67 34.08 -12.78
CA SER B 240 -28.49 34.36 -13.95
C SER B 240 -29.66 35.30 -13.59
N ALA B 241 -30.38 34.98 -12.51
CA ALA B 241 -31.49 35.83 -12.08
C ALA B 241 -31.02 37.22 -11.73
N GLN B 242 -29.86 37.32 -11.06
CA GLN B 242 -29.27 38.63 -10.78
C GLN B 242 -28.98 39.39 -12.06
N ASN B 243 -28.39 38.74 -13.06
CA ASN B 243 -28.03 39.46 -14.28
C ASN B 243 -29.25 39.87 -15.08
N ARG B 244 -30.32 39.08 -15.04
CA ARG B 244 -31.53 39.46 -15.79
C ARG B 244 -32.18 40.71 -15.19
N LYS B 245 -32.20 40.81 -13.86
CA LYS B 245 -32.71 42.02 -13.22
C LYS B 245 -31.82 43.22 -13.55
N LEU B 246 -30.49 43.01 -13.57
CA LEU B 246 -29.61 44.12 -13.91
C LEU B 246 -29.77 44.53 -15.36
N GLN B 247 -29.95 43.56 -16.25
CA GLN B 247 -30.13 43.88 -17.65
C GLN B 247 -31.41 44.68 -17.87
N ALA B 248 -32.45 44.43 -17.07
CA ALA B 248 -33.71 45.15 -17.24
C ALA B 248 -33.62 46.62 -16.82
N LEU B 249 -32.57 47.01 -16.10
CA LEU B 249 -32.39 48.41 -15.74
C LEU B 249 -31.82 49.22 -16.89
N GLY B 250 -31.47 48.58 -18.00
CA GLY B 250 -30.85 49.27 -19.11
C GLY B 250 -29.55 48.64 -19.57
N LYS B 251 -29.16 48.92 -20.80
CA LYS B 251 -27.91 48.38 -21.31
C LYS B 251 -26.71 49.14 -20.77
N LEU B 252 -25.57 48.44 -20.72
CA LEU B 252 -24.30 49.08 -20.40
C LEU B 252 -23.98 50.18 -21.43
N LYS B 253 -23.59 51.33 -20.92
CA LYS B 253 -23.27 52.47 -21.74
C LYS B 253 -21.82 52.62 -22.07
N MET B 254 -20.91 52.05 -21.28
CA MET B 254 -19.51 52.18 -21.59
C MET B 254 -19.18 51.25 -22.75
N PRO B 255 -18.16 51.57 -23.53
CA PRO B 255 -17.77 50.71 -24.65
C PRO B 255 -17.39 49.32 -24.19
N VAL B 256 -17.80 48.32 -24.97
CA VAL B 256 -17.59 46.91 -24.68
C VAL B 256 -16.88 46.26 -25.86
N LEU B 257 -15.77 45.56 -25.57
CA LEU B 257 -15.02 44.78 -26.54
C LEU B 257 -15.28 43.28 -26.34
N ALA B 258 -15.81 42.63 -27.37
CA ALA B 258 -16.07 41.19 -27.40
C ALA B 258 -14.90 40.51 -28.07
N VAL B 259 -14.05 39.83 -27.31
CA VAL B 259 -12.85 39.20 -27.86
C VAL B 259 -13.15 37.71 -28.01
N SER B 260 -13.14 37.23 -29.24
CA SER B 260 -13.27 35.83 -29.56
C SER B 260 -11.90 35.24 -29.91
N ALA B 261 -11.84 33.92 -29.94
CA ALA B 261 -10.68 33.19 -30.44
C ALA B 261 -11.12 32.31 -31.60
N ASP B 262 -10.29 32.23 -32.66
CA ASP B 262 -10.73 31.49 -33.83
C ASP B 262 -10.92 30.01 -33.54
N GLN B 263 -10.24 29.46 -32.52
CA GLN B 263 -10.51 28.11 -32.04
C GLN B 263 -11.06 28.11 -30.63
N GLY B 264 -11.68 29.21 -30.21
CA GLY B 264 -12.20 29.34 -28.87
C GLY B 264 -13.52 28.60 -28.68
N SER B 265 -14.09 28.76 -27.48
CA SER B 265 -15.32 28.07 -27.11
C SER B 265 -16.58 28.68 -27.71
N ILE B 266 -16.61 29.98 -27.96
CA ILE B 266 -17.87 30.64 -28.30
C ILE B 266 -17.87 31.02 -29.77
N PRO B 267 -18.84 30.55 -30.55
CA PRO B 267 -18.88 30.88 -31.99
C PRO B 267 -19.15 32.36 -32.27
N ASP B 268 -20.11 32.98 -31.59
CA ASP B 268 -20.44 34.39 -31.86
C ASP B 268 -20.59 35.12 -30.54
N MET B 269 -19.62 35.97 -30.23
CA MET B 269 -19.72 36.74 -29.00
C MET B 269 -20.37 38.09 -29.18
N ALA B 270 -20.00 38.79 -30.25
CA ALA B 270 -20.47 40.16 -30.42
C ALA B 270 -21.99 40.20 -30.49
N GLY B 271 -22.58 39.24 -31.20
CA GLY B 271 -24.02 39.19 -31.44
C GLY B 271 -24.87 39.31 -30.19
N PRO B 272 -24.79 38.31 -29.32
CA PRO B 272 -25.59 38.36 -28.09
C PRO B 272 -25.27 39.57 -27.19
N LEU B 273 -24.06 40.14 -27.25
CA LEU B 273 -23.70 41.23 -26.35
C LEU B 273 -24.45 42.53 -26.66
N GLU B 274 -24.92 42.63 -27.89
CA GLU B 274 -25.71 43.76 -28.31
C GLU B 274 -26.95 43.88 -27.47
N HIS B 275 -27.52 42.77 -27.03
CA HIS B 275 -28.61 42.86 -26.12
C HIS B 275 -28.18 43.40 -24.72
N VAL B 276 -26.91 43.51 -24.40
CA VAL B 276 -26.61 44.03 -23.05
C VAL B 276 -25.82 45.31 -23.02
N ALA B 277 -25.27 45.70 -24.14
CA ALA B 277 -24.46 46.89 -24.23
C ALA B 277 -24.82 47.66 -25.49
N GLU B 278 -24.74 48.98 -25.39
CA GLU B 278 -25.09 49.87 -26.48
C GLU B 278 -24.01 49.92 -27.56
N GLU B 279 -22.74 49.87 -27.17
CA GLU B 279 -21.64 50.00 -28.12
C GLU B 279 -20.74 48.77 -27.97
N VAL B 280 -20.86 47.83 -28.89
CA VAL B 280 -20.11 46.60 -28.85
C VAL B 280 -19.16 46.58 -30.05
N THR B 281 -17.86 46.44 -29.77
CA THR B 281 -16.81 46.25 -30.76
C THR B 281 -16.34 44.79 -30.70
N ALA B 282 -16.12 44.18 -31.86
CA ALA B 282 -15.72 42.78 -31.96
C ALA B 282 -14.25 42.65 -32.36
N ALA B 283 -13.58 41.65 -31.79
CA ALA B 283 -12.23 41.31 -32.22
C ALA B 283 -12.06 39.80 -32.12
N THR B 284 -11.38 39.22 -33.11
CA THR B 284 -11.07 37.80 -33.11
C THR B 284 -9.56 37.61 -33.12
N ILE B 285 -9.06 36.79 -32.19
CA ILE B 285 -7.64 36.46 -32.09
C ILE B 285 -7.38 35.18 -32.88
N ALA B 286 -6.41 35.23 -33.78
CA ALA B 286 -6.05 34.09 -34.63
C ALA B 286 -5.09 33.14 -33.92
N TYR B 287 -5.15 31.87 -34.32
CA TYR B 287 -4.25 30.84 -33.79
C TYR B 287 -4.37 30.72 -32.27
N SER B 288 -5.60 30.73 -31.77
CA SER B 288 -5.78 30.72 -30.33
C SER B 288 -6.96 29.84 -29.93
N GLY B 289 -6.74 29.01 -28.92
CA GLY B 289 -7.85 28.35 -28.25
C GLY B 289 -8.45 29.25 -27.20
N HIS B 290 -9.11 28.62 -26.24
CA HIS B 290 -9.90 29.35 -25.24
C HIS B 290 -9.02 30.26 -24.38
N PHE B 291 -7.77 29.87 -24.13
CA PHE B 291 -6.93 30.55 -23.14
C PHE B 291 -6.13 31.69 -23.79
N ILE B 292 -6.90 32.66 -24.32
CA ILE B 292 -6.29 33.73 -25.13
C ILE B 292 -5.14 34.43 -24.42
N PRO B 293 -5.26 34.87 -23.16
CA PRO B 293 -4.14 35.58 -22.53
C PRO B 293 -2.85 34.80 -22.49
N GLU B 294 -2.92 33.47 -22.46
CA GLU B 294 -1.71 32.66 -22.41
C GLU B 294 -1.23 32.20 -23.78
N GLU B 295 -2.15 32.00 -24.73
CA GLU B 295 -1.80 31.45 -26.04
C GLU B 295 -1.33 32.54 -27.01
N GLN B 296 -1.96 33.71 -27.00
CA GLN B 296 -1.60 34.80 -27.90
C GLN B 296 -1.50 36.08 -27.10
N PRO B 297 -0.56 36.16 -26.15
CA PRO B 297 -0.51 37.36 -25.31
C PRO B 297 -0.21 38.66 -26.05
N GLN B 298 0.67 38.66 -27.03
CA GLN B 298 0.99 39.88 -27.75
C GLN B 298 -0.16 40.37 -28.55
N ALA B 299 -0.76 39.50 -29.32
CA ALA B 299 -1.92 39.87 -30.12
C ALA B 299 -3.03 40.41 -29.22
N LEU B 300 -3.25 39.77 -28.07
CA LEU B 300 -4.29 40.22 -27.15
C LEU B 300 -3.93 41.57 -26.53
N ALA B 301 -2.66 41.72 -26.11
CA ALA B 301 -2.22 43.00 -25.53
C ALA B 301 -2.44 44.16 -26.50
N ARG B 302 -2.21 43.93 -27.81
CA ARG B 302 -2.43 44.98 -28.80
C ARG B 302 -3.91 45.36 -28.89
N GLU B 303 -4.80 44.35 -28.94
CA GLU B 303 -6.21 44.67 -29.00
C GLU B 303 -6.64 45.44 -27.76
N LEU B 304 -6.19 45.00 -26.57
CA LEU B 304 -6.56 45.71 -25.36
C LEU B 304 -5.97 47.10 -25.35
N ARG B 305 -4.71 47.24 -25.76
CA ARG B 305 -4.09 48.57 -25.81
C ARG B 305 -4.84 49.48 -26.78
N ASP B 306 -5.23 48.97 -27.96
CA ASP B 306 -6.04 49.78 -28.87
C ASP B 306 -7.36 50.19 -28.30
N PHE B 307 -8.01 49.30 -27.56
CA PHE B 307 -9.34 49.61 -27.12
C PHE B 307 -9.35 50.49 -25.90
N PHE B 308 -8.36 50.39 -25.03
CA PHE B 308 -8.40 51.10 -23.75
C PHE B 308 -7.77 52.49 -23.90
N ARG B 309 -8.46 53.38 -24.57
CA ARG B 309 -8.00 54.75 -24.76
C ARG B 309 -9.02 55.73 -24.34
N THR C 16 0.13 34.97 -35.55
CA THR C 16 1.18 33.96 -35.73
C THR C 16 1.04 32.78 -34.72
N PRO C 17 1.05 31.54 -35.21
CA PRO C 17 0.96 30.40 -34.29
C PRO C 17 2.22 30.24 -33.47
N TYR C 18 2.05 29.74 -32.26
CA TYR C 18 3.18 29.44 -31.40
C TYR C 18 3.99 28.28 -31.98
N PHE C 19 5.30 28.44 -32.00
CA PHE C 19 6.16 27.29 -32.27
C PHE C 19 7.31 27.33 -31.29
N ARG C 20 7.96 26.20 -31.14
CA ARG C 20 9.01 26.04 -30.14
C ARG C 20 10.17 25.33 -30.79
N GLU C 21 11.33 25.90 -30.57
CA GLU C 21 12.56 25.42 -31.15
C GLU C 21 12.98 24.14 -30.41
N ASP C 22 13.36 23.09 -31.15
CA ASP C 22 13.77 21.86 -30.50
C ASP C 22 15.05 22.13 -29.71
N PRO C 23 15.15 21.65 -28.46
CA PRO C 23 16.36 21.97 -27.68
C PRO C 23 17.61 21.33 -28.25
N ARG C 24 17.49 20.23 -28.97
CA ARG C 24 18.69 19.55 -29.46
C ARG C 24 18.92 19.59 -30.96
N LEU C 25 17.84 19.55 -31.73
CA LEU C 25 17.97 19.54 -33.19
C LEU C 25 17.87 21.00 -33.61
N THR C 26 19.05 21.61 -33.78
CA THR C 26 19.16 23.01 -34.16
C THR C 26 18.49 23.26 -35.50
N GLY C 27 17.65 24.29 -35.55
CA GLY C 27 16.96 24.61 -36.78
C GLY C 27 15.63 23.90 -36.98
N PHE C 28 15.20 23.06 -36.05
CA PHE C 28 13.92 22.38 -36.16
C PHE C 28 12.94 22.95 -35.14
N ARG C 29 11.69 23.11 -35.57
CA ARG C 29 10.65 23.74 -34.76
C ARG C 29 9.48 22.78 -34.58
N HIS C 30 8.91 22.79 -33.37
CA HIS C 30 7.70 22.05 -33.04
C HIS C 30 6.47 22.91 -33.34
N ARG C 31 5.52 22.36 -34.08
CA ARG C 31 4.29 23.06 -34.41
C ARG C 31 3.08 22.17 -34.18
N PHE C 32 1.94 22.82 -34.06
CA PHE C 32 0.63 22.17 -34.02
C PHE C 32 -0.27 22.87 -35.02
N ASP C 33 -1.10 22.08 -35.69
CA ASP C 33 -2.16 22.60 -36.54
C ASP C 33 -3.35 21.68 -36.35
N THR C 34 -4.54 22.25 -36.46
CA THR C 34 -5.79 21.52 -36.26
C THR C 34 -6.40 21.26 -37.63
N VAL C 35 -6.64 20.00 -37.94
CA VAL C 35 -7.12 19.55 -39.25
C VAL C 35 -8.46 18.89 -39.02
N ASP C 36 -9.54 19.58 -39.41
CA ASP C 36 -10.90 19.10 -39.21
C ASP C 36 -11.11 18.60 -37.76
N GLY C 37 -10.76 19.45 -36.80
CA GLY C 37 -10.99 19.17 -35.40
C GLY C 37 -9.91 18.37 -34.70
N VAL C 38 -8.93 17.83 -35.43
CA VAL C 38 -7.87 16.99 -34.88
C VAL C 38 -6.56 17.78 -34.84
N ARG C 39 -6.00 17.99 -33.67
CA ARG C 39 -4.73 18.68 -33.54
C ARG C 39 -3.58 17.72 -33.80
N LEU C 40 -2.72 18.08 -34.73
CA LEU C 40 -1.59 17.28 -35.14
C LEU C 40 -0.32 18.03 -34.81
N HIS C 41 0.63 17.33 -34.20
CA HIS C 41 1.94 17.85 -33.89
C HIS C 41 2.90 17.42 -34.99
N PHE C 42 3.82 18.33 -35.35
CA PHE C 42 4.85 17.98 -36.31
C PHE C 42 6.08 18.83 -36.05
N VAL C 43 7.22 18.31 -36.47
CA VAL C 43 8.51 18.97 -36.38
C VAL C 43 8.99 19.25 -37.80
N GLU C 44 9.42 20.49 -38.06
CA GLU C 44 9.84 20.90 -39.39
C GLU C 44 11.12 21.72 -39.31
N GLY C 45 11.95 21.59 -40.36
CA GLY C 45 13.18 22.33 -40.43
C GLY C 45 13.90 22.08 -41.75
N GLY C 46 15.21 22.29 -41.70
CA GLY C 46 16.05 22.03 -42.85
C GLY C 46 16.14 23.19 -43.81
N ARG C 47 16.68 22.87 -44.98
CA ARG C 47 17.03 23.87 -45.99
C ARG C 47 15.77 24.53 -46.53
N ALA C 48 15.67 25.84 -46.35
CA ALA C 48 14.44 26.56 -46.66
C ALA C 48 14.07 26.45 -48.13
N ASP C 49 15.06 26.49 -49.03
CA ASP C 49 14.78 26.41 -50.46
C ASP C 49 14.99 25.00 -51.01
N GLY C 50 15.23 24.02 -50.14
CA GLY C 50 15.46 22.68 -50.62
C GLY C 50 14.17 21.96 -50.94
N GLU C 51 14.31 20.83 -51.61
CA GLU C 51 13.16 19.94 -51.78
C GLU C 51 12.76 19.35 -50.44
N THR C 52 11.50 18.96 -50.34
CA THR C 52 10.89 18.51 -49.09
C THR C 52 10.90 17.00 -48.97
N ILE C 53 11.30 16.50 -47.81
CA ILE C 53 11.10 15.10 -47.39
C ILE C 53 10.10 15.11 -46.23
N VAL C 54 9.04 14.31 -46.35
CA VAL C 54 8.10 14.05 -45.25
C VAL C 54 8.43 12.68 -44.67
N LEU C 55 8.52 12.58 -43.34
CA LEU C 55 8.94 11.35 -42.65
C LEU C 55 7.85 10.83 -41.74
N LEU C 56 7.51 9.54 -41.87
CA LEU C 56 6.47 8.89 -41.09
C LEU C 56 7.06 7.75 -40.27
N ALA C 57 6.74 7.71 -38.98
CA ALA C 57 7.19 6.65 -38.08
C ALA C 57 5.99 5.79 -37.67
N GLY C 58 6.28 4.70 -36.95
CA GLY C 58 5.26 3.71 -36.60
C GLY C 58 5.25 3.39 -35.11
N PHE C 59 4.84 2.15 -34.81
CA PHE C 59 4.56 1.70 -33.44
C PHE C 59 5.78 1.05 -32.81
N PRO C 60 6.09 1.35 -31.53
CA PRO C 60 5.40 2.30 -30.65
C PRO C 60 6.15 3.63 -30.55
N GLU C 61 6.38 4.25 -31.70
CA GLU C 61 7.23 5.43 -31.72
C GLU C 61 6.46 6.66 -32.20
N SER C 62 7.16 7.61 -32.79
CA SER C 62 6.62 8.94 -33.10
C SER C 62 7.64 9.61 -34.00
N TRP C 63 7.40 10.90 -34.33
CA TRP C 63 8.40 11.68 -35.06
C TRP C 63 9.80 11.49 -34.49
N TYR C 64 9.90 11.31 -33.17
CA TYR C 64 11.19 11.24 -32.48
C TYR C 64 12.08 10.14 -33.06
N ALA C 65 11.50 9.11 -33.69
CA ALA C 65 12.32 8.05 -34.28
C ALA C 65 13.22 8.56 -35.40
N TRP C 66 12.91 9.71 -35.98
CA TRP C 66 13.68 10.28 -37.07
C TRP C 66 14.74 11.28 -36.59
N ARG C 67 14.89 11.43 -35.27
CA ARG C 67 15.75 12.47 -34.73
C ARG C 67 17.21 12.32 -35.14
N ARG C 68 17.66 11.12 -35.49
CA ARG C 68 19.05 11.01 -35.89
C ARG C 68 19.28 11.19 -37.38
N VAL C 69 18.25 10.96 -38.20
CA VAL C 69 18.36 11.17 -39.65
C VAL C 69 18.11 12.63 -39.99
N MET C 70 17.20 13.30 -39.29
CA MET C 70 16.80 14.65 -39.66
C MET C 70 17.95 15.65 -39.78
N PRO C 71 18.87 15.78 -38.81
CA PRO C 71 19.96 16.75 -38.98
C PRO C 71 20.93 16.37 -40.08
N LEU C 72 21.05 15.07 -40.41
CA LEU C 72 21.96 14.63 -41.46
C LEU C 72 21.49 15.02 -42.86
N LEU C 73 20.18 15.15 -43.07
CA LEU C 73 19.62 15.56 -44.35
C LEU C 73 19.27 17.04 -44.37
N ALA C 74 19.39 17.73 -43.24
CA ALA C 74 18.91 19.10 -43.13
C ALA C 74 19.70 20.08 -43.98
N ASP C 75 20.96 19.75 -44.32
CA ASP C 75 21.77 20.65 -45.14
C ASP C 75 21.18 20.82 -46.54
N GLU C 76 20.58 19.76 -47.08
CA GLU C 76 20.11 19.76 -48.46
C GLU C 76 18.60 19.84 -48.59
N PHE C 77 17.83 19.27 -47.66
CA PHE C 77 16.38 19.12 -47.82
C PHE C 77 15.58 19.91 -46.78
N ARG C 78 14.36 20.32 -47.14
CA ARG C 78 13.33 20.67 -46.17
C ARG C 78 12.67 19.39 -45.65
N ILE C 79 12.56 19.30 -44.34
CA ILE C 79 12.19 18.07 -43.65
C ILE C 79 10.99 18.35 -42.75
N VAL C 80 9.95 17.52 -42.89
CA VAL C 80 8.71 17.62 -42.12
C VAL C 80 8.46 16.24 -41.51
N ALA C 81 8.40 16.18 -40.18
CA ALA C 81 8.21 14.91 -39.48
C ALA C 81 7.00 14.99 -38.57
N PRO C 82 5.83 14.54 -39.01
CA PRO C 82 4.62 14.67 -38.20
C PRO C 82 4.35 13.47 -37.33
N ASP C 83 3.64 13.72 -36.23
CA ASP C 83 2.97 12.66 -35.49
C ASP C 83 1.62 12.41 -36.16
N LEU C 84 1.43 11.20 -36.69
CA LEU C 84 0.12 10.85 -37.23
C LEU C 84 -0.94 10.95 -36.12
N PRO C 85 -2.22 11.06 -36.46
CA PRO C 85 -3.26 10.95 -35.42
C PRO C 85 -3.03 9.69 -34.60
N GLY C 86 -3.12 9.81 -33.29
CA GLY C 86 -2.87 8.65 -32.45
C GLY C 86 -1.42 8.38 -32.11
N GLN C 87 -0.49 9.25 -32.51
CA GLN C 87 0.93 9.12 -32.28
C GLN C 87 1.46 10.32 -31.52
N GLY C 88 2.45 10.06 -30.67
CA GLY C 88 3.22 11.11 -30.05
C GLY C 88 2.35 12.13 -29.34
N ASP C 89 2.48 13.39 -29.75
CA ASP C 89 1.74 14.49 -29.16
C ASP C 89 0.55 14.94 -30.00
N SER C 90 0.20 14.20 -31.05
CA SER C 90 -1.02 14.52 -31.77
C SER C 90 -2.24 13.98 -31.02
N ASP C 91 -3.40 14.54 -31.35
CA ASP C 91 -4.66 14.10 -30.78
C ASP C 91 -4.91 12.63 -31.12
N ARG C 92 -5.78 12.01 -30.33
CA ARG C 92 -6.17 10.61 -30.47
C ARG C 92 -7.67 10.56 -30.66
N PRO C 93 -8.16 10.73 -31.89
CA PRO C 93 -9.59 10.65 -32.14
C PRO C 93 -10.13 9.27 -31.74
N LEU C 94 -11.46 9.19 -31.61
CA LEU C 94 -12.06 7.93 -31.21
C LEU C 94 -12.04 6.92 -32.35
N VAL C 95 -12.19 7.37 -33.60
CA VAL C 95 -12.25 6.45 -34.74
C VAL C 95 -11.36 7.00 -35.85
N GLY C 96 -11.28 6.27 -36.96
CA GLY C 96 -10.54 6.73 -38.13
C GLY C 96 -9.12 6.22 -38.28
N TYR C 97 -8.82 5.03 -37.73
CA TYR C 97 -7.46 4.48 -37.79
C TYR C 97 -7.30 3.50 -38.94
N ASP C 98 -8.32 3.31 -39.77
CA ASP C 98 -8.11 2.77 -41.11
C ASP C 98 -7.14 3.69 -41.87
N THR C 99 -6.22 3.09 -42.63
CA THR C 99 -5.11 3.90 -43.12
C THR C 99 -5.53 4.86 -44.24
N GLN C 100 -6.61 4.59 -44.95
CA GLN C 100 -7.06 5.56 -45.94
C GLN C 100 -7.52 6.85 -45.26
N THR C 101 -8.22 6.75 -44.13
CA THR C 101 -8.61 7.96 -43.39
C THR C 101 -7.38 8.66 -42.83
N VAL C 102 -6.42 7.90 -42.29
CA VAL C 102 -5.20 8.52 -41.77
C VAL C 102 -4.41 9.20 -42.90
N ALA C 103 -4.32 8.56 -44.06
CA ALA C 103 -3.63 9.19 -45.18
C ALA C 103 -4.32 10.50 -45.57
N ALA C 104 -5.65 10.48 -45.64
CA ALA C 104 -6.39 11.68 -46.00
C ALA C 104 -6.17 12.80 -44.99
N THR C 105 -6.10 12.44 -43.70
CA THR C 105 -5.82 13.45 -42.68
C THR C 105 -4.43 14.06 -42.88
N LEU C 106 -3.45 13.21 -43.17
CA LEU C 106 -2.10 13.69 -43.43
C LEU C 106 -2.03 14.62 -44.65
N ALA C 107 -2.73 14.27 -45.73
CA ALA C 107 -2.71 15.11 -46.93
C ALA C 107 -3.23 16.51 -46.62
N ARG C 108 -4.30 16.59 -45.84
CA ARG C 108 -4.91 17.85 -45.44
C ARG C 108 -3.97 18.65 -44.54
N LEU C 109 -3.23 17.99 -43.64
CA LEU C 109 -2.21 18.69 -42.85
C LEU C 109 -1.13 19.27 -43.75
N LEU C 110 -0.65 18.49 -44.73
CA LEU C 110 0.39 19.00 -45.63
C LEU C 110 -0.14 20.11 -46.55
N GLU C 111 -1.36 19.97 -47.09
CA GLU C 111 -1.93 21.04 -47.91
C GLU C 111 -2.03 22.33 -47.10
N ARG C 112 -2.45 22.24 -45.84
CA ARG C 112 -2.53 23.43 -45.02
C ARG C 112 -1.14 24.02 -44.76
N GLN C 113 -0.08 23.23 -44.84
CA GLN C 113 1.25 23.83 -44.74
C GLN C 113 1.82 24.17 -46.11
N ASN C 114 1.00 24.10 -47.17
CA ASN C 114 1.43 24.40 -48.54
C ASN C 114 2.65 23.58 -48.94
N ILE C 115 2.61 22.30 -48.57
CA ILE C 115 3.58 21.30 -48.99
C ILE C 115 2.87 20.51 -50.08
N ALA C 116 3.14 20.86 -51.35
CA ALA C 116 2.39 20.29 -52.45
C ALA C 116 3.06 19.07 -53.05
N ARG C 117 4.39 19.05 -53.05
CA ARG C 117 5.15 18.00 -53.72
C ARG C 117 6.39 17.70 -52.90
N PHE C 118 6.68 16.41 -52.69
CA PHE C 118 7.67 16.05 -51.69
C PHE C 118 8.07 14.59 -51.85
N TYR C 119 9.22 14.26 -51.27
CA TYR C 119 9.65 12.87 -51.08
C TYR C 119 9.04 12.33 -49.78
N LEU C 120 8.73 11.03 -49.77
CA LEU C 120 8.07 10.41 -48.63
C LEU C 120 8.87 9.18 -48.19
N ALA C 121 9.32 9.19 -46.94
CA ALA C 121 9.98 8.01 -46.35
C ALA C 121 9.18 7.61 -45.12
N ALA C 122 8.85 6.32 -45.01
CA ALA C 122 7.90 5.85 -44.00
C ALA C 122 8.34 4.52 -43.43
N HIS C 123 8.24 4.40 -42.10
CA HIS C 123 8.70 3.24 -41.37
C HIS C 123 7.55 2.60 -40.59
N ASP C 124 7.47 1.26 -40.64
CA ASP C 124 6.56 0.47 -39.79
C ASP C 124 5.12 0.86 -40.12
N VAL C 125 4.26 1.11 -39.12
CA VAL C 125 2.88 1.51 -39.35
C VAL C 125 2.84 2.78 -40.19
N GLY C 126 3.88 3.63 -40.09
CA GLY C 126 3.98 4.77 -40.99
C GLY C 126 3.93 4.35 -42.45
N ALA C 127 4.59 3.23 -42.80
CA ALA C 127 4.52 2.71 -44.16
C ALA C 127 3.12 2.22 -44.50
N TRP C 128 2.35 1.74 -43.50
CA TRP C 128 0.96 1.41 -43.76
C TRP C 128 0.20 2.61 -44.27
N VAL C 129 0.50 3.78 -43.72
CA VAL C 129 -0.17 4.98 -44.17
C VAL C 129 0.38 5.44 -45.51
N ALA C 130 1.69 5.24 -45.74
CA ALA C 130 2.31 5.76 -46.95
C ALA C 130 1.77 5.08 -48.19
N TYR C 131 1.37 3.80 -48.10
CA TYR C 131 0.91 3.12 -49.31
C TYR C 131 -0.39 3.75 -49.83
N PRO C 132 -1.50 3.77 -49.06
CA PRO C 132 -2.70 4.43 -49.59
C PRO C 132 -2.47 5.91 -49.89
N PHE C 133 -1.56 6.57 -49.17
CA PHE C 133 -1.25 7.96 -49.49
C PHE C 133 -0.68 8.05 -50.91
N ALA C 134 0.32 7.21 -51.21
CA ALA C 134 0.91 7.23 -52.54
C ALA C 134 -0.07 6.79 -53.63
N ALA C 135 -1.00 5.87 -53.31
CA ALA C 135 -1.97 5.44 -54.31
C ALA C 135 -2.99 6.53 -54.59
N MET C 136 -3.37 7.27 -53.56
CA MET C 136 -4.40 8.30 -53.69
C MET C 136 -3.85 9.63 -54.19
N TYR C 137 -2.62 9.99 -53.85
CA TYR C 137 -2.05 11.29 -54.20
C TYR C 137 -0.72 11.13 -54.91
N PRO C 138 -0.68 10.38 -56.03
CA PRO C 138 0.62 10.12 -56.67
C PRO C 138 1.29 11.37 -57.12
N GLU C 139 0.51 12.41 -57.49
CA GLU C 139 1.07 13.67 -57.95
C GLU C 139 1.80 14.43 -56.84
N SER C 140 1.52 14.12 -55.56
CA SER C 140 2.25 14.81 -54.49
C SER C 140 3.52 14.11 -54.04
N VAL C 141 3.69 12.84 -54.37
CA VAL C 141 4.80 12.03 -53.89
C VAL C 141 5.80 11.89 -55.03
N LYS C 142 6.93 12.61 -54.97
CA LYS C 142 7.93 12.49 -56.02
C LYS C 142 8.52 11.09 -56.05
N ARG C 143 8.97 10.61 -54.89
CA ARG C 143 9.48 9.25 -54.74
C ARG C 143 9.16 8.75 -53.33
N LEU C 144 9.06 7.42 -53.21
CA LEU C 144 8.61 6.78 -52.00
C LEU C 144 9.66 5.80 -51.50
N ALA C 145 9.95 5.86 -50.21
CA ALA C 145 10.80 4.89 -49.53
C ALA C 145 10.02 4.24 -48.40
N LEU C 146 9.98 2.90 -48.40
CA LEU C 146 9.30 2.09 -47.42
C LEU C 146 10.32 1.26 -46.65
N LEU C 147 10.27 1.32 -45.32
CA LEU C 147 11.32 0.78 -44.46
C LEU C 147 10.76 -0.35 -43.59
N ASP C 148 11.26 -1.57 -43.83
CA ASP C 148 11.01 -2.75 -42.99
C ASP C 148 9.58 -2.85 -42.51
N ALA C 149 8.64 -3.07 -43.43
CA ALA C 149 7.24 -3.18 -43.05
C ALA C 149 6.48 -3.86 -44.17
N GLY C 150 5.49 -4.63 -43.81
CA GLY C 150 4.52 -5.07 -44.78
C GLY C 150 3.35 -4.09 -44.85
N ILE C 151 2.61 -4.14 -45.95
CA ILE C 151 1.48 -3.26 -46.18
C ILE C 151 0.22 -4.11 -46.08
N PRO C 152 -0.73 -3.77 -45.20
CA PRO C 152 -1.96 -4.58 -45.09
C PRO C 152 -2.63 -4.81 -46.43
N GLY C 153 -2.97 -6.08 -46.71
CA GLY C 153 -3.72 -6.47 -47.89
C GLY C 153 -2.93 -6.56 -49.18
N VAL C 154 -1.69 -6.10 -49.13
CA VAL C 154 -0.82 -6.04 -50.28
C VAL C 154 0.45 -6.86 -50.17
N THR C 155 1.22 -6.69 -49.11
CA THR C 155 2.42 -7.46 -48.89
C THR C 155 2.42 -8.15 -47.52
N LEU C 156 1.69 -7.63 -46.55
CA LEU C 156 1.61 -8.28 -45.25
C LEU C 156 0.80 -9.57 -45.35
N PRO C 157 1.39 -10.73 -45.05
CA PRO C 157 0.66 -12.00 -45.21
C PRO C 157 -0.58 -12.04 -44.33
N ALA C 158 -1.57 -12.82 -44.77
CA ALA C 158 -2.79 -12.99 -43.97
C ALA C 158 -2.56 -13.91 -42.77
N ALA C 159 -1.47 -14.68 -42.76
CA ALA C 159 -1.09 -15.52 -41.64
C ALA C 159 0.38 -15.29 -41.32
N LEU C 160 0.73 -15.35 -40.03
CA LEU C 160 2.07 -15.05 -39.58
C LEU C 160 2.62 -16.22 -38.76
N PRO C 161 3.95 -16.41 -38.76
CA PRO C 161 4.54 -17.63 -38.22
C PRO C 161 4.35 -17.79 -36.70
N ILE C 162 4.26 -19.05 -36.26
CA ILE C 162 4.07 -19.40 -34.85
C ILE C 162 5.26 -20.15 -34.29
N GLU C 163 6.28 -20.32 -35.13
CA GLU C 163 7.46 -21.07 -34.77
C GLU C 163 8.29 -20.29 -33.77
N PRO C 164 8.72 -20.96 -32.70
CA PRO C 164 9.56 -20.27 -31.73
C PRO C 164 10.81 -19.94 -32.46
N GLY C 165 11.26 -18.71 -32.45
CA GLY C 165 12.45 -18.40 -33.20
C GLY C 165 12.12 -17.29 -34.14
N ASN C 166 10.91 -17.30 -34.65
CA ASN C 166 10.51 -16.22 -35.49
C ASN C 166 9.19 -15.63 -35.12
N ALA C 167 8.43 -16.36 -34.34
CA ALA C 167 7.10 -15.90 -33.93
C ALA C 167 7.20 -14.63 -33.09
N TRP C 168 8.31 -14.45 -32.33
CA TRP C 168 8.43 -13.26 -31.49
C TRP C 168 8.46 -11.95 -32.30
N ARG C 169 8.79 -12.02 -33.60
CA ARG C 169 8.81 -10.83 -34.44
C ARG C 169 7.41 -10.35 -34.77
N THR C 170 6.41 -11.23 -34.75
CA THR C 170 5.10 -10.86 -35.25
C THR C 170 3.93 -11.21 -34.32
N TRP C 171 4.19 -11.74 -33.12
CA TRP C 171 3.09 -12.16 -32.24
C TRP C 171 2.14 -11.02 -31.90
N HIS C 172 2.66 -9.79 -31.81
CA HIS C 172 1.87 -8.66 -31.34
C HIS C 172 0.73 -8.30 -32.30
N PHE C 173 0.86 -8.62 -33.59
CA PHE C 173 -0.20 -8.29 -34.56
C PHE C 173 -1.54 -8.81 -34.10
N ALA C 174 -1.62 -10.13 -33.90
CA ALA C 174 -2.88 -10.76 -33.53
C ALA C 174 -3.28 -10.35 -32.11
N PHE C 175 -2.29 -10.27 -31.22
CA PHE C 175 -2.60 -9.87 -29.85
C PHE C 175 -3.33 -8.53 -29.83
N HIS C 176 -2.83 -7.55 -30.59
CA HIS C 176 -3.41 -6.21 -30.55
C HIS C 176 -4.84 -6.18 -31.08
N THR C 177 -5.24 -7.15 -31.92
CA THR C 177 -6.62 -7.16 -32.41
C THR C 177 -7.63 -7.58 -31.36
N VAL C 178 -7.21 -8.25 -30.28
CA VAL C 178 -8.15 -8.73 -29.27
C VAL C 178 -8.68 -7.56 -28.45
N ALA C 179 -10.00 -7.50 -28.25
CA ALA C 179 -10.59 -6.44 -27.42
C ALA C 179 -10.22 -6.58 -25.94
N ASP C 180 -9.88 -5.46 -25.31
CA ASP C 180 -9.80 -5.31 -23.86
C ASP C 180 -8.68 -6.09 -23.17
N LEU C 181 -8.40 -7.31 -23.59
CA LEU C 181 -7.31 -8.05 -22.95
C LEU C 181 -5.96 -7.35 -23.06
N PRO C 182 -5.55 -6.80 -24.21
CA PRO C 182 -4.24 -6.12 -24.23
C PRO C 182 -4.16 -4.99 -23.21
N GLU C 183 -5.20 -4.16 -23.06
CA GLU C 183 -5.22 -3.15 -22.00
C GLU C 183 -5.10 -3.78 -20.62
N THR C 184 -5.77 -4.92 -20.40
CA THR C 184 -5.71 -5.55 -19.09
C THR C 184 -4.30 -6.06 -18.77
N LEU C 185 -3.62 -6.67 -19.75
CA LEU C 185 -2.30 -7.25 -19.47
C LEU C 185 -1.19 -6.19 -19.45
N ILE C 186 -1.33 -5.14 -20.27
CA ILE C 186 -0.27 -4.13 -20.34
C ILE C 186 -0.33 -3.14 -19.16
N ALA C 187 -1.50 -3.01 -18.52
CA ALA C 187 -1.66 -2.07 -17.41
C ALA C 187 -0.62 -2.32 -16.33
N GLY C 188 0.08 -1.26 -15.93
CA GLY C 188 1.10 -1.37 -14.90
C GLY C 188 2.42 -1.96 -15.36
N LYS C 189 2.53 -2.36 -16.64
CA LYS C 189 3.76 -2.90 -17.23
C LYS C 189 4.10 -2.14 -18.51
N GLU C 190 3.72 -0.86 -18.59
CA GLU C 190 3.88 -0.11 -19.83
C GLU C 190 5.35 0.01 -20.21
N ARG C 191 6.21 0.36 -19.24
CA ARG C 191 7.63 0.46 -19.55
C ARG C 191 8.22 -0.89 -19.97
N GLU C 192 7.82 -1.98 -19.32
CA GLU C 192 8.35 -3.30 -19.70
C GLU C 192 7.90 -3.66 -21.12
N TYR C 193 6.65 -3.35 -21.47
CA TYR C 193 6.19 -3.63 -22.82
C TYR C 193 6.99 -2.83 -23.83
N LEU C 194 7.16 -1.53 -23.58
CA LEU C 194 7.93 -0.66 -24.47
C LEU C 194 9.35 -1.15 -24.57
N ASP C 195 9.96 -1.39 -23.42
CA ASP C 195 11.35 -1.81 -23.40
C ASP C 195 11.59 -3.05 -24.26
N TRP C 196 10.71 -4.05 -24.13
CA TRP C 196 10.84 -5.25 -24.96
C TRP C 196 10.70 -4.94 -26.43
N PHE C 197 9.70 -4.16 -26.81
CA PHE C 197 9.50 -3.88 -28.21
C PHE C 197 10.73 -3.20 -28.80
N LEU C 198 11.21 -2.14 -28.16
CA LEU C 198 12.32 -1.39 -28.73
C LEU C 198 13.61 -2.21 -28.70
N ARG C 199 13.98 -2.72 -27.53
CA ARG C 199 15.33 -3.25 -27.38
C ARG C 199 15.48 -4.68 -27.92
N ARG C 200 14.40 -5.45 -27.94
CA ARG C 200 14.49 -6.83 -28.44
C ARG C 200 14.62 -6.89 -29.95
N LYS C 201 14.10 -5.88 -30.67
CA LYS C 201 14.07 -5.88 -32.13
C LYS C 201 15.24 -5.13 -32.74
N ALA C 202 16.05 -4.46 -31.94
CA ALA C 202 17.22 -3.78 -32.46
C ALA C 202 18.39 -4.76 -32.55
N ALA C 203 19.31 -4.49 -33.49
CA ALA C 203 20.53 -5.27 -33.55
C ALA C 203 21.39 -5.00 -32.33
N ASN C 204 21.43 -3.75 -31.89
CA ASN C 204 22.17 -3.35 -30.71
C ASN C 204 21.23 -2.60 -29.79
N PRO C 205 20.85 -3.16 -28.63
CA PRO C 205 19.86 -2.49 -27.79
C PRO C 205 20.30 -1.15 -27.25
N GLU C 206 21.60 -0.87 -27.24
CA GLU C 206 22.07 0.44 -26.81
C GLU C 206 21.76 1.53 -27.83
N SER C 207 21.19 1.18 -28.99
CA SER C 207 20.65 2.20 -29.88
C SER C 207 19.51 2.97 -29.23
N PHE C 208 18.92 2.44 -28.16
CA PHE C 208 17.91 3.12 -27.35
C PHE C 208 18.52 3.41 -25.98
N SER C 209 18.71 4.68 -25.66
CA SER C 209 19.06 5.11 -24.32
C SER C 209 17.87 4.99 -23.38
N ASP C 210 18.13 5.05 -22.07
CA ASP C 210 17.04 5.13 -21.09
C ASP C 210 16.16 6.37 -21.33
N ALA C 211 16.79 7.49 -21.69
CA ALA C 211 16.06 8.72 -22.00
C ALA C 211 15.20 8.57 -23.25
N ASP C 212 15.66 7.80 -24.22
CA ASP C 212 14.83 7.49 -25.39
C ASP C 212 13.59 6.69 -24.97
N VAL C 213 13.78 5.68 -24.11
CA VAL C 213 12.63 4.90 -23.65
C VAL C 213 11.68 5.77 -22.83
N ASP C 214 12.24 6.67 -22.01
CA ASP C 214 11.38 7.61 -21.27
C ASP C 214 10.49 8.41 -22.23
N GLU C 215 11.06 8.85 -23.35
CA GLU C 215 10.29 9.70 -24.27
C GLU C 215 9.14 8.92 -24.87
N TYR C 216 9.40 7.69 -25.30
CA TYR C 216 8.36 6.84 -25.84
C TYR C 216 7.35 6.46 -24.75
N LEU C 217 7.82 6.30 -23.51
CA LEU C 217 6.92 5.99 -22.41
C LEU C 217 5.98 7.16 -22.12
N ARG C 218 6.51 8.39 -22.21
CA ARG C 218 5.69 9.58 -22.01
C ARG C 218 4.49 9.59 -22.96
N VAL C 219 4.72 9.35 -24.25
CA VAL C 219 3.61 9.41 -25.19
C VAL C 219 2.80 8.12 -25.20
N PHE C 220 3.40 7.00 -24.79
CA PHE C 220 2.64 5.76 -24.70
C PHE C 220 1.56 5.86 -23.65
N THR C 221 2.00 6.35 -22.49
CA THR C 221 1.19 6.52 -21.28
C THR C 221 0.46 7.84 -21.31
N ARG C 222 0.40 8.53 -22.41
CA ARG C 222 -0.33 9.77 -22.47
C ARG C 222 -1.80 9.38 -22.78
N ASP C 223 -2.74 10.29 -22.63
CA ASP C 223 -4.17 10.00 -22.67
C ASP C 223 -4.50 9.42 -24.04
N GLY C 224 -5.17 8.27 -24.01
CA GLY C 224 -5.48 7.55 -25.22
C GLY C 224 -4.23 7.11 -25.96
N GLY C 225 -3.11 6.90 -25.27
CA GLY C 225 -1.93 6.47 -25.98
C GLY C 225 -1.99 5.03 -26.42
N LEU C 226 -2.24 4.15 -25.48
CA LEU C 226 -2.33 2.72 -25.78
C LEU C 226 -3.53 2.43 -26.68
N ARG C 227 -4.68 3.02 -26.37
CA ARG C 227 -5.88 2.84 -27.18
C ARG C 227 -5.63 3.14 -28.65
N ALA C 228 -4.99 4.29 -28.94
CA ALA C 228 -4.76 4.70 -30.32
C ALA C 228 -3.75 3.80 -31.01
N GLY C 229 -2.66 3.45 -30.32
CA GLY C 229 -1.70 2.52 -30.89
C GLY C 229 -2.35 1.19 -31.25
N LEU C 230 -3.17 0.65 -30.34
CA LEU C 230 -3.87 -0.59 -30.64
C LEU C 230 -4.88 -0.39 -31.78
N ALA C 231 -5.44 0.82 -31.92
CA ALA C 231 -6.50 1.03 -32.91
C ALA C 231 -6.00 0.80 -34.34
N PHE C 232 -4.73 1.13 -34.63
CA PHE C 232 -4.17 0.84 -35.96
C PHE C 232 -4.25 -0.66 -36.27
N TYR C 233 -3.89 -1.50 -35.30
CA TYR C 233 -3.95 -2.95 -35.49
C TYR C 233 -5.39 -3.44 -35.53
N ARG C 234 -6.27 -2.85 -34.74
CA ARG C 234 -7.65 -3.30 -34.73
C ARG C 234 -8.38 -2.94 -36.02
N ALA C 235 -7.87 -1.98 -36.79
CA ALA C 235 -8.48 -1.62 -38.07
C ALA C 235 -7.77 -2.23 -39.27
N VAL C 236 -6.85 -3.19 -39.06
CA VAL C 236 -6.03 -3.66 -40.18
C VAL C 236 -6.87 -4.34 -41.25
N SER C 237 -8.00 -4.94 -40.88
CA SER C 237 -8.80 -5.65 -41.88
C SER C 237 -9.50 -4.67 -42.79
N GLU C 238 -9.98 -3.55 -42.25
CA GLU C 238 -10.52 -2.50 -43.10
C GLU C 238 -9.43 -1.85 -43.94
N SER C 239 -8.25 -1.63 -43.35
CA SER C 239 -7.13 -1.09 -44.13
C SER C 239 -6.74 -2.04 -45.26
N SER C 240 -6.79 -3.34 -45.00
CA SER C 240 -6.48 -4.35 -46.01
C SER C 240 -7.46 -4.29 -47.17
N ALA C 241 -8.76 -4.21 -46.86
CA ALA C 241 -9.77 -4.16 -47.91
C ALA C 241 -9.63 -2.90 -48.75
N GLN C 242 -9.35 -1.76 -48.11
CA GLN C 242 -9.10 -0.52 -48.83
C GLN C 242 -7.88 -0.65 -49.75
N ASN C 243 -6.79 -1.21 -49.23
CA ASN C 243 -5.56 -1.31 -50.01
C ASN C 243 -5.74 -2.26 -51.19
N ARG C 244 -6.60 -3.26 -51.08
CA ARG C 244 -6.82 -4.16 -52.17
C ARG C 244 -7.55 -3.45 -53.29
N LYS C 245 -8.52 -2.64 -52.93
CA LYS C 245 -9.19 -1.87 -53.96
C LYS C 245 -8.23 -0.87 -54.62
N LEU C 246 -7.37 -0.22 -53.81
CA LEU C 246 -6.44 0.74 -54.41
C LEU C 246 -5.45 0.04 -55.32
N GLN C 247 -4.99 -1.16 -54.94
CA GLN C 247 -4.06 -1.87 -55.80
C GLN C 247 -4.72 -2.29 -57.09
N ALA C 248 -6.04 -2.55 -57.07
CA ALA C 248 -6.76 -2.87 -58.28
C ALA C 248 -6.85 -1.67 -59.21
N LEU C 249 -6.52 -0.47 -58.73
CA LEU C 249 -6.45 0.71 -59.58
C LEU C 249 -5.16 0.78 -60.39
N GLY C 250 -4.18 -0.09 -60.14
CA GLY C 250 -2.91 0.04 -60.81
C GLY C 250 -1.73 0.12 -59.87
N LYS C 251 -0.53 -0.12 -60.39
CA LYS C 251 0.66 -0.04 -59.58
C LYS C 251 0.99 1.40 -59.23
N LEU C 252 1.77 1.56 -58.15
CA LEU C 252 2.22 2.87 -57.74
C LEU C 252 2.95 3.56 -58.89
N LYS C 253 2.69 4.85 -59.03
CA LYS C 253 3.17 5.63 -60.17
C LYS C 253 4.55 6.24 -59.97
N MET C 254 5.00 6.45 -58.73
CA MET C 254 6.32 6.99 -58.48
C MET C 254 7.34 5.88 -58.20
N PRO C 255 8.63 6.15 -58.38
CA PRO C 255 9.65 5.16 -57.98
C PRO C 255 9.58 4.83 -56.50
N VAL C 256 9.85 3.58 -56.16
CA VAL C 256 9.75 3.07 -54.78
C VAL C 256 11.09 2.48 -54.36
N LEU C 257 11.59 2.93 -53.21
CA LEU C 257 12.78 2.36 -52.61
C LEU C 257 12.32 1.42 -51.50
N ALA C 258 12.59 0.13 -51.65
CA ALA C 258 12.22 -0.86 -50.64
C ALA C 258 13.44 -1.08 -49.76
N VAL C 259 13.38 -0.57 -48.54
CA VAL C 259 14.52 -0.61 -47.64
C VAL C 259 14.33 -1.74 -46.64
N SER C 260 15.19 -2.72 -46.72
CA SER C 260 15.29 -3.80 -45.75
C SER C 260 16.43 -3.55 -44.80
N ALA C 261 16.40 -4.26 -43.68
CA ALA C 261 17.52 -4.30 -42.73
C ALA C 261 17.96 -5.74 -42.58
N ASP C 262 19.27 -5.96 -42.52
CA ASP C 262 19.78 -7.32 -42.53
C ASP C 262 19.30 -8.14 -41.32
N GLN C 263 18.94 -7.49 -40.20
CA GLN C 263 18.32 -8.16 -39.06
C GLN C 263 16.90 -7.67 -38.78
N GLY C 264 16.20 -7.17 -39.80
CA GLY C 264 14.88 -6.61 -39.61
C GLY C 264 13.79 -7.65 -39.46
N SER C 265 12.55 -7.15 -39.41
CA SER C 265 11.35 -8.00 -39.28
C SER C 265 10.95 -8.66 -40.60
N ILE C 266 11.26 -8.04 -41.73
CA ILE C 266 10.76 -8.46 -43.03
C ILE C 266 11.87 -9.19 -43.77
N PRO C 267 11.63 -10.40 -44.26
CA PRO C 267 12.73 -11.11 -44.96
C PRO C 267 13.15 -10.42 -46.24
N ASP C 268 12.20 -10.09 -47.12
CA ASP C 268 12.49 -9.48 -48.42
C ASP C 268 11.45 -8.39 -48.70
N MET C 269 11.91 -7.14 -48.81
CA MET C 269 10.97 -6.05 -49.08
C MET C 269 10.65 -5.93 -50.57
N ALA C 270 11.68 -5.98 -51.41
CA ALA C 270 11.51 -5.67 -52.84
C ALA C 270 10.61 -6.71 -53.54
N GLY C 271 10.79 -7.99 -53.24
CA GLY C 271 10.06 -9.04 -53.92
C GLY C 271 8.56 -8.81 -54.00
N PRO C 272 7.88 -8.83 -52.86
CA PRO C 272 6.42 -8.60 -52.87
C PRO C 272 6.03 -7.24 -53.40
N LEU C 273 6.90 -6.24 -53.25
CA LEU C 273 6.58 -4.92 -53.72
C LEU C 273 6.68 -4.79 -55.24
N GLU C 274 7.41 -5.66 -55.91
CA GLU C 274 7.52 -5.55 -57.37
C GLU C 274 6.16 -5.59 -58.06
N HIS C 275 5.18 -6.21 -57.46
CA HIS C 275 3.90 -6.22 -58.10
C HIS C 275 3.04 -5.13 -57.56
N VAL C 276 3.63 -4.20 -56.85
CA VAL C 276 2.85 -3.08 -56.34
C VAL C 276 3.27 -1.76 -56.93
N ALA C 277 4.48 -1.66 -57.46
CA ALA C 277 4.98 -0.43 -58.02
C ALA C 277 5.65 -0.76 -59.34
N GLU C 278 5.61 0.18 -60.25
CA GLU C 278 6.18 -0.07 -61.56
C GLU C 278 7.68 -0.16 -61.48
N GLU C 279 8.27 0.66 -60.63
CA GLU C 279 9.69 0.76 -60.53
C GLU C 279 10.12 0.66 -59.09
N VAL C 280 10.78 -0.44 -58.76
CA VAL C 280 11.18 -0.71 -57.38
C VAL C 280 12.68 -0.94 -57.32
N THR C 281 13.34 -0.15 -56.48
CA THR C 281 14.74 -0.27 -56.16
C THR C 281 14.90 -0.86 -54.76
N ALA C 282 15.82 -1.81 -54.61
CA ALA C 282 16.02 -2.51 -53.35
C ALA C 282 17.31 -2.02 -52.69
N ALA C 283 17.28 -1.87 -51.37
CA ALA C 283 18.46 -1.53 -50.59
C ALA C 283 18.32 -2.20 -49.24
N THR C 284 19.43 -2.76 -48.75
CA THR C 284 19.50 -3.43 -47.45
C THR C 284 20.52 -2.70 -46.56
N ILE C 285 20.09 -2.32 -45.37
CA ILE C 285 20.94 -1.67 -44.40
C ILE C 285 21.58 -2.75 -43.51
N ALA C 286 22.90 -2.72 -43.42
CA ALA C 286 23.68 -3.71 -42.68
C ALA C 286 23.75 -3.34 -41.20
N TYR C 287 23.85 -4.37 -40.35
CA TYR C 287 23.98 -4.18 -38.89
C TYR C 287 22.80 -3.35 -38.33
N SER C 288 21.58 -3.73 -38.70
CA SER C 288 20.41 -3.01 -38.23
C SER C 288 19.26 -3.97 -38.01
N GLY C 289 18.59 -3.83 -36.88
CA GLY C 289 17.32 -4.48 -36.64
C GLY C 289 16.21 -3.68 -37.27
N HIS C 290 15.01 -3.84 -36.70
CA HIS C 290 13.81 -3.26 -37.28
C HIS C 290 13.86 -1.74 -37.31
N PHE C 291 14.53 -1.10 -36.34
CA PHE C 291 14.42 0.35 -36.17
C PHE C 291 15.53 1.08 -36.92
N ILE C 292 15.51 0.92 -38.25
CA ILE C 292 16.57 1.45 -39.11
C ILE C 292 16.92 2.91 -38.83
N PRO C 293 15.95 3.85 -38.79
CA PRO C 293 16.34 5.26 -38.60
C PRO C 293 17.12 5.53 -37.33
N GLU C 294 16.87 4.76 -36.27
CA GLU C 294 17.58 4.96 -35.03
C GLU C 294 18.84 4.09 -34.96
N GLU C 295 18.84 2.92 -35.59
CA GLU C 295 19.99 2.02 -35.46
C GLU C 295 21.12 2.36 -36.44
N GLN C 296 20.78 2.78 -37.67
CA GLN C 296 21.78 3.10 -38.69
C GLN C 296 21.43 4.42 -39.38
N PRO C 297 21.43 5.53 -38.64
CA PRO C 297 20.98 6.79 -39.25
C PRO C 297 21.85 7.24 -40.42
N GLN C 298 23.18 7.07 -40.41
CA GLN C 298 23.97 7.46 -41.58
C GLN C 298 23.76 6.62 -42.80
N ALA C 299 23.82 5.31 -42.63
CA ALA C 299 23.59 4.47 -43.78
C ALA C 299 22.24 4.76 -44.40
N LEU C 300 21.22 4.98 -43.57
CA LEU C 300 19.89 5.26 -44.08
C LEU C 300 19.84 6.60 -44.80
N ALA C 301 20.46 7.62 -44.20
CA ALA C 301 20.44 8.94 -44.81
C ALA C 301 21.11 8.93 -46.17
N ARG C 302 22.19 8.20 -46.31
CA ARG C 302 22.85 8.16 -47.60
C ARG C 302 21.96 7.51 -48.65
N GLU C 303 21.34 6.38 -48.34
CA GLU C 303 20.42 5.76 -49.29
C GLU C 303 19.28 6.71 -49.64
N LEU C 304 18.69 7.37 -48.63
CA LEU C 304 17.61 8.30 -48.91
C LEU C 304 18.10 9.49 -49.74
N ARG C 305 19.26 10.04 -49.38
CA ARG C 305 19.80 11.16 -50.13
C ARG C 305 20.08 10.76 -51.57
N ASP C 306 20.61 9.54 -51.79
CA ASP C 306 20.92 9.10 -53.13
C ASP C 306 19.66 8.82 -53.95
N PHE C 307 18.59 8.31 -53.30
CA PHE C 307 17.38 7.97 -54.02
C PHE C 307 16.50 9.19 -54.29
N PHE C 308 16.52 10.18 -53.40
CA PHE C 308 15.60 11.33 -53.49
C PHE C 308 16.23 12.42 -54.36
N ARG C 309 16.41 12.06 -55.62
CA ARG C 309 17.33 12.78 -56.49
C ARG C 309 16.76 12.89 -57.89
N THR D 16 0.28 -50.33 0.60
CA THR D 16 -0.67 -49.61 -0.25
C THR D 16 -0.53 -48.06 -0.23
N PRO D 17 -0.50 -47.46 -1.43
CA PRO D 17 -0.43 -45.99 -1.51
C PRO D 17 -1.72 -45.33 -1.06
N TYR D 18 -1.57 -44.11 -0.53
CA TYR D 18 -2.73 -43.33 -0.13
C TYR D 18 -3.51 -42.91 -1.37
N PHE D 19 -4.83 -43.04 -1.29
CA PHE D 19 -5.72 -42.50 -2.30
C PHE D 19 -6.89 -41.84 -1.59
N ARG D 20 -7.63 -41.03 -2.32
CA ARG D 20 -8.69 -40.23 -1.76
C ARG D 20 -9.86 -40.23 -2.73
N GLU D 21 -11.03 -40.46 -2.21
CA GLU D 21 -12.22 -40.47 -2.99
C GLU D 21 -12.64 -39.07 -3.29
N ASP D 22 -13.06 -38.82 -4.50
CA ASP D 22 -13.52 -37.51 -4.88
C ASP D 22 -14.82 -37.19 -4.14
N PRO D 23 -14.95 -36.01 -3.54
CA PRO D 23 -16.20 -35.69 -2.81
C PRO D 23 -17.42 -35.57 -3.71
N ARG D 24 -17.23 -35.51 -5.01
CA ARG D 24 -18.26 -35.18 -5.98
C ARG D 24 -18.51 -36.25 -7.02
N LEU D 25 -17.45 -36.88 -7.55
CA LEU D 25 -17.60 -38.02 -8.46
C LEU D 25 -17.50 -39.30 -7.63
N THR D 26 -18.65 -39.80 -7.19
CA THR D 26 -18.65 -41.02 -6.38
C THR D 26 -18.06 -42.17 -7.19
N GLY D 27 -17.17 -42.93 -6.57
CA GLY D 27 -16.48 -44.02 -7.20
C GLY D 27 -15.18 -43.66 -7.90
N PHE D 28 -14.78 -42.39 -7.91
CA PHE D 28 -13.51 -41.97 -8.49
C PHE D 28 -12.53 -41.57 -7.40
N ARG D 29 -11.28 -41.96 -7.58
CA ARG D 29 -10.26 -41.77 -6.57
C ARG D 29 -9.07 -41.00 -7.11
N HIS D 30 -8.52 -40.13 -6.27
CA HIS D 30 -7.31 -39.40 -6.61
C HIS D 30 -6.09 -40.23 -6.20
N ARG D 31 -5.13 -40.35 -7.12
CA ARG D 31 -3.91 -41.08 -6.87
C ARG D 31 -2.71 -40.27 -7.33
N PHE D 32 -1.54 -40.64 -6.80
CA PHE D 32 -0.26 -40.16 -7.30
C PHE D 32 0.67 -41.34 -7.51
N ASP D 33 1.49 -41.25 -8.55
CA ASP D 33 2.54 -42.22 -8.78
C ASP D 33 3.76 -41.47 -9.25
N THR D 34 4.95 -41.97 -8.89
CA THR D 34 6.21 -41.34 -9.27
C THR D 34 6.84 -42.15 -10.41
N VAL D 35 7.12 -41.46 -11.50
CA VAL D 35 7.68 -42.04 -12.71
C VAL D 35 9.00 -41.34 -12.98
N ASP D 36 10.12 -42.02 -12.73
CA ASP D 36 11.47 -41.44 -12.87
C ASP D 36 11.58 -40.07 -12.19
N GLY D 37 11.18 -40.01 -10.92
CA GLY D 37 11.33 -38.79 -10.16
C GLY D 37 10.20 -37.79 -10.31
N VAL D 38 9.27 -38.00 -11.23
CA VAL D 38 8.19 -37.06 -11.52
C VAL D 38 6.90 -37.63 -10.94
N ARG D 39 6.31 -36.94 -9.95
CA ARG D 39 5.03 -37.36 -9.39
C ARG D 39 3.89 -36.88 -10.29
N LEU D 40 3.00 -37.81 -10.62
CA LEU D 40 1.88 -37.54 -11.51
C LEU D 40 0.60 -37.85 -10.75
N HIS D 41 -0.35 -36.92 -10.84
CA HIS D 41 -1.67 -37.04 -10.25
C HIS D 41 -2.63 -37.60 -11.30
N PHE D 42 -3.53 -38.48 -10.89
CA PHE D 42 -4.54 -38.96 -11.81
C PHE D 42 -5.79 -39.34 -11.02
N VAL D 43 -6.92 -39.33 -11.71
CA VAL D 43 -8.20 -39.72 -11.14
C VAL D 43 -8.64 -40.98 -11.88
N GLU D 44 -9.04 -42.00 -11.14
CA GLU D 44 -9.44 -43.27 -11.73
C GLU D 44 -10.71 -43.74 -11.05
N GLY D 45 -11.54 -44.40 -11.84
CA GLY D 45 -12.80 -44.93 -11.34
C GLY D 45 -13.50 -45.70 -12.43
N GLY D 46 -14.81 -45.83 -12.29
CA GLY D 46 -15.64 -46.53 -13.26
C GLY D 46 -15.70 -48.03 -13.03
N ARG D 47 -16.34 -48.72 -13.96
CA ARG D 47 -16.59 -50.15 -13.76
C ARG D 47 -15.32 -50.98 -13.90
N ALA D 48 -15.06 -51.76 -12.85
CA ALA D 48 -13.78 -52.43 -12.67
C ALA D 48 -13.49 -53.41 -13.79
N ASP D 49 -14.51 -54.07 -14.32
CA ASP D 49 -14.32 -55.10 -15.35
C ASP D 49 -14.47 -54.55 -16.75
N GLY D 50 -14.67 -53.23 -16.91
CA GLY D 50 -14.88 -52.64 -18.22
C GLY D 50 -13.59 -52.39 -18.99
N GLU D 51 -13.75 -52.09 -20.27
CA GLU D 51 -12.62 -51.60 -21.05
C GLU D 51 -12.20 -50.22 -20.54
N THR D 52 -10.94 -49.88 -20.79
CA THR D 52 -10.32 -48.67 -20.24
C THR D 52 -10.34 -47.51 -21.23
N ILE D 53 -10.77 -46.35 -20.76
CA ILE D 53 -10.59 -45.10 -21.48
C ILE D 53 -9.63 -44.21 -20.70
N VAL D 54 -8.59 -43.74 -21.38
CA VAL D 54 -7.70 -42.73 -20.85
C VAL D 54 -8.08 -41.39 -21.48
N LEU D 55 -8.20 -40.35 -20.65
CA LEU D 55 -8.65 -39.03 -21.05
C LEU D 55 -7.52 -38.02 -20.79
N LEU D 56 -7.17 -37.23 -21.81
CA LEU D 56 -6.12 -36.24 -21.68
C LEU D 56 -6.71 -34.85 -21.95
N ALA D 57 -6.34 -33.88 -21.10
CA ALA D 57 -6.82 -32.50 -21.21
C ALA D 57 -5.68 -31.55 -21.60
N GLY D 58 -6.03 -30.30 -21.88
CA GLY D 58 -5.05 -29.34 -22.35
C GLY D 58 -5.06 -28.02 -21.55
N PHE D 59 -4.66 -26.96 -22.22
CA PHE D 59 -4.43 -25.65 -21.60
C PHE D 59 -5.70 -24.82 -21.67
N PRO D 60 -6.03 -24.07 -20.60
CA PRO D 60 -5.32 -24.04 -19.33
C PRO D 60 -6.03 -24.90 -18.30
N GLU D 61 -6.23 -26.16 -18.64
CA GLU D 61 -7.05 -27.01 -17.80
C GLU D 61 -6.23 -28.17 -17.23
N SER D 62 -6.90 -29.29 -16.96
CA SER D 62 -6.36 -30.41 -16.19
C SER D 62 -7.37 -31.55 -16.35
N TRP D 63 -7.11 -32.67 -15.65
CA TRP D 63 -8.08 -33.78 -15.62
C TRP D 63 -9.48 -33.28 -15.37
N TYR D 64 -9.61 -32.20 -14.58
CA TYR D 64 -10.88 -31.64 -14.17
C TYR D 64 -11.77 -31.28 -15.36
N ALA D 65 -11.19 -31.04 -16.54
CA ALA D 65 -12.03 -30.74 -17.68
C ALA D 65 -12.98 -31.88 -18.01
N TRP D 66 -12.64 -33.12 -17.64
CA TRP D 66 -13.46 -34.29 -17.98
C TRP D 66 -14.48 -34.66 -16.90
N ARG D 67 -14.63 -33.84 -15.86
CA ARG D 67 -15.43 -34.20 -14.70
C ARG D 67 -16.92 -34.40 -15.03
N ARG D 68 -17.41 -33.82 -16.12
CA ARG D 68 -18.82 -34.02 -16.46
C ARG D 68 -19.03 -35.22 -17.37
N VAL D 69 -18.00 -35.61 -18.12
CA VAL D 69 -18.10 -36.78 -18.98
C VAL D 69 -17.83 -38.05 -18.20
N MET D 70 -16.89 -38.00 -17.23
CA MET D 70 -16.47 -39.19 -16.49
C MET D 70 -17.61 -39.97 -15.84
N PRO D 71 -18.56 -39.38 -15.12
CA PRO D 71 -19.63 -40.19 -14.54
C PRO D 71 -20.55 -40.80 -15.59
N LEU D 72 -20.68 -40.17 -16.75
CA LEU D 72 -21.58 -40.67 -17.79
C LEU D 72 -21.05 -41.95 -18.44
N LEU D 73 -19.74 -42.13 -18.50
CA LEU D 73 -19.13 -43.32 -19.06
C LEU D 73 -18.79 -44.35 -17.99
N ALA D 74 -18.92 -43.98 -16.70
CA ALA D 74 -18.42 -44.84 -15.62
C ALA D 74 -19.21 -46.14 -15.49
N ASP D 75 -20.47 -46.15 -15.92
CA ASP D 75 -21.27 -47.36 -15.84
C ASP D 75 -20.68 -48.47 -16.71
N GLU D 76 -20.09 -48.11 -17.84
CA GLU D 76 -19.61 -49.08 -18.80
C GLU D 76 -18.10 -49.21 -18.86
N PHE D 77 -17.35 -48.15 -18.62
CA PHE D 77 -15.90 -48.22 -18.81
C PHE D 77 -15.13 -48.03 -17.51
N ARG D 78 -13.93 -48.61 -17.46
CA ARG D 78 -12.90 -48.15 -16.54
C ARG D 78 -12.41 -46.81 -17.09
N ILE D 79 -12.26 -45.81 -16.23
CA ILE D 79 -11.89 -44.45 -16.66
C ILE D 79 -10.67 -43.97 -15.86
N VAL D 80 -9.66 -43.51 -16.59
CA VAL D 80 -8.42 -42.96 -16.03
C VAL D 80 -8.18 -41.56 -16.63
N ALA D 81 -8.10 -40.55 -15.77
CA ALA D 81 -7.87 -39.17 -16.22
C ALA D 81 -6.62 -38.62 -15.55
N PRO D 82 -5.46 -38.66 -16.19
CA PRO D 82 -4.24 -38.14 -15.57
C PRO D 82 -4.02 -36.67 -15.86
N ASP D 83 -3.33 -36.03 -14.92
CA ASP D 83 -2.68 -34.76 -15.15
C ASP D 83 -1.32 -35.00 -15.77
N LEU D 84 -1.12 -34.54 -16.99
CA LEU D 84 0.18 -34.65 -17.63
C LEU D 84 1.22 -33.88 -16.81
N PRO D 85 2.51 -34.18 -16.98
CA PRO D 85 3.53 -33.32 -16.37
C PRO D 85 3.30 -31.87 -16.78
N GLY D 86 3.39 -30.99 -15.79
CA GLY D 86 3.12 -29.60 -16.03
C GLY D 86 1.66 -29.24 -15.95
N GLN D 87 0.79 -30.17 -15.59
CA GLN D 87 -0.64 -29.92 -15.57
C GLN D 87 -1.19 -30.15 -14.17
N GLY D 88 -2.21 -29.37 -13.81
CA GLY D 88 -2.97 -29.64 -12.61
C GLY D 88 -2.13 -29.85 -11.36
N ASP D 89 -2.27 -31.01 -10.73
CA ASP D 89 -1.52 -31.31 -9.52
C ASP D 89 -0.31 -32.19 -9.76
N SER D 90 0.04 -32.47 -11.02
CA SER D 90 1.25 -33.22 -11.29
C SER D 90 2.46 -32.31 -11.13
N ASP D 91 3.64 -32.94 -10.95
CA ASP D 91 4.87 -32.18 -10.87
C ASP D 91 5.13 -31.43 -12.17
N ARG D 92 6.02 -30.43 -12.09
CA ARG D 92 6.42 -29.59 -13.22
C ARG D 92 7.93 -29.66 -13.38
N PRO D 93 8.46 -30.65 -14.10
CA PRO D 93 9.90 -30.71 -14.31
C PRO D 93 10.41 -29.50 -15.07
N LEU D 94 11.72 -29.33 -15.04
CA LEU D 94 12.33 -28.17 -15.70
C LEU D 94 12.36 -28.32 -17.22
N VAL D 95 12.52 -29.53 -17.73
CA VAL D 95 12.60 -29.79 -19.17
C VAL D 95 11.72 -30.99 -19.52
N GLY D 96 11.69 -31.32 -20.81
CA GLY D 96 10.96 -32.47 -21.30
C GLY D 96 9.55 -32.21 -21.78
N TYR D 97 9.24 -31.00 -22.26
CA TYR D 97 7.88 -30.70 -22.69
C TYR D 97 7.67 -30.88 -24.18
N ASP D 98 8.71 -31.26 -24.94
CA ASP D 98 8.50 -31.82 -26.28
C ASP D 98 7.56 -33.01 -26.14
N THR D 99 6.66 -33.19 -27.12
CA THR D 99 5.55 -34.09 -26.83
C THR D 99 5.93 -35.58 -26.85
N GLN D 100 7.04 -35.96 -27.48
CA GLN D 100 7.45 -37.37 -27.43
C GLN D 100 7.88 -37.78 -26.03
N THR D 101 8.63 -36.92 -25.34
CA THR D 101 9.03 -37.22 -23.96
C THR D 101 7.83 -37.29 -23.03
N VAL D 102 6.87 -36.38 -23.20
CA VAL D 102 5.66 -36.41 -22.37
C VAL D 102 4.89 -37.69 -22.61
N ALA D 103 4.77 -38.08 -23.89
CA ALA D 103 4.06 -39.31 -24.21
C ALA D 103 4.73 -40.52 -23.61
N ALA D 104 6.07 -40.58 -23.68
CA ALA D 104 6.81 -41.68 -23.05
C ALA D 104 6.59 -41.68 -21.55
N THR D 105 6.58 -40.48 -20.94
CA THR D 105 6.28 -40.41 -19.51
C THR D 105 4.87 -40.94 -19.23
N LEU D 106 3.89 -40.55 -20.05
CA LEU D 106 2.54 -41.08 -19.88
C LEU D 106 2.52 -42.60 -20.01
N ALA D 107 3.30 -43.12 -20.96
CA ALA D 107 3.36 -44.57 -21.17
C ALA D 107 3.88 -45.28 -19.93
N ARG D 108 4.95 -44.74 -19.33
CA ARG D 108 5.50 -45.40 -18.16
C ARG D 108 4.51 -45.32 -17.01
N LEU D 109 3.76 -44.22 -16.90
CA LEU D 109 2.71 -44.16 -15.88
C LEU D 109 1.66 -45.23 -16.11
N LEU D 110 1.22 -45.41 -17.36
CA LEU D 110 0.16 -46.38 -17.59
C LEU D 110 0.64 -47.80 -17.35
N GLU D 111 1.87 -48.13 -17.75
CA GLU D 111 2.41 -49.46 -17.52
C GLU D 111 2.44 -49.78 -16.03
N ARG D 112 2.86 -48.82 -15.19
CA ARG D 112 2.93 -49.03 -13.74
C ARG D 112 1.55 -49.25 -13.14
N GLN D 113 0.48 -48.80 -13.79
CA GLN D 113 -0.86 -49.15 -13.33
C GLN D 113 -1.40 -50.38 -14.06
N ASN D 114 -0.56 -51.09 -14.81
CA ASN D 114 -0.94 -52.31 -15.52
C ASN D 114 -2.14 -52.06 -16.45
N ILE D 115 -2.12 -50.92 -17.12
CA ILE D 115 -3.09 -50.58 -18.15
C ILE D 115 -2.37 -50.79 -19.47
N ALA D 116 -2.61 -51.95 -20.06
CA ALA D 116 -1.83 -52.36 -21.20
C ALA D 116 -2.47 -51.93 -22.51
N ARG D 117 -3.78 -51.94 -22.60
CA ARG D 117 -4.43 -51.59 -23.86
C ARG D 117 -5.67 -50.79 -23.54
N PHE D 118 -5.99 -49.75 -24.30
CA PHE D 118 -7.07 -48.86 -23.88
C PHE D 118 -7.53 -47.98 -25.03
N TYR D 119 -8.71 -47.38 -24.86
CA TYR D 119 -9.13 -46.28 -25.72
C TYR D 119 -8.56 -44.96 -25.20
N LEU D 120 -8.25 -44.04 -26.12
CA LEU D 120 -7.61 -42.78 -25.78
C LEU D 120 -8.42 -41.64 -26.38
N ALA D 121 -8.92 -40.74 -25.54
CA ALA D 121 -9.60 -39.52 -25.97
C ALA D 121 -8.84 -38.33 -25.40
N ALA D 122 -8.55 -37.34 -26.25
CA ALA D 122 -7.63 -36.27 -25.91
C ALA D 122 -8.09 -34.94 -26.49
N HIS D 123 -8.02 -33.90 -25.68
CA HIS D 123 -8.51 -32.57 -26.02
C HIS D 123 -7.37 -31.55 -25.96
N ASP D 124 -7.29 -30.66 -26.95
CA ASP D 124 -6.37 -29.49 -26.93
C ASP D 124 -4.91 -29.96 -26.87
N VAL D 125 -4.06 -29.40 -25.99
CA VAL D 125 -2.68 -29.86 -25.88
C VAL D 125 -2.62 -31.34 -25.52
N GLY D 126 -3.63 -31.88 -24.82
CA GLY D 126 -3.69 -33.31 -24.64
C GLY D 126 -3.63 -34.08 -25.95
N ALA D 127 -4.30 -33.56 -27.00
CA ALA D 127 -4.20 -34.19 -28.31
C ALA D 127 -2.80 -34.09 -28.90
N TRP D 128 -2.05 -33.05 -28.56
CA TRP D 128 -0.64 -32.99 -28.94
C TRP D 128 0.14 -34.16 -28.34
N VAL D 129 -0.23 -34.61 -27.15
CA VAL D 129 0.45 -35.76 -26.59
C VAL D 129 -0.12 -37.06 -27.17
N ALA D 130 -1.42 -37.08 -27.44
CA ALA D 130 -2.05 -38.32 -27.88
C ALA D 130 -1.51 -38.75 -29.22
N TYR D 131 -1.13 -37.81 -30.11
CA TYR D 131 -0.66 -38.19 -31.43
C TYR D 131 0.68 -38.95 -31.40
N PRO D 132 1.77 -38.40 -30.85
CA PRO D 132 3.00 -39.20 -30.78
C PRO D 132 2.83 -40.47 -29.96
N PHE D 133 1.93 -40.44 -28.97
CA PHE D 133 1.65 -41.64 -28.20
C PHE D 133 1.06 -42.73 -29.09
N ALA D 134 0.03 -42.40 -29.86
CA ALA D 134 -0.59 -43.40 -30.71
C ALA D 134 0.37 -43.88 -31.79
N ALA D 135 1.26 -43.01 -32.27
CA ALA D 135 2.21 -43.40 -33.30
C ALA D 135 3.30 -44.32 -32.75
N MET D 136 3.74 -44.10 -31.51
CA MET D 136 4.82 -44.89 -30.91
C MET D 136 4.34 -46.18 -30.27
N TYR D 137 3.14 -46.20 -29.71
CA TYR D 137 2.64 -47.36 -28.99
C TYR D 137 1.31 -47.79 -29.59
N PRO D 138 1.30 -48.10 -30.88
CA PRO D 138 0.00 -48.36 -31.52
C PRO D 138 -0.74 -49.52 -30.87
N GLU D 139 -0.03 -50.49 -30.29
CA GLU D 139 -0.67 -51.69 -29.79
C GLU D 139 -1.43 -51.40 -28.50
N SER D 140 -1.07 -50.29 -27.81
CA SER D 140 -1.76 -49.95 -26.57
C SER D 140 -3.02 -49.12 -26.83
N VAL D 141 -3.15 -48.53 -28.02
CA VAL D 141 -4.28 -47.65 -28.31
C VAL D 141 -5.22 -48.39 -29.26
N LYS D 142 -6.33 -48.85 -28.69
CA LYS D 142 -7.38 -49.56 -29.42
C LYS D 142 -7.98 -48.63 -30.44
N ARG D 143 -8.52 -47.49 -29.99
CA ARG D 143 -9.06 -46.45 -30.86
C ARG D 143 -8.71 -45.11 -30.23
N LEU D 144 -8.67 -44.08 -31.05
CA LEU D 144 -8.21 -42.76 -30.64
C LEU D 144 -9.28 -41.75 -30.99
N ALA D 145 -9.59 -40.86 -30.04
CA ALA D 145 -10.48 -39.72 -30.30
C ALA D 145 -9.70 -38.44 -30.02
N LEU D 146 -9.69 -37.53 -30.99
CA LEU D 146 -9.02 -36.24 -30.90
C LEU D 146 -10.06 -35.13 -31.00
N LEU D 147 -10.06 -34.21 -30.07
CA LEU D 147 -11.05 -33.20 -30.01
C LEU D 147 -10.56 -31.77 -30.16
N ASP D 148 -11.03 -31.11 -31.22
CA ASP D 148 -10.82 -29.68 -31.51
C ASP D 148 -9.41 -29.22 -31.21
N ALA D 149 -8.47 -29.73 -31.98
CA ALA D 149 -7.08 -29.38 -31.77
C ALA D 149 -6.34 -29.73 -33.05
N GLY D 150 -5.35 -28.95 -33.38
CA GLY D 150 -4.39 -29.33 -34.38
C GLY D 150 -3.20 -30.00 -33.74
N ILE D 151 -2.46 -30.76 -34.52
CA ILE D 151 -1.29 -31.49 -34.04
C ILE D 151 -0.05 -30.77 -34.53
N PRO D 152 0.86 -30.36 -33.64
CA PRO D 152 2.08 -29.67 -34.08
C PRO D 152 2.77 -30.45 -35.20
N GLY D 153 3.08 -29.73 -36.29
CA GLY D 153 3.83 -30.25 -37.40
C GLY D 153 3.05 -31.12 -38.35
N VAL D 154 1.79 -31.41 -38.06
CA VAL D 154 1.06 -32.38 -38.84
C VAL D 154 -0.30 -31.85 -39.29
N THR D 155 -1.02 -31.21 -38.38
CA THR D 155 -2.27 -30.53 -38.73
C THR D 155 -2.30 -29.07 -38.30
N LEU D 156 -1.46 -28.66 -37.35
CA LEU D 156 -1.34 -27.26 -37.00
C LEU D 156 -0.53 -26.51 -38.05
N PRO D 157 -1.11 -25.51 -38.72
CA PRO D 157 -0.37 -24.78 -39.75
C PRO D 157 0.84 -24.08 -39.14
N ALA D 158 1.85 -23.83 -39.98
CA ALA D 158 3.03 -23.12 -39.53
C ALA D 158 2.81 -21.62 -39.34
N ALA D 159 1.73 -21.05 -39.92
CA ALA D 159 1.37 -19.65 -39.76
C ALA D 159 -0.11 -19.50 -39.45
N LEU D 160 -0.49 -18.58 -38.58
CA LEU D 160 -1.90 -18.40 -38.20
C LEU D 160 -2.46 -17.02 -38.52
N PRO D 161 -3.78 -16.92 -38.62
CA PRO D 161 -4.40 -15.68 -39.13
C PRO D 161 -4.22 -14.48 -38.24
N ILE D 162 -4.32 -13.31 -38.81
CA ILE D 162 -4.26 -12.11 -38.04
C ILE D 162 -5.48 -11.28 -38.36
N GLU D 163 -6.49 -11.86 -39.01
CA GLU D 163 -7.63 -11.04 -39.37
C GLU D 163 -8.43 -10.83 -38.09
N PRO D 164 -8.86 -9.61 -37.75
CA PRO D 164 -9.71 -9.46 -36.56
C PRO D 164 -10.98 -10.28 -36.72
N GLY D 165 -11.39 -10.93 -35.63
CA GLY D 165 -12.48 -11.88 -35.66
C GLY D 165 -12.04 -13.32 -35.80
N ASN D 166 -10.86 -13.56 -36.38
CA ASN D 166 -10.23 -14.88 -36.36
C ASN D 166 -8.94 -14.91 -35.54
N ALA D 167 -8.22 -13.79 -35.45
CA ALA D 167 -6.93 -13.78 -34.77
C ALA D 167 -7.07 -14.14 -33.30
N TRP D 168 -8.17 -13.76 -32.63
CA TRP D 168 -8.30 -14.01 -31.20
C TRP D 168 -8.29 -15.50 -30.87
N ARG D 169 -8.57 -16.37 -31.83
CA ARG D 169 -8.57 -17.79 -31.55
C ARG D 169 -7.16 -18.34 -31.40
N THR D 170 -6.16 -17.69 -32.01
CA THR D 170 -4.85 -18.30 -32.08
C THR D 170 -3.72 -17.37 -31.69
N TRP D 171 -4.00 -16.14 -31.25
CA TRP D 171 -2.93 -15.20 -30.95
C TRP D 171 -1.97 -15.75 -29.88
N HIS D 172 -2.49 -16.58 -28.97
CA HIS D 172 -1.71 -17.01 -27.81
C HIS D 172 -0.54 -17.94 -28.18
N PHE D 173 -0.63 -18.65 -29.30
CA PHE D 173 0.42 -19.59 -29.73
C PHE D 173 1.77 -18.88 -29.81
N ALA D 174 1.85 -17.88 -30.69
CA ALA D 174 3.09 -17.14 -30.85
C ALA D 174 3.49 -16.43 -29.55
N PHE D 175 2.51 -15.85 -28.85
CA PHE D 175 2.80 -15.16 -27.60
C PHE D 175 3.52 -16.08 -26.62
N HIS D 176 3.01 -17.30 -26.45
CA HIS D 176 3.59 -18.19 -25.47
C HIS D 176 5.04 -18.57 -25.79
N THR D 177 5.46 -18.50 -27.06
CA THR D 177 6.83 -18.87 -27.40
C THR D 177 7.83 -17.80 -26.99
N VAL D 178 7.38 -16.58 -26.72
CA VAL D 178 8.31 -15.51 -26.34
C VAL D 178 8.82 -15.76 -24.92
N ALA D 179 10.13 -15.65 -24.76
CA ALA D 179 10.76 -15.81 -23.46
C ALA D 179 10.42 -14.62 -22.56
N ASP D 180 10.04 -14.92 -21.31
CA ASP D 180 9.98 -13.98 -20.19
C ASP D 180 8.87 -12.93 -20.27
N LEU D 181 8.56 -12.41 -21.45
CA LEU D 181 7.51 -11.41 -21.54
C LEU D 181 6.14 -11.95 -21.09
N PRO D 182 5.74 -13.18 -21.41
CA PRO D 182 4.43 -13.64 -20.93
C PRO D 182 4.31 -13.65 -19.41
N GLU D 183 5.33 -14.18 -18.72
CA GLU D 183 5.33 -14.15 -17.25
C GLU D 183 5.20 -12.71 -16.75
N THR D 184 5.89 -11.77 -17.40
CA THR D 184 5.85 -10.39 -16.96
C THR D 184 4.44 -9.78 -17.11
N LEU D 185 3.77 -10.06 -18.22
CA LEU D 185 2.48 -9.41 -18.44
C LEU D 185 1.34 -10.10 -17.70
N ILE D 186 1.43 -11.42 -17.50
CA ILE D 186 0.39 -12.20 -16.84
C ILE D 186 0.44 -12.06 -15.31
N ALA D 187 1.60 -11.72 -14.75
CA ALA D 187 1.74 -11.60 -13.29
C ALA D 187 0.71 -10.64 -12.72
N GLY D 188 -0.01 -11.07 -11.68
CA GLY D 188 -1.07 -10.25 -11.10
C GLY D 188 -2.35 -10.20 -11.91
N LYS D 189 -2.39 -10.80 -13.10
CA LYS D 189 -3.60 -10.85 -13.91
C LYS D 189 -3.97 -12.31 -14.25
N GLU D 190 -3.57 -13.24 -13.39
CA GLU D 190 -3.77 -14.65 -13.68
C GLU D 190 -5.25 -14.98 -13.88
N ARG D 191 -6.10 -14.53 -12.97
CA ARG D 191 -7.52 -14.87 -13.09
C ARG D 191 -8.13 -14.24 -14.34
N GLU D 192 -7.75 -12.99 -14.65
CA GLU D 192 -8.25 -12.36 -15.87
C GLU D 192 -7.80 -13.12 -17.09
N TYR D 193 -6.55 -13.56 -17.12
CA TYR D 193 -6.04 -14.31 -18.26
C TYR D 193 -6.80 -15.61 -18.43
N LEU D 194 -6.96 -16.35 -17.33
CA LEU D 194 -7.69 -17.61 -17.35
C LEU D 194 -9.14 -17.40 -17.78
N ASP D 195 -9.80 -16.44 -17.14
CA ASP D 195 -11.17 -16.16 -17.46
C ASP D 195 -11.33 -15.85 -18.95
N TRP D 196 -10.39 -15.13 -19.54
CA TRP D 196 -10.52 -14.82 -20.96
C TRP D 196 -10.52 -16.11 -21.80
N PHE D 197 -9.57 -17.00 -21.57
CA PHE D 197 -9.52 -18.23 -22.38
C PHE D 197 -10.79 -19.07 -22.24
N LEU D 198 -11.19 -19.36 -21.00
CA LEU D 198 -12.34 -20.23 -20.75
C LEU D 198 -13.63 -19.61 -21.26
N ARG D 199 -13.93 -18.39 -20.88
CA ARG D 199 -15.16 -17.80 -21.30
C ARG D 199 -15.27 -17.35 -22.73
N ARG D 200 -14.22 -16.81 -23.26
CA ARG D 200 -14.31 -16.32 -24.65
C ARG D 200 -14.42 -17.45 -25.67
N LYS D 201 -13.90 -18.65 -25.37
CA LYS D 201 -13.87 -19.73 -26.36
C LYS D 201 -15.02 -20.71 -26.22
N ALA D 202 -15.85 -20.58 -25.19
CA ALA D 202 -17.04 -21.40 -25.01
C ALA D 202 -18.17 -20.82 -25.81
N ALA D 203 -19.10 -21.66 -26.25
CA ALA D 203 -20.28 -21.12 -26.93
C ALA D 203 -21.16 -20.36 -25.94
N ASN D 204 -21.25 -20.86 -24.72
CA ASN D 204 -21.99 -20.23 -23.64
C ASN D 204 -21.03 -20.13 -22.45
N PRO D 205 -20.62 -18.92 -22.05
CA PRO D 205 -19.65 -18.82 -20.95
C PRO D 205 -20.17 -19.35 -19.63
N GLU D 206 -21.48 -19.48 -19.45
CA GLU D 206 -21.99 -20.05 -18.21
C GLU D 206 -21.72 -21.57 -18.11
N SER D 207 -21.10 -22.17 -19.13
CA SER D 207 -20.60 -23.53 -18.98
C SER D 207 -19.52 -23.64 -17.91
N PHE D 208 -18.93 -22.52 -17.47
CA PHE D 208 -17.95 -22.49 -16.39
C PHE D 208 -18.51 -21.71 -15.20
N SER D 209 -18.65 -22.38 -14.05
CA SER D 209 -18.99 -21.63 -12.84
C SER D 209 -17.76 -20.88 -12.30
N ASP D 210 -18.03 -19.95 -11.36
CA ASP D 210 -16.93 -19.28 -10.65
C ASP D 210 -16.05 -20.30 -9.94
N ALA D 211 -16.66 -21.35 -9.38
CA ALA D 211 -15.90 -22.42 -8.73
C ALA D 211 -15.05 -23.19 -9.74
N ASP D 212 -15.52 -23.33 -10.98
CA ASP D 212 -14.69 -23.96 -12.01
C ASP D 212 -13.44 -23.14 -12.27
N VAL D 213 -13.62 -21.82 -12.46
CA VAL D 213 -12.49 -20.92 -12.68
C VAL D 213 -11.57 -20.92 -11.46
N ASP D 214 -12.15 -20.95 -10.24
CA ASP D 214 -11.34 -21.05 -9.03
C ASP D 214 -10.42 -22.26 -9.06
N GLU D 215 -10.96 -23.42 -9.48
CA GLU D 215 -10.14 -24.62 -9.52
C GLU D 215 -9.01 -24.47 -10.55
N TYR D 216 -9.33 -23.96 -11.74
CA TYR D 216 -8.26 -23.80 -12.72
C TYR D 216 -7.25 -22.74 -12.26
N LEU D 217 -7.71 -21.68 -11.58
CA LEU D 217 -6.77 -20.69 -11.06
C LEU D 217 -5.85 -21.29 -10.01
N ARG D 218 -6.39 -22.17 -9.15
CA ARG D 218 -5.57 -22.83 -8.13
C ARG D 218 -4.39 -23.55 -8.77
N VAL D 219 -4.64 -24.35 -9.81
CA VAL D 219 -3.53 -25.09 -10.40
C VAL D 219 -2.69 -24.22 -11.33
N PHE D 220 -3.24 -23.15 -11.85
CA PHE D 220 -2.52 -22.24 -12.71
C PHE D 220 -1.45 -21.42 -11.94
N THR D 221 -1.79 -20.92 -10.78
CA THR D 221 -0.94 -20.09 -9.97
C THR D 221 -0.08 -20.83 -9.00
N ARG D 222 -0.30 -22.14 -8.91
CA ARG D 222 0.49 -22.98 -8.00
C ARG D 222 1.86 -23.07 -8.60
N ASP D 223 2.89 -23.26 -7.79
CA ASP D 223 4.21 -23.10 -8.33
C ASP D 223 4.63 -23.85 -9.55
N GLY D 224 5.10 -23.00 -10.44
CA GLY D 224 5.48 -23.37 -11.75
C GLY D 224 4.25 -23.60 -12.58
N GLY D 225 3.04 -23.18 -12.21
CA GLY D 225 1.95 -23.57 -13.09
C GLY D 225 2.05 -22.90 -14.44
N LEU D 226 2.40 -21.62 -14.45
CA LEU D 226 2.52 -20.86 -15.68
C LEU D 226 3.74 -21.30 -16.48
N ARG D 227 4.90 -21.46 -15.81
CA ARG D 227 6.11 -21.89 -16.51
C ARG D 227 5.85 -23.16 -17.32
N ALA D 228 5.20 -24.15 -16.71
CA ALA D 228 4.98 -25.45 -17.35
C ALA D 228 3.95 -25.34 -18.47
N GLY D 229 2.87 -24.59 -18.26
CA GLY D 229 1.91 -24.37 -19.33
C GLY D 229 2.56 -23.74 -20.54
N LEU D 230 3.40 -22.72 -20.31
CA LEU D 230 4.09 -22.07 -21.41
C LEU D 230 5.08 -23.01 -22.08
N ALA D 231 5.67 -23.93 -21.30
CA ALA D 231 6.73 -24.78 -21.82
C ALA D 231 6.26 -25.65 -22.98
N PHE D 232 5.01 -26.13 -22.93
CA PHE D 232 4.46 -26.90 -24.06
C PHE D 232 4.53 -26.09 -25.33
N TYR D 233 4.16 -24.80 -25.27
CA TYR D 233 4.22 -23.96 -26.47
C TYR D 233 5.66 -23.66 -26.84
N ARG D 234 6.54 -23.50 -25.87
CA ARG D 234 7.91 -23.16 -26.21
C ARG D 234 8.64 -24.34 -26.85
N ALA D 235 8.15 -25.55 -26.67
CA ALA D 235 8.78 -26.71 -27.29
C ALA D 235 8.12 -27.13 -28.60
N VAL D 236 7.21 -26.32 -29.19
CA VAL D 236 6.45 -26.80 -30.34
C VAL D 236 7.36 -27.08 -31.54
N SER D 237 8.53 -26.45 -31.62
CA SER D 237 9.40 -26.70 -32.77
C SER D 237 10.01 -28.08 -32.68
N GLU D 238 10.41 -28.51 -31.48
CA GLU D 238 10.88 -29.88 -31.32
C GLU D 238 9.73 -30.86 -31.50
N SER D 239 8.55 -30.57 -30.94
CA SER D 239 7.42 -31.48 -31.07
C SER D 239 7.01 -31.63 -32.53
N SER D 240 7.01 -30.52 -33.29
CA SER D 240 6.69 -30.56 -34.71
C SER D 240 7.71 -31.41 -35.47
N ALA D 241 8.99 -31.19 -35.18
CA ALA D 241 10.06 -31.96 -35.79
C ALA D 241 9.96 -33.44 -35.44
N GLN D 242 9.53 -33.76 -34.22
CA GLN D 242 9.27 -35.14 -33.88
C GLN D 242 8.09 -35.70 -34.68
N ASN D 243 7.00 -34.95 -34.77
CA ASN D 243 5.77 -35.49 -35.38
C ASN D 243 5.85 -35.70 -36.90
N ARG D 244 6.58 -34.85 -37.64
CA ARG D 244 6.69 -35.00 -39.10
C ARG D 244 7.46 -36.26 -39.42
N LYS D 245 8.42 -36.56 -38.55
CA LYS D 245 9.17 -37.79 -38.59
C LYS D 245 8.29 -39.01 -38.40
N LEU D 246 7.41 -39.00 -37.40
CA LEU D 246 6.54 -40.15 -37.18
C LEU D 246 5.50 -40.27 -38.28
N GLN D 247 5.12 -39.13 -38.87
CA GLN D 247 4.14 -39.15 -39.92
C GLN D 247 4.75 -39.74 -41.16
N ALA D 248 6.03 -39.51 -41.36
CA ALA D 248 6.69 -40.08 -42.54
C ALA D 248 6.87 -41.59 -42.42
N LEU D 249 6.75 -42.15 -41.21
CA LEU D 249 6.82 -43.60 -41.01
C LEU D 249 5.50 -44.29 -41.32
N GLY D 250 4.47 -43.54 -41.64
CA GLY D 250 3.18 -44.12 -41.89
C GLY D 250 2.08 -43.47 -41.09
N LYS D 251 0.85 -43.64 -41.53
CA LYS D 251 -0.31 -43.12 -40.83
C LYS D 251 -0.62 -43.96 -39.60
N LEU D 252 -1.43 -43.39 -38.71
CA LEU D 252 -1.88 -44.07 -37.54
C LEU D 252 -2.69 -45.26 -38.00
N LYS D 253 -2.43 -46.39 -37.36
CA LYS D 253 -3.04 -47.64 -37.69
C LYS D 253 -4.41 -47.92 -37.10
N MET D 254 -4.69 -47.38 -35.95
CA MET D 254 -5.98 -47.57 -35.32
C MET D 254 -7.07 -46.59 -35.71
N PRO D 255 -8.34 -46.97 -35.56
CA PRO D 255 -9.40 -46.04 -35.95
C PRO D 255 -9.33 -44.75 -35.15
N VAL D 256 -9.60 -43.63 -35.83
CA VAL D 256 -9.50 -42.31 -35.24
C VAL D 256 -10.84 -41.59 -35.40
N LEU D 257 -11.37 -41.07 -34.31
CA LEU D 257 -12.57 -40.24 -34.30
C LEU D 257 -12.11 -38.79 -34.22
N ALA D 258 -12.40 -38.04 -35.29
CA ALA D 258 -12.06 -36.62 -35.36
C ALA D 258 -13.29 -35.84 -34.92
N VAL D 259 -13.23 -35.27 -33.71
CA VAL D 259 -14.39 -34.59 -33.14
C VAL D 259 -14.19 -33.09 -33.28
N SER D 260 -15.00 -32.47 -34.10
CA SER D 260 -15.00 -31.03 -34.12
C SER D 260 -16.22 -30.48 -33.40
N ALA D 261 -16.17 -29.18 -33.15
CA ALA D 261 -17.25 -28.40 -32.55
C ALA D 261 -17.65 -27.30 -33.53
N ASP D 262 -18.96 -27.06 -33.66
CA ASP D 262 -19.42 -26.13 -34.69
C ASP D 262 -18.93 -24.70 -34.44
N GLN D 263 -18.65 -24.35 -33.18
CA GLN D 263 -18.02 -23.07 -32.83
C GLN D 263 -16.63 -23.24 -32.23
N GLY D 264 -15.96 -24.35 -32.50
CA GLY D 264 -14.66 -24.62 -31.92
C GLY D 264 -13.57 -23.80 -32.59
N SER D 265 -12.32 -24.09 -32.19
CA SER D 265 -11.15 -23.39 -32.72
C SER D 265 -10.76 -23.87 -34.12
N ILE D 266 -11.08 -25.11 -34.45
CA ILE D 266 -10.63 -25.79 -35.66
C ILE D 266 -11.82 -25.89 -36.61
N PRO D 267 -11.72 -25.38 -37.84
CA PRO D 267 -12.90 -25.42 -38.73
C PRO D 267 -13.32 -26.85 -39.06
N ASP D 268 -12.39 -27.71 -39.45
CA ASP D 268 -12.71 -29.11 -39.72
C ASP D 268 -11.58 -29.99 -39.21
N MET D 269 -11.90 -30.92 -38.32
CA MET D 269 -10.87 -31.82 -37.81
C MET D 269 -10.60 -32.95 -38.79
N ALA D 270 -11.65 -33.55 -39.37
CA ALA D 270 -11.49 -34.77 -40.16
C ALA D 270 -10.58 -34.58 -41.38
N GLY D 271 -10.69 -33.45 -42.08
CA GLY D 271 -9.92 -33.20 -43.28
C GLY D 271 -8.43 -33.42 -43.13
N PRO D 272 -7.78 -32.56 -42.33
CA PRO D 272 -6.34 -32.72 -42.13
C PRO D 272 -5.96 -34.03 -41.47
N LEU D 273 -6.84 -34.63 -40.67
CA LEU D 273 -6.48 -35.87 -39.99
C LEU D 273 -6.45 -37.08 -40.93
N GLU D 274 -7.15 -37.03 -42.07
CA GLU D 274 -7.00 -38.10 -43.07
C GLU D 274 -5.58 -38.19 -43.58
N HIS D 275 -4.78 -37.15 -43.40
CA HIS D 275 -3.38 -37.18 -43.80
C HIS D 275 -2.51 -37.96 -42.84
N VAL D 276 -3.00 -38.26 -41.63
CA VAL D 276 -2.17 -38.86 -40.61
C VAL D 276 -2.69 -40.20 -40.11
N ALA D 277 -3.93 -40.57 -40.42
CA ALA D 277 -4.46 -41.85 -40.02
C ALA D 277 -5.21 -42.46 -41.20
N GLU D 278 -5.12 -43.78 -41.33
CA GLU D 278 -5.79 -44.46 -42.44
C GLU D 278 -7.30 -44.58 -42.26
N GLU D 279 -7.81 -44.53 -41.03
CA GLU D 279 -9.22 -44.73 -40.77
C GLU D 279 -9.77 -43.61 -39.87
N VAL D 280 -10.44 -42.62 -40.46
CA VAL D 280 -10.94 -41.46 -39.72
C VAL D 280 -12.46 -41.41 -39.83
N THR D 281 -13.14 -41.36 -38.70
CA THR D 281 -14.57 -41.12 -38.65
C THR D 281 -14.77 -39.69 -38.15
N ALA D 282 -15.70 -38.95 -38.77
CA ALA D 282 -15.91 -37.56 -38.42
C ALA D 282 -17.13 -37.44 -37.53
N ALA D 283 -17.05 -36.52 -36.57
CA ALA D 283 -18.18 -36.19 -35.73
C ALA D 283 -18.08 -34.70 -35.43
N THR D 284 -19.21 -34.02 -35.48
CA THR D 284 -19.28 -32.60 -35.16
C THR D 284 -20.28 -32.45 -34.03
N ILE D 285 -19.84 -31.80 -32.95
CA ILE D 285 -20.69 -31.55 -31.79
C ILE D 285 -21.34 -30.18 -31.96
N ALA D 286 -22.66 -30.13 -31.91
CA ALA D 286 -23.41 -28.90 -32.11
C ALA D 286 -23.52 -28.08 -30.84
N TYR D 287 -23.64 -26.76 -31.00
CA TYR D 287 -23.81 -25.82 -29.88
C TYR D 287 -22.65 -25.95 -28.87
N SER D 288 -21.44 -25.99 -29.40
CA SER D 288 -20.27 -26.15 -28.56
C SER D 288 -19.12 -25.32 -29.08
N GLY D 289 -18.46 -24.60 -28.16
CA GLY D 289 -17.18 -24.00 -28.44
C GLY D 289 -16.04 -24.99 -28.24
N HIS D 290 -14.87 -24.43 -27.97
CA HIS D 290 -13.66 -25.24 -27.92
C HIS D 290 -13.70 -26.29 -26.80
N PHE D 291 -14.37 -26.01 -25.68
CA PHE D 291 -14.26 -26.86 -24.48
C PHE D 291 -15.35 -27.94 -24.48
N ILE D 292 -15.29 -28.79 -25.52
CA ILE D 292 -16.37 -29.76 -25.72
C ILE D 292 -16.67 -30.61 -24.50
N PRO D 293 -15.69 -31.20 -23.79
CA PRO D 293 -16.05 -32.07 -22.65
C PRO D 293 -16.87 -31.37 -21.59
N GLU D 294 -16.70 -30.05 -21.43
CA GLU D 294 -17.45 -29.28 -20.44
C GLU D 294 -18.72 -28.65 -21.02
N GLU D 295 -18.74 -28.33 -22.30
CA GLU D 295 -19.88 -27.62 -22.88
C GLU D 295 -21.01 -28.57 -23.28
N GLN D 296 -20.66 -29.71 -23.85
CA GLN D 296 -21.63 -30.70 -24.29
C GLN D 296 -21.19 -32.10 -23.82
N PRO D 297 -21.17 -32.33 -22.50
CA PRO D 297 -20.68 -33.63 -22.01
C PRO D 297 -21.56 -34.78 -22.46
N GLN D 298 -22.88 -34.57 -22.54
CA GLN D 298 -23.76 -35.64 -22.98
C GLN D 298 -23.55 -36.03 -24.43
N ALA D 299 -23.56 -35.06 -25.31
CA ALA D 299 -23.36 -35.37 -26.72
C ALA D 299 -22.00 -36.00 -26.99
N LEU D 300 -20.97 -35.49 -26.33
CA LEU D 300 -19.64 -36.06 -26.49
C LEU D 300 -19.58 -37.47 -25.91
N ALA D 301 -20.25 -37.71 -24.77
CA ALA D 301 -20.28 -39.06 -24.24
C ALA D 301 -20.92 -40.05 -25.21
N ARG D 302 -21.96 -39.65 -25.92
CA ARG D 302 -22.58 -40.59 -26.85
C ARG D 302 -21.61 -40.91 -27.93
N GLU D 303 -20.98 -39.93 -28.53
CA GLU D 303 -20.04 -40.21 -29.59
C GLU D 303 -18.91 -41.13 -29.12
N LEU D 304 -18.34 -40.85 -27.93
CA LEU D 304 -17.24 -41.68 -27.45
C LEU D 304 -17.72 -43.10 -27.15
N ARG D 305 -18.88 -43.22 -26.51
CA ARG D 305 -19.43 -44.53 -26.19
C ARG D 305 -19.72 -45.33 -27.47
N ASP D 306 -20.26 -44.69 -28.49
CA ASP D 306 -20.56 -45.40 -29.72
C ASP D 306 -19.29 -45.80 -30.48
N PHE D 307 -18.25 -44.96 -30.43
CA PHE D 307 -17.03 -45.25 -31.15
C PHE D 307 -16.11 -46.21 -30.39
N PHE D 308 -16.16 -46.23 -29.06
CA PHE D 308 -15.22 -47.04 -28.28
C PHE D 308 -15.79 -48.44 -28.05
N ARG D 309 -15.86 -49.20 -29.14
CA ARG D 309 -16.20 -50.62 -29.05
C ARG D 309 -15.68 -51.37 -30.26
N THR E 16 29.30 -0.09 -40.81
CA THR E 16 29.82 -0.41 -39.48
C THR E 16 28.70 -0.51 -38.42
N PRO E 17 28.77 -1.57 -37.61
CA PRO E 17 27.77 -1.72 -36.54
C PRO E 17 27.93 -0.64 -35.49
N TYR E 18 26.82 -0.31 -34.84
CA TYR E 18 26.90 0.68 -33.78
C TYR E 18 27.71 0.11 -32.63
N PHE E 19 28.68 0.88 -32.16
CA PHE E 19 29.42 0.51 -30.96
C PHE E 19 29.57 1.76 -30.12
N ARG E 20 29.90 1.56 -28.85
CA ARG E 20 29.94 2.65 -27.90
C ARG E 20 31.20 2.49 -27.07
N GLU E 21 31.93 3.57 -26.92
CA GLU E 21 33.11 3.48 -26.09
C GLU E 21 32.75 3.46 -24.61
N ASP E 22 33.48 2.63 -23.88
CA ASP E 22 33.23 2.52 -22.46
C ASP E 22 33.56 3.84 -21.79
N PRO E 23 32.68 4.36 -20.94
CA PRO E 23 32.92 5.69 -20.36
C PRO E 23 34.12 5.75 -19.40
N ARG E 24 34.64 4.62 -18.93
CA ARG E 24 35.78 4.64 -18.04
C ARG E 24 36.98 3.87 -18.55
N LEU E 25 36.73 2.78 -19.23
CA LEU E 25 37.84 1.99 -19.78
C LEU E 25 38.16 2.52 -21.17
N THR E 26 39.08 3.50 -21.22
CA THR E 26 39.44 4.11 -22.47
C THR E 26 40.05 3.08 -23.42
N GLY E 27 39.62 3.13 -24.68
CA GLY E 27 40.09 2.20 -25.68
C GLY E 27 39.28 0.93 -25.79
N PHE E 28 38.24 0.77 -24.98
CA PHE E 28 37.36 -0.40 -25.02
C PHE E 28 35.98 -0.01 -25.52
N ARG E 29 35.41 -0.85 -26.37
CA ARG E 29 34.15 -0.60 -27.05
C ARG E 29 33.16 -1.70 -26.70
N HIS E 30 31.91 -1.30 -26.49
CA HIS E 30 30.82 -2.24 -26.30
C HIS E 30 30.21 -2.57 -27.66
N ARG E 31 30.05 -3.86 -27.92
CA ARG E 31 29.55 -4.34 -29.19
C ARG E 31 28.50 -5.43 -28.95
N PHE E 32 27.65 -5.60 -29.96
CA PHE E 32 26.73 -6.73 -30.00
C PHE E 32 26.87 -7.44 -31.33
N ASP E 33 26.72 -8.75 -31.31
CA ASP E 33 26.65 -9.55 -32.53
C ASP E 33 25.64 -10.66 -32.30
N THR E 34 25.01 -11.08 -33.39
CA THR E 34 23.96 -12.09 -33.32
C THR E 34 24.47 -13.42 -33.85
N VAL E 35 24.34 -14.46 -33.04
CA VAL E 35 24.86 -15.77 -33.34
C VAL E 35 23.70 -16.74 -33.38
N ASP E 36 23.31 -17.14 -34.58
CA ASP E 36 22.18 -18.03 -34.79
C ASP E 36 20.97 -17.62 -33.96
N GLY E 37 20.59 -16.34 -34.10
CA GLY E 37 19.42 -15.82 -33.43
C GLY E 37 19.64 -15.30 -32.02
N VAL E 38 20.81 -15.51 -31.42
CA VAL E 38 21.11 -15.11 -30.05
C VAL E 38 22.05 -13.91 -30.06
N ARG E 39 21.62 -12.76 -29.53
CA ARG E 39 22.53 -11.63 -29.39
C ARG E 39 23.44 -11.77 -28.20
N LEU E 40 24.71 -11.52 -28.41
CA LEU E 40 25.72 -11.55 -27.37
C LEU E 40 26.37 -10.18 -27.31
N HIS E 41 26.49 -9.66 -26.10
CA HIS E 41 27.18 -8.42 -25.81
C HIS E 41 28.62 -8.78 -25.46
N PHE E 42 29.57 -7.95 -25.90
CA PHE E 42 30.96 -8.12 -25.51
C PHE E 42 31.68 -6.79 -25.58
N VAL E 43 32.75 -6.70 -24.79
CA VAL E 43 33.61 -5.52 -24.73
C VAL E 43 34.97 -5.91 -25.28
N GLU E 44 35.52 -5.09 -26.20
CA GLU E 44 36.80 -5.38 -26.83
C GLU E 44 37.65 -4.12 -26.88
N GLY E 45 38.96 -4.32 -26.76
CA GLY E 45 39.91 -3.22 -26.81
C GLY E 45 41.34 -3.76 -26.73
N GLY E 46 42.26 -2.91 -26.28
CA GLY E 46 43.66 -3.32 -26.13
C GLY E 46 44.49 -3.18 -27.39
N ARG E 47 45.69 -3.76 -27.38
CA ARG E 47 46.69 -3.68 -28.48
C ARG E 47 46.21 -4.29 -29.77
N ALA E 48 46.08 -3.46 -30.79
CA ALA E 48 45.49 -3.93 -32.04
C ALA E 48 46.31 -5.03 -32.66
N ASP E 49 47.61 -4.95 -32.52
CA ASP E 49 48.51 -5.92 -33.07
C ASP E 49 49.02 -6.94 -32.06
N GLY E 50 48.39 -6.99 -30.91
CA GLY E 50 48.78 -7.92 -29.89
C GLY E 50 48.11 -9.23 -29.97
N GLU E 51 48.65 -10.16 -29.20
CA GLU E 51 47.96 -11.43 -29.02
C GLU E 51 46.70 -11.24 -28.18
N THR E 52 45.72 -12.09 -28.45
CA THR E 52 44.36 -11.93 -27.95
C THR E 52 44.13 -12.77 -26.70
N ILE E 53 43.57 -12.15 -25.67
CA ILE E 53 43.04 -12.84 -24.49
C ILE E 53 41.53 -12.71 -24.52
N VAL E 54 40.85 -13.85 -24.41
CA VAL E 54 39.41 -13.89 -24.20
C VAL E 54 39.17 -14.16 -22.71
N LEU E 55 38.30 -13.35 -22.09
CA LEU E 55 38.03 -13.38 -20.65
C LEU E 55 36.58 -13.77 -20.40
N LEU E 56 36.36 -14.76 -19.52
CA LEU E 56 35.04 -15.27 -19.17
C LEU E 56 34.76 -15.10 -17.68
N ALA E 57 33.56 -14.60 -17.34
CA ALA E 57 33.13 -14.44 -15.95
C ALA E 57 32.01 -15.42 -15.63
N GLY E 58 31.62 -15.46 -14.34
CA GLY E 58 30.60 -16.38 -13.87
C GLY E 58 29.49 -15.67 -13.10
N PHE E 59 28.88 -16.42 -12.17
CA PHE E 59 27.69 -16.04 -11.40
C PHE E 59 28.08 -15.34 -10.09
N PRO E 60 27.38 -14.25 -9.71
CA PRO E 60 26.30 -13.60 -10.48
C PRO E 60 26.80 -12.35 -11.20
N GLU E 61 27.81 -12.54 -12.05
CA GLU E 61 28.48 -11.40 -12.65
C GLU E 61 28.37 -11.42 -14.17
N SER E 62 29.35 -10.85 -14.86
CA SER E 62 29.33 -10.53 -16.28
C SER E 62 30.75 -10.09 -16.65
N TRP E 63 30.95 -9.68 -17.91
CA TRP E 63 32.22 -9.11 -18.37
C TRP E 63 32.75 -8.09 -17.38
N TYR E 64 31.83 -7.35 -16.73
CA TYR E 64 32.16 -6.27 -15.81
C TYR E 64 33.09 -6.74 -14.69
N ALA E 65 33.07 -8.03 -14.38
CA ALA E 65 33.99 -8.54 -13.37
C ALA E 65 35.45 -8.35 -13.78
N TRP E 66 35.74 -8.22 -15.07
CA TRP E 66 37.13 -8.09 -15.53
C TRP E 66 37.57 -6.63 -15.71
N ARG E 67 36.74 -5.66 -15.35
CA ARG E 67 37.00 -4.26 -15.67
C ARG E 67 38.29 -3.74 -15.06
N ARG E 68 38.76 -4.34 -13.99
CA ARG E 68 40.00 -3.85 -13.40
C ARG E 68 41.22 -4.56 -13.97
N VAL E 69 41.04 -5.74 -14.55
CA VAL E 69 42.16 -6.45 -15.16
C VAL E 69 42.39 -5.96 -16.59
N MET E 70 41.31 -5.68 -17.32
CA MET E 70 41.42 -5.34 -18.73
C MET E 70 42.38 -4.19 -19.03
N PRO E 71 42.35 -3.05 -18.33
CA PRO E 71 43.29 -1.99 -18.68
C PRO E 71 44.74 -2.34 -18.35
N LEU E 72 44.99 -3.21 -17.37
CA LEU E 72 46.36 -3.56 -17.04
C LEU E 72 46.99 -4.40 -18.14
N LEU E 73 46.20 -5.18 -18.89
CA LEU E 73 46.74 -5.96 -19.99
C LEU E 73 46.57 -5.29 -21.35
N ALA E 74 45.84 -4.17 -21.43
CA ALA E 74 45.53 -3.57 -22.71
C ALA E 74 46.76 -3.02 -23.42
N ASP E 75 47.80 -2.62 -22.66
CA ASP E 75 49.00 -2.11 -23.30
C ASP E 75 49.67 -3.17 -24.15
N GLU E 76 49.57 -4.45 -23.75
CA GLU E 76 50.30 -5.51 -24.40
C GLU E 76 49.41 -6.46 -25.20
N PHE E 77 48.17 -6.71 -24.75
CA PHE E 77 47.30 -7.71 -25.35
C PHE E 77 46.07 -7.07 -26.00
N ARG E 78 45.54 -7.78 -27.00
CA ARG E 78 44.17 -7.61 -27.46
C ARG E 78 43.24 -8.36 -26.52
N ILE E 79 42.18 -7.70 -26.08
CA ILE E 79 41.32 -8.19 -25.00
C ILE E 79 39.88 -8.20 -25.49
N VAL E 80 39.21 -9.34 -25.34
CA VAL E 80 37.81 -9.54 -25.70
C VAL E 80 37.12 -10.16 -24.48
N ALA E 81 36.13 -9.46 -23.92
CA ALA E 81 35.43 -9.91 -22.71
C ALA E 81 33.94 -10.00 -23.00
N PRO E 82 33.42 -11.18 -23.33
CA PRO E 82 32.00 -11.31 -23.67
C PRO E 82 31.13 -11.65 -22.47
N ASP E 83 29.87 -11.26 -22.61
CA ASP E 83 28.78 -11.80 -21.82
C ASP E 83 28.31 -13.09 -22.49
N LEU E 84 28.44 -14.20 -21.78
CA LEU E 84 27.91 -15.48 -22.28
C LEU E 84 26.39 -15.42 -22.41
N PRO E 85 25.76 -16.31 -23.18
CA PRO E 85 24.30 -16.40 -23.15
C PRO E 85 23.81 -16.50 -21.72
N GLY E 86 22.83 -15.68 -21.37
CA GLY E 86 22.32 -15.66 -20.02
C GLY E 86 23.05 -14.79 -19.04
N GLN E 87 24.02 -14.01 -19.48
CA GLN E 87 24.81 -13.17 -18.60
C GLN E 87 24.69 -11.73 -19.08
N GLY E 88 24.78 -10.80 -18.14
CA GLY E 88 24.94 -9.40 -18.45
C GLY E 88 23.89 -8.88 -19.44
N ASP E 89 24.34 -8.29 -20.55
CA ASP E 89 23.44 -7.74 -21.54
C ASP E 89 23.21 -8.66 -22.71
N SER E 90 23.70 -9.90 -22.66
CA SER E 90 23.42 -10.85 -23.74
C SER E 90 22.00 -11.42 -23.64
N ASP E 91 21.54 -11.97 -24.75
CA ASP E 91 20.23 -12.60 -24.75
C ASP E 91 20.22 -13.78 -23.78
N ARG E 92 18.99 -14.17 -23.40
CA ARG E 92 18.73 -15.26 -22.46
C ARG E 92 17.83 -16.27 -23.17
N PRO E 93 18.40 -17.15 -23.98
CA PRO E 93 17.56 -18.16 -24.64
C PRO E 93 16.85 -19.03 -23.61
N LEU E 94 15.83 -19.75 -24.07
CA LEU E 94 15.04 -20.59 -23.18
C LEU E 94 15.75 -21.88 -22.80
N VAL E 95 16.56 -22.43 -23.71
CA VAL E 95 17.29 -23.68 -23.45
C VAL E 95 18.73 -23.52 -23.92
N GLY E 96 19.53 -24.55 -23.70
CA GLY E 96 20.90 -24.57 -24.15
C GLY E 96 21.95 -24.17 -23.14
N TYR E 97 21.71 -24.39 -21.84
CA TYR E 97 22.66 -23.99 -20.80
C TYR E 97 23.60 -25.11 -20.36
N ASP E 98 23.49 -26.29 -20.95
CA ASP E 98 24.59 -27.24 -20.89
C ASP E 98 25.84 -26.59 -21.46
N THR E 99 27.00 -26.86 -20.84
CA THR E 99 28.16 -26.04 -21.17
C THR E 99 28.73 -26.34 -22.56
N GLN E 100 28.41 -27.49 -23.16
CA GLN E 100 28.84 -27.74 -24.53
C GLN E 100 28.12 -26.82 -25.50
N THR E 101 26.80 -26.63 -25.33
CA THR E 101 26.08 -25.70 -26.19
C THR E 101 26.57 -24.27 -25.97
N VAL E 102 26.82 -23.88 -24.72
CA VAL E 102 27.31 -22.52 -24.47
C VAL E 102 28.68 -22.31 -25.10
N ALA E 103 29.57 -23.30 -24.95
CA ALA E 103 30.91 -23.22 -25.55
C ALA E 103 30.84 -23.12 -27.07
N ALA E 104 29.94 -23.89 -27.69
CA ALA E 104 29.72 -23.81 -29.13
C ALA E 104 29.19 -22.43 -29.51
N THR E 105 28.28 -21.89 -28.71
CA THR E 105 27.79 -20.55 -28.98
C THR E 105 28.93 -19.54 -28.89
N LEU E 106 29.80 -19.70 -27.89
CA LEU E 106 30.98 -18.83 -27.79
C LEU E 106 31.89 -18.99 -28.99
N ALA E 107 32.10 -20.23 -29.43
CA ALA E 107 32.98 -20.47 -30.58
C ALA E 107 32.44 -19.76 -31.83
N ARG E 108 31.13 -19.82 -32.04
CA ARG E 108 30.54 -19.17 -33.22
C ARG E 108 30.72 -17.66 -33.15
N LEU E 109 30.63 -17.09 -31.94
CA LEU E 109 30.86 -15.65 -31.77
C LEU E 109 32.30 -15.27 -32.11
N LEU E 110 33.26 -16.05 -31.60
CA LEU E 110 34.67 -15.72 -31.85
C LEU E 110 35.04 -15.88 -33.32
N GLU E 111 34.49 -16.88 -33.99
CA GLU E 111 34.71 -17.02 -35.43
C GLU E 111 34.17 -15.81 -36.19
N ARG E 112 32.96 -15.35 -35.85
CA ARG E 112 32.36 -14.22 -36.56
C ARG E 112 33.15 -12.94 -36.35
N GLN E 113 33.86 -12.83 -35.23
CA GLN E 113 34.74 -11.71 -34.99
C GLN E 113 36.17 -12.01 -35.42
N ASN E 114 36.38 -13.12 -36.15
CA ASN E 114 37.67 -13.46 -36.73
C ASN E 114 38.79 -13.50 -35.68
N ILE E 115 38.48 -14.13 -34.55
CA ILE E 115 39.45 -14.45 -33.52
C ILE E 115 39.66 -15.96 -33.60
N ALA E 116 40.77 -16.37 -34.23
CA ALA E 116 40.93 -17.79 -34.49
C ALA E 116 41.74 -18.50 -33.41
N ARG E 117 42.72 -17.82 -32.81
CA ARG E 117 43.61 -18.42 -31.82
C ARG E 117 43.97 -17.41 -30.75
N PHE E 118 43.92 -17.83 -29.47
CA PHE E 118 43.96 -16.87 -28.38
C PHE E 118 44.22 -17.59 -27.05
N TYR E 119 44.62 -16.80 -26.07
CA TYR E 119 44.63 -17.25 -24.69
C TYR E 119 43.23 -17.09 -24.09
N LEU E 120 42.89 -18.02 -23.18
CA LEU E 120 41.57 -18.07 -22.56
C LEU E 120 41.74 -18.06 -21.04
N ALA E 121 41.13 -17.08 -20.39
CA ALA E 121 41.08 -17.00 -18.93
C ALA E 121 39.61 -16.99 -18.49
N ALA E 122 39.28 -17.82 -17.50
CA ALA E 122 37.89 -18.05 -17.15
C ALA E 122 37.71 -18.23 -15.64
N HIS E 123 36.68 -17.58 -15.10
CA HIS E 123 36.37 -17.55 -13.67
C HIS E 123 34.99 -18.13 -13.40
N ASP E 124 34.88 -18.93 -12.34
CA ASP E 124 33.59 -19.39 -11.78
C ASP E 124 32.86 -20.18 -12.87
N VAL E 125 31.57 -19.92 -13.12
CA VAL E 125 30.84 -20.62 -14.18
C VAL E 125 31.50 -20.42 -15.54
N GLY E 126 32.21 -19.30 -15.73
CA GLY E 126 33.01 -19.14 -16.94
C GLY E 126 33.98 -20.28 -17.18
N ALA E 127 34.61 -20.78 -16.10
CA ALA E 127 35.50 -21.94 -16.22
C ALA E 127 34.73 -23.20 -16.60
N TRP E 128 33.47 -23.31 -16.17
CA TRP E 128 32.63 -24.40 -16.65
C TRP E 128 32.52 -24.38 -18.16
N VAL E 129 32.49 -23.18 -18.76
CA VAL E 129 32.40 -23.10 -20.22
C VAL E 129 33.77 -23.32 -20.85
N ALA E 130 34.82 -22.86 -20.20
CA ALA E 130 36.16 -22.92 -20.78
C ALA E 130 36.62 -24.35 -21.01
N TYR E 131 36.23 -25.30 -20.14
CA TYR E 131 36.74 -26.66 -20.27
C TYR E 131 36.24 -27.36 -21.53
N PRO E 132 34.93 -27.48 -21.77
CA PRO E 132 34.51 -28.08 -23.06
C PRO E 132 34.98 -27.26 -24.25
N PHE E 133 35.11 -25.95 -24.10
CA PHE E 133 35.66 -25.15 -25.19
C PHE E 133 37.09 -25.59 -25.51
N ALA E 134 37.95 -25.66 -24.49
CA ALA E 134 39.32 -26.08 -24.71
C ALA E 134 39.39 -27.53 -25.17
N ALA E 135 38.46 -28.38 -24.70
CA ALA E 135 38.44 -29.76 -25.13
C ALA E 135 37.99 -29.90 -26.57
N MET E 136 37.08 -29.03 -27.01
CA MET E 136 36.53 -29.14 -28.36
C MET E 136 37.34 -28.41 -29.43
N TYR E 137 37.98 -27.30 -29.08
CA TYR E 137 38.71 -26.47 -30.05
C TYR E 137 40.13 -26.21 -29.57
N PRO E 138 40.91 -27.27 -29.36
CA PRO E 138 42.23 -27.06 -28.76
C PRO E 138 43.16 -26.17 -29.58
N GLU E 139 42.99 -26.15 -30.90
CA GLU E 139 43.90 -25.41 -31.78
C GLU E 139 43.63 -23.93 -31.63
N SER E 140 42.43 -23.58 -31.13
CA SER E 140 42.01 -22.20 -30.96
C SER E 140 42.43 -21.64 -29.60
N VAL E 141 42.77 -22.48 -28.63
CA VAL E 141 43.14 -22.01 -27.30
C VAL E 141 44.64 -22.21 -27.14
N LYS E 142 45.40 -21.15 -27.10
CA LYS E 142 46.82 -21.30 -26.95
C LYS E 142 47.12 -21.82 -25.58
N ARG E 143 46.60 -21.15 -24.55
CA ARG E 143 46.75 -21.53 -23.17
C ARG E 143 45.47 -21.18 -22.43
N LEU E 144 45.27 -21.89 -21.34
CA LEU E 144 44.03 -21.84 -20.60
C LEU E 144 44.36 -21.50 -19.16
N ALA E 145 43.67 -20.52 -18.61
CA ALA E 145 43.75 -20.17 -17.19
C ALA E 145 42.36 -20.30 -16.59
N LEU E 146 42.26 -21.07 -15.51
CA LEU E 146 41.03 -21.33 -14.77
C LEU E 146 41.15 -20.75 -13.37
N LEU E 147 40.15 -19.97 -12.96
CA LEU E 147 40.22 -19.20 -11.71
C LEU E 147 39.14 -19.65 -10.72
N ASP E 148 39.59 -20.23 -9.60
CA ASP E 148 38.75 -20.58 -8.46
C ASP E 148 37.41 -21.18 -8.83
N ALA E 149 37.41 -22.35 -9.47
CA ALA E 149 36.19 -23.03 -9.88
C ALA E 149 36.49 -24.50 -10.08
N GLY E 150 35.51 -25.33 -9.75
CA GLY E 150 35.54 -26.72 -10.18
C GLY E 150 34.82 -26.90 -11.50
N ILE E 151 35.11 -27.98 -12.22
CA ILE E 151 34.47 -28.23 -13.50
C ILE E 151 33.49 -29.39 -13.32
N PRO E 152 32.22 -29.20 -13.68
CA PRO E 152 31.22 -30.25 -13.50
C PRO E 152 31.66 -31.60 -14.05
N GLY E 153 31.47 -32.65 -13.24
CA GLY E 153 31.70 -34.00 -13.66
C GLY E 153 33.15 -34.43 -13.75
N VAL E 154 34.12 -33.52 -13.64
CA VAL E 154 35.52 -33.91 -13.80
C VAL E 154 36.35 -33.33 -12.67
N THR E 155 36.00 -32.14 -12.18
CA THR E 155 36.73 -31.57 -11.04
C THR E 155 35.79 -31.18 -9.90
N LEU E 156 34.56 -30.82 -10.25
CA LEU E 156 33.56 -30.52 -9.25
C LEU E 156 33.06 -31.80 -8.62
N PRO E 157 33.21 -31.99 -7.31
CA PRO E 157 32.73 -33.23 -6.68
C PRO E 157 31.22 -33.38 -6.82
N ALA E 158 30.75 -34.63 -6.71
CA ALA E 158 29.31 -34.86 -6.78
C ALA E 158 28.59 -34.41 -5.52
N ALA E 159 29.32 -34.23 -4.42
CA ALA E 159 28.78 -33.73 -3.17
C ALA E 159 29.72 -32.66 -2.64
N LEU E 160 29.14 -31.65 -2.00
CA LEU E 160 29.92 -30.50 -1.56
C LEU E 160 29.78 -30.34 -0.05
N PRO E 161 30.83 -29.85 0.63
CA PRO E 161 30.87 -29.90 2.10
C PRO E 161 29.84 -28.99 2.74
N ILE E 162 29.28 -29.53 3.82
CA ILE E 162 28.23 -28.93 4.63
C ILE E 162 28.49 -28.60 6.12
N GLU E 163 29.76 -28.57 6.57
CA GLU E 163 30.08 -28.03 7.89
C GLU E 163 29.66 -26.56 7.91
N PRO E 164 29.06 -26.07 9.00
CA PRO E 164 28.72 -24.63 9.05
C PRO E 164 29.86 -23.70 8.66
N GLY E 165 31.08 -24.10 8.94
CA GLY E 165 32.17 -23.24 8.60
C GLY E 165 32.40 -23.16 7.13
N ASN E 166 31.97 -24.16 6.38
CA ASN E 166 32.21 -24.16 4.95
C ASN E 166 31.00 -24.26 4.04
N ALA E 167 29.87 -24.63 4.60
CA ALA E 167 28.63 -24.79 3.84
C ALA E 167 28.17 -23.50 3.18
N TRP E 168 28.43 -22.34 3.79
CA TRP E 168 28.02 -21.09 3.17
C TRP E 168 28.72 -20.85 1.83
N ARG E 169 29.84 -21.47 1.56
CA ARG E 169 30.46 -21.24 0.29
C ARG E 169 29.82 -22.00 -0.84
N THR E 170 29.12 -23.08 -0.55
CA THR E 170 28.60 -23.90 -1.63
C THR E 170 27.12 -24.23 -1.52
N TRP E 171 26.40 -23.69 -0.53
CA TRP E 171 24.99 -24.01 -0.34
C TRP E 171 24.16 -23.69 -1.58
N HIS E 172 24.56 -22.69 -2.37
CA HIS E 172 23.72 -22.21 -3.46
C HIS E 172 23.61 -23.21 -4.61
N PHE E 173 24.57 -24.13 -4.76
CA PHE E 173 24.55 -25.11 -5.86
C PHE E 173 23.27 -25.93 -5.85
N ALA E 174 23.07 -26.69 -4.76
CA ALA E 174 21.87 -27.51 -4.66
C ALA E 174 20.61 -26.65 -4.71
N PHE E 175 20.63 -25.49 -4.06
CA PHE E 175 19.46 -24.60 -4.06
C PHE E 175 19.03 -24.25 -5.48
N HIS E 176 19.98 -23.82 -6.31
CA HIS E 176 19.65 -23.35 -7.66
C HIS E 176 19.05 -24.44 -8.54
N THR E 177 19.33 -25.72 -8.23
CA THR E 177 18.79 -26.83 -9.01
C THR E 177 17.31 -27.07 -8.71
N VAL E 178 16.80 -26.57 -7.59
CA VAL E 178 15.40 -26.78 -7.24
C VAL E 178 14.53 -25.93 -8.16
N ALA E 179 13.50 -26.54 -8.73
CA ALA E 179 12.59 -25.82 -9.61
C ALA E 179 11.72 -24.84 -8.82
N ASP E 180 11.58 -23.63 -9.37
CA ASP E 180 10.59 -22.62 -8.98
C ASP E 180 10.77 -21.98 -7.60
N LEU E 181 11.17 -22.75 -6.58
CA LEU E 181 11.36 -22.17 -5.25
C LEU E 181 12.41 -21.05 -5.23
N PRO E 182 13.55 -21.14 -5.92
CA PRO E 182 14.47 -20.00 -5.87
C PRO E 182 13.84 -18.73 -6.41
N GLU E 183 13.14 -18.80 -7.54
CA GLU E 183 12.45 -17.63 -8.06
C GLU E 183 11.46 -17.08 -7.02
N THR E 184 10.74 -17.98 -6.34
CA THR E 184 9.76 -17.53 -5.34
C THR E 184 10.46 -16.85 -4.17
N LEU E 185 11.59 -17.41 -3.68
CA LEU E 185 12.20 -16.83 -2.49
C LEU E 185 13.01 -15.58 -2.80
N ILE E 186 13.62 -15.50 -3.99
CA ILE E 186 14.47 -14.37 -4.33
C ILE E 186 13.66 -13.16 -4.76
N ALA E 187 12.42 -13.35 -5.22
CA ALA E 187 11.61 -12.24 -5.72
C ALA E 187 11.50 -11.15 -4.67
N GLY E 188 11.76 -9.91 -5.07
CA GLY E 188 11.75 -8.80 -4.15
C GLY E 188 12.97 -8.71 -3.25
N LYS E 189 13.87 -9.68 -3.29
CA LYS E 189 15.07 -9.61 -2.47
C LYS E 189 16.33 -9.71 -3.33
N GLU E 190 16.24 -9.24 -4.56
CA GLU E 190 17.34 -9.41 -5.51
C GLU E 190 18.62 -8.73 -5.02
N ARG E 191 18.52 -7.47 -4.57
CA ARG E 191 19.74 -6.80 -4.12
C ARG E 191 20.33 -7.47 -2.89
N GLU E 192 19.47 -7.89 -1.94
CA GLU E 192 19.99 -8.57 -0.75
C GLU E 192 20.72 -9.85 -1.15
N TYR E 193 20.14 -10.60 -2.10
CA TYR E 193 20.75 -11.85 -2.54
C TYR E 193 22.10 -11.61 -3.19
N LEU E 194 22.16 -10.61 -4.09
CA LEU E 194 23.42 -10.23 -4.75
C LEU E 194 24.45 -9.75 -3.73
N ASP E 195 24.02 -8.83 -2.86
CA ASP E 195 24.91 -8.28 -1.86
C ASP E 195 25.56 -9.37 -1.05
N TRP E 196 24.76 -10.36 -0.64
CA TRP E 196 25.31 -11.45 0.15
C TRP E 196 26.36 -12.22 -0.65
N PHE E 197 26.03 -12.57 -1.88
CA PHE E 197 26.97 -13.34 -2.69
C PHE E 197 28.28 -12.61 -2.87
N LEU E 198 28.22 -11.33 -3.27
CA LEU E 198 29.42 -10.60 -3.61
C LEU E 198 30.24 -10.26 -2.36
N ARG E 199 29.61 -9.65 -1.37
CA ARG E 199 30.39 -9.09 -0.27
C ARG E 199 30.78 -10.13 0.78
N ARG E 200 30.02 -11.23 0.92
CA ARG E 200 30.39 -12.23 1.90
C ARG E 200 31.54 -13.11 1.43
N LYS E 201 31.73 -13.28 0.12
CA LYS E 201 32.80 -14.13 -0.36
C LYS E 201 34.05 -13.35 -0.70
N ALA E 202 34.03 -12.03 -0.61
CA ALA E 202 35.26 -11.26 -0.80
C ALA E 202 36.04 -11.21 0.50
N ALA E 203 37.37 -11.14 0.37
CA ALA E 203 38.18 -10.97 1.57
C ALA E 203 37.87 -9.63 2.22
N ASN E 204 37.65 -8.61 1.40
CA ASN E 204 37.33 -7.28 1.87
C ASN E 204 36.08 -6.89 1.11
N PRO E 205 34.92 -6.78 1.78
CA PRO E 205 33.68 -6.47 1.04
C PRO E 205 33.72 -5.12 0.34
N GLU E 206 34.61 -4.22 0.76
CA GLU E 206 34.72 -2.94 0.05
C GLU E 206 35.36 -3.09 -1.33
N SER E 207 35.76 -4.30 -1.74
CA SER E 207 36.13 -4.53 -3.14
C SER E 207 34.96 -4.34 -4.09
N PHE E 208 33.72 -4.35 -3.58
CA PHE E 208 32.52 -4.06 -4.34
C PHE E 208 31.91 -2.75 -3.84
N SER E 209 31.90 -1.72 -4.68
CA SER E 209 31.18 -0.51 -4.32
C SER E 209 29.68 -0.72 -4.47
N ASP E 210 28.92 0.20 -3.88
CA ASP E 210 27.49 0.25 -4.13
C ASP E 210 27.18 0.39 -5.62
N ALA E 211 28.00 1.15 -6.36
CA ALA E 211 27.78 1.25 -7.79
C ALA E 211 28.05 -0.07 -8.51
N ASP E 212 29.04 -0.84 -8.04
CA ASP E 212 29.26 -2.16 -8.61
C ASP E 212 28.06 -3.06 -8.39
N VAL E 213 27.53 -3.06 -7.16
CA VAL E 213 26.35 -3.85 -6.84
C VAL E 213 25.18 -3.38 -7.70
N ASP E 214 25.02 -2.06 -7.87
CA ASP E 214 23.99 -1.53 -8.75
C ASP E 214 24.11 -2.11 -10.15
N GLU E 215 25.34 -2.21 -10.66
CA GLU E 215 25.50 -2.72 -12.02
C GLU E 215 25.10 -4.18 -12.11
N TYR E 216 25.54 -4.99 -11.15
CA TYR E 216 25.13 -6.39 -11.19
C TYR E 216 23.64 -6.55 -10.95
N LEU E 217 23.03 -5.68 -10.13
CA LEU E 217 21.60 -5.76 -9.92
C LEU E 217 20.83 -5.44 -11.20
N ARG E 218 21.34 -4.49 -11.98
CA ARG E 218 20.74 -4.16 -13.28
C ARG E 218 20.63 -5.39 -14.18
N VAL E 219 21.73 -6.12 -14.37
CA VAL E 219 21.64 -7.25 -15.28
C VAL E 219 20.98 -8.44 -14.62
N PHE E 220 21.06 -8.54 -13.29
CA PHE E 220 20.37 -9.60 -12.56
C PHE E 220 18.87 -9.51 -12.73
N THR E 221 18.36 -8.32 -12.57
CA THR E 221 16.96 -8.09 -12.62
C THR E 221 16.49 -7.91 -14.03
N ARG E 222 17.35 -7.71 -15.02
CA ARG E 222 16.84 -7.55 -16.38
C ARG E 222 16.24 -8.86 -16.78
N ASP E 223 15.13 -8.74 -17.46
CA ASP E 223 14.17 -9.76 -17.90
C ASP E 223 14.88 -11.06 -18.29
N GLY E 224 14.58 -12.12 -17.54
CA GLY E 224 15.17 -13.41 -17.78
C GLY E 224 16.57 -13.57 -17.23
N GLY E 225 16.94 -12.69 -16.29
CA GLY E 225 18.24 -12.74 -15.72
C GLY E 225 18.42 -13.83 -14.69
N LEU E 226 17.52 -13.92 -13.75
CA LEU E 226 17.53 -14.97 -12.74
C LEU E 226 17.32 -16.34 -13.38
N ARG E 227 16.31 -16.45 -14.26
CA ARG E 227 16.04 -17.72 -14.94
C ARG E 227 17.29 -18.28 -15.59
N ALA E 228 17.99 -17.43 -16.36
CA ALA E 228 19.16 -17.87 -17.10
C ALA E 228 20.32 -18.19 -16.17
N GLY E 229 20.54 -17.37 -15.14
CA GLY E 229 21.57 -17.67 -14.17
C GLY E 229 21.35 -19.02 -13.51
N LEU E 230 20.12 -19.28 -13.08
CA LEU E 230 19.81 -20.58 -12.47
C LEU E 230 19.96 -21.72 -13.46
N ALA E 231 19.70 -21.44 -14.76
CA ALA E 231 19.72 -22.50 -15.77
C ALA E 231 21.07 -23.19 -15.86
N PHE E 232 22.17 -22.45 -15.63
CA PHE E 232 23.49 -23.07 -15.61
C PHE E 232 23.59 -24.14 -14.54
N TYR E 233 23.05 -23.86 -13.35
CA TYR E 233 23.08 -24.85 -12.28
C TYR E 233 22.11 -25.99 -12.55
N ARG E 234 20.98 -25.67 -13.18
CA ARG E 234 19.97 -26.68 -13.43
C ARG E 234 20.40 -27.68 -14.51
N ALA E 235 21.34 -27.28 -15.36
CA ALA E 235 21.90 -28.13 -16.41
C ALA E 235 23.23 -28.79 -16.01
N VAL E 236 23.60 -28.77 -14.72
CA VAL E 236 24.95 -29.18 -14.32
C VAL E 236 25.15 -30.68 -14.58
N SER E 237 24.08 -31.46 -14.51
CA SER E 237 24.24 -32.90 -14.69
C SER E 237 24.44 -33.26 -16.16
N GLU E 238 23.77 -32.55 -17.07
CA GLU E 238 24.08 -32.72 -18.49
C GLU E 238 25.48 -32.24 -18.81
N SER E 239 25.87 -31.09 -18.24
CA SER E 239 27.21 -30.57 -18.46
C SER E 239 28.27 -31.55 -17.97
N SER E 240 28.01 -32.19 -16.81
CA SER E 240 28.95 -33.16 -16.26
C SER E 240 29.13 -34.36 -17.17
N ALA E 241 28.02 -34.93 -17.65
CA ALA E 241 28.11 -36.06 -18.56
C ALA E 241 28.83 -35.67 -19.85
N GLN E 242 28.57 -34.47 -20.37
CA GLN E 242 29.32 -34.02 -21.53
C GLN E 242 30.82 -33.99 -21.23
N ASN E 243 31.18 -33.44 -20.07
CA ASN E 243 32.58 -33.28 -19.72
C ASN E 243 33.27 -34.64 -19.48
N ARG E 244 32.55 -35.63 -18.96
CA ARG E 244 33.19 -36.94 -18.76
C ARG E 244 33.49 -37.60 -20.12
N LYS E 245 32.59 -37.44 -21.09
CA LYS E 245 32.82 -37.93 -22.44
C LYS E 245 34.04 -37.27 -23.06
N LEU E 246 34.15 -35.95 -22.94
CA LEU E 246 35.26 -35.26 -23.58
C LEU E 246 36.61 -35.57 -22.95
N GLN E 247 36.63 -35.78 -21.64
CA GLN E 247 37.86 -36.05 -20.96
C GLN E 247 38.39 -37.43 -21.33
N ALA E 248 37.46 -38.30 -21.61
CA ALA E 248 37.72 -39.68 -22.00
C ALA E 248 38.38 -39.73 -23.39
N LEU E 249 38.44 -38.59 -24.02
CA LEU E 249 39.06 -38.46 -25.30
C LEU E 249 40.51 -38.05 -25.15
N GLY E 250 40.96 -37.76 -23.94
CA GLY E 250 42.33 -37.33 -23.72
C GLY E 250 42.47 -36.10 -22.85
N LYS E 251 43.66 -35.89 -22.29
CA LYS E 251 43.85 -34.69 -21.49
C LYS E 251 43.96 -33.47 -22.39
N LEU E 252 43.66 -32.31 -21.82
CA LEU E 252 43.91 -31.06 -22.53
C LEU E 252 45.39 -30.99 -22.84
N LYS E 253 45.73 -30.62 -24.08
CA LYS E 253 47.14 -30.64 -24.46
C LYS E 253 47.83 -29.28 -24.26
N MET E 254 47.09 -28.16 -24.28
CA MET E 254 47.76 -26.87 -24.10
C MET E 254 48.04 -26.61 -22.63
N PRO E 255 49.02 -25.76 -22.33
CA PRO E 255 49.32 -25.44 -20.93
C PRO E 255 48.12 -24.82 -20.21
N VAL E 256 47.95 -25.21 -18.94
CA VAL E 256 46.81 -24.80 -18.11
C VAL E 256 47.35 -24.18 -16.82
N LEU E 257 46.90 -22.96 -16.51
CA LEU E 257 47.23 -22.29 -15.25
C LEU E 257 46.05 -22.36 -14.27
N ALA E 258 46.27 -23.02 -13.13
CA ALA E 258 45.26 -23.18 -12.09
C ALA E 258 45.44 -22.10 -11.03
N VAL E 259 44.53 -21.13 -11.02
CA VAL E 259 44.64 -19.95 -10.16
C VAL E 259 43.69 -20.12 -8.97
N SER E 260 44.27 -20.20 -7.78
CA SER E 260 43.56 -20.25 -6.52
C SER E 260 43.61 -18.89 -5.83
N ALA E 261 42.77 -18.74 -4.81
CA ALA E 261 42.81 -17.60 -3.91
C ALA E 261 42.97 -18.11 -2.47
N ASP E 262 43.78 -17.41 -1.66
CA ASP E 262 44.07 -17.95 -0.33
C ASP E 262 42.82 -18.00 0.55
N GLN E 263 41.81 -17.17 0.27
CA GLN E 263 40.51 -17.23 0.92
C GLN E 263 39.40 -17.59 -0.08
N GLY E 264 39.76 -18.29 -1.15
CA GLY E 264 38.82 -18.61 -2.21
C GLY E 264 37.90 -19.76 -1.83
N SER E 265 37.06 -20.14 -2.80
CA SER E 265 36.08 -21.20 -2.57
C SER E 265 36.69 -22.59 -2.62
N ILE E 266 37.73 -22.78 -3.43
CA ILE E 266 38.21 -24.11 -3.76
C ILE E 266 39.50 -24.34 -2.98
N PRO E 267 39.57 -25.37 -2.13
CA PRO E 267 40.77 -25.61 -1.31
C PRO E 267 42.00 -25.94 -2.14
N ASP E 268 41.90 -26.88 -3.08
CA ASP E 268 43.04 -27.22 -3.93
C ASP E 268 42.55 -27.34 -5.37
N MET E 269 42.99 -26.41 -6.21
CA MET E 269 42.63 -26.42 -7.62
C MET E 269 43.59 -27.22 -8.48
N ALA E 270 44.90 -27.02 -8.26
CA ALA E 270 45.89 -27.60 -9.14
C ALA E 270 45.82 -29.12 -9.08
N GLY E 271 45.60 -29.67 -7.88
CA GLY E 271 45.57 -31.10 -7.66
C GLY E 271 44.63 -31.83 -8.60
N PRO E 272 43.33 -31.57 -8.49
CA PRO E 272 42.36 -32.26 -9.37
C PRO E 272 42.55 -31.97 -10.85
N LEU E 273 43.11 -30.81 -11.22
CA LEU E 273 43.27 -30.44 -12.63
C LEU E 273 44.35 -31.25 -13.35
N GLU E 274 45.26 -31.83 -12.58
CA GLU E 274 46.33 -32.69 -13.07
C GLU E 274 45.78 -33.90 -13.80
N HIS E 275 44.52 -34.28 -13.52
CA HIS E 275 43.81 -35.38 -14.16
C HIS E 275 43.14 -35.02 -15.49
N VAL E 276 43.11 -33.74 -15.86
CA VAL E 276 42.42 -33.31 -17.06
C VAL E 276 43.36 -32.62 -18.04
N ALA E 277 44.55 -32.24 -17.57
CA ALA E 277 45.48 -31.53 -18.42
C ALA E 277 46.88 -32.11 -18.29
N GLU E 278 47.56 -32.01 -19.40
CA GLU E 278 48.84 -32.58 -19.68
C GLU E 278 49.86 -31.79 -18.90
N GLU E 279 49.78 -30.48 -18.92
CA GLU E 279 50.70 -29.66 -18.18
C GLU E 279 49.91 -28.63 -17.40
N VAL E 280 50.12 -28.59 -16.10
CA VAL E 280 49.40 -27.72 -15.18
C VAL E 280 50.38 -26.92 -14.34
N THR E 281 50.23 -25.60 -14.35
CA THR E 281 50.95 -24.69 -13.46
C THR E 281 50.00 -24.13 -12.40
N ALA E 282 50.46 -24.12 -11.15
CA ALA E 282 49.65 -23.66 -10.03
C ALA E 282 50.07 -22.25 -9.64
N ALA E 283 49.09 -21.45 -9.24
CA ALA E 283 49.38 -20.14 -8.67
C ALA E 283 48.31 -19.82 -7.63
N THR E 284 48.72 -19.20 -6.53
CA THR E 284 47.78 -18.74 -5.50
C THR E 284 47.91 -17.24 -5.33
N ILE E 285 46.79 -16.54 -5.43
CA ILE E 285 46.73 -15.10 -5.20
C ILE E 285 46.45 -14.88 -3.73
N ALA E 286 47.30 -14.07 -3.10
CA ALA E 286 47.20 -13.77 -1.68
C ALA E 286 46.19 -12.66 -1.42
N TYR E 287 45.63 -12.65 -0.21
CA TYR E 287 44.71 -11.60 0.23
C TYR E 287 43.53 -11.44 -0.71
N SER E 288 42.93 -12.56 -1.11
CA SER E 288 41.81 -12.51 -2.04
C SER E 288 40.77 -13.56 -1.70
N GLY E 289 39.50 -13.15 -1.73
CA GLY E 289 38.40 -14.10 -1.70
C GLY E 289 38.15 -14.66 -3.10
N HIS E 290 36.92 -15.13 -3.31
CA HIS E 290 36.60 -15.84 -4.56
C HIS E 290 36.73 -14.97 -5.80
N PHE E 291 36.48 -13.67 -5.69
CA PHE E 291 36.35 -12.77 -6.86
C PHE E 291 37.71 -12.16 -7.23
N ILE E 292 38.64 -13.05 -7.61
CA ILE E 292 40.03 -12.66 -7.84
C ILE E 292 40.17 -11.48 -8.79
N PRO E 293 39.54 -11.46 -9.97
CA PRO E 293 39.74 -10.33 -10.89
C PRO E 293 39.39 -8.99 -10.26
N GLU E 294 38.44 -8.97 -9.32
CA GLU E 294 38.04 -7.72 -8.69
C GLU E 294 38.81 -7.41 -7.41
N GLU E 295 39.28 -8.44 -6.70
CA GLU E 295 39.93 -8.23 -5.41
C GLU E 295 41.44 -7.97 -5.52
N GLN E 296 42.12 -8.65 -6.43
CA GLN E 296 43.56 -8.44 -6.61
C GLN E 296 43.86 -8.35 -8.11
N PRO E 297 43.35 -7.30 -8.79
CA PRO E 297 43.51 -7.24 -10.24
C PRO E 297 44.97 -7.18 -10.68
N GLN E 298 45.82 -6.49 -9.93
CA GLN E 298 47.23 -6.35 -10.31
C GLN E 298 47.95 -7.69 -10.18
N ALA E 299 47.78 -8.38 -9.05
CA ALA E 299 48.43 -9.67 -8.89
C ALA E 299 47.98 -10.63 -9.99
N LEU E 300 46.69 -10.63 -10.31
CA LEU E 300 46.18 -11.52 -11.34
C LEU E 300 46.71 -11.13 -12.71
N ALA E 301 46.83 -9.83 -12.99
CA ALA E 301 47.35 -9.37 -14.28
C ALA E 301 48.79 -9.82 -14.51
N ARG E 302 49.63 -9.73 -13.48
CA ARG E 302 51.02 -10.19 -13.52
C ARG E 302 51.12 -11.67 -13.81
N GLU E 303 50.35 -12.49 -13.09
CA GLU E 303 50.34 -13.93 -13.33
C GLU E 303 49.85 -14.29 -14.73
N LEU E 304 48.79 -13.65 -15.20
CA LEU E 304 48.28 -13.94 -16.54
C LEU E 304 49.31 -13.50 -17.58
N ARG E 305 49.90 -12.36 -17.35
CA ARG E 305 50.86 -11.83 -18.24
C ARG E 305 52.04 -12.79 -18.40
N ASP E 306 52.55 -13.30 -17.30
CA ASP E 306 53.71 -14.17 -17.30
C ASP E 306 53.38 -15.49 -17.96
N PHE E 307 52.16 -15.98 -17.77
CA PHE E 307 51.78 -17.26 -18.33
C PHE E 307 51.39 -17.17 -19.80
N PHE E 308 50.80 -16.04 -20.21
CA PHE E 308 50.25 -15.91 -21.57
C PHE E 308 51.32 -15.39 -22.56
N ARG E 309 52.36 -16.21 -22.68
CA ARG E 309 53.49 -16.01 -23.55
C ARG E 309 53.86 -17.40 -23.96
N THR F 16 -3.88 -28.73 40.81
CA THR F 16 -3.78 -29.45 39.53
C THR F 16 -3.43 -28.50 38.36
N PRO F 17 -2.46 -28.90 37.52
CA PRO F 17 -2.12 -28.08 36.35
C PRO F 17 -3.26 -28.12 35.34
N TYR F 18 -3.38 -27.03 34.58
CA TYR F 18 -4.39 -26.99 33.52
C TYR F 18 -3.99 -27.93 32.40
N PHE F 19 -4.93 -28.72 31.92
CA PHE F 19 -4.72 -29.50 30.72
C PHE F 19 -5.99 -29.42 29.90
N ARG F 20 -5.87 -29.77 28.63
CA ARG F 20 -6.98 -29.64 27.68
C ARG F 20 -7.03 -30.88 26.83
N GLU F 21 -8.21 -31.50 26.74
CA GLU F 21 -8.35 -32.65 25.87
C GLU F 21 -8.27 -32.22 24.42
N ASP F 22 -7.57 -33.01 23.62
CA ASP F 22 -7.46 -32.71 22.20
C ASP F 22 -8.83 -32.82 21.54
N PRO F 23 -9.24 -31.85 20.73
CA PRO F 23 -10.58 -31.95 20.13
C PRO F 23 -10.69 -33.13 19.20
N ARG F 24 -9.59 -33.70 18.73
CA ARG F 24 -9.73 -34.80 17.78
C ARG F 24 -9.21 -36.14 18.27
N LEU F 25 -8.09 -36.11 18.95
CA LEU F 25 -7.45 -37.33 19.47
C LEU F 25 -8.07 -37.73 20.80
N THR F 26 -8.94 -38.73 20.75
CA THR F 26 -9.61 -39.26 21.93
C THR F 26 -8.62 -39.78 22.98
N GLY F 27 -8.75 -39.29 24.21
CA GLY F 27 -7.89 -39.78 25.25
C GLY F 27 -6.55 -39.10 25.37
N PHE F 28 -6.27 -38.10 24.53
CA PHE F 28 -5.00 -37.39 24.57
C PHE F 28 -5.20 -35.98 25.11
N ARG F 29 -4.28 -35.54 25.96
CA ARG F 29 -4.38 -34.25 26.62
C ARG F 29 -3.14 -33.42 26.29
N HIS F 30 -3.38 -32.12 26.09
CA HIS F 30 -2.33 -31.12 25.91
C HIS F 30 -1.89 -30.58 27.27
N ARG F 31 -0.59 -30.57 27.52
CA ARG F 31 -0.03 -30.12 28.78
C ARG F 31 1.18 -29.22 28.54
N PHE F 32 1.54 -28.46 29.58
CA PHE F 32 2.76 -27.68 29.63
C PHE F 32 3.44 -27.94 30.97
N ASP F 33 4.77 -27.98 30.95
CA ASP F 33 5.56 -28.05 32.17
C ASP F 33 6.81 -27.19 31.99
N THR F 34 7.26 -26.59 33.07
CA THR F 34 8.40 -25.69 33.01
C THR F 34 9.62 -26.42 33.51
N VAL F 35 10.66 -26.49 32.67
CA VAL F 35 11.88 -27.24 32.99
C VAL F 35 13.03 -26.23 32.99
N ASP F 36 13.53 -25.89 34.19
CA ASP F 36 14.60 -24.91 34.39
C ASP F 36 14.36 -23.66 33.56
N GLY F 37 13.18 -23.06 33.74
CA GLY F 37 12.81 -21.85 33.04
C GLY F 37 12.23 -22.04 31.66
N VAL F 38 12.31 -23.24 31.08
CA VAL F 38 11.84 -23.46 29.70
C VAL F 38 10.51 -24.19 29.75
N ARG F 39 9.46 -23.52 29.30
CA ARG F 39 8.15 -24.16 29.26
C ARG F 39 8.03 -25.03 28.02
N LEU F 40 7.64 -26.29 28.22
CA LEU F 40 7.54 -27.25 27.13
C LEU F 40 6.12 -27.75 27.02
N HIS F 41 5.62 -27.79 25.79
CA HIS F 41 4.29 -28.32 25.48
C HIS F 41 4.46 -29.78 25.10
N PHE F 42 3.52 -30.64 25.54
CA PHE F 42 3.51 -32.03 25.13
C PHE F 42 2.09 -32.59 25.18
N VAL F 43 1.87 -33.63 24.38
CA VAL F 43 0.60 -34.32 24.28
C VAL F 43 0.78 -35.75 24.79
N GLU F 44 -0.09 -36.18 25.71
CA GLU F 44 0.07 -37.48 26.34
C GLU F 44 -1.27 -38.20 26.38
N GLY F 45 -1.20 -39.52 26.27
CA GLY F 45 -2.40 -40.33 26.29
C GLY F 45 -2.07 -41.81 26.18
N GLY F 46 -3.04 -42.57 25.71
CA GLY F 46 -2.89 -44.01 25.52
C GLY F 46 -3.21 -44.81 26.77
N ARG F 47 -2.83 -46.09 26.74
CA ARG F 47 -3.16 -47.01 27.82
C ARG F 47 -2.35 -46.67 29.07
N ALA F 48 -3.06 -46.37 30.17
CA ALA F 48 -2.43 -45.75 31.34
C ALA F 48 -1.34 -46.64 31.96
N ASP F 49 -1.56 -47.96 32.02
CA ASP F 49 -0.56 -48.87 32.59
C ASP F 49 0.27 -49.55 31.51
N GLY F 50 0.20 -49.05 30.27
CA GLY F 50 1.01 -49.62 29.22
C GLY F 50 2.45 -49.13 29.31
N GLU F 51 3.33 -49.79 28.57
CA GLU F 51 4.68 -49.27 28.41
C GLU F 51 4.64 -47.96 27.64
N THR F 52 5.63 -47.11 27.89
CA THR F 52 5.63 -45.76 27.38
C THR F 52 6.41 -45.68 26.08
N ILE F 53 5.84 -45.01 25.08
CA ILE F 53 6.57 -44.60 23.88
C ILE F 53 6.68 -43.08 23.89
N VAL F 54 7.90 -42.58 23.71
CA VAL F 54 8.13 -41.15 23.51
C VAL F 54 8.38 -40.93 22.02
N LEU F 55 7.74 -39.93 21.45
CA LEU F 55 7.79 -39.66 20.02
C LEU F 55 8.36 -38.27 19.77
N LEU F 56 9.39 -38.17 18.91
CA LEU F 56 10.02 -36.90 18.57
C LEU F 56 9.89 -36.62 17.08
N ALA F 57 9.55 -35.36 16.74
CA ALA F 57 9.46 -34.91 15.36
C ALA F 57 10.58 -33.92 15.04
N GLY F 58 10.65 -33.55 13.76
CA GLY F 58 11.69 -32.68 13.26
C GLY F 58 11.12 -31.48 12.52
N PHE F 59 11.90 -31.00 11.56
CA PHE F 59 11.66 -29.76 10.83
C PHE F 59 10.87 -30.03 9.56
N PRO F 60 9.87 -29.18 9.23
CA PRO F 60 9.37 -28.05 10.00
C PRO F 60 8.10 -28.38 10.76
N GLU F 61 8.14 -29.41 11.60
CA GLU F 61 6.91 -29.91 12.21
C GLU F 61 6.98 -29.81 13.73
N SER F 62 6.28 -30.71 14.39
CA SER F 62 5.97 -30.62 15.81
C SER F 62 5.35 -31.96 16.23
N TRP F 63 4.90 -32.05 17.49
CA TRP F 63 4.17 -33.22 17.97
C TRP F 63 3.09 -33.64 16.97
N TYR F 64 2.50 -32.65 16.28
CA TYR F 64 1.37 -32.85 15.37
C TYR F 64 1.70 -33.84 14.26
N ALA F 65 2.97 -33.99 13.90
CA ALA F 65 3.33 -34.96 12.87
C ALA F 65 2.97 -36.39 13.27
N TRP F 66 2.86 -36.68 14.57
CA TRP F 66 2.54 -38.02 15.05
C TRP F 66 1.04 -38.24 15.24
N ARG F 67 0.19 -37.28 14.86
CA ARG F 67 -1.23 -37.33 15.18
C ARG F 67 -1.95 -38.52 14.54
N ARG F 68 -1.45 -39.08 13.45
CA ARG F 68 -2.11 -40.23 12.84
C ARG F 68 -1.59 -41.56 13.36
N VAL F 69 -0.37 -41.57 13.91
CA VAL F 69 0.18 -42.81 14.49
C VAL F 69 -0.28 -42.99 15.92
N MET F 70 -0.40 -41.89 16.66
CA MET F 70 -0.73 -41.91 18.08
C MET F 70 -2.02 -42.66 18.42
N PRO F 71 -3.15 -42.46 17.73
CA PRO F 71 -4.33 -43.26 18.09
C PRO F 71 -4.16 -44.73 17.75
N LEU F 72 -3.34 -45.08 16.76
CA LEU F 72 -3.18 -46.47 16.38
C LEU F 72 -2.40 -47.26 17.42
N LEU F 73 -1.51 -46.60 18.17
CA LEU F 73 -0.75 -47.27 19.22
C LEU F 73 -1.36 -47.08 20.60
N ALA F 74 -2.38 -46.23 20.72
CA ALA F 74 -2.91 -45.89 22.04
C ALA F 74 -3.59 -47.07 22.72
N ASP F 75 -4.07 -48.05 21.95
CA ASP F 75 -4.69 -49.23 22.55
C ASP F 75 -3.69 -50.04 23.37
N GLU F 76 -2.39 -49.97 23.05
CA GLU F 76 -1.39 -50.80 23.71
C GLU F 76 -0.41 -50.04 24.59
N PHE F 77 -0.02 -48.82 24.20
CA PHE F 77 1.05 -48.10 24.86
C PHE F 77 0.58 -46.80 25.50
N ARG F 78 1.28 -46.40 26.54
CA ARG F 78 1.21 -45.01 27.00
C ARG F 78 2.10 -44.18 26.08
N ILE F 79 1.56 -43.05 25.58
CA ILE F 79 2.17 -42.29 24.49
C ILE F 79 2.40 -40.85 24.92
N VAL F 80 3.64 -40.37 24.74
CA VAL F 80 4.05 -39.02 25.10
C VAL F 80 4.72 -38.39 23.87
N ALA F 81 4.15 -37.29 23.37
CA ALA F 81 4.70 -36.64 22.18
C ALA F 81 4.99 -35.19 22.51
N PRO F 82 6.25 -34.84 22.83
CA PRO F 82 6.55 -33.47 23.23
C PRO F 82 6.95 -32.62 22.03
N ASP F 83 6.73 -31.31 22.19
CA ASP F 83 7.40 -30.34 21.33
C ASP F 83 8.75 -30.05 21.97
N LEU F 84 9.84 -30.35 21.27
CA LEU F 84 11.16 -30.00 21.79
C LEU F 84 11.28 -28.49 21.93
N PRO F 85 12.22 -28.02 22.76
CA PRO F 85 12.52 -26.57 22.77
C PRO F 85 12.76 -26.12 21.35
N GLY F 86 12.18 -25.01 20.99
CA GLY F 86 12.23 -24.53 19.63
C GLY F 86 11.19 -25.09 18.67
N GLN F 87 10.26 -25.93 19.16
CA GLN F 87 9.27 -26.59 18.32
C GLN F 87 7.86 -26.27 18.79
N GLY F 88 6.95 -26.20 17.83
CA GLY F 88 5.52 -26.16 18.11
C GLY F 88 5.17 -25.08 19.11
N ASP F 89 4.52 -25.45 20.21
CA ASP F 89 4.11 -24.47 21.20
C ASP F 89 5.03 -24.44 22.40
N SER F 90 6.17 -25.13 22.35
CA SER F 90 7.17 -25.03 23.40
C SER F 90 7.92 -23.70 23.30
N ASP F 91 8.49 -23.28 24.43
CA ASP F 91 9.28 -22.06 24.46
C ASP F 91 10.47 -22.19 23.51
N ARG F 92 11.02 -21.05 23.10
CA ARG F 92 12.14 -20.95 22.17
C ARG F 92 13.28 -20.20 22.85
N PRO F 93 14.09 -20.90 23.64
CA PRO F 93 15.22 -20.23 24.30
C PRO F 93 16.20 -19.66 23.30
N LEU F 94 17.02 -18.77 23.77
CA LEU F 94 17.99 -18.14 22.93
C LEU F 94 19.09 -19.08 22.48
N VAL F 95 19.58 -19.95 23.35
CA VAL F 95 20.67 -20.85 23.00
C VAL F 95 20.36 -22.25 23.52
N GLY F 96 21.27 -23.16 23.25
CA GLY F 96 21.16 -24.53 23.71
C GLY F 96 20.58 -25.50 22.71
N TYR F 97 20.74 -25.25 21.41
CA TYR F 97 20.20 -26.12 20.38
C TYR F 97 21.22 -27.15 19.88
N ASP F 98 22.43 -27.14 20.45
CA ASP F 98 23.28 -28.33 20.38
C ASP F 98 22.51 -29.51 20.98
N THR F 99 22.61 -30.68 20.36
CA THR F 99 21.63 -31.72 20.68
C THR F 99 21.85 -32.38 22.03
N GLN F 100 23.06 -32.31 22.60
CA GLN F 100 23.24 -32.83 23.95
C GLN F 100 22.45 -32.00 24.93
N THR F 101 22.44 -30.68 24.76
CA THR F 101 21.65 -29.85 25.66
C THR F 101 20.15 -30.10 25.47
N VAL F 102 19.70 -30.27 24.22
CA VAL F 102 18.28 -30.55 24.00
C VAL F 102 17.89 -31.89 24.62
N ALA F 103 18.72 -32.91 24.43
CA ALA F 103 18.44 -34.21 25.02
C ALA F 103 18.35 -34.14 26.53
N ALA F 104 19.25 -33.40 27.16
CA ALA F 104 19.21 -33.24 28.62
C ALA F 104 17.93 -32.54 29.05
N THR F 105 17.48 -31.53 28.28
CA THR F 105 16.21 -30.88 28.59
C THR F 105 15.07 -31.88 28.45
N LEU F 106 15.08 -32.68 27.37
CA LEU F 106 14.05 -33.71 27.23
C LEU F 106 14.11 -34.67 28.42
N ALA F 107 15.30 -35.10 28.81
CA ALA F 107 15.39 -36.00 29.95
C ALA F 107 14.77 -35.39 31.19
N ARG F 108 15.02 -34.12 31.47
CA ARG F 108 14.44 -33.51 32.64
C ARG F 108 12.95 -33.46 32.53
N LEU F 109 12.41 -33.22 31.35
CA LEU F 109 10.96 -33.20 31.19
C LEU F 109 10.37 -34.57 31.50
N LEU F 110 11.00 -35.62 30.99
CA LEU F 110 10.46 -36.96 31.20
C LEU F 110 10.55 -37.37 32.67
N GLU F 111 11.67 -37.07 33.35
CA GLU F 111 11.79 -37.39 34.77
C GLU F 111 10.70 -36.72 35.60
N ARG F 112 10.41 -35.44 35.30
CA ARG F 112 9.37 -34.73 36.04
C ARG F 112 8.00 -35.34 35.83
N GLN F 113 7.79 -36.07 34.74
CA GLN F 113 6.55 -36.79 34.53
C GLN F 113 6.66 -38.23 35.00
N ASN F 114 7.74 -38.56 35.71
CA ASN F 114 7.95 -39.91 36.24
C ASN F 114 7.96 -40.97 35.13
N ILE F 115 8.59 -40.62 34.02
CA ILE F 115 8.81 -41.55 32.92
C ILE F 115 10.25 -42.02 33.05
N ALA F 116 10.43 -43.24 33.57
CA ALA F 116 11.78 -43.68 33.91
C ALA F 116 12.42 -44.51 32.81
N ARG F 117 11.62 -45.32 32.11
CA ARG F 117 12.11 -46.22 31.06
C ARG F 117 11.05 -46.27 29.98
N PHE F 118 11.47 -46.27 28.71
CA PHE F 118 10.51 -46.05 27.63
C PHE F 118 11.14 -46.44 26.32
N TYR F 119 10.28 -46.64 25.32
CA TYR F 119 10.65 -46.74 23.92
C TYR F 119 10.71 -45.34 23.33
N LEU F 120 11.66 -45.14 22.41
CA LEU F 120 11.89 -43.83 21.82
C LEU F 120 11.87 -43.97 20.30
N ALA F 121 10.94 -43.27 19.64
CA ALA F 121 10.87 -43.23 18.19
C ALA F 121 11.00 -41.79 17.74
N ALA F 122 11.89 -41.52 16.79
CA ALA F 122 12.28 -40.15 16.49
C ALA F 122 12.48 -39.97 15.00
N HIS F 123 12.00 -38.86 14.47
CA HIS F 123 11.98 -38.58 13.04
C HIS F 123 12.74 -37.29 12.75
N ASP F 124 13.55 -37.30 11.69
CA ASP F 124 14.18 -36.06 11.18
C ASP F 124 15.06 -35.46 12.28
N VAL F 125 14.99 -34.15 12.55
CA VAL F 125 15.81 -33.55 13.60
C VAL F 125 15.54 -34.18 14.96
N GLY F 126 14.32 -34.70 15.18
CA GLY F 126 14.08 -35.47 16.39
C GLY F 126 15.06 -36.60 16.56
N ALA F 127 15.43 -37.27 15.46
CA ALA F 127 16.45 -38.32 15.53
C ALA F 127 17.81 -37.76 15.91
N TRP F 128 18.12 -36.51 15.52
CA TRP F 128 19.35 -35.89 16.00
C TRP F 128 19.36 -35.84 17.51
N VAL F 129 18.20 -35.58 18.11
CA VAL F 129 18.12 -35.51 19.56
C VAL F 129 18.18 -36.90 20.18
N ALA F 130 17.58 -37.89 19.52
CA ALA F 130 17.48 -39.23 20.11
C ALA F 130 18.83 -39.92 20.24
N TYR F 131 19.76 -39.71 19.30
CA TYR F 131 21.04 -40.42 19.38
C TYR F 131 21.82 -40.04 20.63
N PRO F 132 22.17 -38.76 20.87
CA PRO F 132 22.83 -38.44 22.15
C PRO F 132 21.96 -38.77 23.35
N PHE F 133 20.63 -38.72 23.23
CA PHE F 133 19.80 -39.14 24.36
C PHE F 133 20.09 -40.58 24.73
N ALA F 134 20.07 -41.47 23.75
CA ALA F 134 20.31 -42.88 24.02
C ALA F 134 21.75 -43.14 24.47
N ALA F 135 22.71 -42.37 23.96
CA ALA F 135 24.10 -42.54 24.36
C ALA F 135 24.31 -42.06 25.79
N MET F 136 23.62 -41.00 26.19
CA MET F 136 23.78 -40.45 27.55
C MET F 136 22.91 -41.16 28.58
N TYR F 137 21.74 -41.66 28.20
CA TYR F 137 20.81 -42.28 29.16
C TYR F 137 20.39 -43.66 28.68
N PRO F 138 21.35 -44.58 28.47
CA PRO F 138 21.01 -45.88 27.88
C PRO F 138 20.03 -46.71 28.71
N GLU F 139 20.04 -46.54 30.01
CA GLU F 139 19.15 -47.28 30.87
C GLU F 139 17.71 -46.83 30.74
N SER F 140 17.49 -45.63 30.26
CA SER F 140 16.13 -45.13 30.10
C SER F 140 15.53 -45.48 28.75
N VAL F 141 16.34 -45.87 27.78
CA VAL F 141 15.84 -46.17 26.43
C VAL F 141 15.84 -47.68 26.23
N LYS F 142 14.64 -48.28 26.26
CA LYS F 142 14.50 -49.72 26.07
C LYS F 142 14.93 -50.12 24.67
N ARG F 143 14.37 -49.47 23.66
CA ARG F 143 14.73 -49.68 22.26
C ARG F 143 14.55 -48.35 21.54
N LEU F 144 15.25 -48.21 20.41
CA LEU F 144 15.31 -46.95 19.70
C LEU F 144 14.90 -47.16 18.25
N ALA F 145 14.01 -46.31 17.75
CA ALA F 145 13.66 -46.29 16.34
C ALA F 145 14.01 -44.92 15.76
N LEU F 146 14.78 -44.92 14.68
CA LEU F 146 15.18 -43.69 14.00
C LEU F 146 14.59 -43.70 12.59
N LEU F 147 13.90 -42.62 12.21
CA LEU F 147 13.13 -42.59 10.96
C LEU F 147 13.71 -41.54 10.02
N ASP F 148 14.21 -42.00 8.86
CA ASP F 148 14.68 -41.19 7.73
C ASP F 148 15.47 -39.95 8.13
N ALA F 149 16.64 -40.15 8.73
CA ALA F 149 17.45 -39.03 9.18
C ALA F 149 18.88 -39.52 9.36
N GLY F 150 19.80 -38.63 9.09
CA GLY F 150 21.18 -38.87 9.49
C GLY F 150 21.44 -38.25 10.85
N ILE F 151 22.51 -38.71 11.50
CA ILE F 151 22.90 -38.21 12.80
C ILE F 151 24.15 -37.35 12.62
N PRO F 152 24.13 -36.07 12.99
CA PRO F 152 25.29 -35.19 12.80
C PRO F 152 26.59 -35.80 13.32
N GLY F 153 27.62 -35.75 12.47
CA GLY F 153 28.95 -36.18 12.83
C GLY F 153 29.12 -37.66 12.90
N VAL F 154 28.06 -38.42 12.73
CA VAL F 154 28.10 -39.83 13.00
C VAL F 154 27.46 -40.62 11.86
N THR F 155 26.37 -40.21 11.25
CA THR F 155 25.89 -40.95 10.10
C THR F 155 25.56 -40.01 8.99
N LEU F 156 25.46 -38.77 9.36
CA LEU F 156 25.20 -37.72 8.41
C LEU F 156 26.46 -37.35 7.66
N PRO F 157 26.49 -37.53 6.36
CA PRO F 157 27.72 -37.32 5.60
C PRO F 157 28.21 -35.89 5.73
N ALA F 158 29.52 -35.72 5.59
CA ALA F 158 30.10 -34.39 5.67
C ALA F 158 29.84 -33.56 4.42
N ALA F 159 29.50 -34.21 3.30
CA ALA F 159 29.16 -33.56 2.04
C ALA F 159 27.88 -34.18 1.52
N LEU F 160 27.06 -33.36 0.84
CA LEU F 160 25.73 -33.73 0.38
C LEU F 160 25.55 -33.47 -1.10
N PRO F 161 24.64 -34.21 -1.76
CA PRO F 161 24.59 -34.19 -3.23
C PRO F 161 24.24 -32.83 -3.83
N ILE F 162 24.75 -32.61 -5.05
CA ILE F 162 24.44 -31.40 -5.81
C ILE F 162 23.77 -31.73 -7.13
N GLU F 163 23.65 -33.01 -7.48
CA GLU F 163 23.00 -33.39 -8.72
C GLU F 163 21.53 -32.95 -8.69
N PRO F 164 21.03 -32.39 -9.80
CA PRO F 164 19.64 -31.90 -9.81
C PRO F 164 18.60 -32.92 -9.41
N GLY F 165 18.78 -34.19 -9.78
CA GLY F 165 17.74 -35.16 -9.50
C GLY F 165 17.51 -35.44 -8.03
N ASN F 166 18.57 -35.33 -7.21
CA ASN F 166 18.45 -35.54 -5.77
C ASN F 166 18.87 -34.39 -4.86
N ALA F 167 19.50 -33.34 -5.37
CA ALA F 167 19.96 -32.27 -4.49
C ALA F 167 18.81 -31.63 -3.73
N TRP F 168 17.60 -31.61 -4.31
CA TRP F 168 16.44 -31.03 -3.63
C TRP F 168 16.11 -31.75 -2.31
N ARG F 169 16.60 -32.99 -2.13
CA ARG F 169 16.28 -33.69 -0.89
C ARG F 169 17.01 -33.10 0.31
N THR F 170 18.16 -32.46 0.09
CA THR F 170 19.04 -32.08 1.17
C THR F 170 19.57 -30.66 1.07
N TRP F 171 19.12 -29.86 0.08
CA TRP F 171 19.69 -28.52 -0.11
C TRP F 171 19.55 -27.64 1.12
N HIS F 172 18.49 -27.82 1.90
CA HIS F 172 18.16 -26.92 2.98
C HIS F 172 19.16 -27.00 4.13
N PHE F 173 19.87 -28.11 4.26
N PHE F 173 19.89 -28.09 4.25
CA PHE F 173 20.88 -28.30 5.31
CA PHE F 173 20.83 -28.23 5.36
C PHE F 173 21.86 -27.14 5.33
C PHE F 173 21.86 -27.11 5.34
N ALA F 174 22.62 -27.00 4.23
CA ALA F 174 23.64 -25.96 4.16
C ALA F 174 23.03 -24.57 4.21
N PHE F 175 21.90 -24.38 3.52
CA PHE F 175 21.19 -23.10 3.54
C PHE F 175 20.91 -22.65 4.97
N HIS F 176 20.43 -23.57 5.80
CA HIS F 176 20.04 -23.22 7.16
C HIS F 176 21.22 -22.78 8.03
N THR F 177 22.44 -23.23 7.72
CA THR F 177 23.57 -22.83 8.55
C THR F 177 23.99 -21.40 8.28
N VAL F 178 23.56 -20.82 7.17
CA VAL F 178 23.99 -19.46 6.81
C VAL F 178 23.28 -18.47 7.71
N ALA F 179 24.04 -17.53 8.28
CA ALA F 179 23.45 -16.50 9.13
C ALA F 179 22.63 -15.50 8.31
N ASP F 180 21.46 -15.15 8.83
CA ASP F 180 20.66 -14.00 8.41
C ASP F 180 20.04 -14.07 7.01
N LEU F 181 20.73 -14.65 6.03
CA LEU F 181 20.16 -14.76 4.70
C LEU F 181 18.88 -15.59 4.68
N PRO F 182 18.77 -16.72 5.38
CA PRO F 182 17.48 -17.43 5.35
C PRO F 182 16.32 -16.60 5.85
N GLU F 183 16.47 -15.92 6.99
CA GLU F 183 15.38 -15.05 7.47
C GLU F 183 15.00 -14.03 6.41
N THR F 184 16.00 -13.48 5.70
CA THR F 184 15.74 -12.47 4.69
C THR F 184 14.96 -13.03 3.51
N LEU F 185 15.29 -14.25 3.07
CA LEU F 185 14.59 -14.76 1.89
C LEU F 185 13.22 -15.34 2.23
N ILE F 186 13.05 -15.94 3.40
CA ILE F 186 11.79 -16.58 3.77
C ILE F 186 10.71 -15.57 4.19
N ALA F 187 11.13 -14.37 4.63
CA ALA F 187 10.20 -13.35 5.10
C ALA F 187 9.14 -13.05 4.04
N GLY F 188 7.87 -13.07 4.45
CA GLY F 188 6.78 -12.87 3.51
C GLY F 188 6.48 -14.06 2.62
N LYS F 189 7.28 -15.13 2.71
CA LYS F 189 7.10 -16.36 1.94
C LYS F 189 7.01 -17.59 2.84
N GLU F 190 6.57 -17.40 4.09
CA GLU F 190 6.60 -18.49 5.05
C GLU F 190 5.71 -19.65 4.57
N ARG F 191 4.50 -19.33 4.12
CA ARG F 191 3.61 -20.40 3.64
C ARG F 191 4.17 -21.09 2.40
N GLU F 192 4.75 -20.32 1.47
CA GLU F 192 5.36 -20.95 0.29
C GLU F 192 6.51 -21.85 0.71
N TYR F 193 7.32 -21.40 1.66
CA TYR F 193 8.47 -22.21 2.09
C TYR F 193 8.00 -23.51 2.73
N LEU F 194 7.03 -23.41 3.64
CA LEU F 194 6.48 -24.59 4.32
C LEU F 194 5.83 -25.54 3.33
N ASP F 195 4.97 -24.99 2.46
CA ASP F 195 4.27 -25.82 1.50
C ASP F 195 5.25 -26.61 0.67
N TRP F 196 6.36 -25.99 0.24
CA TRP F 196 7.35 -26.71 -0.54
C TRP F 196 7.92 -27.86 0.29
N PHE F 197 8.28 -27.59 1.54
CA PHE F 197 8.89 -28.63 2.35
C PHE F 197 7.96 -29.82 2.55
N LEU F 198 6.72 -29.56 2.98
CA LEU F 198 5.79 -30.64 3.31
C LEU F 198 5.31 -31.36 2.06
N ARG F 199 4.84 -30.62 1.07
CA ARG F 199 4.20 -31.30 -0.05
C ARG F 199 5.18 -31.80 -1.09
N ARG F 200 6.34 -31.18 -1.23
CA ARG F 200 7.23 -31.67 -2.29
C ARG F 200 7.95 -32.96 -1.89
N LYS F 201 8.16 -33.19 -0.59
CA LYS F 201 8.89 -34.35 -0.12
C LYS F 201 7.97 -35.51 0.20
N ALA F 202 6.66 -35.33 0.12
CA ALA F 202 5.78 -36.47 0.31
C ALA F 202 5.63 -37.24 -1.00
N ALA F 203 5.38 -38.55 -0.89
CA ALA F 203 5.06 -39.32 -2.08
C ALA F 203 3.72 -38.86 -2.67
N ASN F 204 2.76 -38.54 -1.81
CA ASN F 204 1.46 -38.04 -2.24
C ASN F 204 1.24 -36.73 -1.51
N PRO F 205 1.23 -35.58 -2.21
CA PRO F 205 1.09 -34.29 -1.53
C PRO F 205 -0.24 -34.12 -0.81
N GLU F 206 -1.24 -34.91 -1.17
CA GLU F 206 -2.51 -34.83 -0.45
C GLU F 206 -2.42 -35.43 0.96
N SER F 207 -1.27 -35.97 1.36
CA SER F 207 -1.05 -36.37 2.75
C SER F 207 -1.10 -35.19 3.70
N PHE F 208 -0.94 -33.97 3.18
CA PHE F 208 -1.09 -32.73 3.95
C PHE F 208 -2.32 -31.99 3.44
N SER F 209 -3.34 -31.87 4.28
CA SER F 209 -4.43 -30.98 3.94
C SER F 209 -4.00 -29.51 4.09
N ASP F 210 -4.81 -28.61 3.52
CA ASP F 210 -4.62 -27.18 3.77
C ASP F 210 -4.71 -26.88 5.26
N ALA F 211 -5.60 -27.55 5.99
CA ALA F 211 -5.66 -27.33 7.43
C ALA F 211 -4.37 -27.80 8.13
N ASP F 212 -3.74 -28.86 7.64
CA ASP F 212 -2.46 -29.29 8.20
C ASP F 212 -1.38 -28.23 7.98
N VAL F 213 -1.29 -27.70 6.76
CA VAL F 213 -0.32 -26.64 6.47
C VAL F 213 -0.59 -25.42 7.34
N ASP F 214 -1.88 -25.07 7.53
CA ASP F 214 -2.24 -23.96 8.41
C ASP F 214 -1.65 -24.16 9.81
N GLU F 215 -1.76 -25.39 10.36
CA GLU F 215 -1.26 -25.63 11.72
C GLU F 215 0.26 -25.47 11.77
N TYR F 216 0.97 -26.03 10.79
CA TYR F 216 2.43 -25.86 10.78
C TYR F 216 2.82 -24.40 10.55
N LEU F 217 2.03 -23.65 9.78
CA LEU F 217 2.29 -22.22 9.58
C LEU F 217 2.12 -21.43 10.88
N ARG F 218 1.10 -21.78 11.67
CA ARG F 218 0.89 -21.12 12.95
C ARG F 218 2.13 -21.21 13.83
N VAL F 219 2.69 -22.43 14.00
CA VAL F 219 3.84 -22.49 14.90
C VAL F 219 5.12 -22.04 14.19
N PHE F 220 5.18 -22.13 12.87
CA PHE F 220 6.31 -21.61 12.13
C PHE F 220 6.44 -20.10 12.32
N THR F 221 5.33 -19.37 12.25
CA THR F 221 5.36 -17.91 12.27
C THR F 221 5.17 -17.29 13.65
N ARG F 222 4.92 -18.10 14.69
CA ARG F 222 4.86 -17.53 16.04
C ARG F 222 6.25 -17.08 16.48
N ASP F 223 6.27 -16.27 17.55
CA ASP F 223 7.49 -15.69 18.10
C ASP F 223 8.72 -16.61 18.13
N GLY F 224 9.73 -16.30 17.30
CA GLY F 224 10.97 -17.05 17.31
C GLY F 224 10.92 -18.39 16.63
N GLY F 225 9.82 -18.72 15.96
CA GLY F 225 9.69 -20.04 15.36
C GLY F 225 10.72 -20.32 14.30
N LEU F 226 10.89 -19.41 13.35
CA LEU F 226 11.91 -19.61 12.31
C LEU F 226 13.31 -19.58 12.93
N ARG F 227 13.55 -18.62 13.82
CA ARG F 227 14.85 -18.55 14.49
C ARG F 227 15.21 -19.87 15.18
N ALA F 228 14.30 -20.43 15.96
CA ALA F 228 14.61 -21.66 16.69
C ALA F 228 14.70 -22.85 15.75
N GLY F 229 13.82 -22.93 14.74
CA GLY F 229 13.95 -24.00 13.76
C GLY F 229 15.32 -24.04 13.12
N LEU F 230 15.81 -22.88 12.68
CA LEU F 230 17.12 -22.80 12.05
C LEU F 230 18.24 -23.10 13.04
N ALA F 231 18.04 -22.77 14.33
CA ALA F 231 19.10 -22.92 15.33
C ALA F 231 19.61 -24.36 15.43
N PHE F 232 18.74 -25.35 15.26
CA PHE F 232 19.18 -26.74 15.26
C PHE F 232 20.26 -26.96 14.21
N TYR F 233 20.06 -26.44 12.99
CA TYR F 233 21.03 -26.59 11.90
C TYR F 233 22.30 -25.76 12.15
N ARG F 234 22.15 -24.59 12.76
CA ARG F 234 23.28 -23.70 13.02
C ARG F 234 24.19 -24.21 14.13
N ALA F 235 23.69 -25.09 14.98
CA ALA F 235 24.50 -25.68 16.03
C ALA F 235 25.03 -27.05 15.63
N VAL F 236 24.92 -27.43 14.36
CA VAL F 236 25.15 -28.83 13.99
C VAL F 236 26.61 -29.23 14.17
N SER F 237 27.55 -28.29 14.02
CA SER F 237 28.95 -28.67 14.20
C SER F 237 29.28 -28.90 15.67
N GLU F 238 28.64 -28.18 16.57
CA GLU F 238 28.76 -28.54 17.98
C GLU F 238 28.09 -29.89 18.27
N SER F 239 26.91 -30.14 17.70
CA SER F 239 26.27 -31.45 17.88
C SER F 239 27.12 -32.56 17.29
N SER F 240 27.76 -32.32 16.14
CA SER F 240 28.59 -33.36 15.54
C SER F 240 29.77 -33.72 16.43
N ALA F 241 30.47 -32.73 16.94
CA ALA F 241 31.60 -32.99 17.83
C ALA F 241 31.14 -33.70 19.09
N GLN F 242 30.00 -33.31 19.64
CA GLN F 242 29.45 -34.02 20.78
C GLN F 242 29.21 -35.48 20.42
N ASN F 243 28.59 -35.73 19.27
CA ASN F 243 28.28 -37.11 18.93
C ASN F 243 29.54 -37.94 18.69
N ARG F 244 30.61 -37.33 18.17
CA ARG F 244 31.84 -38.11 17.93
C ARG F 244 32.46 -38.53 19.26
N LYS F 245 32.42 -37.63 20.24
CA LYS F 245 32.89 -37.99 21.58
C LYS F 245 32.03 -39.09 22.17
N LEU F 246 30.70 -39.01 22.01
CA LEU F 246 29.86 -40.05 22.59
C LEU F 246 30.07 -41.38 21.88
N GLN F 247 30.25 -41.34 20.56
CA GLN F 247 30.45 -42.57 19.79
C GLN F 247 31.74 -43.26 20.19
N ALA F 248 32.76 -42.49 20.59
CA ALA F 248 34.00 -43.10 21.03
C ALA F 248 33.87 -43.83 22.35
N LEU F 249 32.78 -43.63 23.08
CA LEU F 249 32.57 -44.37 24.32
C LEU F 249 32.02 -45.77 24.10
N GLY F 250 31.70 -46.15 22.87
CA GLY F 250 31.14 -47.45 22.61
C GLY F 250 29.85 -47.38 21.80
N LYS F 251 29.51 -48.47 21.14
CA LYS F 251 28.27 -48.48 20.39
C LYS F 251 27.08 -48.61 21.31
N LEU F 252 25.93 -48.11 20.83
CA LEU F 252 24.68 -48.28 21.56
C LEU F 252 24.38 -49.76 21.74
N LYS F 253 24.00 -50.12 22.95
CA LYS F 253 23.67 -51.50 23.27
C LYS F 253 22.20 -51.88 23.09
N MET F 254 21.28 -50.93 23.18
CA MET F 254 19.87 -51.33 23.04
C MET F 254 19.54 -51.56 21.57
N PRO F 255 18.52 -52.37 21.28
CA PRO F 255 18.13 -52.60 19.88
C PRO F 255 17.74 -51.29 19.20
N VAL F 256 18.19 -51.13 17.96
CA VAL F 256 17.97 -49.93 17.17
C VAL F 256 17.27 -50.35 15.87
N LEU F 257 16.14 -49.71 15.59
CA LEU F 257 15.39 -49.92 14.35
C LEU F 257 15.66 -48.75 13.40
N ALA F 258 16.20 -49.05 12.22
CA ALA F 258 16.49 -48.06 11.20
C ALA F 258 15.34 -48.05 10.19
N VAL F 259 14.50 -47.02 10.23
CA VAL F 259 13.30 -46.98 9.39
C VAL F 259 13.55 -46.09 8.18
N SER F 260 13.52 -46.71 7.01
CA SER F 260 13.66 -46.01 5.75
C SER F 260 12.30 -45.80 5.09
N ALA F 261 12.28 -44.90 4.09
CA ALA F 261 11.14 -44.75 3.19
C ALA F 261 11.63 -44.91 1.76
N ASP F 262 10.83 -45.57 0.92
CA ASP F 262 11.27 -45.84 -0.44
C ASP F 262 11.43 -44.56 -1.28
N GLN F 263 10.74 -43.48 -0.92
CA GLN F 263 10.98 -42.19 -1.56
C GLN F 263 11.51 -41.16 -0.55
N GLY F 264 12.20 -41.63 0.50
CA GLY F 264 12.65 -40.75 1.56
C GLY F 264 13.88 -39.92 1.21
N SER F 265 14.34 -39.15 2.21
CA SER F 265 15.51 -38.30 2.00
C SER F 265 16.81 -39.10 2.01
N ILE F 266 16.85 -40.20 2.77
CA ILE F 266 18.07 -40.94 3.06
C ILE F 266 18.04 -42.26 2.30
N PRO F 267 19.02 -42.53 1.45
CA PRO F 267 19.00 -43.79 0.70
C PRO F 267 19.17 -45.02 1.57
N ASP F 268 20.11 -44.98 2.53
CA ASP F 268 20.46 -46.14 3.34
C ASP F 268 20.56 -45.77 4.81
N MET F 269 19.61 -46.24 5.61
CA MET F 269 19.63 -45.96 7.05
C MET F 269 20.44 -46.99 7.81
N ALA F 270 20.17 -48.28 7.55
CA ALA F 270 20.76 -49.34 8.36
C ALA F 270 22.27 -49.39 8.22
N GLY F 271 22.78 -49.19 7.01
CA GLY F 271 24.20 -49.28 6.78
C GLY F 271 25.05 -48.47 7.73
N PRO F 272 24.93 -47.15 7.64
CA PRO F 272 25.76 -46.29 8.50
C PRO F 272 25.49 -46.45 10.00
N LEU F 273 24.28 -46.86 10.39
CA LEU F 273 23.98 -46.99 11.83
C LEU F 273 24.68 -48.19 12.47
N GLU F 274 25.06 -49.20 11.69
CA GLU F 274 25.77 -50.35 12.26
C GLU F 274 27.11 -49.93 12.86
N HIS F 275 27.63 -48.76 12.48
CA HIS F 275 28.86 -48.27 13.08
C HIS F 275 28.67 -47.65 14.45
N VAL F 276 27.43 -47.42 14.88
CA VAL F 276 27.17 -46.73 16.14
C VAL F 276 26.31 -47.54 17.07
N ALA F 277 25.68 -48.59 16.60
CA ALA F 277 24.84 -49.38 17.48
C ALA F 277 25.15 -50.84 17.28
N GLU F 278 25.02 -51.60 18.36
CA GLU F 278 25.35 -53.00 18.22
C GLU F 278 24.26 -53.83 17.55
N GLU F 279 22.97 -53.58 17.72
CA GLU F 279 22.02 -54.44 17.00
C GLU F 279 21.19 -53.57 16.09
N VAL F 280 21.36 -53.64 14.77
CA VAL F 280 20.57 -52.78 13.90
C VAL F 280 19.53 -53.51 13.04
N THR F 281 18.25 -53.22 13.27
CA THR F 281 17.21 -53.86 12.46
C THR F 281 16.75 -52.86 11.40
N ALA F 282 16.65 -53.31 10.14
CA ALA F 282 16.27 -52.41 9.07
C ALA F 282 14.80 -52.62 8.69
N ALA F 283 14.12 -51.54 8.37
CA ALA F 283 12.78 -51.63 7.84
C ALA F 283 12.58 -50.51 6.83
N THR F 284 11.92 -50.81 5.71
CA THR F 284 11.60 -49.81 4.70
C THR F 284 10.10 -49.75 4.54
N ILE F 285 9.57 -48.55 4.64
CA ILE F 285 8.16 -48.32 4.42
C ILE F 285 7.96 -47.95 2.96
N ALA F 286 7.04 -48.66 2.30
CA ALA F 286 6.73 -48.45 0.88
C ALA F 286 5.70 -47.33 0.70
N TYR F 287 5.73 -46.71 -0.47
CA TYR F 287 4.78 -45.66 -0.82
C TYR F 287 4.85 -44.53 0.20
N SER F 288 6.07 -44.13 0.52
CA SER F 288 6.23 -43.09 1.51
C SER F 288 7.39 -42.18 1.12
N GLY F 289 7.15 -40.89 1.20
CA GLY F 289 8.22 -39.92 1.19
C GLY F 289 8.78 -39.79 2.60
N HIS F 290 9.42 -38.63 2.82
CA HIS F 290 10.16 -38.36 4.05
C HIS F 290 9.28 -38.37 5.29
N PHE F 291 8.01 -37.99 5.15
CA PHE F 291 7.14 -37.78 6.30
C PHE F 291 6.38 -39.07 6.64
N ILE F 292 7.14 -40.12 6.96
CA ILE F 292 6.59 -41.46 7.21
C ILE F 292 5.42 -41.42 8.19
N PRO F 293 5.52 -40.80 9.37
CA PRO F 293 4.40 -40.85 10.32
C PRO F 293 3.09 -40.33 9.74
N GLU F 294 3.17 -39.36 8.82
CA GLU F 294 1.93 -38.82 8.28
C GLU F 294 1.50 -39.51 6.99
N GLU F 295 2.45 -40.04 6.21
CA GLU F 295 2.14 -40.60 4.91
C GLU F 295 1.70 -42.07 4.99
N GLN F 296 2.30 -42.86 5.88
CA GLN F 296 1.95 -44.28 6.04
C GLN F 296 1.82 -44.60 7.52
N PRO F 297 0.83 -44.02 8.20
CA PRO F 297 0.75 -44.20 9.65
C PRO F 297 0.53 -45.65 10.07
N GLN F 298 -0.31 -46.41 9.35
CA GLN F 298 -0.59 -47.78 9.77
C GLN F 298 0.63 -48.68 9.59
N ALA F 299 1.25 -48.63 8.42
CA ALA F 299 2.46 -49.43 8.21
C ALA F 299 3.54 -49.07 9.24
N LEU F 300 3.70 -47.78 9.55
CA LEU F 300 4.70 -47.39 10.52
C LEU F 300 4.32 -47.87 11.91
N ALA F 301 3.05 -47.74 12.27
CA ALA F 301 2.61 -48.21 13.57
C ALA F 301 2.86 -49.71 13.73
N ARG F 302 2.60 -50.51 12.69
CA ARG F 302 2.87 -51.95 12.79
C ARG F 302 4.35 -52.22 13.02
N GLU F 303 5.22 -51.55 12.26
CA GLU F 303 6.65 -51.74 12.46
C GLU F 303 7.07 -51.36 13.87
N LEU F 304 6.60 -50.20 14.36
CA LEU F 304 6.98 -49.77 15.70
C LEU F 304 6.45 -50.74 16.76
N ARG F 305 5.20 -51.16 16.62
CA ARG F 305 4.59 -52.11 17.55
C ARG F 305 5.35 -53.43 17.58
N ASP F 306 5.73 -53.94 16.41
CA ASP F 306 6.45 -55.20 16.38
C ASP F 306 7.83 -55.05 17.00
N PHE F 307 8.46 -53.91 16.77
CA PHE F 307 9.80 -53.65 17.29
C PHE F 307 9.78 -53.28 18.78
N PHE F 308 8.72 -52.71 19.28
CA PHE F 308 8.73 -52.31 20.68
C PHE F 308 7.99 -53.31 21.56
N ARG F 309 8.07 -54.57 21.23
CA ARG F 309 7.40 -55.63 21.95
C ARG F 309 8.48 -56.63 22.19
N THR G 16 -34.54 4.27 35.92
CA THR G 16 -33.61 3.14 35.92
C THR G 16 -32.46 3.38 34.95
N PRO G 17 -31.22 3.20 35.39
CA PRO G 17 -30.10 3.29 34.44
C PRO G 17 -30.12 2.10 33.51
N TYR G 18 -29.56 2.30 32.33
CA TYR G 18 -29.39 1.15 31.44
C TYR G 18 -28.31 0.24 32.02
N PHE G 19 -28.62 -1.06 32.11
CA PHE G 19 -27.64 -2.08 32.43
C PHE G 19 -27.92 -3.26 31.53
N ARG G 20 -26.94 -4.16 31.42
CA ARG G 20 -26.99 -5.28 30.49
C ARG G 20 -26.46 -6.53 31.17
N GLU G 21 -27.23 -7.61 31.09
CA GLU G 21 -26.78 -8.85 31.67
C GLU G 21 -25.65 -9.41 30.86
N ASP G 22 -24.66 -9.97 31.53
CA ASP G 22 -23.59 -10.61 30.81
C ASP G 22 -24.14 -11.84 30.08
N PRO G 23 -23.85 -11.99 28.79
CA PRO G 23 -24.40 -13.15 28.06
C PRO G 23 -23.84 -14.44 28.56
N ARG G 24 -22.74 -14.39 29.29
CA ARG G 24 -22.11 -15.62 29.77
C ARG G 24 -22.14 -15.73 31.25
N LEU G 25 -21.76 -14.69 31.93
CA LEU G 25 -21.89 -14.74 33.40
C LEU G 25 -23.32 -14.38 33.78
N THR G 26 -24.20 -15.38 33.74
CA THR G 26 -25.60 -15.13 34.08
C THR G 26 -25.68 -14.68 35.55
N GLY G 27 -26.50 -13.67 35.79
CA GLY G 27 -26.62 -13.10 37.11
C GLY G 27 -25.68 -11.94 37.38
N PHE G 28 -24.82 -11.60 36.42
CA PHE G 28 -23.94 -10.44 36.52
C PHE G 28 -24.34 -9.40 35.48
N ARG G 29 -24.34 -8.15 35.88
CA ARG G 29 -24.80 -7.06 35.03
C ARG G 29 -23.70 -6.05 34.83
N HIS G 30 -23.58 -5.56 33.60
CA HIS G 30 -22.67 -4.47 33.26
C HIS G 30 -23.34 -3.14 33.53
N ARG G 31 -22.65 -2.27 34.26
CA ARG G 31 -23.19 -0.96 34.60
C ARG G 31 -22.15 0.12 34.36
N PHE G 32 -22.62 1.34 34.25
CA PHE G 32 -21.74 2.49 34.22
C PHE G 32 -22.22 3.50 35.24
N ASP G 33 -21.29 4.19 35.89
CA ASP G 33 -21.64 5.31 36.75
C ASP G 33 -20.63 6.41 36.52
N THR G 34 -21.08 7.65 36.66
CA THR G 34 -20.21 8.81 36.46
C THR G 34 -19.83 9.41 37.80
N VAL G 35 -18.52 9.51 38.04
CA VAL G 35 -17.94 9.95 39.31
C VAL G 35 -17.10 11.19 39.04
N ASP G 36 -17.60 12.37 39.42
CA ASP G 36 -16.89 13.63 39.23
C ASP G 36 -16.32 13.74 37.82
N GLY G 37 -17.17 13.57 36.83
CA GLY G 37 -16.81 13.72 35.43
C GLY G 37 -16.27 12.48 34.74
N VAL G 38 -15.94 11.43 35.49
CA VAL G 38 -15.31 10.22 34.96
C VAL G 38 -16.32 9.09 34.96
N ARG G 39 -16.60 8.53 33.82
CA ARG G 39 -17.51 7.44 33.69
C ARG G 39 -16.75 6.14 33.95
N LEU G 40 -17.26 5.27 34.82
CA LEU G 40 -16.60 4.00 35.17
C LEU G 40 -17.52 2.84 34.87
N HIS G 41 -16.97 1.80 34.25
CA HIS G 41 -17.68 0.56 33.96
C HIS G 41 -17.46 -0.43 35.10
N PHE G 42 -18.49 -1.17 35.47
CA PHE G 42 -18.30 -2.21 36.48
C PHE G 42 -19.31 -3.32 36.27
N VAL G 43 -18.93 -4.51 36.72
CA VAL G 43 -19.81 -5.68 36.64
C VAL G 43 -20.15 -6.09 38.07
N GLU G 44 -21.44 -6.28 38.35
CA GLU G 44 -21.91 -6.63 39.70
C GLU G 44 -22.90 -7.78 39.61
N GLY G 45 -22.89 -8.62 40.64
CA GLY G 45 -23.80 -9.75 40.68
C GLY G 45 -23.63 -10.51 41.98
N GLY G 46 -24.00 -11.78 41.97
CA GLY G 46 -23.85 -12.63 43.13
C GLY G 46 -25.03 -12.57 44.10
N ARG G 47 -24.83 -13.18 45.27
CA ARG G 47 -25.92 -13.35 46.22
C ARG G 47 -26.35 -12.02 46.84
N ALA G 48 -27.63 -11.70 46.70
CA ALA G 48 -28.13 -10.38 47.05
C ALA G 48 -27.91 -10.06 48.53
N ASP G 49 -28.06 -11.06 49.40
CA ASP G 49 -27.90 -10.87 50.83
C ASP G 49 -26.51 -11.26 51.33
N GLY G 50 -25.57 -11.53 50.41
CA GLY G 50 -24.25 -11.94 50.84
C GLY G 50 -23.36 -10.77 51.24
N GLU G 51 -22.25 -11.09 51.88
CA GLU G 51 -21.21 -10.10 52.07
C GLU G 51 -20.57 -9.78 50.73
N THR G 52 -20.01 -8.58 50.62
CA THR G 52 -19.49 -8.06 49.37
C THR G 52 -17.99 -8.28 49.25
N ILE G 53 -17.56 -8.78 48.08
CA ILE G 53 -16.15 -8.77 47.67
C ILE G 53 -16.00 -7.80 46.49
N VAL G 54 -15.05 -6.87 46.60
CA VAL G 54 -14.65 -5.99 45.49
C VAL G 54 -13.34 -6.55 44.90
N LEU G 55 -13.29 -6.66 43.57
CA LEU G 55 -12.18 -7.26 42.83
C LEU G 55 -11.55 -6.24 41.89
N LEU G 56 -10.23 -6.10 41.96
CA LEU G 56 -9.45 -5.16 41.17
C LEU G 56 -8.41 -5.91 40.32
N ALA G 57 -8.31 -5.56 39.05
CA ALA G 57 -7.37 -6.15 38.11
C ALA G 57 -6.29 -5.15 37.71
N GLY G 58 -5.28 -5.65 36.97
CA GLY G 58 -4.14 -4.83 36.61
C GLY G 58 -3.86 -4.87 35.12
N PHE G 59 -2.58 -4.66 34.78
CA PHE G 59 -2.14 -4.48 33.40
C PHE G 59 -1.71 -5.80 32.78
N PRO G 60 -2.08 -6.06 31.53
CA PRO G 60 -2.91 -5.27 30.63
C PRO G 60 -4.35 -5.81 30.58
N GLU G 61 -5.01 -5.90 31.74
CA GLU G 61 -6.33 -6.52 31.77
C GLU G 61 -7.38 -5.52 32.25
N SER G 62 -8.44 -6.05 32.86
CA SER G 62 -9.66 -5.34 33.19
C SER G 62 -10.45 -6.29 34.08
N TRP G 63 -11.69 -5.88 34.43
CA TRP G 63 -12.61 -6.69 35.23
C TRP G 63 -12.65 -8.13 34.70
N TYR G 64 -12.51 -8.27 33.38
CA TYR G 64 -12.62 -9.56 32.70
C TYR G 64 -11.66 -10.61 33.26
N ALA G 65 -10.54 -10.18 33.86
CA ALA G 65 -9.59 -11.15 34.42
C ALA G 65 -10.19 -11.95 35.56
N TRP G 66 -11.25 -11.45 36.19
CA TRP G 66 -11.93 -12.15 37.27
C TRP G 66 -13.09 -13.00 36.78
N ARG G 67 -13.27 -13.12 35.46
CA ARG G 67 -14.47 -13.77 34.91
C ARG G 67 -14.60 -15.23 35.31
N ARG G 68 -13.51 -15.91 35.66
CA ARG G 68 -13.60 -17.31 36.05
C ARG G 68 -13.75 -17.52 37.56
N VAL G 69 -13.34 -16.54 38.36
CA VAL G 69 -13.52 -16.59 39.81
C VAL G 69 -14.92 -16.13 40.22
N MET G 70 -15.45 -15.14 39.52
CA MET G 70 -16.74 -14.55 39.92
C MET G 70 -17.87 -15.57 40.05
N PRO G 71 -18.13 -16.47 39.07
CA PRO G 71 -19.24 -17.40 39.28
C PRO G 71 -18.98 -18.41 40.40
N LEU G 72 -17.73 -18.73 40.71
CA LEU G 72 -17.48 -19.69 41.78
C LEU G 72 -17.81 -19.13 43.15
N LEU G 73 -17.71 -17.82 43.33
CA LEU G 73 -18.01 -17.16 44.59
C LEU G 73 -19.41 -16.57 44.64
N ALA G 74 -20.14 -16.56 43.52
CA ALA G 74 -21.41 -15.86 43.45
C ALA G 74 -22.47 -16.52 44.34
N ASP G 75 -22.34 -17.82 44.60
CA ASP G 75 -23.33 -18.49 45.45
C ASP G 75 -23.36 -17.88 46.84
N GLU G 76 -22.24 -17.39 47.30
CA GLU G 76 -22.18 -16.93 48.64
C GLU G 76 -21.89 -15.47 48.88
N PHE G 77 -21.24 -14.82 47.94
CA PHE G 77 -20.89 -13.41 48.12
C PHE G 77 -21.58 -12.53 47.09
N ARG G 78 -21.76 -11.28 47.49
CA ARG G 78 -22.03 -10.17 46.59
C ARG G 78 -20.73 -9.75 45.94
N ILE G 79 -20.71 -9.63 44.60
CA ILE G 79 -19.46 -9.45 43.88
C ILE G 79 -19.54 -8.23 42.97
N VAL G 80 -18.56 -7.33 43.11
CA VAL G 80 -18.45 -6.13 42.30
C VAL G 80 -17.03 -6.10 41.72
N ALA G 81 -16.94 -6.09 40.38
CA ALA G 81 -15.65 -6.07 39.67
C ALA G 81 -15.59 -4.83 38.78
N PRO G 82 -15.01 -3.74 39.25
CA PRO G 82 -14.96 -2.52 38.42
C PRO G 82 -13.71 -2.47 37.54
N ASP G 83 -13.87 -1.73 36.43
CA ASP G 83 -12.77 -1.23 35.63
C ASP G 83 -12.30 0.06 36.25
N LEU G 84 -11.05 0.11 36.71
CA LEU G 84 -10.48 1.34 37.24
C LEU G 84 -10.42 2.41 36.15
N PRO G 85 -10.32 3.68 36.52
CA PRO G 85 -10.01 4.72 35.53
C PRO G 85 -8.82 4.28 34.70
N GLY G 86 -8.95 4.41 33.37
CA GLY G 86 -7.88 4.00 32.49
C GLY G 86 -7.85 2.53 32.11
N GLN G 87 -8.84 1.75 32.53
CA GLN G 87 -8.90 0.31 32.28
C GLN G 87 -10.19 -0.04 31.55
N GLY G 88 -10.11 -1.07 30.71
CA GLY G 88 -11.30 -1.67 30.14
C GLY G 88 -12.19 -0.62 29.48
N ASP G 89 -13.47 -0.58 29.87
CA ASP G 89 -14.43 0.32 29.26
C ASP G 89 -14.66 1.58 30.08
N SER G 90 -13.89 1.79 31.15
CA SER G 90 -13.99 3.05 31.88
C SER G 90 -13.32 4.18 31.10
N ASP G 91 -13.68 5.41 31.46
CA ASP G 91 -13.02 6.58 30.88
C ASP G 91 -11.53 6.61 31.18
N ARG G 92 -10.81 7.41 30.39
CA ARG G 92 -9.37 7.59 30.52
C ARG G 92 -9.09 9.07 30.72
N PRO G 93 -9.14 9.57 31.95
CA PRO G 93 -8.82 10.97 32.19
C PRO G 93 -7.38 11.26 31.74
N LEU G 94 -7.07 12.51 31.62
CA LEU G 94 -5.75 12.91 31.24
C LEU G 94 -4.75 12.77 32.39
N VAL G 95 -5.18 13.00 33.62
CA VAL G 95 -4.31 12.93 34.79
C VAL G 95 -5.01 12.16 35.90
N GLY G 96 -4.31 11.98 37.02
CA GLY G 96 -4.85 11.31 38.17
C GLY G 96 -4.53 9.83 38.27
N TYR G 97 -3.42 9.38 37.69
CA TYR G 97 -3.07 7.97 37.77
C TYR G 97 -2.12 7.68 38.93
N ASP G 98 -1.77 8.69 39.73
CA ASP G 98 -1.23 8.38 41.05
C ASP G 98 -2.27 7.60 41.82
N THR G 99 -1.81 6.58 42.56
CA THR G 99 -2.73 5.60 43.09
C THR G 99 -3.59 6.14 44.24
N GLN G 100 -3.19 7.23 44.90
CA GLN G 100 -4.09 7.83 45.88
C GLN G 100 -5.30 8.45 45.20
N THR G 101 -5.09 9.15 44.08
CA THR G 101 -6.23 9.69 43.34
C THR G 101 -7.10 8.58 42.79
N VAL G 102 -6.48 7.50 42.27
CA VAL G 102 -7.27 6.39 41.75
C VAL G 102 -8.08 5.73 42.86
N ALA G 103 -7.46 5.51 44.03
CA ALA G 103 -8.19 4.91 45.15
C ALA G 103 -9.33 5.80 45.61
N ALA G 104 -9.11 7.12 45.66
CA ALA G 104 -10.20 8.03 46.02
C ALA G 104 -11.32 7.98 45.00
N THR G 105 -10.97 7.88 43.72
CA THR G 105 -12.00 7.76 42.70
C THR G 105 -12.77 6.46 42.90
N LEU G 106 -12.07 5.35 43.15
CA LEU G 106 -12.77 4.09 43.40
C LEU G 106 -13.66 4.21 44.64
N ALA G 107 -13.15 4.88 45.68
CA ALA G 107 -13.96 5.03 46.88
C ALA G 107 -15.25 5.79 46.56
N ARG G 108 -15.16 6.88 45.83
CA ARG G 108 -16.35 7.61 45.47
C ARG G 108 -17.32 6.74 44.70
N LEU G 109 -16.81 5.92 43.82
CA LEU G 109 -17.68 5.04 43.05
C LEU G 109 -18.42 4.05 43.95
N LEU G 110 -17.70 3.45 44.91
CA LEU G 110 -18.33 2.48 45.80
C LEU G 110 -19.38 3.14 46.70
N GLU G 111 -19.08 4.34 47.19
CA GLU G 111 -20.03 5.08 48.00
C GLU G 111 -21.34 5.32 47.24
N ARG G 112 -21.24 5.70 45.96
CA ARG G 112 -22.44 5.94 45.17
C ARG G 112 -23.26 4.70 44.95
N GLN G 113 -22.67 3.50 45.05
CA GLN G 113 -23.47 2.28 45.03
C GLN G 113 -23.80 1.78 46.43
N ASN G 114 -23.54 2.56 47.48
CA ASN G 114 -23.82 2.14 48.86
C ASN G 114 -23.13 0.83 49.21
N ILE G 115 -21.89 0.68 48.78
CA ILE G 115 -21.04 -0.42 49.17
C ILE G 115 -20.13 0.18 50.25
N ALA G 116 -20.54 0.01 51.50
CA ALA G 116 -19.90 0.71 52.60
C ALA G 116 -18.79 -0.09 53.25
N ARG G 117 -18.91 -1.42 53.27
CA ARG G 117 -17.92 -2.27 53.90
C ARG G 117 -17.83 -3.58 53.13
N PHE G 118 -16.60 -4.06 52.88
CA PHE G 118 -16.46 -5.15 51.92
C PHE G 118 -15.10 -5.80 52.07
N TYR G 119 -14.98 -7.02 51.53
CA TYR G 119 -13.67 -7.63 51.32
C TYR G 119 -13.10 -7.14 49.99
N LEU G 120 -11.78 -6.99 49.93
CA LEU G 120 -11.08 -6.43 48.77
C LEU G 120 -10.02 -7.40 48.29
N ALA G 121 -10.12 -7.84 47.04
CA ALA G 121 -9.07 -8.65 46.41
C ALA G 121 -8.54 -7.93 45.19
N ALA G 122 -7.22 -7.86 45.08
CA ALA G 122 -6.58 -7.02 44.10
C ALA G 122 -5.37 -7.73 43.50
N HIS G 123 -5.26 -7.63 42.18
CA HIS G 123 -4.21 -8.29 41.43
C HIS G 123 -3.43 -7.24 40.64
N ASP G 124 -2.09 -7.36 40.66
CA ASP G 124 -1.17 -6.57 39.81
C ASP G 124 -1.34 -5.09 40.16
N VAL G 125 -1.47 -4.18 39.18
CA VAL G 125 -1.66 -2.76 39.44
C VAL G 125 -2.93 -2.52 40.28
N GLY G 126 -3.90 -3.43 40.19
CA GLY G 126 -5.03 -3.34 41.10
C GLY G 126 -4.60 -3.32 42.57
N ALA G 127 -3.59 -4.12 42.91
CA ALA G 127 -3.04 -4.12 44.26
C ALA G 127 -2.35 -2.81 44.60
N TRP G 128 -1.74 -2.16 43.61
CA TRP G 128 -1.17 -0.84 43.84
C TRP G 128 -2.23 0.14 44.31
N VAL G 129 -3.45 0.07 43.75
CA VAL G 129 -4.47 1.00 44.22
C VAL G 129 -5.03 0.50 45.55
N ALA G 130 -5.07 -0.82 45.75
CA ALA G 130 -5.64 -1.40 46.96
C ALA G 130 -4.90 -0.97 48.21
N TYR G 131 -3.57 -0.77 48.15
CA TYR G 131 -2.85 -0.42 49.36
C TYR G 131 -3.24 0.95 49.89
N PRO G 132 -3.10 2.05 49.12
CA PRO G 132 -3.57 3.33 49.67
C PRO G 132 -5.05 3.32 49.96
N PHE G 133 -5.82 2.49 49.26
CA PHE G 133 -7.25 2.39 49.60
C PHE G 133 -7.43 1.86 51.01
N ALA G 134 -6.77 0.75 51.32
CA ALA G 134 -6.90 0.16 52.66
C ALA G 134 -6.32 1.08 53.73
N ALA G 135 -5.25 1.82 53.41
CA ALA G 135 -4.66 2.74 54.37
C ALA G 135 -5.55 3.95 54.60
N MET G 136 -6.25 4.40 53.56
CA MET G 136 -7.07 5.59 53.70
C MET G 136 -8.47 5.28 54.24
N TYR G 137 -9.03 4.11 53.94
CA TYR G 137 -10.40 3.78 54.35
C TYR G 137 -10.43 2.44 55.08
N PRO G 138 -9.67 2.31 56.17
CA PRO G 138 -9.56 0.98 56.80
C PRO G 138 -10.89 0.45 57.30
N GLU G 139 -11.79 1.35 57.68
CA GLU G 139 -13.10 0.90 58.16
C GLU G 139 -13.97 0.33 57.04
N SER G 140 -13.67 0.64 55.77
CA SER G 140 -14.44 0.06 54.68
C SER G 140 -13.90 -1.28 54.22
N VAL G 141 -12.65 -1.59 54.53
CA VAL G 141 -12.01 -2.81 54.05
C VAL G 141 -11.95 -3.79 55.22
N LYS G 142 -12.82 -4.79 55.17
CA LYS G 142 -12.90 -5.80 56.21
C LYS G 142 -11.64 -6.67 56.24
N ARG G 143 -11.24 -7.19 55.08
CA ARG G 143 -10.00 -7.93 54.91
C ARG G 143 -9.49 -7.63 53.51
N LEU G 144 -8.18 -7.81 53.32
CA LEU G 144 -7.48 -7.45 52.09
C LEU G 144 -6.76 -8.66 51.55
N ALA G 145 -6.91 -8.92 50.25
CA ALA G 145 -6.15 -9.95 49.57
C ALA G 145 -5.37 -9.31 48.44
N LEU G 146 -4.05 -9.50 48.44
CA LEU G 146 -3.18 -8.94 47.41
C LEU G 146 -2.53 -10.09 46.65
N LEU G 147 -2.59 -10.02 45.32
CA LEU G 147 -2.19 -11.12 44.44
C LEU G 147 -0.99 -10.71 43.58
N ASP G 148 0.14 -11.38 43.79
CA ASP G 148 1.35 -11.33 42.97
C ASP G 148 1.67 -9.93 42.47
N ALA G 149 2.01 -9.04 43.39
CA ALA G 149 2.31 -7.66 43.04
C ALA G 149 3.11 -7.03 44.15
N GLY G 150 4.01 -6.15 43.78
CA GLY G 150 4.62 -5.25 44.72
C GLY G 150 3.83 -3.96 44.83
N ILE G 151 4.05 -3.22 45.91
CA ILE G 151 3.36 -1.95 46.12
C ILE G 151 4.38 -0.82 45.97
N PRO G 152 4.17 0.12 45.06
CA PRO G 152 5.12 1.22 44.88
C PRO G 152 5.51 1.86 46.22
N GLY G 153 6.82 1.99 46.43
CA GLY G 153 7.39 2.66 47.58
C GLY G 153 7.42 1.89 48.90
N VAL G 154 6.72 0.77 49.03
CA VAL G 154 6.70 0.12 50.34
C VAL G 154 7.08 -1.35 50.22
N THR G 155 6.67 -2.02 49.14
CA THR G 155 7.14 -3.39 48.92
C THR G 155 7.74 -3.63 47.55
N LEU G 156 7.40 -2.84 46.54
CA LEU G 156 8.04 -2.96 45.25
C LEU G 156 9.45 -2.41 45.34
N PRO G 157 10.49 -3.20 45.05
CA PRO G 157 11.87 -2.70 45.19
C PRO G 157 12.17 -1.52 44.27
N ALA G 158 13.14 -0.71 44.68
CA ALA G 158 13.59 0.42 43.88
C ALA G 158 14.45 -0.02 42.70
N ALA G 159 14.93 -1.26 42.70
CA ALA G 159 15.69 -1.82 41.58
C ALA G 159 15.15 -3.20 41.26
N LEU G 160 15.14 -3.54 39.98
CA LEU G 160 14.57 -4.80 39.54
C LEU G 160 15.59 -5.56 38.70
N PRO G 161 15.50 -6.90 38.69
CA PRO G 161 16.59 -7.70 38.13
C PRO G 161 16.81 -7.54 36.62
N ILE G 162 18.06 -7.77 36.23
CA ILE G 162 18.49 -7.71 34.83
C ILE G 162 19.06 -9.04 34.31
N GLU G 163 19.14 -10.06 35.14
CA GLU G 163 19.63 -11.34 34.67
C GLU G 163 18.61 -11.91 33.71
N PRO G 164 19.07 -12.48 32.60
CA PRO G 164 18.20 -13.02 31.58
C PRO G 164 17.12 -14.01 32.08
N GLY G 165 17.36 -14.80 33.10
CA GLY G 165 16.29 -15.66 33.55
C GLY G 165 15.16 -15.06 34.36
N ASN G 166 15.33 -13.86 34.84
CA ASN G 166 14.42 -13.08 35.65
C ASN G 166 14.08 -11.73 35.04
N ALA G 167 14.94 -11.16 34.20
CA ALA G 167 14.72 -9.82 33.69
C ALA G 167 13.40 -9.70 32.92
N TRP G 168 12.99 -10.76 32.22
CA TRP G 168 11.76 -10.69 31.43
C TRP G 168 10.50 -10.49 32.27
N ARG G 169 10.54 -10.83 33.56
CA ARG G 169 9.37 -10.67 34.41
C ARG G 169 9.10 -9.21 34.75
N THR G 170 10.11 -8.36 34.71
CA THR G 170 9.97 -6.99 35.21
C THR G 170 10.51 -5.94 34.23
N TRP G 171 10.97 -6.33 33.03
CA TRP G 171 11.55 -5.35 32.13
C TRP G 171 10.58 -4.24 31.78
N HIS G 172 9.28 -4.54 31.70
CA HIS G 172 8.34 -3.55 31.21
C HIS G 172 8.21 -2.37 32.14
N PHE G 173 8.50 -2.56 33.42
N PHE G 173 8.49 -2.55 33.43
CA PHE G 173 8.35 -1.52 34.38
CA PHE G 173 8.35 -1.49 34.41
C PHE G 173 9.09 -0.25 34.04
C PHE G 173 9.08 -0.24 34.01
N ALA G 174 10.37 -0.39 33.79
CA ALA G 174 11.17 0.79 33.44
C ALA G 174 10.83 1.30 32.04
N PHE G 175 10.62 0.38 31.09
CA PHE G 175 10.24 0.79 29.74
C PHE G 175 9.05 1.75 29.77
N HIS G 176 8.02 1.39 30.55
CA HIS G 176 6.77 2.14 30.54
C HIS G 176 6.93 3.55 31.06
N THR G 177 7.98 3.82 31.86
CA THR G 177 8.22 5.16 32.37
C THR G 177 8.80 6.09 31.30
N VAL G 178 9.36 5.55 30.23
CA VAL G 178 9.99 6.42 29.24
C VAL G 178 8.91 7.16 28.46
N ALA G 179 9.08 8.48 28.30
CA ALA G 179 8.12 9.24 27.49
C ALA G 179 8.24 8.88 26.02
N ASP G 180 7.09 8.71 25.36
CA ASP G 180 6.90 8.68 23.91
C ASP G 180 7.49 7.47 23.18
N LEU G 181 8.66 6.98 23.58
CA LEU G 181 9.20 5.81 22.92
C LEU G 181 8.28 4.57 23.02
N PRO G 182 7.63 4.26 24.15
CA PRO G 182 6.77 3.06 24.14
C PRO G 182 5.63 3.15 23.11
N GLU G 183 4.93 4.28 23.04
CA GLU G 183 3.88 4.46 22.01
C GLU G 183 4.45 4.28 20.61
N THR G 184 5.66 4.78 20.37
CA THR G 184 6.28 4.68 19.05
C THR G 184 6.56 3.22 18.68
N LEU G 185 7.07 2.44 19.64
CA LEU G 185 7.43 1.06 19.31
C LEU G 185 6.24 0.12 19.29
N ILE G 186 5.22 0.37 20.13
CA ILE G 186 4.09 -0.56 20.19
C ILE G 186 3.11 -0.36 19.02
N ALA G 187 3.09 0.82 18.39
CA ALA G 187 2.10 1.13 17.35
C ALA G 187 2.14 0.10 16.23
N GLY G 188 0.98 -0.42 15.86
CA GLY G 188 0.97 -1.45 14.85
C GLY G 188 1.40 -2.82 15.34
N LYS G 189 1.82 -2.95 16.63
CA LYS G 189 2.16 -4.24 17.23
C LYS G 189 1.36 -4.46 18.50
N GLU G 190 0.17 -3.88 18.60
CA GLU G 190 -0.58 -3.97 19.84
C GLU G 190 -0.85 -5.41 20.20
N ARG G 191 -1.31 -6.21 19.24
CA ARG G 191 -1.61 -7.61 19.54
C ARG G 191 -0.35 -8.40 19.92
N GLU G 192 0.78 -8.17 19.24
CA GLU G 192 2.02 -8.87 19.58
C GLU G 192 2.46 -8.53 20.99
N TYR G 193 2.34 -7.26 21.37
CA TYR G 193 2.71 -6.84 22.73
C TYR G 193 1.80 -7.50 23.76
N LEU G 194 0.48 -7.45 23.54
CA LEU G 194 -0.48 -8.07 24.46
C LEU G 194 -0.26 -9.56 24.55
N ASP G 195 -0.13 -10.21 23.39
CA ASP G 195 0.07 -11.65 23.37
C ASP G 195 1.27 -12.05 24.21
N TRP G 196 2.37 -11.29 24.11
CA TRP G 196 3.59 -11.60 24.87
C TRP G 196 3.33 -11.55 26.37
N PHE G 197 2.72 -10.46 26.83
CA PHE G 197 2.47 -10.31 28.27
C PHE G 197 1.61 -11.44 28.82
N LEU G 198 0.49 -11.72 28.16
CA LEU G 198 -0.45 -12.69 28.69
C LEU G 198 0.13 -14.10 28.61
N ARG G 199 0.64 -14.50 27.46
CA ARG G 199 1.00 -15.90 27.30
C ARG G 199 2.39 -16.26 27.83
N ARG G 200 3.32 -15.30 27.86
CA ARG G 200 4.67 -15.62 28.34
C ARG G 200 4.71 -15.69 29.85
N LYS G 201 3.83 -14.97 30.53
CA LYS G 201 3.84 -14.91 31.99
C LYS G 201 2.89 -15.90 32.64
N ALA G 202 2.06 -16.61 31.85
CA ALA G 202 1.24 -17.69 32.39
C ALA G 202 2.05 -18.99 32.41
N ALA G 203 1.71 -19.87 33.36
CA ALA G 203 2.34 -21.19 33.40
C ALA G 203 1.96 -22.02 32.18
N ASN G 204 0.71 -21.89 31.76
CA ASN G 204 0.21 -22.59 30.58
C ASN G 204 -0.40 -21.53 29.67
N PRO G 205 0.17 -21.27 28.49
CA PRO G 205 -0.36 -20.19 27.65
C PRO G 205 -1.78 -20.42 27.19
N GLU G 206 -2.26 -21.68 27.20
CA GLU G 206 -3.64 -21.96 26.81
C GLU G 206 -4.65 -21.49 27.83
N SER G 207 -4.19 -20.94 28.97
CA SER G 207 -5.08 -20.24 29.89
C SER G 207 -5.70 -19.02 29.25
N PHE G 208 -5.15 -18.56 28.13
CA PHE G 208 -5.70 -17.47 27.33
C PHE G 208 -6.11 -17.98 25.95
N SER G 209 -7.41 -17.98 25.66
CA SER G 209 -7.87 -18.27 24.32
C SER G 209 -7.66 -17.06 23.40
N ASP G 210 -7.77 -17.32 22.09
CA ASP G 210 -7.75 -16.24 21.10
C ASP G 210 -8.87 -15.23 21.35
N ALA G 211 -10.05 -15.69 21.76
CA ALA G 211 -11.10 -14.75 22.09
C ALA G 211 -10.74 -13.91 23.32
N ASP G 212 -10.03 -14.50 24.29
CA ASP G 212 -9.58 -13.73 25.45
C ASP G 212 -8.62 -12.61 25.04
N VAL G 213 -7.64 -12.94 24.21
CA VAL G 213 -6.71 -11.93 23.73
C VAL G 213 -7.47 -10.87 22.92
N ASP G 214 -8.41 -11.31 22.06
CA ASP G 214 -9.25 -10.37 21.31
C ASP G 214 -9.91 -9.36 22.24
N GLU G 215 -10.44 -9.84 23.37
CA GLU G 215 -11.14 -8.95 24.29
C GLU G 215 -10.19 -7.94 24.90
N TYR G 216 -9.04 -8.42 25.38
CA TYR G 216 -8.05 -7.50 25.93
C TYR G 216 -7.50 -6.58 24.85
N LEU G 217 -7.40 -7.06 23.61
CA LEU G 217 -6.95 -6.19 22.52
C LEU G 217 -7.95 -5.07 22.25
N ARG G 218 -9.26 -5.37 22.33
CA ARG G 218 -10.29 -4.35 22.13
C ARG G 218 -10.10 -3.19 23.09
N VAL G 219 -9.93 -3.45 24.40
CA VAL G 219 -9.85 -2.33 25.34
C VAL G 219 -8.45 -1.70 25.33
N PHE G 220 -7.43 -2.47 24.95
CA PHE G 220 -6.08 -1.93 24.79
C PHE G 220 -6.05 -0.87 23.69
N THR G 221 -6.72 -1.14 22.57
CA THR G 221 -6.66 -0.29 21.40
C THR G 221 -7.76 0.77 21.35
N ARG G 222 -8.71 0.82 22.27
CA ARG G 222 -9.70 1.88 22.27
C ARG G 222 -9.07 3.18 22.67
N ASP G 223 -9.67 4.33 22.32
CA ASP G 223 -9.17 5.65 22.65
C ASP G 223 -8.43 5.75 23.98
N GLY G 224 -7.14 6.00 23.90
CA GLY G 224 -6.37 6.25 25.10
C GLY G 224 -6.05 5.04 25.92
N GLY G 225 -6.32 3.84 25.42
CA GLY G 225 -6.02 2.64 26.20
C GLY G 225 -4.55 2.52 26.53
N LEU G 226 -3.68 2.65 25.51
CA LEU G 226 -2.24 2.54 25.76
C LEU G 226 -1.75 3.67 26.64
N ARG G 227 -2.17 4.90 26.33
CA ARG G 227 -1.78 6.06 27.13
C ARG G 227 -2.11 5.86 28.61
N ALA G 228 -3.32 5.37 28.89
CA ALA G 228 -3.80 5.23 30.26
C ALA G 228 -3.08 4.11 31.00
N GLY G 229 -2.90 2.95 30.33
CA GLY G 229 -2.12 1.87 30.94
C GLY G 229 -0.71 2.31 31.29
N LEU G 230 -0.05 3.05 30.39
CA LEU G 230 1.30 3.53 30.65
C LEU G 230 1.32 4.58 31.75
N ALA G 231 0.24 5.35 31.90
CA ALA G 231 0.20 6.43 32.88
C ALA G 231 0.37 5.93 34.31
N PHE G 232 -0.12 4.73 34.62
CA PHE G 232 0.06 4.17 35.95
C PHE G 232 1.55 4.04 36.29
N TYR G 233 2.35 3.55 35.33
CA TYR G 233 3.79 3.39 35.56
C TYR G 233 4.48 4.75 35.57
N ARG G 234 4.04 5.68 34.73
CA ARG G 234 4.70 6.98 34.67
C ARG G 234 4.44 7.79 35.93
N ALA G 235 3.39 7.47 36.68
CA ALA G 235 3.11 8.16 37.91
C ALA G 235 3.64 7.42 39.12
N VAL G 236 4.47 6.39 38.90
CA VAL G 236 4.84 5.49 39.99
C VAL G 236 5.67 6.20 41.05
N SER G 237 6.36 7.28 40.68
CA SER G 237 7.16 8.00 41.65
C SER G 237 6.27 8.80 42.61
N GLU G 238 5.20 9.40 42.10
CA GLU G 238 4.22 10.05 42.97
C GLU G 238 3.49 9.02 43.81
N SER G 239 3.10 7.90 43.21
CA SER G 239 2.42 6.84 43.97
C SER G 239 3.32 6.31 45.09
N SER G 240 4.63 6.20 44.83
CA SER G 240 5.56 5.74 45.85
C SER G 240 5.67 6.74 46.99
N ALA G 241 5.82 8.03 46.67
CA ALA G 241 5.94 9.02 47.72
C ALA G 241 4.70 9.06 48.59
N GLN G 242 3.51 8.96 47.97
CA GLN G 242 2.25 8.90 48.73
C GLN G 242 2.21 7.72 49.69
N ASN G 243 2.59 6.53 49.22
CA ASN G 243 2.47 5.33 50.05
C ASN G 243 3.43 5.35 51.23
N ARG G 244 4.63 5.92 51.05
CA ARG G 244 5.58 5.99 52.14
C ARG G 244 5.10 6.92 53.25
N LYS G 245 4.40 8.00 52.87
CA LYS G 245 3.74 8.83 53.87
C LYS G 245 2.64 8.07 54.59
N LEU G 246 1.82 7.31 53.84
CA LEU G 246 0.75 6.53 54.47
C LEU G 246 1.32 5.42 55.35
N GLN G 247 2.43 4.81 54.92
CA GLN G 247 3.02 3.74 55.71
C GLN G 247 3.52 4.24 57.06
N ALA G 248 3.99 5.49 57.12
CA ALA G 248 4.46 6.08 58.37
C ALA G 248 3.35 6.41 59.36
N LEU G 249 2.09 6.40 58.95
CA LEU G 249 0.97 6.66 59.85
C LEU G 249 0.57 5.43 60.67
N GLY G 250 1.20 4.30 60.42
CA GLY G 250 0.85 3.04 61.03
C GLY G 250 0.69 2.03 59.92
N LYS G 251 0.79 0.76 60.26
CA LYS G 251 0.57 -0.27 59.27
C LYS G 251 -0.92 -0.58 59.14
N LEU G 252 -1.26 -1.30 58.07
CA LEU G 252 -2.63 -1.71 57.83
C LEU G 252 -3.25 -2.43 59.02
N LYS G 253 -4.51 -2.11 59.31
CA LYS G 253 -5.19 -2.57 60.50
C LYS G 253 -6.00 -3.84 60.32
N MET G 254 -6.49 -4.13 59.11
CA MET G 254 -7.28 -5.33 58.80
C MET G 254 -6.38 -6.50 58.41
N PRO G 255 -6.88 -7.74 58.53
CA PRO G 255 -6.09 -8.91 58.08
C PRO G 255 -5.78 -8.85 56.59
N VAL G 256 -4.56 -9.27 56.24
CA VAL G 256 -4.08 -9.21 54.86
C VAL G 256 -3.64 -10.60 54.41
N LEU G 257 -4.17 -11.04 53.28
CA LEU G 257 -3.76 -12.29 52.64
C LEU G 257 -2.82 -11.96 51.49
N ALA G 258 -1.58 -12.44 51.58
CA ALA G 258 -0.58 -12.25 50.54
C ALA G 258 -0.57 -13.51 49.68
N VAL G 259 -1.11 -13.42 48.46
CA VAL G 259 -1.21 -14.60 47.60
C VAL G 259 -0.11 -14.54 46.56
N SER G 260 0.79 -15.50 46.59
CA SER G 260 1.74 -15.63 45.50
C SER G 260 1.44 -16.87 44.67
N ALA G 261 2.12 -16.95 43.53
CA ALA G 261 2.02 -18.05 42.59
C ALA G 261 3.39 -18.67 42.42
N ASP G 262 3.44 -20.00 42.37
CA ASP G 262 4.75 -20.66 42.34
C ASP G 262 5.56 -20.29 41.11
N GLN G 263 4.91 -19.86 40.02
CA GLN G 263 5.61 -19.36 38.84
C GLN G 263 5.31 -17.89 38.57
N GLY G 264 4.90 -17.14 39.59
CA GLY G 264 4.52 -15.76 39.44
C GLY G 264 5.71 -14.82 39.35
N SER G 265 5.38 -13.53 39.34
CA SER G 265 6.37 -12.45 39.20
C SER G 265 7.13 -12.17 40.49
N ILE G 266 6.54 -12.39 41.66
CA ILE G 266 7.13 -12.00 42.94
C ILE G 266 7.55 -13.27 43.68
N PRO G 267 8.81 -13.41 44.06
CA PRO G 267 9.24 -14.63 44.76
C PRO G 267 8.60 -14.77 46.13
N ASP G 268 8.56 -13.69 46.91
CA ASP G 268 8.03 -13.73 48.27
C ASP G 268 7.10 -12.54 48.50
N MET G 269 5.81 -12.82 48.68
CA MET G 269 4.81 -11.78 48.95
C MET G 269 4.71 -11.48 50.44
N ALA G 270 4.61 -12.52 51.27
CA ALA G 270 4.33 -12.30 52.68
C ALA G 270 5.46 -11.51 53.36
N GLY G 271 6.70 -11.84 53.03
CA GLY G 271 7.84 -11.24 53.66
C GLY G 271 7.81 -9.72 53.71
N PRO G 272 7.91 -9.07 52.55
CA PRO G 272 7.91 -7.60 52.56
C PRO G 272 6.64 -7.00 53.12
N LEU G 273 5.51 -7.71 53.03
CA LEU G 273 4.23 -7.15 53.47
C LEU G 273 4.07 -7.08 54.99
N GLU G 274 4.86 -7.86 55.75
CA GLU G 274 4.81 -7.83 57.22
C GLU G 274 5.17 -6.46 57.79
N HIS G 275 5.77 -5.61 56.97
CA HIS G 275 6.19 -4.27 57.42
C HIS G 275 5.09 -3.22 57.28
N VAL G 276 4.04 -3.56 56.55
CA VAL G 276 2.93 -2.65 56.34
C VAL G 276 1.62 -3.16 56.90
N ALA G 277 1.53 -4.42 57.32
CA ALA G 277 0.28 -4.94 57.86
C ALA G 277 0.55 -5.73 59.14
N GLU G 278 -0.41 -5.65 60.08
CA GLU G 278 -0.25 -6.28 61.40
C GLU G 278 -0.42 -7.79 61.35
N GLU G 279 -1.38 -8.29 60.57
CA GLU G 279 -1.63 -9.73 60.49
C GLU G 279 -1.66 -10.13 59.02
N VAL G 280 -0.59 -10.79 58.60
CA VAL G 280 -0.37 -11.20 57.22
C VAL G 280 -0.43 -12.71 57.18
N THR G 281 -1.34 -13.24 56.37
CA THR G 281 -1.48 -14.68 56.11
C THR G 281 -0.97 -15.00 54.71
N ALA G 282 -0.17 -16.06 54.59
CA ALA G 282 0.46 -16.41 53.33
C ALA G 282 -0.25 -17.57 52.65
N ALA G 283 -0.32 -17.51 51.33
CA ALA G 283 -0.83 -18.59 50.51
C ALA G 283 -0.08 -18.56 49.18
N THR G 284 0.26 -19.73 48.65
CA THR G 284 0.89 -19.83 47.34
C THR G 284 0.03 -20.75 46.49
N ILE G 285 -0.31 -20.30 45.29
CA ILE G 285 -1.09 -21.12 44.37
C ILE G 285 -0.11 -21.89 43.48
N ALA G 286 -0.30 -23.20 43.41
CA ALA G 286 0.56 -24.06 42.62
C ALA G 286 0.09 -24.10 41.17
N TYR G 287 1.04 -24.37 40.28
CA TYR G 287 0.76 -24.51 38.84
C TYR G 287 0.12 -23.26 38.28
N SER G 288 0.67 -22.10 38.64
CA SER G 288 0.13 -20.83 38.20
C SER G 288 1.27 -19.87 37.93
N GLY G 289 1.20 -19.18 36.80
CA GLY G 289 2.01 -18.00 36.57
C GLY G 289 1.35 -16.80 37.21
N HIS G 290 1.67 -15.63 36.68
CA HIS G 290 1.26 -14.35 37.27
C HIS G 290 -0.26 -14.16 37.28
N PHE G 291 -0.98 -14.70 36.30
CA PHE G 291 -2.40 -14.39 36.14
C PHE G 291 -3.26 -15.39 36.93
N ILE G 292 -3.06 -15.37 38.26
CA ILE G 292 -3.69 -16.36 39.14
C ILE G 292 -5.20 -16.49 38.91
N PRO G 293 -5.98 -15.39 38.86
CA PRO G 293 -7.44 -15.55 38.69
C PRO G 293 -7.82 -16.27 37.43
N GLU G 294 -7.02 -16.19 36.38
CA GLU G 294 -7.38 -16.88 35.15
C GLU G 294 -6.76 -18.26 35.06
N GLU G 295 -5.60 -18.45 35.69
CA GLU G 295 -4.85 -19.70 35.58
C GLU G 295 -5.31 -20.75 36.60
N GLN G 296 -5.64 -20.36 37.84
CA GLN G 296 -6.13 -21.31 38.84
C GLN G 296 -7.33 -20.74 39.59
N PRO G 297 -8.45 -20.52 38.88
CA PRO G 297 -9.59 -19.85 39.53
C PRO G 297 -10.17 -20.63 40.71
N GLN G 298 -10.29 -21.96 40.66
CA GLN G 298 -10.80 -22.63 41.87
C GLN G 298 -9.88 -22.51 43.05
N ALA G 299 -8.61 -22.79 42.84
CA ALA G 299 -7.68 -22.73 43.95
C ALA G 299 -7.73 -21.36 44.60
N LEU G 300 -7.74 -20.31 43.79
CA LEU G 300 -7.84 -18.96 44.32
C LEU G 300 -9.20 -18.71 44.95
N ALA G 301 -10.27 -19.22 44.33
CA ALA G 301 -11.58 -19.05 44.94
C ALA G 301 -11.63 -19.70 46.33
N ARG G 302 -11.03 -20.88 46.48
CA ARG G 302 -11.02 -21.52 47.79
C ARG G 302 -10.29 -20.65 48.81
N GLU G 303 -9.11 -20.17 48.45
CA GLU G 303 -8.35 -19.33 49.37
C GLU G 303 -9.10 -18.07 49.75
N LEU G 304 -9.74 -17.42 48.77
CA LEU G 304 -10.50 -16.22 49.10
C LEU G 304 -11.73 -16.55 49.94
N ARG G 305 -12.45 -17.62 49.57
CA ARG G 305 -13.63 -18.02 50.33
C ARG G 305 -13.27 -18.31 51.77
N ASP G 306 -12.14 -18.99 51.99
CA ASP G 306 -11.75 -19.34 53.35
C ASP G 306 -11.33 -18.11 54.13
N PHE G 307 -10.64 -17.16 53.48
CA PHE G 307 -10.12 -15.98 54.17
C PHE G 307 -11.18 -14.92 54.42
N PHE G 308 -12.17 -14.83 53.55
CA PHE G 308 -13.14 -13.74 53.65
C PHE G 308 -14.32 -14.17 54.55
N ARG G 309 -14.00 -14.43 55.82
CA ARG G 309 -14.95 -14.89 56.83
C ARG G 309 -14.93 -13.97 58.01
N THR H 16 49.65 -7.59 -1.39
CA THR H 16 49.12 -6.59 -0.45
C THR H 16 47.59 -6.62 -0.33
N PRO H 17 47.07 -6.62 0.91
CA PRO H 17 45.61 -6.56 1.09
C PRO H 17 45.06 -5.19 0.72
N TYR H 18 43.83 -5.18 0.23
CA TYR H 18 43.17 -3.93 -0.13
C TYR H 18 42.83 -3.15 1.13
N PHE H 19 43.13 -1.85 1.10
CA PHE H 19 42.71 -0.94 2.15
C PHE H 19 42.27 0.37 1.51
N ARG H 20 41.58 1.19 2.30
CA ARG H 20 40.99 2.40 1.78
C ARG H 20 41.23 3.51 2.79
N GLU H 21 41.71 4.66 2.31
CA GLU H 21 41.86 5.80 3.20
C GLU H 21 40.50 6.39 3.56
N ASP H 22 40.34 6.73 4.83
CA ASP H 22 39.12 7.38 5.27
C ASP H 22 39.03 8.75 4.59
N PRO H 23 37.88 9.09 4.01
CA PRO H 23 37.80 10.37 3.27
C PRO H 23 37.90 11.59 4.17
N ARG H 24 37.75 11.39 5.48
CA ARG H 24 37.83 12.48 6.44
C ARG H 24 38.99 12.39 7.44
N LEU H 25 39.31 11.18 7.91
CA LEU H 25 40.39 11.06 8.89
C LEU H 25 41.71 10.81 8.14
N THR H 26 42.47 11.89 7.94
CA THR H 26 43.73 11.83 7.22
C THR H 26 44.70 10.92 7.96
N GLY H 27 45.34 10.01 7.22
CA GLY H 27 46.30 9.11 7.81
C GLY H 27 45.70 7.84 8.40
N PHE H 28 44.38 7.65 8.32
CA PHE H 28 43.70 6.47 8.83
C PHE H 28 43.16 5.62 7.68
N ARG H 29 43.32 4.31 7.84
CA ARG H 29 42.96 3.36 6.80
C ARG H 29 41.96 2.36 7.36
N HIS H 30 41.00 2.00 6.50
CA HIS H 30 40.02 0.97 6.76
C HIS H 30 40.56 -0.37 6.25
N ARG H 31 40.55 -1.38 7.13
CA ARG H 31 41.08 -2.69 6.77
C ARG H 31 40.09 -3.79 7.17
N PHE H 32 40.19 -4.93 6.50
CA PHE H 32 39.50 -6.13 6.94
C PHE H 32 40.54 -7.23 7.14
N ASP H 33 40.30 -8.04 8.16
CA ASP H 33 41.10 -9.24 8.37
C ASP H 33 40.18 -10.36 8.83
N THR H 34 40.49 -11.58 8.39
CA THR H 34 39.69 -12.75 8.73
C THR H 34 40.40 -13.51 9.85
N VAL H 35 39.71 -13.69 10.96
CA VAL H 35 40.23 -14.26 12.20
C VAL H 35 39.41 -15.52 12.45
N ASP H 36 40.00 -16.68 12.16
CA ASP H 36 39.35 -17.98 12.32
C ASP H 36 37.91 -17.95 11.81
N GLY H 37 37.76 -17.56 10.54
CA GLY H 37 36.49 -17.55 9.86
C GLY H 37 35.66 -16.29 10.03
N VAL H 38 36.02 -15.40 10.96
CA VAL H 38 35.23 -14.20 11.24
C VAL H 38 35.98 -13.00 10.67
N ARG H 39 35.38 -12.34 9.69
CA ARG H 39 35.98 -11.16 9.10
C ARG H 39 35.68 -9.95 9.98
N LEU H 40 36.74 -9.22 10.36
CA LEU H 40 36.64 -8.07 11.26
C LEU H 40 37.12 -6.83 10.54
N HIS H 41 36.35 -5.75 10.64
CA HIS H 41 36.70 -4.43 10.10
C HIS H 41 37.38 -3.62 11.19
N PHE H 42 38.41 -2.86 10.80
CA PHE H 42 39.06 -1.98 11.78
C PHE H 42 39.66 -0.77 11.06
N VAL H 43 39.80 0.32 11.81
CA VAL H 43 40.40 1.55 11.30
C VAL H 43 41.70 1.77 12.06
N GLU H 44 42.80 2.00 11.32
CA GLU H 44 44.10 2.15 11.93
C GLU H 44 44.82 3.35 11.32
N GLY H 45 45.60 4.01 12.16
CA GLY H 45 46.38 5.16 11.72
C GLY H 45 47.25 5.70 12.84
N GLY H 46 47.62 6.97 12.72
CA GLY H 46 48.44 7.61 13.72
C GLY H 46 49.92 7.30 13.52
N ARG H 47 50.70 7.62 14.55
CA ARG H 47 52.15 7.56 14.44
C ARG H 47 52.62 6.11 14.36
N ALA H 48 53.34 5.78 13.26
CA ALA H 48 53.66 4.39 12.97
C ALA H 48 54.56 3.77 14.04
N ASP H 49 55.53 4.51 14.57
CA ASP H 49 56.44 3.95 15.57
C ASP H 49 56.02 4.28 17.00
N GLY H 50 54.85 4.89 17.18
CA GLY H 50 54.43 5.26 18.50
C GLY H 50 53.89 4.06 19.29
N GLU H 51 53.65 4.28 20.58
CA GLU H 51 52.91 3.29 21.34
C GLU H 51 51.46 3.24 20.85
N THR H 52 50.84 2.09 21.04
CA THR H 52 49.53 1.78 20.47
C THR H 52 48.40 1.98 21.48
N ILE H 53 47.32 2.60 21.03
CA ILE H 53 46.05 2.63 21.74
C ILE H 53 45.03 1.83 20.93
N VAL H 54 44.37 0.88 21.57
CA VAL H 54 43.23 0.18 20.98
C VAL H 54 41.97 0.78 21.56
N LEU H 55 41.01 1.13 20.70
CA LEU H 55 39.79 1.80 21.11
C LEU H 55 38.60 0.89 20.85
N LEU H 56 37.77 0.66 21.88
CA LEU H 56 36.57 -0.18 21.78
C LEU H 56 35.32 0.65 22.07
N ALA H 57 34.32 0.50 21.23
CA ALA H 57 33.05 1.19 21.38
C ALA H 57 31.93 0.20 21.71
N GLY H 58 30.74 0.74 22.02
CA GLY H 58 29.62 -0.06 22.46
C GLY H 58 28.36 0.16 21.64
N PHE H 59 27.22 -0.04 22.30
CA PHE H 59 25.90 -0.05 21.67
C PHE H 59 25.28 1.35 21.73
N PRO H 60 24.63 1.81 20.63
CA PRO H 60 24.52 1.12 19.34
C PRO H 60 25.46 1.71 18.27
N GLU H 61 26.75 1.71 18.58
CA GLU H 61 27.72 2.42 17.75
C GLU H 61 28.73 1.44 17.18
N SER H 62 29.96 1.91 16.94
CA SER H 62 30.96 1.22 16.15
C SER H 62 32.27 1.97 16.36
N TRP H 63 33.33 1.55 15.65
CA TRP H 63 34.58 2.31 15.64
C TRP H 63 34.32 3.79 15.42
N TYR H 64 33.28 4.11 14.65
CA TYR H 64 32.95 5.48 14.27
C TYR H 64 32.73 6.36 15.48
N ALA H 65 32.34 5.77 16.63
CA ALA H 65 32.18 6.58 17.83
C ALA H 65 33.48 7.27 18.24
N TRP H 66 34.63 6.74 17.81
CA TRP H 66 35.90 7.32 18.20
C TRP H 66 36.45 8.35 17.18
N ARG H 67 35.68 8.67 16.14
CA ARG H 67 36.21 9.45 15.03
C ARG H 67 36.70 10.83 15.44
N ARG H 68 36.20 11.39 16.52
CA ARG H 68 36.66 12.70 16.95
C ARG H 68 37.87 12.64 17.87
N VAL H 69 38.10 11.50 18.53
CA VAL H 69 39.25 11.37 19.42
C VAL H 69 40.50 10.97 18.66
N MET H 70 40.33 10.09 17.68
CA MET H 70 41.43 9.51 16.92
C MET H 70 42.38 10.53 16.31
N PRO H 71 41.93 11.56 15.58
CA PRO H 71 42.87 12.55 15.03
C PRO H 71 43.55 13.41 16.09
N LEU H 72 42.96 13.55 17.27
CA LEU H 72 43.62 14.33 18.31
C LEU H 72 44.84 13.61 18.90
N LEU H 73 44.81 12.27 18.95
CA LEU H 73 45.92 11.50 19.50
C LEU H 73 46.86 10.95 18.44
N ALA H 74 46.53 11.09 17.16
CA ALA H 74 47.32 10.45 16.13
C ALA H 74 48.76 10.97 16.08
N ASP H 75 49.01 12.18 16.60
CA ASP H 75 50.36 12.73 16.57
C ASP H 75 51.35 11.88 17.37
N GLU H 76 50.91 11.35 18.51
CA GLU H 76 51.78 10.65 19.42
C GLU H 76 51.61 9.13 19.40
N PHE H 77 50.40 8.64 19.14
CA PHE H 77 50.11 7.22 19.28
C PHE H 77 49.74 6.59 17.94
N ARG H 78 50.08 5.30 17.79
CA ARG H 78 49.47 4.43 16.80
C ARG H 78 48.09 4.03 17.32
N ILE H 79 47.08 4.13 16.48
CA ILE H 79 45.68 4.05 16.93
C ILE H 79 44.98 3.01 16.08
N VAL H 80 44.33 2.06 16.74
CA VAL H 80 43.60 0.96 16.12
C VAL H 80 42.21 0.94 16.73
N ALA H 81 41.19 1.07 15.88
CA ALA H 81 39.80 1.14 16.31
C ALA H 81 39.05 0.04 15.59
N PRO H 82 38.85 -1.12 16.21
CA PRO H 82 38.19 -2.21 15.51
C PRO H 82 36.67 -2.18 15.69
N ASP H 83 35.96 -2.75 14.73
CA ASP H 83 34.58 -3.13 14.96
C ASP H 83 34.61 -4.53 15.58
N LEU H 84 34.14 -4.66 16.81
CA LEU H 84 34.06 -5.98 17.41
C LEU H 84 33.15 -6.88 16.57
N PRO H 85 33.27 -8.20 16.71
CA PRO H 85 32.27 -9.09 16.10
C PRO H 85 30.88 -8.61 16.46
N GLY H 86 29.99 -8.56 15.46
CA GLY H 86 28.65 -8.08 15.71
C GLY H 86 28.45 -6.58 15.67
N GLN H 87 29.48 -5.81 15.35
CA GLN H 87 29.45 -4.36 15.35
C GLN H 87 29.82 -3.85 13.97
N GLY H 88 29.24 -2.71 13.59
CA GLY H 88 29.69 -1.97 12.41
C GLY H 88 29.80 -2.81 11.16
N ASP H 89 30.97 -2.83 10.55
CA ASP H 89 31.17 -3.60 9.34
C ASP H 89 31.83 -4.95 9.58
N SER H 90 32.03 -5.37 10.84
CA SER H 90 32.51 -6.73 11.05
C SER H 90 31.39 -7.74 10.86
N ASP H 91 31.80 -8.99 10.63
CA ASP H 91 30.85 -10.09 10.49
C ASP H 91 30.02 -10.23 11.77
N ARG H 92 28.91 -10.98 11.65
CA ARG H 92 27.98 -11.27 12.74
C ARG H 92 27.88 -12.78 12.92
N PRO H 93 28.79 -13.42 13.65
CA PRO H 93 28.67 -14.86 13.89
C PRO H 93 27.37 -15.19 14.61
N LEU H 94 26.97 -16.47 14.59
CA LEU H 94 25.71 -16.81 15.26
C LEU H 94 25.85 -16.85 16.77
N VAL H 95 27.01 -17.27 17.28
CA VAL H 95 27.24 -17.39 18.70
C VAL H 95 28.60 -16.79 19.01
N GLY H 96 28.95 -16.79 20.28
CA GLY H 96 30.22 -16.29 20.76
C GLY H 96 30.20 -14.88 21.29
N TYR H 97 29.06 -14.40 21.79
CA TYR H 97 28.94 -13.04 22.28
C TYR H 97 29.12 -12.92 23.78
N ASP H 98 29.33 -14.04 24.48
CA ASP H 98 29.93 -13.95 25.81
C ASP H 98 31.26 -13.22 25.71
N THR H 99 31.58 -12.39 26.69
CA THR H 99 32.70 -11.48 26.45
C THR H 99 34.07 -12.17 26.50
N GLN H 100 34.20 -13.36 27.11
CA GLN H 100 35.49 -14.05 27.04
C GLN H 100 35.82 -14.46 25.62
N THR H 101 34.82 -14.97 24.89
CA THR H 101 35.04 -15.34 23.49
C THR H 101 35.29 -14.10 22.63
N VAL H 102 34.54 -13.01 22.86
CA VAL H 102 34.79 -11.78 22.09
C VAL H 102 36.20 -11.27 22.37
N ALA H 103 36.61 -11.24 23.63
CA ALA H 103 37.97 -10.79 23.97
C ALA H 103 39.02 -11.65 23.30
N ALA H 104 38.84 -12.98 23.32
CA ALA H 104 39.82 -13.85 22.65
C ALA H 104 39.85 -13.61 21.14
N THR H 105 38.68 -13.32 20.54
CA THR H 105 38.67 -12.98 19.12
C THR H 105 39.44 -11.70 18.84
N LEU H 106 39.26 -10.69 19.70
CA LEU H 106 40.01 -9.45 19.59
C LEU H 106 41.52 -9.71 19.73
N ALA H 107 41.91 -10.56 20.67
CA ALA H 107 43.33 -10.87 20.85
C ALA H 107 43.92 -11.46 19.58
N ARG H 108 43.18 -12.38 18.94
CA ARG H 108 43.66 -13.00 17.71
C ARG H 108 43.77 -11.99 16.59
N LEU H 109 42.86 -11.02 16.53
CA LEU H 109 42.98 -9.97 15.51
C LEU H 109 44.25 -9.15 15.74
N LEU H 110 44.48 -8.75 16.99
CA LEU H 110 45.65 -7.93 17.29
C LEU H 110 46.94 -8.70 17.06
N GLU H 111 46.96 -9.99 17.39
CA GLU H 111 48.13 -10.83 17.14
C GLU H 111 48.47 -10.86 15.65
N ARG H 112 47.45 -11.05 14.80
CA ARG H 112 47.69 -11.07 13.36
C ARG H 112 48.18 -9.73 12.82
N GLN H 113 47.88 -8.63 13.50
CA GLN H 113 48.36 -7.32 13.12
C GLN H 113 49.63 -6.92 13.87
N ASN H 114 50.30 -7.87 14.54
CA ASN H 114 51.57 -7.62 15.26
C ASN H 114 51.45 -6.53 16.31
N ILE H 115 50.33 -6.49 17.00
CA ILE H 115 50.10 -5.60 18.13
C ILE H 115 50.16 -6.46 19.39
N ALA H 116 51.28 -6.41 20.11
CA ALA H 116 51.50 -7.23 21.29
C ALA H 116 51.27 -6.47 22.59
N ARG H 117 51.52 -5.16 22.63
CA ARG H 117 51.36 -4.38 23.87
C ARG H 117 50.80 -3.02 23.53
N PHE H 118 49.82 -2.56 24.31
CA PHE H 118 49.07 -1.38 23.92
C PHE H 118 48.32 -0.88 25.13
N TYR H 119 47.91 0.39 25.05
CA TYR H 119 46.93 0.95 25.97
C TYR H 119 45.53 0.62 25.46
N LEU H 120 44.60 0.37 26.37
CA LEU H 120 43.24 -0.05 26.01
C LEU H 120 42.25 0.91 26.62
N ALA H 121 41.46 1.58 25.77
CA ALA H 121 40.40 2.47 26.21
C ALA H 121 39.10 1.95 25.63
N ALA H 122 38.06 1.84 26.46
CA ALA H 122 36.85 1.12 26.05
C ALA H 122 35.60 1.78 26.63
N HIS H 123 34.57 1.89 25.80
CA HIS H 123 33.34 2.61 26.14
C HIS H 123 32.14 1.67 26.07
N ASP H 124 31.23 1.79 27.04
CA ASP H 124 29.92 1.10 26.97
C ASP H 124 30.18 -0.41 26.92
N VAL H 125 29.51 -1.16 26.04
CA VAL H 125 29.73 -2.60 25.90
C VAL H 125 31.18 -2.91 25.50
N GLY H 126 31.86 -1.97 24.84
CA GLY H 126 33.30 -2.16 24.63
C GLY H 126 34.03 -2.43 25.93
N ALA H 127 33.64 -1.75 27.00
CA ALA H 127 34.24 -1.99 28.32
C ALA H 127 33.91 -3.38 28.85
N TRP H 128 32.74 -3.94 28.48
CA TRP H 128 32.48 -5.33 28.83
C TRP H 128 33.53 -6.25 28.22
N VAL H 129 34.00 -5.92 27.03
CA VAL H 129 35.00 -6.76 26.38
C VAL H 129 36.37 -6.51 27.01
N ALA H 130 36.63 -5.24 27.39
CA ALA H 130 37.94 -4.85 27.88
C ALA H 130 38.31 -5.52 29.19
N TYR H 131 37.34 -5.74 30.09
CA TYR H 131 37.68 -6.28 31.41
C TYR H 131 38.20 -7.72 31.31
N PRO H 132 37.47 -8.69 30.73
CA PRO H 132 38.06 -10.02 30.58
C PRO H 132 39.29 -10.02 29.72
N PHE H 133 39.39 -9.12 28.72
CA PHE H 133 40.63 -9.01 27.95
C PHE H 133 41.78 -8.67 28.87
N ALA H 134 41.61 -7.64 29.68
CA ALA H 134 42.67 -7.22 30.58
C ALA H 134 42.99 -8.30 31.59
N ALA H 135 41.98 -9.06 32.02
CA ALA H 135 42.19 -10.13 32.99
C ALA H 135 42.92 -11.32 32.38
N MET H 136 42.63 -11.66 31.12
CA MET H 136 43.23 -12.82 30.48
C MET H 136 44.59 -12.55 29.86
N TYR H 137 44.84 -11.32 29.38
CA TYR H 137 46.10 -10.97 28.72
C TYR H 137 46.75 -9.76 29.39
N PRO H 138 47.01 -9.83 30.69
CA PRO H 138 47.57 -8.67 31.39
C PRO H 138 48.89 -8.17 30.88
N GLU H 139 49.67 -9.02 30.26
CA GLU H 139 50.94 -8.65 29.70
C GLU H 139 50.84 -7.79 28.42
N SER H 140 49.68 -7.73 27.79
CA SER H 140 49.44 -6.93 26.63
C SER H 140 48.78 -5.59 26.93
N VAL H 141 48.18 -5.42 28.09
CA VAL H 141 47.47 -4.18 28.35
C VAL H 141 48.34 -3.38 29.30
N LYS H 142 49.00 -2.35 28.79
CA LYS H 142 49.85 -1.53 29.63
C LYS H 142 49.03 -0.79 30.66
N ARG H 143 47.96 -0.12 30.21
CA ARG H 143 47.03 0.55 31.09
C ARG H 143 45.64 0.45 30.48
N LEU H 144 44.61 0.58 31.31
CA LEU H 144 43.24 0.35 30.88
C LEU H 144 42.40 1.58 31.21
N ALA H 145 41.58 2.04 30.26
CA ALA H 145 40.61 3.09 30.59
C ALA H 145 39.21 2.61 30.27
N LEU H 146 38.31 2.70 31.24
CA LEU H 146 36.93 2.27 31.05
C LEU H 146 36.03 3.50 31.16
N LEU H 147 35.18 3.70 30.18
CA LEU H 147 34.36 4.88 30.14
C LEU H 147 32.85 4.68 30.26
N ASP H 148 32.27 5.21 31.33
CA ASP H 148 30.83 5.23 31.59
C ASP H 148 30.18 3.89 31.26
N ALA H 149 30.59 2.87 32.02
CA ALA H 149 30.07 1.53 31.79
C ALA H 149 30.24 0.70 33.04
N GLY H 150 29.25 -0.15 33.25
CA GLY H 150 29.40 -1.23 34.21
C GLY H 150 29.91 -2.50 33.53
N ILE H 151 30.60 -3.35 34.31
CA ILE H 151 31.12 -4.60 33.80
C ILE H 151 30.28 -5.74 34.37
N PRO H 152 29.70 -6.58 33.49
CA PRO H 152 28.83 -7.69 33.92
C PRO H 152 29.46 -8.57 35.01
N GLY H 153 28.68 -8.84 36.08
CA GLY H 153 29.12 -9.78 37.10
C GLY H 153 30.14 -9.25 38.10
N VAL H 154 30.62 -8.03 37.86
CA VAL H 154 31.61 -7.38 38.71
C VAL H 154 31.19 -5.99 39.20
N THR H 155 30.94 -5.05 38.30
CA THR H 155 30.55 -3.71 38.74
C THR H 155 29.15 -3.34 38.30
N LEU H 156 28.65 -3.97 37.27
CA LEU H 156 27.27 -3.82 36.87
C LEU H 156 26.38 -4.52 37.88
N PRO H 157 25.47 -3.80 38.54
CA PRO H 157 24.60 -4.41 39.55
C PRO H 157 23.66 -5.47 38.98
N ALA H 158 23.23 -6.38 39.85
CA ALA H 158 22.29 -7.41 39.43
C ALA H 158 20.87 -6.88 39.25
N ALA H 159 20.56 -5.71 39.82
CA ALA H 159 19.27 -5.05 39.61
C ALA H 159 19.52 -3.58 39.31
N LEU H 160 18.68 -3.01 38.45
CA LEU H 160 18.87 -1.63 38.01
C LEU H 160 17.64 -0.77 38.28
N PRO H 161 17.84 0.54 38.52
CA PRO H 161 16.77 1.38 39.04
C PRO H 161 15.63 1.51 38.08
N ILE H 162 14.47 1.82 38.68
CA ILE H 162 13.20 1.94 37.98
C ILE H 162 12.41 3.21 38.26
N GLU H 163 12.91 4.10 39.11
CA GLU H 163 12.24 5.35 39.33
C GLU H 163 12.28 6.15 38.03
N PRO H 164 11.16 6.73 37.60
CA PRO H 164 11.23 7.68 36.46
C PRO H 164 12.16 8.80 36.86
N GLY H 165 13.19 9.00 36.04
CA GLY H 165 14.29 9.90 36.36
C GLY H 165 15.63 9.27 36.17
N ASN H 166 15.70 7.99 36.40
CA ASN H 166 16.92 7.28 36.14
C ASN H 166 16.57 6.01 35.42
N ALA H 167 15.28 5.73 35.22
CA ALA H 167 14.95 4.41 34.68
C ALA H 167 15.20 4.39 33.20
N TRP H 168 14.98 5.54 32.56
CA TRP H 168 15.24 5.65 31.15
C TRP H 168 16.71 5.41 30.83
N ARG H 169 17.61 5.56 31.81
CA ARG H 169 19.04 5.34 31.53
C ARG H 169 19.39 3.87 31.35
N THR H 170 18.62 2.95 31.95
CA THR H 170 18.98 1.54 31.97
C THR H 170 17.83 0.62 31.56
N TRP H 171 16.68 1.15 31.15
CA TRP H 171 15.55 0.29 30.84
C TRP H 171 15.91 -0.73 29.76
N HIS H 172 16.79 -0.37 28.85
CA HIS H 172 17.05 -1.22 27.69
C HIS H 172 17.74 -2.53 28.04
N PHE H 173 18.51 -2.54 29.13
N PHE H 173 18.50 -2.55 29.13
CA PHE H 173 19.22 -3.75 29.57
CA PHE H 173 19.21 -3.75 29.53
C PHE H 173 18.31 -4.97 29.64
C PHE H 173 18.32 -4.97 29.65
N ALA H 174 17.31 -4.89 30.49
CA ALA H 174 16.39 -6.01 30.64
C ALA H 174 15.63 -6.29 29.34
N PHE H 175 15.19 -5.24 28.64
CA PHE H 175 14.45 -5.40 27.38
C PHE H 175 15.26 -6.22 26.39
N HIS H 176 16.54 -5.90 26.25
CA HIS H 176 17.34 -6.60 25.26
C HIS H 176 17.50 -8.09 25.57
N THR H 177 17.37 -8.50 26.84
CA THR H 177 17.52 -9.92 27.16
C THR H 177 16.33 -10.74 26.72
N VAL H 178 15.19 -10.08 26.46
CA VAL H 178 13.99 -10.81 26.07
C VAL H 178 14.15 -11.35 24.66
N ALA H 179 13.81 -12.62 24.46
CA ALA H 179 13.85 -13.23 23.14
C ALA H 179 12.70 -12.72 22.25
N ASP H 180 13.04 -12.40 20.99
CA ASP H 180 12.09 -12.15 19.88
C ASP H 180 11.23 -10.88 19.99
N LEU H 181 10.75 -10.52 21.19
CA LEU H 181 9.96 -9.30 21.28
C LEU H 181 10.72 -8.04 20.85
N PRO H 182 12.00 -7.83 21.22
CA PRO H 182 12.66 -6.59 20.75
C PRO H 182 12.72 -6.49 19.23
N GLU H 183 13.05 -7.57 18.53
CA GLU H 183 13.01 -7.54 17.07
C GLU H 183 11.61 -7.17 16.57
N THR H 184 10.57 -7.74 17.18
CA THR H 184 9.20 -7.47 16.76
C THR H 184 8.81 -6.02 16.98
N LEU H 185 9.20 -5.43 18.11
CA LEU H 185 8.79 -4.06 18.34
C LEU H 185 9.64 -3.06 17.57
N ILE H 186 10.94 -3.33 17.40
CA ILE H 186 11.83 -2.37 16.76
C ILE H 186 11.67 -2.35 15.24
N ALA H 187 11.14 -3.43 14.66
CA ALA H 187 11.00 -3.54 13.20
C ALA H 187 10.24 -2.35 12.62
N GLY H 188 10.81 -1.74 11.57
CA GLY H 188 10.19 -0.57 10.98
C GLY H 188 10.37 0.71 11.78
N LYS H 189 11.00 0.64 12.97
CA LYS H 189 11.27 1.85 13.75
C LYS H 189 12.74 1.97 14.11
N GLU H 190 13.60 1.43 13.24
CA GLU H 190 15.02 1.37 13.57
C GLU H 190 15.60 2.78 13.78
N ARG H 191 15.30 3.72 12.89
CA ARG H 191 15.83 5.06 13.07
C ARG H 191 15.27 5.72 14.33
N GLU H 192 13.97 5.52 14.61
CA GLU H 192 13.39 6.04 15.86
C GLU H 192 14.12 5.46 17.09
N TYR H 193 14.44 4.16 17.05
CA TYR H 193 15.13 3.53 18.18
C TYR H 193 16.54 4.10 18.34
N LEU H 194 17.30 4.15 17.24
CA LEU H 194 18.66 4.70 17.29
C LEU H 194 18.64 6.15 17.72
N ASP H 195 17.78 6.95 17.09
CA ASP H 195 17.72 8.36 17.42
C ASP H 195 17.46 8.57 18.91
N TRP H 196 16.54 7.79 19.50
CA TRP H 196 16.28 7.94 20.93
C TRP H 196 17.54 7.66 21.74
N PHE H 197 18.22 6.56 21.45
CA PHE H 197 19.40 6.18 22.24
C PHE H 197 20.48 7.24 22.19
N LEU H 198 20.84 7.69 20.99
CA LEU H 198 21.95 8.62 20.87
C LEU H 198 21.60 10.00 21.41
N ARG H 199 20.47 10.55 21.01
CA ARG H 199 20.20 11.94 21.33
C ARG H 199 19.61 12.13 22.73
N ARG H 200 18.88 11.15 23.26
CA ARG H 200 18.32 11.33 24.59
C ARG H 200 19.39 11.20 25.67
N LYS H 201 20.47 10.47 25.38
CA LYS H 201 21.52 10.21 26.36
C LYS H 201 22.71 11.17 26.29
N ALA H 202 22.76 12.06 25.31
CA ALA H 202 23.81 13.06 25.23
C ALA H 202 23.42 14.30 26.01
N ALA H 203 24.45 15.02 26.50
CA ALA H 203 24.16 16.30 27.15
C ALA H 203 23.59 17.29 26.15
N ASN H 204 24.10 17.31 24.93
CA ASN H 204 23.61 18.19 23.86
C ASN H 204 23.32 17.31 22.65
N PRO H 205 22.06 17.20 22.21
CA PRO H 205 21.75 16.30 21.10
C PRO H 205 22.40 16.71 19.79
N GLU H 206 22.80 17.96 19.64
CA GLU H 206 23.50 18.30 18.43
C GLU H 206 24.91 17.72 18.38
N SER H 207 25.36 16.99 19.41
CA SER H 207 26.60 16.21 19.29
C SER H 207 26.50 15.13 18.23
N PHE H 208 25.29 14.74 17.82
CA PHE H 208 25.06 13.81 16.72
C PHE H 208 24.37 14.55 15.58
N SER H 209 25.03 14.63 14.43
CA SER H 209 24.40 15.14 13.23
C SER H 209 23.48 14.09 12.61
N ASP H 210 22.65 14.53 11.65
CA ASP H 210 21.84 13.61 10.86
C ASP H 210 22.69 12.59 10.13
N ALA H 211 23.80 13.03 9.56
CA ALA H 211 24.69 12.12 8.87
C ALA H 211 25.31 11.11 9.84
N ASP H 212 25.56 11.52 11.09
CA ASP H 212 26.03 10.56 12.09
C ASP H 212 24.98 9.49 12.36
N VAL H 213 23.73 9.90 12.54
CA VAL H 213 22.66 8.93 12.73
C VAL H 213 22.54 8.04 11.51
N ASP H 214 22.66 8.62 10.32
CA ASP H 214 22.62 7.83 9.10
C ASP H 214 23.67 6.73 9.11
N GLU H 215 24.89 7.04 9.56
CA GLU H 215 25.93 6.01 9.58
C GLU H 215 25.60 4.90 10.58
N TYR H 216 25.15 5.26 11.78
CA TYR H 216 24.79 4.23 12.74
C TYR H 216 23.60 3.42 12.25
N LEU H 217 22.64 4.06 11.55
CA LEU H 217 21.51 3.31 10.98
C LEU H 217 21.97 2.34 9.91
N ARG H 218 22.92 2.73 9.07
CA ARG H 218 23.44 1.83 8.06
C ARG H 218 23.94 0.52 8.68
N VAL H 219 24.75 0.60 9.72
CA VAL H 219 25.28 -0.65 10.28
C VAL H 219 24.26 -1.33 11.17
N PHE H 220 23.32 -0.58 11.73
CA PHE H 220 22.23 -1.15 12.53
C PHE H 220 21.29 -2.03 11.70
N THR H 221 20.90 -1.57 10.51
CA THR H 221 19.91 -2.26 9.68
C THR H 221 20.55 -3.28 8.77
N ARG H 222 21.87 -3.32 8.75
CA ARG H 222 22.54 -4.26 7.89
C ARG H 222 22.47 -5.63 8.48
N ASP H 223 22.57 -6.64 7.63
CA ASP H 223 22.34 -8.05 7.89
C ASP H 223 22.78 -8.48 9.29
N GLY H 224 21.82 -8.88 10.12
CA GLY H 224 22.16 -9.37 11.42
C GLY H 224 22.58 -8.30 12.39
N GLY H 225 22.44 -7.03 12.02
CA GLY H 225 22.90 -5.96 12.89
C GLY H 225 22.19 -5.94 14.24
N LEU H 226 20.85 -5.91 14.20
CA LEU H 226 20.09 -5.91 15.46
C LEU H 226 20.29 -7.19 16.23
N ARG H 227 20.24 -8.33 15.55
CA ARG H 227 20.46 -9.61 16.20
C ARG H 227 21.76 -9.61 17.00
N ALA H 228 22.85 -9.13 16.38
CA ALA H 228 24.17 -9.18 16.99
C ALA H 228 24.30 -8.17 18.14
N GLY H 229 23.76 -6.97 17.94
CA GLY H 229 23.76 -6.00 19.03
C GLY H 229 23.02 -6.52 20.25
N LEU H 230 21.85 -7.13 20.04
CA LEU H 230 21.11 -7.68 21.16
C LEU H 230 21.84 -8.87 21.77
N ALA H 231 22.58 -9.63 20.96
CA ALA H 231 23.21 -10.85 21.45
C ALA H 231 24.17 -10.57 22.61
N PHE H 232 24.85 -9.41 22.60
CA PHE H 232 25.72 -9.04 23.74
C PHE H 232 24.92 -8.97 25.04
N TYR H 233 23.71 -8.38 25.01
CA TYR H 233 22.91 -8.32 26.23
C TYR H 233 22.36 -9.71 26.60
N ARG H 234 22.08 -10.54 25.61
CA ARG H 234 21.47 -11.83 25.90
C ARG H 234 22.46 -12.82 26.52
N ALA H 235 23.75 -12.63 26.29
CA ALA H 235 24.79 -13.50 26.83
C ALA H 235 25.34 -12.96 28.13
N VAL H 236 24.73 -11.92 28.65
CA VAL H 236 25.23 -11.28 29.83
C VAL H 236 25.37 -12.14 31.06
N SER H 237 24.52 -13.12 31.25
CA SER H 237 24.65 -13.95 32.44
C SER H 237 25.89 -14.84 32.32
N GLU H 238 26.14 -15.38 31.12
CA GLU H 238 27.38 -16.13 30.87
C GLU H 238 28.60 -15.23 31.01
N SER H 239 28.49 -14.00 30.51
CA SER H 239 29.57 -13.05 30.60
C SER H 239 29.85 -12.72 32.07
N SER H 240 28.78 -12.54 32.85
CA SER H 240 28.92 -12.27 34.29
C SER H 240 29.61 -13.43 35.00
N ALA H 241 29.17 -14.65 34.73
CA ALA H 241 29.81 -15.79 35.40
C ALA H 241 31.29 -15.89 35.03
N GLN H 242 31.64 -15.67 33.76
CA GLN H 242 33.04 -15.69 33.37
C GLN H 242 33.84 -14.65 34.14
N ASN H 243 33.32 -13.42 34.23
CA ASN H 243 34.07 -12.36 34.87
C ASN H 243 34.28 -12.61 36.37
N ARG H 244 33.33 -13.25 37.06
CA ARG H 244 33.58 -13.49 38.48
C ARG H 244 34.65 -14.54 38.63
N LYS H 245 34.67 -15.54 37.74
CA LYS H 245 35.73 -16.54 37.78
C LYS H 245 37.08 -15.85 37.65
N LEU H 246 37.19 -14.87 36.74
CA LEU H 246 38.43 -14.12 36.60
C LEU H 246 38.65 -13.15 37.77
N GLN H 247 37.60 -12.44 38.20
CA GLN H 247 37.74 -11.44 39.26
C GLN H 247 38.14 -12.05 40.60
N ALA H 248 37.77 -13.29 40.83
CA ALA H 248 38.24 -13.95 42.04
C ALA H 248 39.70 -14.39 41.95
N LEU H 249 40.30 -14.45 40.76
CA LEU H 249 41.70 -14.85 40.56
C LEU H 249 42.71 -13.73 40.81
N GLY H 250 42.26 -12.60 41.33
CA GLY H 250 43.15 -11.52 41.61
C GLY H 250 42.67 -10.26 40.95
N LYS H 251 43.10 -9.15 41.51
CA LYS H 251 42.73 -7.88 40.93
C LYS H 251 43.50 -7.66 39.63
N LEU H 252 42.96 -6.79 38.78
CA LEU H 252 43.73 -6.37 37.63
C LEU H 252 45.05 -5.77 38.09
N LYS H 253 46.08 -6.09 37.36
CA LYS H 253 47.41 -5.68 37.64
C LYS H 253 47.81 -4.31 37.12
N MET H 254 47.36 -3.95 35.93
CA MET H 254 47.78 -2.67 35.36
C MET H 254 46.94 -1.50 35.87
N PRO H 255 47.45 -0.27 35.80
CA PRO H 255 46.65 0.90 36.18
C PRO H 255 45.36 1.03 35.36
N VAL H 256 44.30 1.45 36.04
CA VAL H 256 42.96 1.55 35.47
C VAL H 256 42.46 2.97 35.67
N LEU H 257 42.00 3.59 34.59
CA LEU H 257 41.38 4.90 34.63
C LEU H 257 39.87 4.73 34.51
N ALA H 258 39.14 5.15 35.54
CA ALA H 258 37.68 5.09 35.56
C ALA H 258 37.14 6.45 35.11
N VAL H 259 36.61 6.53 33.90
CA VAL H 259 36.19 7.81 33.34
C VAL H 259 34.67 7.92 33.44
N SER H 260 34.21 8.89 34.22
CA SER H 260 32.81 9.26 34.38
C SER H 260 32.49 10.48 33.53
N ALA H 261 31.19 10.69 33.34
CA ALA H 261 30.67 11.91 32.75
C ALA H 261 29.65 12.52 33.71
N ASP H 262 29.68 13.85 33.83
CA ASP H 262 28.84 14.50 34.83
C ASP H 262 27.35 14.28 34.57
N GLN H 263 26.97 14.06 33.30
CA GLN H 263 25.59 13.67 32.98
C GLN H 263 25.52 12.27 32.40
N GLY H 264 26.49 11.41 32.74
CA GLY H 264 26.55 10.09 32.16
C GLY H 264 25.53 9.12 32.75
N SER H 265 25.59 7.87 32.28
CA SER H 265 24.63 6.85 32.71
C SER H 265 24.95 6.31 34.10
N ILE H 266 26.21 6.34 34.50
CA ILE H 266 26.65 5.66 35.72
C ILE H 266 27.04 6.69 36.78
N PRO H 267 26.42 6.64 37.96
CA PRO H 267 26.72 7.67 38.97
C PRO H 267 28.15 7.66 39.47
N ASP H 268 28.75 6.50 39.75
CA ASP H 268 30.11 6.43 40.29
C ASP H 268 30.88 5.31 39.60
N MET H 269 31.92 5.67 38.83
CA MET H 269 32.72 4.64 38.16
C MET H 269 33.86 4.13 39.04
N ALA H 270 34.62 5.04 39.66
CA ALA H 270 35.83 4.63 40.38
C ALA H 270 35.50 3.78 41.59
N GLY H 271 34.43 4.10 42.31
CA GLY H 271 34.07 3.39 43.51
C GLY H 271 34.04 1.89 43.33
N PRO H 272 33.14 1.40 42.49
CA PRO H 272 33.10 -0.06 42.28
C PRO H 272 34.36 -0.63 41.67
N LEU H 273 35.11 0.13 40.88
CA LEU H 273 36.27 -0.46 40.22
C LEU H 273 37.45 -0.74 41.17
N GLU H 274 37.48 -0.11 42.36
CA GLU H 274 38.56 -0.36 43.34
C GLU H 274 38.65 -1.81 43.84
N HIS H 275 37.59 -2.58 43.61
CA HIS H 275 37.55 -3.98 44.04
C HIS H 275 38.11 -4.93 43.00
N VAL H 276 38.30 -4.43 41.77
CA VAL H 276 38.82 -5.27 40.70
C VAL H 276 40.21 -4.87 40.24
N ALA H 277 40.70 -3.70 40.62
CA ALA H 277 42.01 -3.26 40.17
C ALA H 277 42.78 -2.71 41.34
N GLU H 278 44.10 -2.91 41.31
CA GLU H 278 44.94 -2.49 42.42
C GLU H 278 45.09 -0.99 42.44
N GLU H 279 45.15 -0.35 41.27
CA GLU H 279 45.38 1.09 41.16
C GLU H 279 44.34 1.71 40.24
N VAL H 280 43.40 2.45 40.83
CA VAL H 280 42.28 3.06 40.11
C VAL H 280 42.42 4.57 40.21
N THR H 281 42.45 5.23 39.07
CA THR H 281 42.45 6.69 38.97
C THR H 281 41.08 7.16 38.47
N ALA H 282 40.56 8.22 39.07
CA ALA H 282 39.23 8.72 38.76
C ALA H 282 39.32 9.96 37.89
N ALA H 283 38.41 10.06 36.93
CA ALA H 283 38.30 11.24 36.09
C ALA H 283 36.84 11.46 35.73
N THR H 284 36.40 12.71 35.79
CA THR H 284 35.05 13.06 35.39
C THR H 284 35.12 14.06 34.26
N ILE H 285 34.43 13.75 33.17
CA ILE H 285 34.36 14.65 32.03
C ILE H 285 33.15 15.53 32.20
N ALA H 286 33.36 16.84 32.18
CA ALA H 286 32.28 17.80 32.41
C ALA H 286 31.54 18.10 31.12
N TYR H 287 30.25 18.42 31.26
CA TYR H 287 29.36 18.79 30.15
C TYR H 287 29.26 17.65 29.14
N SER H 288 29.06 16.44 29.64
CA SER H 288 29.01 15.28 28.77
C SER H 288 27.96 14.30 29.27
N GLY H 289 27.16 13.80 28.35
CA GLY H 289 26.33 12.64 28.60
C GLY H 289 27.15 11.38 28.43
N HIS H 290 26.43 10.30 28.15
CA HIS H 290 27.01 8.97 28.08
C HIS H 290 28.05 8.81 26.98
N PHE H 291 27.95 9.58 25.89
CA PHE H 291 28.77 9.38 24.70
C PHE H 291 30.03 10.25 24.72
N ILE H 292 30.86 10.04 25.77
CA ILE H 292 32.02 10.92 26.00
C ILE H 292 32.89 11.11 24.77
N PRO H 293 33.30 10.05 24.04
CA PRO H 293 34.19 10.28 22.89
C PRO H 293 33.60 11.21 21.84
N GLU H 294 32.28 11.26 21.70
CA GLU H 294 31.69 12.15 20.70
C GLU H 294 31.31 13.50 21.25
N GLU H 295 30.96 13.55 22.54
CA GLU H 295 30.47 14.79 23.14
C GLU H 295 31.60 15.70 23.62
N GLN H 296 32.66 15.14 24.22
CA GLN H 296 33.78 15.94 24.71
C GLN H 296 35.10 15.32 24.28
N PRO H 297 35.36 15.28 22.97
CA PRO H 297 36.56 14.58 22.49
C PRO H 297 37.86 15.21 22.95
N GLN H 298 37.92 16.53 23.05
CA GLN H 298 39.18 17.14 23.44
C GLN H 298 39.49 16.84 24.89
N ALA H 299 38.51 17.05 25.77
CA ALA H 299 38.73 16.75 27.18
C ALA H 299 39.09 15.28 27.36
N LEU H 300 38.40 14.37 26.67
CA LEU H 300 38.71 12.95 26.82
C LEU H 300 40.11 12.64 26.28
N ALA H 301 40.47 13.19 25.13
CA ALA H 301 41.80 12.90 24.58
C ALA H 301 42.90 13.36 25.52
N ARG H 302 42.71 14.50 26.19
CA ARG H 302 43.71 14.97 27.14
C ARG H 302 43.86 14.00 28.30
N GLU H 303 42.73 13.52 28.84
CA GLU H 303 42.78 12.55 29.93
C GLU H 303 43.47 11.27 29.48
N LEU H 304 43.15 10.78 28.27
CA LEU H 304 43.78 9.56 27.81
C LEU H 304 45.28 9.77 27.58
N ARG H 305 45.66 10.86 26.92
CA ARG H 305 47.08 11.12 26.65
C ARG H 305 47.87 11.24 27.95
N ASP H 306 47.27 11.90 28.95
CA ASP H 306 47.94 12.11 30.22
C ASP H 306 48.10 10.81 31.01
N PHE H 307 47.11 9.92 30.93
CA PHE H 307 47.15 8.65 31.65
C PHE H 307 47.97 7.59 30.91
N PHE H 308 47.99 7.61 29.58
CA PHE H 308 48.61 6.52 28.83
C PHE H 308 50.11 6.79 28.68
N ARG H 309 50.80 6.67 29.81
CA ARG H 309 52.14 7.24 29.95
C ARG H 309 53.02 6.33 30.79
N THR I 16 34.21 23.13 28.58
CA THR I 16 33.20 23.93 27.89
C THR I 16 32.12 23.09 27.27
N PRO I 17 30.87 23.48 27.48
CA PRO I 17 29.77 22.76 26.81
C PRO I 17 29.82 23.02 25.31
N TYR I 18 29.34 22.05 24.55
CA TYR I 18 29.24 22.25 23.11
C TYR I 18 28.16 23.27 22.81
N PHE I 19 28.47 24.21 21.93
CA PHE I 19 27.48 25.13 21.37
C PHE I 19 27.78 25.27 19.88
N ARG I 20 26.80 25.79 19.14
CA ARG I 20 26.89 25.83 17.69
C ARG I 20 26.42 27.19 17.19
N GLU I 21 27.18 27.78 16.26
CA GLU I 21 26.78 29.05 15.68
C GLU I 21 25.58 28.85 14.75
N ASP I 22 24.62 29.75 14.83
CA ASP I 22 23.52 29.67 13.91
C ASP I 22 24.02 29.95 12.50
N PRO I 23 23.67 29.12 11.52
CA PRO I 23 24.21 29.33 10.16
C PRO I 23 23.75 30.63 9.55
N ARG I 24 22.73 31.25 10.11
CA ARG I 24 22.18 32.49 9.57
C ARG I 24 22.23 33.67 10.49
N LEU I 25 21.89 33.50 11.73
CA LEU I 25 21.94 34.66 12.64
C LEU I 25 23.36 34.75 13.16
N THR I 26 24.16 35.55 12.47
CA THR I 26 25.54 35.74 12.87
C THR I 26 25.57 36.31 14.28
N GLY I 27 26.42 35.73 15.12
CA GLY I 27 26.54 36.14 16.49
C GLY I 27 25.60 35.45 17.46
N PHE I 28 24.75 34.56 16.98
CA PHE I 28 23.86 33.80 17.85
C PHE I 28 24.30 32.35 17.88
N ARG I 29 24.27 31.76 19.08
CA ARG I 29 24.75 30.41 19.33
C ARG I 29 23.63 29.55 19.92
N HIS I 30 23.54 28.30 19.48
CA HIS I 30 22.59 27.34 20.03
C HIS I 30 23.21 26.62 21.22
N ARG I 31 22.48 26.54 22.31
CA ARG I 31 22.96 25.90 23.52
C ARG I 31 21.89 24.99 24.11
N PHE I 32 22.33 24.07 24.93
CA PHE I 32 21.46 23.25 25.75
C PHE I 32 21.95 23.28 27.18
N ASP I 33 21.00 23.31 28.11
CA ASP I 33 21.33 23.16 29.52
C ASP I 33 20.27 22.29 30.16
N THR I 34 20.67 21.49 31.13
CA THR I 34 19.79 20.58 31.83
C THR I 34 19.42 21.20 33.17
N VAL I 35 18.12 21.34 33.40
CA VAL I 35 17.53 21.95 34.57
C VAL I 35 16.66 20.90 35.24
N ASP I 36 17.12 20.36 36.37
CA ASP I 36 16.43 19.29 37.10
C ASP I 36 15.96 18.17 36.18
N GLY I 37 16.89 17.62 35.42
CA GLY I 37 16.57 16.53 34.52
C GLY I 37 16.00 16.91 33.17
N VAL I 38 15.61 18.18 33.07
CA VAL I 38 15.00 18.77 31.89
C VAL I 38 15.91 19.73 31.13
N ARG I 39 16.27 19.21 29.95
CA ARG I 39 17.11 19.84 28.97
C ARG I 39 16.23 20.80 28.20
N LEU I 40 16.79 21.98 28.04
CA LEU I 40 16.20 23.11 27.38
C LEU I 40 17.20 23.60 26.35
N HIS I 41 16.69 23.83 25.14
CA HIS I 41 17.43 24.44 24.05
C HIS I 41 17.20 25.94 24.10
N PHE I 42 18.23 26.72 23.78
CA PHE I 42 18.06 28.16 23.68
C PHE I 42 19.10 28.73 22.73
N VAL I 43 18.77 29.89 22.17
CA VAL I 43 19.66 30.63 21.28
C VAL I 43 20.00 31.94 21.98
N GLU I 44 21.27 32.28 22.02
CA GLU I 44 21.71 33.48 22.73
C GLU I 44 22.70 34.24 21.86
N GLY I 45 22.66 35.55 21.97
CA GLY I 45 23.54 36.40 21.18
C GLY I 45 23.34 37.87 21.50
N GLY I 46 23.69 38.72 20.54
CA GLY I 46 23.54 40.13 20.74
C GLY I 46 24.73 40.77 21.43
N ARG I 47 24.52 42.01 21.87
CA ARG I 47 25.63 42.82 22.39
C ARG I 47 26.02 42.28 23.77
N ALA I 48 27.31 41.93 23.92
CA ALA I 48 27.78 41.27 25.13
C ALA I 48 27.54 42.11 26.38
N ASP I 49 27.66 43.42 26.27
CA ASP I 49 27.52 44.34 27.39
C ASP I 49 26.11 44.92 27.53
N GLY I 50 25.18 44.52 26.69
CA GLY I 50 23.88 45.14 26.68
C GLY I 50 22.96 44.66 27.77
N GLU I 51 21.83 45.33 27.85
CA GLU I 51 20.78 44.93 28.73
C GLU I 51 20.15 43.69 28.07
N THR I 52 19.58 42.82 28.87
CA THR I 52 19.12 41.53 28.37
C THR I 52 17.63 41.57 28.07
N ILE I 53 17.25 41.05 26.90
CA ILE I 53 15.88 40.75 26.56
C ILE I 53 15.73 39.23 26.46
N VAL I 54 14.72 38.69 27.13
CA VAL I 54 14.32 37.30 26.99
C VAL I 54 13.05 37.24 26.14
N LEU I 55 13.03 36.33 25.15
CA LEU I 55 11.93 36.21 24.18
C LEU I 55 11.29 34.84 24.27
N LEU I 56 9.98 34.82 24.47
CA LEU I 56 9.21 33.58 24.60
C LEU I 56 8.20 33.48 23.46
N ALA I 57 8.13 32.31 22.84
CA ALA I 57 7.21 32.08 21.75
C ALA I 57 6.12 31.10 22.19
N GLY I 58 5.16 30.86 21.29
CA GLY I 58 4.04 30.02 21.62
C GLY I 58 3.81 28.94 20.57
N PHE I 59 2.55 28.53 20.47
CA PHE I 59 2.06 27.43 19.64
C PHE I 59 1.65 27.98 18.29
N PRO I 60 1.98 27.28 17.19
CA PRO I 60 2.77 26.05 17.16
C PRO I 60 4.22 26.30 16.75
N GLU I 61 4.89 27.18 17.49
CA GLU I 61 6.20 27.63 17.07
C GLU I 61 7.23 27.31 18.13
N SER I 62 8.27 28.12 18.21
CA SER I 62 9.51 27.86 18.93
C SER I 62 10.28 29.16 18.96
N TRP I 63 11.50 29.13 19.51
CA TRP I 63 12.40 30.29 19.44
C TRP I 63 12.48 30.85 18.03
N TYR I 64 12.38 29.97 17.03
CA TYR I 64 12.52 30.35 15.64
C TYR I 64 11.55 31.47 15.24
N ALA I 65 10.44 31.63 15.97
CA ALA I 65 9.52 32.71 15.66
C ALA I 65 10.14 34.09 15.78
N TRP I 66 11.21 34.22 16.57
CA TRP I 66 11.86 35.50 16.82
C TRP I 66 13.03 35.75 15.90
N ARG I 67 13.25 34.86 14.91
CA ARG I 67 14.47 34.90 14.13
C ARG I 67 14.63 36.20 13.35
N ARG I 68 13.53 36.88 13.03
CA ARG I 68 13.65 38.12 12.28
C ARG I 68 13.76 39.34 13.20
N VAL I 69 13.32 39.25 14.45
CA VAL I 69 13.46 40.37 15.38
C VAL I 69 14.84 40.37 16.01
N MET I 70 15.37 39.17 16.31
CA MET I 70 16.63 39.04 17.05
C MET I 70 17.79 39.82 16.44
N PRO I 71 18.08 39.72 15.13
CA PRO I 71 19.20 40.52 14.59
C PRO I 71 18.92 42.02 14.60
N LEU I 72 17.66 42.45 14.61
CA LEU I 72 17.39 43.89 14.61
C LEU I 72 17.72 44.51 15.96
N LEU I 73 17.61 43.75 17.05
CA LEU I 73 17.92 44.24 18.39
C LEU I 73 19.34 43.88 18.85
N ALA I 74 20.08 43.11 18.05
CA ALA I 74 21.36 42.58 18.53
C ALA I 74 22.39 43.69 18.73
N ASP I 75 22.25 44.80 18.02
CA ASP I 75 23.20 45.91 18.16
C ASP I 75 23.20 46.48 19.58
N GLU I 76 22.03 46.51 20.21
CA GLU I 76 21.88 47.19 21.49
C GLU I 76 21.68 46.26 22.66
N PHE I 77 20.93 45.20 22.47
CA PHE I 77 20.63 44.29 23.55
C PHE I 77 21.28 42.95 23.43
N ARG I 78 21.29 42.22 24.54
CA ARG I 78 21.80 40.86 24.69
C ARG I 78 20.50 40.05 24.68
N ILE I 79 20.43 39.00 23.86
CA ILE I 79 19.17 38.38 23.58
C ILE I 79 19.25 36.92 23.86
N VAL I 80 18.28 36.44 24.61
CA VAL I 80 18.18 35.05 24.97
C VAL I 80 16.81 34.59 24.54
N ALA I 81 16.76 33.61 23.66
CA ALA I 81 15.49 33.08 23.16
C ALA I 81 15.41 31.58 23.41
N PRO I 82 14.78 31.14 24.50
CA PRO I 82 14.70 29.70 24.79
C PRO I 82 13.45 29.04 24.23
N ASP I 83 13.60 27.75 23.94
CA ASP I 83 12.48 26.84 23.75
C ASP I 83 12.00 26.42 25.13
N LEU I 84 10.75 26.73 25.47
CA LEU I 84 10.19 26.27 26.73
C LEU I 84 10.11 24.74 26.73
N PRO I 85 9.99 24.13 27.91
CA PRO I 85 9.72 22.68 27.95
C PRO I 85 8.53 22.36 27.07
N GLY I 86 8.67 21.30 26.26
CA GLY I 86 7.63 20.95 25.33
C GLY I 86 7.67 21.71 24.03
N GLN I 87 8.70 22.51 23.79
CA GLN I 87 8.78 23.35 22.61
C GLN I 87 10.06 23.06 21.84
N GLY I 88 9.98 23.17 20.53
CA GLY I 88 11.15 23.12 19.68
C GLY I 88 12.02 21.91 19.98
N ASP I 89 13.28 22.19 20.29
CA ASP I 89 14.27 21.15 20.58
C ASP I 89 14.47 20.94 22.06
N SER I 90 13.69 21.59 22.91
CA SER I 90 13.77 21.24 24.32
C SER I 90 13.10 19.90 24.56
N ASP I 91 13.41 19.29 25.70
CA ASP I 91 12.78 18.05 26.15
C ASP I 91 11.28 18.25 26.35
N ARG I 92 10.55 17.13 26.40
CA ARG I 92 9.11 17.08 26.58
C ARG I 92 8.78 16.20 27.79
N PRO I 93 8.82 16.75 28.99
CA PRO I 93 8.45 15.94 30.17
C PRO I 93 7.00 15.52 30.08
N LEU I 94 6.64 14.55 30.92
CA LEU I 94 5.31 14.00 30.90
C LEU I 94 4.29 14.89 31.57
N VAL I 95 4.68 15.67 32.59
CA VAL I 95 3.76 16.53 33.32
C VAL I 95 4.45 17.88 33.54
N GLY I 96 3.73 18.78 34.20
CA GLY I 96 4.26 20.06 34.58
C GLY I 96 3.99 21.18 33.61
N TYR I 97 2.88 21.14 32.87
CA TYR I 97 2.60 22.17 31.87
C TYR I 97 1.67 23.26 32.38
N ASP I 98 1.26 23.20 33.65
CA ASP I 98 0.72 24.38 34.30
C ASP I 98 1.77 25.49 34.24
N THR I 99 1.32 26.72 34.01
CA THR I 99 2.30 27.74 33.65
C THR I 99 3.17 28.16 34.84
N GLN I 100 2.74 27.90 36.08
CA GLN I 100 3.62 28.21 37.21
C GLN I 100 4.82 27.29 37.21
N THR I 101 4.60 25.99 36.98
CA THR I 101 5.73 25.07 36.90
C THR I 101 6.62 25.41 35.71
N VAL I 102 6.03 25.79 34.57
CA VAL I 102 6.85 26.15 33.41
C VAL I 102 7.66 27.40 33.72
N ALA I 103 7.01 28.40 34.34
CA ALA I 103 7.71 29.63 34.70
C ALA I 103 8.86 29.36 35.68
N ALA I 104 8.64 28.52 36.69
CA ALA I 104 9.71 28.21 37.62
C ALA I 104 10.84 27.47 36.92
N THR I 105 10.51 26.57 35.99
CA THR I 105 11.55 25.90 35.21
C THR I 105 12.35 26.90 34.38
N LEU I 106 11.66 27.87 33.79
CA LEU I 106 12.35 28.93 33.07
C LEU I 106 13.25 29.76 33.99
N ALA I 107 12.77 30.09 35.19
CA ALA I 107 13.54 30.90 36.15
C ALA I 107 14.85 30.23 36.49
N ARG I 108 14.78 28.91 36.66
CA ARG I 108 15.93 28.10 36.96
C ARG I 108 16.90 28.11 35.83
N LEU I 109 16.41 28.02 34.62
CA LEU I 109 17.32 28.12 33.49
C LEU I 109 18.05 29.47 33.47
N LEU I 110 17.32 30.56 33.69
CA LEU I 110 17.95 31.88 33.62
C LEU I 110 18.99 32.05 34.73
N GLU I 111 18.69 31.52 35.91
CA GLU I 111 19.65 31.58 37.01
C GLU I 111 20.97 30.90 36.64
N ARG I 112 20.89 29.68 36.08
CA ARG I 112 22.12 28.97 35.72
C ARG I 112 22.89 29.70 34.63
N GLN I 113 22.21 30.54 33.85
CA GLN I 113 22.87 31.38 32.88
C GLN I 113 23.18 32.76 33.42
N ASN I 114 23.02 32.98 34.72
CA ASN I 114 23.43 34.25 35.30
C ASN I 114 22.66 35.40 34.68
N ILE I 115 21.38 35.20 34.39
CA ILE I 115 20.50 36.24 33.91
C ILE I 115 19.64 36.64 35.10
N ALA I 116 20.06 37.70 35.77
CA ALA I 116 19.41 38.06 37.01
C ALA I 116 18.32 39.08 36.81
N ARG I 117 18.45 39.96 35.85
CA ARG I 117 17.47 41.00 35.65
C ARG I 117 17.39 41.29 34.18
N PHE I 118 16.19 41.46 33.64
CA PHE I 118 16.06 41.47 32.19
C PHE I 118 14.69 41.99 31.76
N TYR I 119 14.61 42.40 30.50
CA TYR I 119 13.34 42.65 29.87
C TYR I 119 12.77 41.35 29.31
N LEU I 120 11.44 41.22 29.36
CA LEU I 120 10.75 40.01 28.95
C LEU I 120 9.65 40.34 27.95
N ALA I 121 9.75 39.76 26.76
CA ALA I 121 8.74 39.86 25.71
C ALA I 121 8.24 38.47 25.37
N ALA I 122 6.93 38.29 25.31
CA ALA I 122 6.37 36.96 25.18
C ALA I 122 5.18 36.97 24.26
N HIS I 123 5.10 35.98 23.37
CA HIS I 123 4.05 35.90 22.38
C HIS I 123 3.28 34.60 22.58
N ASP I 124 1.95 34.67 22.47
CA ASP I 124 1.05 33.50 22.46
C ASP I 124 1.17 32.74 23.78
N VAL I 125 1.29 31.41 23.76
CA VAL I 125 1.46 30.62 24.98
C VAL I 125 2.70 31.03 25.75
N GLY I 126 3.71 31.55 25.07
CA GLY I 126 4.81 32.16 25.79
C GLY I 126 4.35 33.25 26.74
N ALA I 127 3.35 34.05 26.31
CA ALA I 127 2.78 35.06 27.19
C ALA I 127 2.05 34.43 28.37
N TRP I 128 1.47 33.23 28.20
CA TRP I 128 0.90 32.52 29.35
C TRP I 128 1.94 32.28 30.42
N VAL I 129 3.18 31.99 30.01
CA VAL I 129 4.23 31.75 30.98
C VAL I 129 4.71 33.07 31.56
N ALA I 130 4.73 34.12 30.74
CA ALA I 130 5.29 35.40 31.16
C ALA I 130 4.51 36.05 32.30
N TYR I 131 3.17 35.86 32.36
CA TYR I 131 2.42 36.51 33.43
C TYR I 131 2.79 35.95 34.81
N PRO I 132 2.61 34.65 35.09
CA PRO I 132 3.04 34.16 36.41
C PRO I 132 4.52 34.33 36.66
N PHE I 133 5.36 34.31 35.63
CA PHE I 133 6.77 34.55 35.85
C PHE I 133 6.98 35.95 36.42
N ALA I 134 6.40 36.97 35.79
CA ALA I 134 6.53 38.33 36.29
C ALA I 134 5.84 38.48 37.64
N ALA I 135 4.76 37.73 37.87
CA ALA I 135 4.07 37.84 39.15
C ALA I 135 4.89 37.20 40.26
N MET I 136 5.61 36.13 39.95
CA MET I 136 6.37 35.41 40.95
C MET I 136 7.78 35.97 41.14
N TYR I 137 8.38 36.51 40.09
CA TYR I 137 9.78 36.96 40.15
C TYR I 137 9.85 38.42 39.73
N PRO I 138 9.09 39.26 40.38
CA PRO I 138 8.96 40.67 40.06
C PRO I 138 10.25 41.40 39.90
N GLU I 139 11.22 41.12 40.73
CA GLU I 139 12.49 41.79 40.63
C GLU I 139 13.26 41.47 39.41
N SER I 140 13.17 40.23 38.98
CA SER I 140 13.83 39.73 37.80
C SER I 140 13.38 40.39 36.50
N VAL I 141 12.12 40.75 36.41
CA VAL I 141 11.59 41.35 35.20
C VAL I 141 11.60 42.85 35.22
N LYS I 142 12.50 43.44 34.45
CA LYS I 142 12.58 44.86 34.39
C LYS I 142 11.28 45.36 33.81
N ARG I 143 10.95 45.01 32.56
CA ARG I 143 9.67 45.39 31.95
C ARG I 143 9.15 44.21 31.14
N LEU I 144 7.85 44.23 30.89
CA LEU I 144 7.17 43.11 30.30
C LEU I 144 6.40 43.54 29.06
N ALA I 145 6.58 42.80 27.97
CA ALA I 145 5.77 42.99 26.76
C ALA I 145 5.03 41.70 26.47
N LEU I 146 3.71 41.79 26.35
CA LEU I 146 2.83 40.66 26.05
C LEU I 146 2.19 40.90 24.69
N LEU I 147 2.31 39.92 23.78
CA LEU I 147 1.96 40.11 22.39
C LEU I 147 0.80 39.20 22.01
N ASP I 148 -0.33 39.81 21.61
CA ASP I 148 -1.51 39.17 21.03
C ASP I 148 -1.80 37.80 21.62
N ALA I 149 -2.14 37.76 22.90
CA ALA I 149 -2.44 36.51 23.57
C ALA I 149 -3.32 36.80 24.76
N GLY I 150 -4.18 35.91 25.08
CA GLY I 150 -4.86 36.02 26.34
C GLY I 150 -4.11 35.25 27.40
N ILE I 151 -4.32 35.62 28.65
CA ILE I 151 -3.67 34.93 29.76
C ILE I 151 -4.75 34.12 30.48
N PRO I 152 -4.59 32.81 30.62
CA PRO I 152 -5.63 31.98 31.23
C PRO I 152 -6.10 32.55 32.57
N GLY I 153 -7.43 32.62 32.73
CA GLY I 153 -8.05 32.98 33.98
C GLY I 153 -8.04 34.44 34.35
N VAL I 154 -7.36 35.30 33.59
CA VAL I 154 -7.23 36.71 33.94
C VAL I 154 -7.51 37.64 32.76
N THR I 155 -7.11 37.25 31.54
CA THR I 155 -7.46 38.00 30.34
C THR I 155 -8.09 37.12 29.27
N LEU I 156 -7.82 35.83 29.26
CA LEU I 156 -8.52 34.90 28.40
C LEU I 156 -9.94 34.68 28.96
N PRO I 157 -10.99 35.02 28.21
CA PRO I 157 -12.35 34.83 28.75
C PRO I 157 -12.66 33.36 29.01
N ALA I 158 -13.58 33.11 29.94
CA ALA I 158 -13.96 31.73 30.21
C ALA I 158 -14.83 31.13 29.11
N ALA I 159 -15.38 31.97 28.24
CA ALA I 159 -16.16 31.54 27.09
C ALA I 159 -15.65 32.27 25.86
N LEU I 160 -15.63 31.55 24.73
CA LEU I 160 -15.03 32.07 23.51
C LEU I 160 -16.00 31.98 22.33
N PRO I 161 -15.82 32.86 21.33
CA PRO I 161 -16.84 33.02 20.30
C PRO I 161 -17.04 31.81 19.44
N ILE I 162 -18.28 31.67 19.00
CA ILE I 162 -18.79 30.61 18.14
C ILE I 162 -19.43 31.12 16.86
N GLU I 163 -19.58 32.43 16.70
CA GLU I 163 -20.09 32.99 15.48
C GLU I 163 -19.13 32.64 14.36
N PRO I 164 -19.61 32.15 13.21
CA PRO I 164 -18.73 32.03 12.04
C PRO I 164 -18.20 33.41 11.64
N GLY I 165 -16.87 33.53 11.58
CA GLY I 165 -16.25 34.81 11.30
C GLY I 165 -15.30 35.21 12.39
N ASN I 166 -15.62 34.81 13.62
CA ASN I 166 -14.68 34.94 14.72
C ASN I 166 -14.32 33.59 15.37
N ALA I 167 -15.17 32.58 15.24
CA ALA I 167 -14.93 31.30 15.92
C ALA I 167 -13.63 30.65 15.48
N TRP I 168 -13.24 30.83 14.21
CA TRP I 168 -12.02 30.22 13.70
C TRP I 168 -10.77 30.72 14.42
N ARG I 169 -10.82 31.88 15.06
CA ARG I 169 -9.65 32.37 15.78
C ARG I 169 -9.37 31.58 17.06
N THR I 170 -10.38 30.97 17.66
CA THR I 170 -10.21 30.40 18.98
C THR I 170 -10.74 28.98 19.12
N TRP I 171 -11.22 28.37 18.03
CA TRP I 171 -11.82 27.04 18.11
C TRP I 171 -10.85 26.02 18.69
N HIS I 172 -9.54 26.20 18.47
CA HIS I 172 -8.58 25.17 18.86
C HIS I 172 -8.43 25.03 20.38
N PHE I 173 -8.74 26.08 21.15
CA PHE I 173 -8.65 26.00 22.61
C PHE I 173 -9.41 24.80 23.16
N ALA I 174 -10.70 24.73 22.87
CA ALA I 174 -11.52 23.67 23.44
C ALA I 174 -11.18 22.30 22.84
N PHE I 175 -10.92 22.26 21.53
CA PHE I 175 -10.50 21.01 20.88
C PHE I 175 -9.29 20.41 21.58
N HIS I 176 -8.28 21.23 21.84
CA HIS I 176 -7.05 20.73 22.43
C HIS I 176 -7.26 20.16 23.82
N THR I 177 -8.30 20.57 24.54
CA THR I 177 -8.54 20.02 25.88
C THR I 177 -9.12 18.62 25.83
N VAL I 178 -9.69 18.21 24.70
CA VAL I 178 -10.32 16.90 24.62
C VAL I 178 -9.25 15.82 24.59
N ALA I 179 -9.40 14.80 25.42
CA ALA I 179 -8.42 13.72 25.46
C ALA I 179 -8.49 12.88 24.20
N ASP I 180 -7.32 12.52 23.65
CA ASP I 180 -7.16 11.46 22.65
C ASP I 180 -7.75 11.78 21.26
N LEU I 181 -8.90 12.44 21.18
CA LEU I 181 -9.46 12.76 19.87
C LEU I 181 -8.54 13.64 19.01
N PRO I 182 -7.86 14.67 19.54
CA PRO I 182 -6.96 15.46 18.65
C PRO I 182 -5.84 14.63 18.06
N GLU I 183 -5.14 13.81 18.88
CA GLU I 183 -4.10 12.93 18.34
C GLU I 183 -4.66 12.05 17.24
N THR I 184 -5.87 11.55 17.45
CA THR I 184 -6.50 10.70 16.45
C THR I 184 -6.76 11.47 15.16
N LEU I 185 -7.24 12.70 15.26
CA LEU I 185 -7.59 13.42 14.04
C LEU I 185 -6.36 14.07 13.38
N ILE I 186 -5.35 14.47 14.15
CA ILE I 186 -4.21 15.14 13.54
C ILE I 186 -3.26 14.14 12.86
N ALA I 187 -3.30 12.85 13.25
CA ALA I 187 -2.34 11.85 12.72
C ALA I 187 -2.41 11.77 11.20
N GLY I 188 -1.24 11.81 10.55
CA GLY I 188 -1.19 11.78 9.10
C GLY I 188 -1.55 13.09 8.43
N LYS I 189 -1.91 14.10 9.19
CA LYS I 189 -2.27 15.39 8.66
C LYS I 189 -1.54 16.49 9.41
N GLU I 190 -0.36 16.22 9.91
CA GLU I 190 0.37 17.20 10.72
C GLU I 190 0.70 18.45 9.91
N ARG I 191 1.17 18.27 8.67
CA ARG I 191 1.51 19.44 7.89
C ARG I 191 0.28 20.29 7.59
N GLU I 192 -0.83 19.63 7.21
CA GLU I 192 -2.05 20.38 6.92
C GLU I 192 -2.50 21.17 8.14
N TYR I 193 -2.42 20.57 9.34
CA TYR I 193 -2.85 21.24 10.56
C TYR I 193 -1.98 22.46 10.83
N LEU I 194 -0.67 22.27 10.77
CA LEU I 194 0.27 23.36 10.98
C LEU I 194 0.10 24.47 9.95
N ASP I 195 0.02 24.08 8.68
CA ASP I 195 -0.16 25.07 7.63
C ASP I 195 -1.41 25.91 7.88
N TRP I 196 -2.49 25.27 8.32
CA TRP I 196 -3.71 26.03 8.58
C TRP I 196 -3.46 27.09 9.64
N PHE I 197 -2.79 26.72 10.73
CA PHE I 197 -2.57 27.68 11.81
C PHE I 197 -1.75 28.87 11.33
N LEU I 198 -0.62 28.60 10.68
CA LEU I 198 0.30 29.66 10.29
C LEU I 198 -0.31 30.55 9.21
N ARG I 199 -0.84 29.96 8.14
CA ARG I 199 -1.23 30.80 7.02
C ARG I 199 -2.60 31.43 7.22
N ARG I 200 -3.52 30.79 7.94
CA ARG I 200 -4.82 31.39 8.10
C ARG I 200 -4.80 32.54 9.09
N LYS I 201 -3.89 32.54 10.06
CA LYS I 201 -3.89 33.57 11.09
C LYS I 201 -2.92 34.71 10.80
N ALA I 202 -2.13 34.63 9.74
CA ALA I 202 -1.32 35.76 9.32
C ALA I 202 -2.13 36.68 8.41
N ALA I 203 -1.75 37.97 8.40
CA ALA I 203 -2.39 38.90 7.47
C ALA I 203 -2.04 38.58 6.02
N ASN I 204 -0.79 38.18 5.78
CA ASN I 204 -0.27 37.77 4.48
C ASN I 204 0.40 36.41 4.66
N PRO I 205 -0.12 35.33 4.07
CA PRO I 205 0.44 34.01 4.38
C PRO I 205 1.87 33.86 3.86
N GLU I 206 2.26 34.72 2.89
CA GLU I 206 3.63 34.69 2.43
C GLU I 206 4.62 35.15 3.50
N SER I 207 4.13 35.54 4.68
CA SER I 207 5.02 35.74 5.83
C SER I 207 5.74 34.44 6.23
N PHE I 208 5.25 33.29 5.80
CA PHE I 208 5.87 31.99 6.06
C PHE I 208 6.28 31.34 4.75
N SER I 209 7.58 31.13 4.54
CA SER I 209 8.02 30.31 3.41
C SER I 209 7.77 28.83 3.65
N ASP I 210 7.86 28.03 2.58
CA ASP I 210 7.80 26.58 2.72
C ASP I 210 8.88 26.08 3.68
N ALA I 211 10.08 26.68 3.62
CA ALA I 211 11.12 26.28 4.55
C ALA I 211 10.74 26.61 6.00
N ASP I 212 10.05 27.73 6.22
CA ASP I 212 9.60 28.03 7.58
C ASP I 212 8.64 26.95 8.08
N VAL I 213 7.67 26.56 7.24
CA VAL I 213 6.74 25.50 7.62
C VAL I 213 7.50 24.20 7.87
N ASP I 214 8.49 23.87 7.03
CA ASP I 214 9.25 22.65 7.26
C ASP I 214 9.87 22.64 8.64
N GLU I 215 10.40 23.77 9.08
CA GLU I 215 11.05 23.81 10.39
C GLU I 215 10.02 23.59 11.50
N TYR I 216 8.86 24.24 11.41
CA TYR I 216 7.85 24.02 12.45
C TYR I 216 7.34 22.58 12.42
N LEU I 217 7.23 21.97 11.23
CA LEU I 217 6.80 20.58 11.14
C LEU I 217 7.83 19.64 11.78
N ARG I 218 9.11 19.96 11.62
CA ARG I 218 10.16 19.14 12.22
C ARG I 218 9.96 19.04 13.74
N VAL I 219 9.78 20.18 14.41
CA VAL I 219 9.61 20.12 15.87
C VAL I 219 8.20 19.70 16.27
N PHE I 220 7.22 19.92 15.40
CA PHE I 220 5.85 19.43 15.66
C PHE I 220 5.79 17.91 15.71
N THR I 221 6.45 17.22 14.76
CA THR I 221 6.33 15.76 14.60
C THR I 221 7.39 14.96 15.33
N ARG I 222 8.40 15.61 15.90
CA ARG I 222 9.39 14.89 16.68
C ARG I 222 8.76 14.34 17.94
N ASP I 223 9.46 13.37 18.54
CA ASP I 223 9.06 12.65 19.74
C ASP I 223 8.33 13.56 20.73
N GLY I 224 7.03 13.34 20.90
CA GLY I 224 6.23 14.06 21.87
C GLY I 224 5.86 15.49 21.50
N GLY I 225 6.14 15.94 20.28
CA GLY I 225 5.83 17.33 19.94
C GLY I 225 4.35 17.66 20.07
N LEU I 226 3.48 16.83 19.48
CA LEU I 226 2.05 17.08 19.55
C LEU I 226 1.55 16.96 20.98
N ARG I 227 1.95 15.89 21.69
CA ARG I 227 1.52 15.69 23.08
C ARG I 227 1.81 16.92 23.94
N ALA I 228 3.04 17.42 23.86
CA ALA I 228 3.45 18.53 24.71
C ALA I 228 2.72 19.81 24.33
N GLY I 229 2.57 20.07 23.03
CA GLY I 229 1.79 21.22 22.61
C GLY I 229 0.37 21.16 23.13
N LEU I 230 -0.27 19.98 23.02
CA LEU I 230 -1.61 19.86 23.56
C LEU I 230 -1.61 20.01 25.08
N ALA I 231 -0.52 19.58 25.75
CA ALA I 231 -0.50 19.55 27.21
C ALA I 231 -0.69 20.93 27.82
N PHE I 232 -0.17 21.98 27.18
CA PHE I 232 -0.39 23.35 27.66
C PHE I 232 -1.86 23.68 27.74
N TYR I 233 -2.65 23.29 26.72
CA TYR I 233 -4.08 23.61 26.74
C TYR I 233 -4.83 22.75 27.73
N ARG I 234 -4.42 21.49 27.87
CA ARG I 234 -5.11 20.58 28.78
C ARG I 234 -4.88 20.96 30.24
N ALA I 235 -3.83 21.69 30.54
CA ALA I 235 -3.56 22.17 31.89
C ALA I 235 -4.10 23.56 32.10
N VAL I 236 -4.93 24.06 31.19
CA VAL I 236 -5.31 25.47 31.27
C VAL I 236 -6.20 25.76 32.50
N SER I 237 -6.92 24.81 33.04
CA SER I 237 -7.77 25.14 34.17
C SER I 237 -6.94 25.34 35.39
N GLU I 238 -5.88 24.58 35.51
CA GLU I 238 -4.98 24.76 36.63
C GLU I 238 -4.19 26.04 36.54
N SER I 239 -3.66 26.34 35.35
CA SER I 239 -2.93 27.59 35.20
C SER I 239 -3.85 28.75 35.46
N SER I 240 -5.10 28.58 35.04
CA SER I 240 -6.11 29.61 35.15
C SER I 240 -6.39 29.91 36.64
N ALA I 241 -6.56 28.85 37.44
CA ALA I 241 -6.69 28.98 38.90
C ALA I 241 -5.43 29.57 39.54
N GLN I 242 -4.25 29.10 39.11
CA GLN I 242 -3.01 29.68 39.62
C GLN I 242 -2.97 31.17 39.34
N ASN I 243 -3.28 31.56 38.10
CA ASN I 243 -3.19 32.97 37.75
C ASN I 243 -4.23 33.79 38.52
N ARG I 244 -5.38 33.19 38.82
CA ARG I 244 -6.42 33.87 39.57
C ARG I 244 -5.95 34.11 41.00
N LYS I 245 -5.18 33.17 41.53
CA LYS I 245 -4.72 33.25 42.90
C LYS I 245 -3.72 34.42 43.04
N LEU I 246 -2.72 34.48 42.14
CA LEU I 246 -1.71 35.55 42.13
C LEU I 246 -2.35 36.89 41.76
N GLN I 247 -3.39 36.82 40.93
CA GLN I 247 -4.21 37.97 40.52
C GLN I 247 -4.68 38.79 41.68
N ALA I 248 -5.14 38.11 42.73
CA ALA I 248 -5.65 38.61 43.98
C ALA I 248 -4.56 39.17 44.88
N LEU I 249 -3.28 38.98 44.54
CA LEU I 249 -2.15 39.45 45.33
C LEU I 249 -1.66 40.86 44.97
N GLY I 250 -2.30 41.55 44.04
CA GLY I 250 -1.87 42.87 43.66
C GLY I 250 -1.66 42.99 42.16
N LYS I 251 -1.67 44.17 41.60
CA LYS I 251 -1.44 44.24 40.19
C LYS I 251 0.04 44.00 39.90
N LEU I 252 0.35 43.70 38.65
CA LEU I 252 1.71 43.46 38.19
C LEU I 252 2.57 44.68 38.48
N LYS I 253 3.73 44.40 39.01
CA LYS I 253 4.60 45.42 39.49
C LYS I 253 5.14 46.31 38.43
N MET I 254 5.95 45.72 37.58
CA MET I 254 6.67 46.45 36.55
C MET I 254 5.77 46.95 35.43
N PRO I 255 6.24 47.95 34.67
CA PRO I 255 5.50 48.43 33.50
C PRO I 255 5.31 47.35 32.43
N VAL I 256 4.15 47.38 31.79
CA VAL I 256 3.75 46.37 30.83
C VAL I 256 3.38 47.05 29.50
N LEU I 257 3.92 46.52 28.40
CA LEU I 257 3.53 46.94 27.05
C LEU I 257 2.57 45.89 26.49
N ALA I 258 1.32 46.31 26.24
CA ALA I 258 0.30 45.44 25.65
C ALA I 258 0.29 45.68 24.14
N VAL I 259 0.81 44.71 23.39
CA VAL I 259 0.98 44.83 21.95
C VAL I 259 -0.17 44.10 21.28
N SER I 260 -1.01 44.83 20.56
CA SER I 260 -2.06 44.22 19.77
C SER I 260 -1.62 44.17 18.32
N ALA I 261 -2.33 43.36 17.55
CA ALA I 261 -2.19 43.38 16.10
C ALA I 261 -3.56 43.71 15.51
N ASP I 262 -3.56 44.57 14.49
CA ASP I 262 -4.86 45.01 13.97
C ASP I 262 -5.66 43.85 13.35
N GLN I 263 -5.00 42.77 12.93
CA GLN I 263 -5.68 41.56 12.49
C GLN I 263 -5.37 40.37 13.39
N GLY I 264 -5.04 40.62 14.66
CA GLY I 264 -4.65 39.58 15.57
C GLY I 264 -5.81 38.76 16.09
N SER I 265 -5.48 37.87 17.04
CA SER I 265 -6.46 36.97 17.64
C SER I 265 -7.30 37.67 18.68
N ILE I 266 -6.74 38.67 19.34
CA ILE I 266 -7.34 39.34 20.50
C ILE I 266 -7.78 40.73 20.06
N PRO I 267 -9.05 41.11 20.23
CA PRO I 267 -9.49 42.43 19.75
C PRO I 267 -8.82 43.57 20.47
N ASP I 268 -8.84 43.51 21.80
CA ASP I 268 -8.22 44.51 22.66
C ASP I 268 -7.31 43.87 23.72
N MET I 269 -6.01 44.09 23.57
CA MET I 269 -4.98 43.58 24.45
C MET I 269 -4.82 44.47 25.70
N ALA I 270 -4.75 45.80 25.51
CA ALA I 270 -4.49 46.75 26.62
C ALA I 270 -5.60 46.76 27.67
N GLY I 271 -6.87 46.76 27.26
CA GLY I 271 -8.01 46.82 28.14
C GLY I 271 -8.00 45.81 29.28
N PRO I 272 -8.09 44.52 28.94
CA PRO I 272 -8.09 43.50 29.99
C PRO I 272 -6.82 43.47 30.83
N LEU I 273 -5.68 43.89 30.29
CA LEU I 273 -4.46 43.87 31.09
C LEU I 273 -4.43 45.00 32.12
N GLU I 274 -5.25 46.03 31.94
CA GLU I 274 -5.40 47.05 32.98
C GLU I 274 -5.97 46.47 34.26
N HIS I 275 -6.60 45.30 34.18
CA HIS I 275 -7.12 44.61 35.35
C HIS I 275 -6.03 43.92 36.14
N VAL I 276 -4.83 43.80 35.57
CA VAL I 276 -3.74 43.05 36.18
C VAL I 276 -2.46 43.85 36.39
N ALA I 277 -2.31 45.05 35.84
CA ALA I 277 -1.05 45.80 35.91
C ALA I 277 -1.26 47.29 36.26
N GLU I 278 -0.26 47.93 36.92
CA GLU I 278 -0.42 49.33 37.30
C GLU I 278 -0.29 50.27 36.13
N GLU I 279 0.68 50.02 35.28
CA GLU I 279 1.04 50.88 34.17
C GLU I 279 1.07 50.06 32.90
N VAL I 280 0.05 50.25 32.08
CA VAL I 280 -0.11 49.52 30.84
C VAL I 280 0.07 50.52 29.71
N THR I 281 1.04 50.27 28.85
CA THR I 281 1.24 51.05 27.65
C THR I 281 0.71 50.23 26.50
N ALA I 282 -0.08 50.85 25.65
CA ALA I 282 -0.76 50.16 24.56
C ALA I 282 -0.03 50.39 23.26
N ALA I 283 0.01 49.35 22.43
CA ALA I 283 0.57 49.48 21.10
C ALA I 283 -0.15 48.50 20.19
N THR I 284 -0.45 48.96 18.98
CA THR I 284 -1.06 48.12 17.96
C THR I 284 -0.12 48.11 16.77
N ILE I 285 0.20 46.92 16.28
CA ILE I 285 1.04 46.78 15.10
C ILE I 285 0.12 46.73 13.90
N ALA I 286 0.36 47.60 12.93
CA ALA I 286 -0.50 47.70 11.76
C ALA I 286 -0.11 46.65 10.73
N TYR I 287 -1.11 46.21 9.94
CA TYR I 287 -0.88 45.24 8.87
C TYR I 287 -0.25 43.95 9.40
N SER I 288 -0.83 43.43 10.49
CA SER I 288 -0.29 42.24 11.12
C SER I 288 -1.41 41.36 11.63
N GLY I 289 -1.31 40.07 11.32
CA GLY I 289 -2.11 39.05 11.97
C GLY I 289 -1.47 38.62 13.27
N HIS I 290 -1.78 37.39 13.68
CA HIS I 290 -1.38 36.90 15.00
C HIS I 290 0.12 36.82 15.19
N PHE I 291 0.88 36.55 14.13
CA PHE I 291 2.32 36.24 14.29
C PHE I 291 3.15 37.52 14.13
N ILE I 292 2.93 38.45 15.07
CA ILE I 292 3.60 39.76 15.00
C ILE I 292 5.12 39.64 14.80
N PRO I 293 5.86 38.85 15.59
CA PRO I 293 7.32 38.83 15.39
C PRO I 293 7.75 38.43 14.00
N GLU I 294 6.98 37.59 13.30
CA GLU I 294 7.35 37.19 11.95
C GLU I 294 6.70 38.06 10.89
N GLU I 295 5.57 38.67 11.17
CA GLU I 295 4.86 39.45 10.15
C GLU I 295 5.35 40.91 10.04
N GLN I 296 5.64 41.55 11.17
CA GLN I 296 6.12 42.93 11.20
C GLN I 296 7.32 43.02 12.16
N PRO I 297 8.44 42.39 11.80
CA PRO I 297 9.59 42.35 12.75
C PRO I 297 10.18 43.73 13.07
N GLN I 298 10.23 44.59 12.07
CA GLN I 298 10.89 45.89 12.15
C GLN I 298 10.07 46.82 13.05
N ALA I 299 8.74 46.89 12.80
CA ALA I 299 7.82 47.67 13.63
C ALA I 299 7.79 47.16 15.07
N LEU I 300 7.77 45.84 15.26
CA LEU I 300 7.75 45.33 16.62
C LEU I 300 9.09 45.59 17.32
N ALA I 301 10.20 45.44 16.60
CA ALA I 301 11.51 45.68 17.18
C ALA I 301 11.64 47.12 17.66
N ARG I 302 11.10 48.05 16.88
CA ARG I 302 11.11 49.46 17.25
C ARG I 302 10.30 49.69 18.49
N GLU I 303 9.11 49.14 18.57
CA GLU I 303 8.29 49.31 19.78
C GLU I 303 9.01 48.74 21.00
N LEU I 304 9.61 47.56 20.87
CA LEU I 304 10.34 46.97 22.00
C LEU I 304 11.57 47.81 22.32
N ARG I 305 12.29 48.26 21.29
CA ARG I 305 13.50 49.06 21.50
C ARG I 305 13.16 50.34 22.26
N ASP I 306 12.04 50.97 21.92
CA ASP I 306 11.65 52.20 22.60
C ASP I 306 11.09 51.91 24.00
N PHE I 307 10.39 50.80 24.19
CA PHE I 307 9.81 50.52 25.49
C PHE I 307 10.84 49.98 26.47
N PHE I 308 11.84 49.25 25.98
CA PHE I 308 12.81 48.60 26.86
C PHE I 308 13.99 49.54 27.15
N ARG I 309 13.68 50.59 27.91
CA ARG I 309 14.65 51.63 28.27
C ARG I 309 14.73 51.79 29.78
N THR J 16 -49.66 4.23 -6.94
CA THR J 16 -49.12 4.23 -5.58
C THR J 16 -47.61 4.40 -5.53
N PRO J 17 -47.13 5.29 -4.67
CA PRO J 17 -45.68 5.40 -4.49
C PRO J 17 -45.16 4.18 -3.75
N TYR J 18 -43.92 3.81 -4.05
CA TYR J 18 -43.30 2.68 -3.37
C TYR J 18 -43.02 3.06 -1.92
N PHE J 19 -43.37 2.16 -1.00
CA PHE J 19 -43.00 2.30 0.39
C PHE J 19 -42.58 0.92 0.89
N ARG J 20 -41.92 0.90 2.04
CA ARG J 20 -41.35 -0.32 2.58
C ARG J 20 -41.60 -0.37 4.08
N GLU J 21 -42.10 -1.50 4.57
CA GLU J 21 -42.28 -1.64 6.00
C GLU J 21 -40.92 -1.80 6.69
N ASP J 22 -40.75 -1.15 7.83
CA ASP J 22 -39.51 -1.32 8.59
C ASP J 22 -39.41 -2.75 9.07
N PRO J 23 -38.25 -3.40 8.92
CA PRO J 23 -38.11 -4.83 9.29
C PRO J 23 -38.25 -5.09 10.77
N ARG J 24 -38.15 -4.03 11.57
CA ARG J 24 -38.26 -4.11 13.02
C ARG J 24 -39.44 -3.34 13.63
N LEU J 25 -39.63 -2.08 13.24
CA LEU J 25 -40.71 -1.32 13.82
C LEU J 25 -41.96 -1.73 13.04
N THR J 26 -42.67 -2.75 13.55
CA THR J 26 -43.87 -3.22 12.87
C THR J 26 -44.88 -2.08 12.80
N GLY J 27 -45.49 -1.87 11.63
CA GLY J 27 -46.46 -0.82 11.48
C GLY J 27 -45.91 0.53 11.06
N PHE J 28 -44.60 0.65 10.86
CA PHE J 28 -43.99 1.87 10.39
C PHE J 28 -43.46 1.64 8.97
N ARG J 29 -43.65 2.63 8.10
CA ARG J 29 -43.29 2.51 6.70
C ARG J 29 -42.29 3.59 6.31
N HIS J 30 -41.30 3.22 5.49
CA HIS J 30 -40.35 4.17 4.92
C HIS J 30 -40.91 4.73 3.63
N ARG J 31 -40.93 6.05 3.51
CA ARG J 31 -41.42 6.69 2.31
C ARG J 31 -40.40 7.72 1.85
N PHE J 32 -40.50 8.11 0.58
CA PHE J 32 -39.79 9.25 0.05
C PHE J 32 -40.80 10.18 -0.61
N ASP J 33 -40.54 11.47 -0.52
CA ASP J 33 -41.33 12.45 -1.27
C ASP J 33 -40.40 13.55 -1.75
N THR J 34 -40.67 14.05 -2.93
CA THR J 34 -39.83 15.08 -3.53
C THR J 34 -40.53 16.41 -3.37
N VAL J 35 -39.88 17.34 -2.71
CA VAL J 35 -40.45 18.62 -2.32
C VAL J 35 -39.63 19.67 -3.04
N ASP J 36 -40.20 20.21 -4.12
CA ASP J 36 -39.55 21.21 -4.96
C ASP J 36 -38.10 20.82 -5.25
N GLY J 37 -37.94 19.64 -5.83
CA GLY J 37 -36.63 19.17 -6.26
C GLY J 37 -35.81 18.48 -5.19
N VAL J 38 -36.21 18.54 -3.91
CA VAL J 38 -35.48 17.94 -2.82
C VAL J 38 -36.25 16.69 -2.39
N ARG J 39 -35.65 15.52 -2.57
CA ARG J 39 -36.23 14.27 -2.12
C ARG J 39 -35.95 14.09 -0.63
N LEU J 40 -37.00 13.79 0.14
CA LEU J 40 -36.91 13.65 1.59
C LEU J 40 -37.38 12.27 2.00
N HIS J 41 -36.61 11.62 2.89
CA HIS J 41 -36.99 10.33 3.45
C HIS J 41 -37.72 10.55 4.77
N PHE J 42 -38.75 9.77 5.02
CA PHE J 42 -39.41 9.85 6.33
C PHE J 42 -40.02 8.50 6.68
N VAL J 43 -40.19 8.28 7.98
CA VAL J 43 -40.81 7.08 8.52
C VAL J 43 -42.11 7.49 9.20
N GLU J 44 -43.18 6.77 8.90
CA GLU J 44 -44.50 7.09 9.45
C GLU J 44 -45.21 5.83 9.91
N GLY J 45 -46.00 5.96 10.97
CA GLY J 45 -46.75 4.84 11.49
C GLY J 45 -47.62 5.26 12.66
N GLY J 46 -47.92 4.31 13.52
CA GLY J 46 -48.65 4.63 14.73
C GLY J 46 -50.15 4.65 14.53
N ARG J 47 -50.82 5.21 15.52
CA ARG J 47 -52.27 5.12 15.61
C ARG J 47 -52.93 5.96 14.50
N ALA J 48 -53.72 5.29 13.66
CA ALA J 48 -54.26 5.93 12.47
C ALA J 48 -55.20 7.08 12.82
N ASP J 49 -55.99 6.91 13.86
CA ASP J 49 -56.94 7.92 14.29
C ASP J 49 -56.38 8.84 15.36
N GLY J 50 -55.11 8.69 15.70
CA GLY J 50 -54.55 9.46 16.78
C GLY J 50 -54.16 10.87 16.39
N GLU J 51 -53.89 11.66 17.42
CA GLU J 51 -53.21 12.92 17.20
C GLU J 51 -51.79 12.61 16.69
N THR J 52 -51.21 13.57 15.95
CA THR J 52 -49.94 13.39 15.27
C THR J 52 -48.79 13.97 16.10
N ILE J 53 -47.72 13.18 16.24
CA ILE J 53 -46.45 13.68 16.75
C ILE J 53 -45.46 13.68 15.61
N VAL J 54 -44.78 14.79 15.42
CA VAL J 54 -43.66 14.89 14.49
C VAL J 54 -42.36 14.94 15.29
N LEU J 55 -41.38 14.10 14.93
CA LEU J 55 -40.11 13.96 15.66
C LEU J 55 -38.94 14.38 14.80
N LEU J 56 -38.11 15.30 15.31
CA LEU J 56 -36.93 15.80 14.61
C LEU J 56 -35.68 15.45 15.39
N ALA J 57 -34.66 14.95 14.68
CA ALA J 57 -33.39 14.58 15.26
C ALA J 57 -32.30 15.57 14.81
N GLY J 58 -31.10 15.40 15.37
CA GLY J 58 -29.99 16.31 15.11
C GLY J 58 -28.73 15.56 14.69
N PHE J 59 -27.56 16.19 14.98
CA PHE J 59 -26.24 15.76 14.55
C PHE J 59 -25.58 14.87 15.61
N PRO J 60 -24.92 13.77 15.21
CA PRO J 60 -24.82 13.27 13.84
C PRO J 60 -25.82 12.16 13.57
N GLU J 61 -27.10 12.42 13.78
CA GLU J 61 -28.06 11.33 13.69
C GLU J 61 -29.10 11.57 12.60
N SER J 62 -30.29 11.03 12.78
CA SER J 62 -31.31 10.94 11.73
C SER J 62 -32.60 10.50 12.42
N TRP J 63 -33.65 10.26 11.62
CA TRP J 63 -34.87 9.69 12.18
C TRP J 63 -34.57 8.49 13.09
N TYR J 64 -33.53 7.74 12.77
CA TYR J 64 -33.19 6.50 13.47
C TYR J 64 -33.03 6.72 14.98
N ALA J 65 -32.69 7.94 15.41
CA ALA J 65 -32.54 8.22 16.84
C ALA J 65 -33.82 8.02 17.62
N TRP J 66 -34.97 8.13 16.95
CA TRP J 66 -36.25 8.00 17.61
C TRP J 66 -36.78 6.58 17.61
N ARG J 67 -36.00 5.63 17.09
CA ARG J 67 -36.49 4.29 16.86
C ARG J 67 -36.93 3.58 18.14
N ARG J 68 -36.45 4.00 19.31
CA ARG J 68 -36.91 3.34 20.54
C ARG J 68 -38.11 4.05 21.17
N VAL J 69 -38.32 5.33 20.88
CA VAL J 69 -39.48 6.03 21.40
C VAL J 69 -40.71 5.75 20.54
N MET J 70 -40.53 5.66 19.23
CA MET J 70 -41.64 5.53 18.29
C MET J 70 -42.60 4.37 18.62
N PRO J 71 -42.14 3.12 18.83
CA PRO J 71 -43.12 2.06 19.13
C PRO J 71 -43.80 2.24 20.49
N LEU J 72 -43.19 2.96 21.42
CA LEU J 72 -43.82 3.19 22.72
C LEU J 72 -44.97 4.18 22.62
N LEU J 73 -44.91 5.12 21.68
CA LEU J 73 -45.98 6.10 21.53
C LEU J 73 -46.99 5.70 20.46
N ALA J 74 -46.71 4.64 19.69
CA ALA J 74 -47.52 4.29 18.53
C ALA J 74 -48.93 3.80 18.89
N ASP J 75 -49.11 3.28 20.11
CA ASP J 75 -50.43 2.80 20.52
C ASP J 75 -51.44 3.93 20.58
N GLU J 76 -51.00 5.13 20.94
CA GLU J 76 -51.85 6.29 21.16
C GLU J 76 -51.72 7.35 20.07
N PHE J 77 -50.54 7.50 19.45
CA PHE J 77 -50.31 8.62 18.54
C PHE J 77 -50.02 8.15 17.12
N ARG J 78 -50.37 9.02 16.17
CA ARG J 78 -49.83 8.99 14.83
C ARG J 78 -48.44 9.61 14.86
N ILE J 79 -47.45 8.94 14.27
CA ILE J 79 -46.04 9.29 14.43
C ILE J 79 -45.40 9.49 13.07
N VAL J 80 -44.73 10.63 12.89
CA VAL J 80 -43.99 10.95 11.67
C VAL J 80 -42.58 11.38 12.06
N ALA J 81 -41.57 10.68 11.54
CA ALA J 81 -40.17 10.99 11.82
C ALA J 81 -39.40 11.22 10.52
N PRO J 82 -39.23 12.45 10.08
CA PRO J 82 -38.51 12.69 8.81
C PRO J 82 -37.01 12.82 9.01
N ASP J 83 -36.28 12.51 7.94
CA ASP J 83 -34.91 12.98 7.80
C ASP J 83 -34.94 14.39 7.22
N LEU J 84 -34.46 15.38 7.96
CA LEU J 84 -34.40 16.72 7.41
C LEU J 84 -33.47 16.73 6.19
N PRO J 85 -33.59 17.73 5.33
CA PRO J 85 -32.59 17.89 4.26
C PRO J 85 -31.20 17.83 4.87
N GLY J 86 -30.33 17.06 4.23
CA GLY J 86 -28.97 16.94 4.73
C GLY J 86 -28.79 15.89 5.81
N GLN J 87 -29.82 15.12 6.12
CA GLN J 87 -29.81 14.09 7.17
C GLN J 87 -30.14 12.74 6.57
N GLY J 88 -29.59 11.69 7.17
CA GLY J 88 -30.01 10.34 6.90
C GLY J 88 -30.07 10.00 5.41
N ASP J 89 -31.23 9.56 4.94
CA ASP J 89 -31.37 9.19 3.54
C ASP J 89 -32.01 10.27 2.71
N SER J 90 -32.23 11.46 3.27
CA SER J 90 -32.76 12.55 2.49
C SER J 90 -31.66 13.14 1.60
N ASP J 91 -32.09 13.83 0.55
CA ASP J 91 -31.13 14.54 -0.30
C ASP J 91 -30.37 15.57 0.54
N ARG J 92 -29.24 16.00 -0.01
CA ARG J 92 -28.35 16.99 0.60
C ARG J 92 -28.19 18.13 -0.40
N PRO J 93 -29.08 19.12 -0.41
CA PRO J 93 -28.91 20.25 -1.33
C PRO J 93 -27.61 21.00 -1.07
N LEU J 94 -27.22 21.84 -2.05
CA LEU J 94 -25.99 22.61 -1.91
C LEU J 94 -26.14 23.77 -0.95
N VAL J 95 -27.33 24.36 -0.86
CA VAL J 95 -27.54 25.54 -0.03
C VAL J 95 -28.84 25.33 0.75
N GLY J 96 -29.13 26.30 1.62
CA GLY J 96 -30.39 26.31 2.32
C GLY J 96 -30.39 25.69 3.69
N TYR J 97 -29.27 25.70 4.39
CA TYR J 97 -29.18 25.11 5.72
C TYR J 97 -29.37 26.14 6.84
N ASP J 98 -29.62 27.40 6.51
CA ASP J 98 -30.21 28.32 7.49
C ASP J 98 -31.54 27.75 7.97
N THR J 99 -31.86 27.90 9.26
CA THR J 99 -32.94 27.07 9.78
C THR J 99 -34.33 27.50 9.30
N GLN J 100 -34.50 28.74 8.82
CA GLN J 100 -35.79 29.13 8.28
C GLN J 100 -36.09 28.38 6.99
N THR J 101 -35.09 28.24 6.12
CA THR J 101 -35.30 27.49 4.89
C THR J 101 -35.57 26.02 5.16
N VAL J 102 -34.82 25.43 6.11
CA VAL J 102 -35.06 24.04 6.45
C VAL J 102 -36.47 23.86 7.00
N ALA J 103 -36.91 24.76 7.90
CA ALA J 103 -38.26 24.67 8.44
C ALA J 103 -39.33 24.82 7.34
N ALA J 104 -39.14 25.76 6.41
CA ALA J 104 -40.11 25.90 5.33
C ALA J 104 -40.16 24.65 4.48
N THR J 105 -39.01 24.01 4.26
CA THR J 105 -39.02 22.75 3.52
C THR J 105 -39.76 21.67 4.31
N LEU J 106 -39.52 21.59 5.61
CA LEU J 106 -40.27 20.65 6.43
C LEU J 106 -41.77 20.93 6.36
N ALA J 107 -42.14 22.21 6.42
CA ALA J 107 -43.56 22.57 6.32
C ALA J 107 -44.15 22.06 5.02
N ARG J 108 -43.43 22.23 3.90
CA ARG J 108 -43.96 21.78 2.63
C ARG J 108 -44.07 20.26 2.56
N LEU J 109 -43.13 19.54 3.19
CA LEU J 109 -43.24 18.08 3.25
C LEU J 109 -44.49 17.67 4.02
N LEU J 110 -44.71 18.31 5.17
CA LEU J 110 -45.88 17.97 5.98
C LEU J 110 -47.18 18.36 5.28
N GLU J 111 -47.23 19.53 4.65
CA GLU J 111 -48.43 19.92 3.89
C GLU J 111 -48.75 18.89 2.82
N ARG J 112 -47.73 18.43 2.09
CA ARG J 112 -47.95 17.45 1.04
C ARG J 112 -48.41 16.12 1.59
N GLN J 113 -48.10 15.81 2.85
CA GLN J 113 -48.62 14.59 3.45
C GLN J 113 -49.90 14.82 4.22
N ASN J 114 -50.50 16.00 4.08
CA ASN J 114 -51.75 16.36 4.78
C ASN J 114 -51.62 16.21 6.30
N ILE J 115 -50.50 16.66 6.83
CA ILE J 115 -50.28 16.74 8.28
C ILE J 115 -50.47 18.21 8.63
N ALA J 116 -51.65 18.54 9.15
CA ALA J 116 -52.00 19.95 9.27
C ALA J 116 -51.68 20.52 10.64
N ARG J 117 -51.80 19.72 11.70
CA ARG J 117 -51.55 20.21 13.06
C ARG J 117 -51.06 19.03 13.89
N PHE J 118 -50.09 19.28 14.77
CA PHE J 118 -49.38 18.16 15.38
C PHE J 118 -48.63 18.64 16.60
N TYR J 119 -48.23 17.70 17.46
CA TYR J 119 -47.24 17.97 18.47
C TYR J 119 -45.85 17.81 17.85
N LEU J 120 -44.90 18.64 18.28
CA LEU J 120 -43.57 18.65 17.67
C LEU J 120 -42.53 18.44 18.77
N ALA J 121 -41.73 17.39 18.66
CA ALA J 121 -40.63 17.16 19.60
C ALA J 121 -39.34 17.09 18.81
N ALA J 122 -38.33 17.83 19.27
CA ALA J 122 -37.13 18.01 18.47
C ALA J 122 -35.90 17.96 19.36
N HIS J 123 -34.88 17.25 18.87
CA HIS J 123 -33.66 16.99 19.62
C HIS J 123 -32.46 17.58 18.88
N ASP J 124 -31.57 18.23 19.64
CA ASP J 124 -30.26 18.68 19.14
C ASP J 124 -30.50 19.67 18.01
N VAL J 125 -29.83 19.55 16.85
CA VAL J 125 -30.03 20.46 15.73
C VAL J 125 -31.49 20.44 15.26
N GLY J 126 -32.19 19.32 15.43
CA GLY J 126 -33.61 19.29 15.16
C GLY J 126 -34.35 20.41 15.88
N ALA J 127 -33.96 20.68 17.13
CA ALA J 127 -34.56 21.79 17.88
C ALA J 127 -34.24 23.14 17.24
N TRP J 128 -33.07 23.28 16.61
CA TRP J 128 -32.79 24.49 15.85
C TRP J 128 -33.84 24.71 14.78
N VAL J 129 -34.30 23.62 14.16
CA VAL J 129 -35.31 23.74 13.13
C VAL J 129 -36.68 24.00 13.76
N ALA J 130 -36.93 23.41 14.95
CA ALA J 130 -38.24 23.52 15.57
C ALA J 130 -38.59 24.93 16.02
N TYR J 131 -37.62 25.75 16.47
CA TYR J 131 -37.98 27.08 16.93
C TYR J 131 -38.50 27.96 15.79
N PRO J 132 -37.76 28.20 14.70
CA PRO J 132 -38.34 28.97 13.61
C PRO J 132 -39.58 28.32 13.02
N PHE J 133 -39.68 26.98 13.03
CA PHE J 133 -40.91 26.34 12.57
C PHE J 133 -42.09 26.76 13.42
N ALA J 134 -41.95 26.66 14.74
CA ALA J 134 -43.07 27.03 15.60
C ALA J 134 -43.36 28.51 15.52
N ALA J 135 -42.33 29.32 15.33
CA ALA J 135 -42.55 30.76 15.25
C ALA J 135 -43.21 31.15 13.94
N MET J 136 -42.95 30.43 12.85
CA MET J 136 -43.53 30.78 11.56
C MET J 136 -44.89 30.14 11.31
N TYR J 137 -45.14 28.96 11.86
CA TYR J 137 -46.38 28.21 11.64
C TYR J 137 -47.03 27.83 12.96
N PRO J 138 -47.33 28.80 13.82
CA PRO J 138 -47.85 28.46 15.15
C PRO J 138 -49.14 27.69 15.07
N GLU J 139 -49.89 27.87 13.99
CA GLU J 139 -51.18 27.20 13.81
C GLU J 139 -51.02 25.69 13.59
N SER J 140 -49.84 25.21 13.20
CA SER J 140 -49.63 23.77 13.04
C SER J 140 -49.04 23.08 14.27
N VAL J 141 -48.51 23.82 15.22
CA VAL J 141 -47.82 23.20 16.35
C VAL J 141 -48.69 23.37 17.59
N LYS J 142 -49.35 22.30 17.99
CA LYS J 142 -50.18 22.34 19.19
C LYS J 142 -49.32 22.50 20.44
N ARG J 143 -48.26 21.69 20.58
CA ARG J 143 -47.31 21.82 21.68
C ARG J 143 -45.90 21.49 21.19
N LEU J 144 -44.90 22.07 21.86
CA LEU J 144 -43.51 21.95 21.42
C LEU J 144 -42.68 21.39 22.55
N ALA J 145 -41.89 20.36 22.26
CA ALA J 145 -40.90 19.81 23.19
C ALA J 145 -39.52 19.92 22.57
N LEU J 146 -38.61 20.56 23.29
CA LEU J 146 -37.22 20.77 22.85
C LEU J 146 -36.31 20.01 23.81
N LEU J 147 -35.40 19.19 23.26
CA LEU J 147 -34.62 18.25 24.06
C LEU J 147 -33.14 18.63 24.02
N ASP J 148 -32.60 19.03 25.18
CA ASP J 148 -31.16 19.23 25.41
C ASP J 148 -30.46 19.91 24.24
N ALA J 149 -30.87 21.16 23.96
CA ALA J 149 -30.30 21.92 22.86
C ALA J 149 -30.55 23.40 23.10
N GLY J 150 -29.59 24.24 22.63
CA GLY J 150 -29.80 25.67 22.53
C GLY J 150 -30.35 26.07 21.15
N ILE J 151 -30.94 27.26 21.07
CA ILE J 151 -31.49 27.77 19.81
C ILE J 151 -30.61 28.91 19.32
N PRO J 152 -30.05 28.84 18.12
CA PRO J 152 -29.15 29.91 17.65
C PRO J 152 -29.78 31.29 17.81
N GLY J 153 -28.99 32.21 18.39
CA GLY J 153 -29.36 33.61 18.47
C GLY J 153 -30.37 33.99 19.54
N VAL J 154 -30.99 33.04 20.24
CA VAL J 154 -32.01 33.41 21.22
C VAL J 154 -31.74 32.71 22.56
N THR J 155 -31.32 31.44 22.54
CA THR J 155 -30.88 30.76 23.77
C THR J 155 -29.50 30.17 23.69
N LEU J 156 -28.99 29.84 22.51
CA LEU J 156 -27.62 29.40 22.42
C LEU J 156 -26.70 30.60 22.61
N PRO J 157 -25.85 30.60 23.63
CA PRO J 157 -24.98 31.77 23.86
C PRO J 157 -24.04 32.00 22.69
N ALA J 158 -23.62 33.26 22.54
CA ALA J 158 -22.66 33.58 21.49
C ALA J 158 -21.26 33.07 21.82
N ALA J 159 -20.99 32.78 23.10
CA ALA J 159 -19.72 32.22 23.51
C ALA J 159 -19.95 31.01 24.42
N LEU J 160 -19.10 30.02 24.29
CA LEU J 160 -19.26 28.73 24.96
C LEU J 160 -18.01 28.42 25.75
N PRO J 161 -18.11 27.66 26.86
CA PRO J 161 -16.97 27.40 27.76
C PRO J 161 -15.76 26.68 27.19
N ILE J 162 -14.60 26.98 27.73
CA ILE J 162 -13.36 26.36 27.28
C ILE J 162 -12.53 25.71 28.38
N GLU J 163 -13.05 25.67 29.58
CA GLU J 163 -12.39 25.06 30.74
C GLU J 163 -12.50 23.54 30.69
N PRO J 164 -11.41 22.83 31.06
CA PRO J 164 -11.46 21.35 31.01
C PRO J 164 -12.60 20.78 31.84
N GLY J 165 -13.29 19.80 31.32
CA GLY J 165 -14.39 19.26 32.06
C GLY J 165 -15.64 19.63 31.38
N ASN J 166 -15.66 20.80 30.76
CA ASN J 166 -16.84 21.13 30.00
C ASN J 166 -16.66 21.35 28.52
N ALA J 167 -15.44 21.65 28.09
CA ALA J 167 -15.18 21.94 26.70
C ALA J 167 -15.48 20.86 25.72
N TRP J 168 -15.27 19.62 26.06
CA TRP J 168 -15.54 18.51 25.19
C TRP J 168 -17.01 18.47 24.81
N ARG J 169 -17.89 19.11 25.59
CA ARG J 169 -19.32 19.09 25.28
C ARG J 169 -19.65 20.00 24.10
N THR J 170 -18.90 21.07 23.88
CA THR J 170 -19.29 22.08 22.91
C THR J 170 -18.16 22.48 21.95
N TRP J 171 -16.99 21.84 22.04
CA TRP J 171 -15.87 22.21 21.20
C TRP J 171 -16.21 22.11 19.71
N HIS J 172 -17.09 21.18 19.34
CA HIS J 172 -17.39 20.93 17.94
C HIS J 172 -18.12 22.09 17.27
N PHE J 173 -18.76 22.94 18.05
N PHE J 173 -18.75 22.97 18.03
CA PHE J 173 -19.51 24.07 17.51
CA PHE J 173 -19.51 24.03 17.40
C PHE J 173 -18.61 24.96 16.66
C PHE J 173 -18.59 24.99 16.63
N ALA J 174 -17.53 25.48 17.28
CA ALA J 174 -16.65 26.42 16.59
C ALA J 174 -15.85 25.73 15.49
N PHE J 175 -15.42 24.48 15.72
CA PHE J 175 -14.69 23.68 14.74
C PHE J 175 -15.48 23.55 13.44
N HIS J 176 -16.76 23.18 13.56
CA HIS J 176 -17.55 22.92 12.38
C HIS J 176 -17.72 24.15 11.52
N THR J 177 -17.60 25.36 12.09
CA THR J 177 -17.73 26.58 11.29
C THR J 177 -16.49 26.88 10.44
N VAL J 178 -15.35 26.28 10.76
CA VAL J 178 -14.14 26.54 9.99
C VAL J 178 -14.27 25.87 8.63
N ALA J 179 -13.96 26.60 7.56
CA ALA J 179 -14.02 26.04 6.22
C ALA J 179 -12.90 25.03 5.99
N ASP J 180 -13.25 23.91 5.35
CA ASP J 180 -12.33 22.94 4.74
C ASP J 180 -11.48 22.14 5.72
N LEU J 181 -11.04 22.75 6.82
CA LEU J 181 -10.22 22.00 7.78
C LEU J 181 -10.97 20.82 8.42
N PRO J 182 -12.24 20.93 8.78
CA PRO J 182 -12.91 19.73 9.36
C PRO J 182 -12.92 18.57 8.40
N GLU J 183 -13.27 18.80 7.12
CA GLU J 183 -13.22 17.75 6.12
C GLU J 183 -11.82 17.13 6.02
N THR J 184 -10.79 17.96 6.09
CA THR J 184 -9.41 17.45 6.00
C THR J 184 -9.05 16.55 7.18
N LEU J 185 -9.46 16.93 8.40
CA LEU J 185 -9.07 16.16 9.58
C LEU J 185 -9.93 14.91 9.78
N ILE J 186 -11.20 14.94 9.39
CA ILE J 186 -12.10 13.80 9.60
C ILE J 186 -11.90 12.71 8.53
N ALA J 187 -11.35 13.06 7.37
CA ALA J 187 -11.17 12.08 6.29
C ALA J 187 -10.39 10.86 6.77
N GLY J 188 -10.90 9.64 6.47
CA GLY J 188 -10.30 8.39 6.92
C GLY J 188 -10.50 8.10 8.39
N LYS J 189 -11.10 9.03 9.11
CA LYS J 189 -11.33 8.89 10.50
C LYS J 189 -12.78 9.10 10.83
N GLU J 190 -13.65 8.77 9.91
CA GLU J 190 -15.09 9.01 10.06
C GLU J 190 -15.70 8.20 11.19
N ARG J 191 -15.38 6.90 11.25
CA ARG J 191 -15.95 6.09 12.32
C ARG J 191 -15.45 6.52 13.70
N GLU J 192 -14.16 6.86 13.82
CA GLU J 192 -13.66 7.35 15.10
C GLU J 192 -14.35 8.65 15.52
N TYR J 193 -14.61 9.55 14.55
CA TYR J 193 -15.29 10.80 14.87
C TYR J 193 -16.71 10.56 15.36
N LEU J 194 -17.46 9.73 14.64
CA LEU J 194 -18.81 9.36 15.05
C LEU J 194 -18.81 8.65 16.39
N ASP J 195 -17.94 7.66 16.52
CA ASP J 195 -17.85 6.88 17.74
C ASP J 195 -17.63 7.78 18.95
N TRP J 196 -16.75 8.77 18.82
CA TRP J 196 -16.51 9.71 19.92
C TRP J 196 -17.76 10.52 20.23
N PHE J 197 -18.41 11.04 19.19
CA PHE J 197 -19.59 11.88 19.42
C PHE J 197 -20.67 11.12 20.14
N LEU J 198 -21.01 9.92 19.64
CA LEU J 198 -22.12 9.19 20.21
C LEU J 198 -21.76 8.68 21.60
N ARG J 199 -20.69 7.92 21.72
CA ARG J 199 -20.47 7.20 22.95
C ARG J 199 -19.89 8.07 24.07
N ARG J 200 -19.19 9.15 23.75
CA ARG J 200 -18.66 9.95 24.84
C ARG J 200 -19.74 10.80 25.51
N LYS J 201 -20.82 11.14 24.82
CA LYS J 201 -21.87 11.97 25.38
C LYS J 201 -23.02 11.17 26.00
N ALA J 202 -23.01 9.84 25.87
CA ALA J 202 -24.04 9.05 26.53
C ALA J 202 -23.65 8.79 27.98
N ALA J 203 -24.67 8.63 28.84
CA ALA J 203 -24.39 8.23 30.21
C ALA J 203 -23.79 6.83 30.27
N ASN J 204 -24.27 5.93 29.43
CA ASN J 204 -23.79 4.57 29.31
C ASN J 204 -23.54 4.39 27.82
N PRO J 205 -22.30 4.13 27.41
CA PRO J 205 -22.02 4.02 25.96
C PRO J 205 -22.64 2.83 25.29
N GLU J 206 -23.01 1.80 26.04
CA GLU J 206 -23.67 0.64 25.48
C GLU J 206 -25.08 0.94 25.04
N SER J 207 -25.56 2.16 25.28
CA SER J 207 -26.80 2.60 24.66
C SER J 207 -26.70 2.62 23.14
N PHE J 208 -25.47 2.61 22.58
CA PHE J 208 -25.23 2.53 21.14
C PHE J 208 -24.54 1.19 20.85
N SER J 209 -25.24 0.30 20.15
CA SER J 209 -24.58 -0.93 19.71
C SER J 209 -23.62 -0.63 18.54
N ASP J 210 -22.77 -1.62 18.24
CA ASP J 210 -21.93 -1.51 17.04
C ASP J 210 -22.80 -1.34 15.79
N ALA J 211 -23.96 -2.01 15.77
CA ALA J 211 -24.90 -1.92 14.66
C ALA J 211 -25.53 -0.53 14.55
N ASP J 212 -25.76 0.15 15.69
CA ASP J 212 -26.23 1.52 15.65
C ASP J 212 -25.18 2.45 15.04
N VAL J 213 -23.93 2.32 15.49
CA VAL J 213 -22.85 3.12 14.93
C VAL J 213 -22.70 2.86 13.45
N ASP J 214 -22.81 1.59 13.01
CA ASP J 214 -22.77 1.24 11.59
C ASP J 214 -23.82 2.02 10.81
N GLU J 215 -25.04 2.10 11.34
CA GLU J 215 -26.11 2.78 10.63
C GLU J 215 -25.81 4.27 10.54
N TYR J 216 -25.35 4.88 11.63
CA TYR J 216 -25.02 6.29 11.56
C TYR J 216 -23.82 6.53 10.64
N LEU J 217 -22.85 5.60 10.61
CA LEU J 217 -21.73 5.72 9.69
C LEU J 217 -22.19 5.62 8.24
N ARG J 218 -23.15 4.74 7.95
CA ARG J 218 -23.68 4.64 6.60
C ARG J 218 -24.16 6.00 6.08
N VAL J 219 -25.00 6.70 6.85
CA VAL J 219 -25.51 7.97 6.32
C VAL J 219 -24.49 9.08 6.48
N PHE J 220 -23.50 8.94 7.37
CA PHE J 220 -22.43 9.93 7.51
C PHE J 220 -21.50 9.98 6.28
N THR J 221 -21.07 8.83 5.81
CA THR J 221 -20.09 8.71 4.77
C THR J 221 -20.65 8.64 3.39
N ARG J 222 -21.97 8.57 3.32
CA ARG J 222 -22.79 8.55 2.07
C ARG J 222 -22.71 9.93 1.46
N ASP J 223 -22.79 10.05 0.12
CA ASP J 223 -22.52 11.26 -0.66
C ASP J 223 -23.06 12.49 0.06
N GLY J 224 -22.14 13.42 0.30
CA GLY J 224 -22.42 14.69 0.95
C GLY J 224 -22.86 14.71 2.40
N GLY J 225 -22.80 13.57 3.09
CA GLY J 225 -23.26 13.53 4.47
C GLY J 225 -22.50 14.48 5.37
N LEU J 226 -21.17 14.41 5.31
CA LEU J 226 -20.36 15.29 6.16
C LEU J 226 -20.54 16.75 5.77
N ARG J 227 -20.47 17.06 4.47
CA ARG J 227 -20.72 18.43 4.00
C ARG J 227 -22.04 18.98 4.55
N ALA J 228 -23.10 18.17 4.46
CA ALA J 228 -24.42 18.64 4.89
C ALA J 228 -24.49 18.80 6.41
N GLY J 229 -23.90 17.85 7.14
CA GLY J 229 -23.87 18.00 8.60
C GLY J 229 -23.18 19.28 9.01
N LEU J 230 -22.03 19.56 8.42
CA LEU J 230 -21.31 20.78 8.79
C LEU J 230 -22.09 22.02 8.37
N ALA J 231 -22.84 21.94 7.28
CA ALA J 231 -23.51 23.12 6.74
C ALA J 231 -24.48 23.73 7.75
N PHE J 232 -25.11 22.90 8.61
CA PHE J 232 -25.97 23.45 9.65
C PHE J 232 -25.20 24.40 10.56
N TYR J 233 -24.00 23.99 10.95
CA TYR J 233 -23.20 24.82 11.82
C TYR J 233 -22.66 26.04 11.09
N ARG J 234 -22.34 25.87 9.80
CA ARG J 234 -21.77 26.94 9.01
C ARG J 234 -22.79 28.03 8.67
N ALA J 235 -24.09 27.72 8.72
CA ALA J 235 -25.13 28.71 8.50
C ALA J 235 -25.66 29.26 9.80
N VAL J 236 -24.99 29.00 10.93
CA VAL J 236 -25.60 29.28 12.23
C VAL J 236 -25.73 30.78 12.47
N SER J 237 -24.84 31.58 11.89
CA SER J 237 -24.97 33.01 12.13
C SER J 237 -26.16 33.59 11.36
N GLU J 238 -26.45 33.06 10.18
CA GLU J 238 -27.67 33.47 9.48
C GLU J 238 -28.92 33.00 10.22
N SER J 239 -28.88 31.77 10.72
CA SER J 239 -29.99 31.22 11.50
C SER J 239 -30.23 32.02 12.77
N SER J 240 -29.15 32.47 13.39
CA SER J 240 -29.26 33.30 14.59
C SER J 240 -29.98 34.61 14.29
N ALA J 241 -29.55 35.29 13.22
CA ALA J 241 -30.19 36.56 12.84
C ALA J 241 -31.66 36.35 12.52
N GLN J 242 -31.98 35.24 11.85
CA GLN J 242 -33.37 34.93 11.58
C GLN J 242 -34.15 34.82 12.89
N ASN J 243 -33.60 34.07 13.84
CA ASN J 243 -34.32 33.83 15.08
C ASN J 243 -34.48 35.11 15.88
N ARG J 244 -33.50 36.01 15.81
CA ARG J 244 -33.64 37.28 16.50
C ARG J 244 -34.75 38.12 15.89
N LYS J 245 -34.92 38.05 14.59
CA LYS J 245 -36.01 38.77 13.97
C LYS J 245 -37.32 38.14 14.40
N LEU J 246 -37.37 36.83 14.41
CA LEU J 246 -38.62 36.17 14.77
C LEU J 246 -38.96 36.39 16.23
N GLN J 247 -37.95 36.38 17.09
CA GLN J 247 -38.19 36.58 18.51
C GLN J 247 -38.76 37.96 18.81
N ALA J 248 -38.39 38.97 18.03
CA ALA J 248 -38.90 40.32 18.23
C ALA J 248 -40.39 40.44 17.88
N LEU J 249 -40.96 39.47 17.19
CA LEU J 249 -42.39 39.50 16.92
C LEU J 249 -43.21 39.02 18.11
N GLY J 250 -42.57 38.54 19.17
CA GLY J 250 -43.29 38.03 20.32
C GLY J 250 -42.86 36.65 20.72
N LYS J 251 -43.17 36.26 21.95
CA LYS J 251 -42.84 34.93 22.41
C LYS J 251 -43.76 33.90 21.77
N LEU J 252 -43.28 32.66 21.67
CA LEU J 252 -44.10 31.52 21.26
C LEU J 252 -45.29 31.33 22.21
N LYS J 253 -46.47 31.08 21.69
CA LYS J 253 -47.64 31.02 22.54
C LYS J 253 -48.07 29.66 22.93
N MET J 254 -47.59 28.67 22.23
CA MET J 254 -48.04 27.34 22.52
C MET J 254 -47.20 26.79 23.64
N PRO J 255 -47.70 25.82 24.37
CA PRO J 255 -46.92 25.30 25.50
C PRO J 255 -45.60 24.66 25.03
N VAL J 256 -44.55 24.92 25.80
CA VAL J 256 -43.20 24.45 25.50
C VAL J 256 -42.72 23.60 26.66
N LEU J 257 -42.28 22.40 26.35
CA LEU J 257 -41.65 21.51 27.31
C LEU J 257 -40.15 21.53 27.05
N ALA J 258 -39.39 22.01 28.05
CA ALA J 258 -37.93 22.05 27.99
C ALA J 258 -37.41 20.77 28.65
N VAL J 259 -36.90 19.85 27.85
CA VAL J 259 -36.50 18.54 28.37
C VAL J 259 -34.98 18.51 28.53
N SER J 260 -34.54 18.41 29.77
CA SER J 260 -33.14 18.28 30.17
C SER J 260 -32.79 16.82 30.49
N ALA J 261 -31.50 16.56 30.50
CA ALA J 261 -30.94 15.30 30.97
C ALA J 261 -29.97 15.59 32.09
N ASP J 262 -29.98 14.75 33.13
CA ASP J 262 -29.12 15.02 34.28
C ASP J 262 -27.64 15.01 33.90
N GLN J 263 -27.25 14.29 32.83
CA GLN J 263 -25.87 14.33 32.34
C GLN J 263 -25.78 14.92 30.93
N GLY J 264 -26.73 15.78 30.55
CA GLY J 264 -26.77 16.35 29.21
C GLY J 264 -25.80 17.51 29.02
N SER J 265 -25.89 18.13 27.83
CA SER J 265 -25.03 19.24 27.47
C SER J 265 -25.46 20.56 28.10
N ILE J 266 -26.75 20.74 28.37
CA ILE J 266 -27.31 22.03 28.75
C ILE J 266 -27.61 21.99 30.24
N PRO J 267 -27.02 22.87 31.04
CA PRO J 267 -27.29 22.85 32.49
C PRO J 267 -28.72 23.27 32.81
N ASP J 268 -29.18 24.34 32.18
CA ASP J 268 -30.50 24.90 32.47
C ASP J 268 -31.21 25.18 31.15
N MET J 269 -32.24 24.40 30.85
CA MET J 269 -33.01 24.57 29.63
C MET J 269 -34.16 25.56 29.83
N ALA J 270 -34.89 25.42 30.93
CA ALA J 270 -36.10 26.21 31.11
C ALA J 270 -35.80 27.71 31.24
N GLY J 271 -34.75 28.08 31.95
CA GLY J 271 -34.40 29.46 32.19
C GLY J 271 -34.35 30.31 30.94
N PRO J 272 -33.42 29.99 30.03
CA PRO J 272 -33.32 30.78 28.80
C PRO J 272 -34.56 30.71 27.93
N LEU J 273 -35.30 29.60 27.97
CA LEU J 273 -36.48 29.49 27.11
C LEU J 273 -37.64 30.38 27.56
N GLU J 274 -37.67 30.79 28.84
CA GLU J 274 -38.70 31.72 29.29
C GLU J 274 -38.61 33.07 28.59
N HIS J 275 -37.48 33.37 27.94
CA HIS J 275 -37.33 34.57 27.13
C HIS J 275 -37.91 34.44 25.73
N VAL J 276 -38.30 33.24 25.29
CA VAL J 276 -38.82 33.05 23.94
C VAL J 276 -40.22 32.48 23.93
N ALA J 277 -40.70 31.94 25.04
CA ALA J 277 -42.01 31.30 25.09
C ALA J 277 -42.75 31.79 26.33
N GLU J 278 -44.08 31.88 26.22
CA GLU J 278 -44.86 32.38 27.35
C GLU J 278 -45.01 31.33 28.45
N GLU J 279 -45.14 30.07 28.08
CA GLU J 279 -45.39 29.00 29.04
C GLU J 279 -44.38 27.88 28.86
N VAL J 280 -43.44 27.78 29.78
CA VAL J 280 -42.38 26.79 29.72
C VAL J 280 -42.56 25.82 30.88
N THR J 281 -42.67 24.54 30.57
CA THR J 281 -42.66 23.46 31.54
C THR J 281 -41.32 22.73 31.47
N ALA J 282 -40.72 22.49 32.63
CA ALA J 282 -39.39 21.88 32.70
C ALA J 282 -39.50 20.42 33.12
N ALA J 283 -38.63 19.59 32.54
CA ALA J 283 -38.50 18.20 32.90
C ALA J 283 -37.04 17.77 32.72
N THR J 284 -36.54 16.97 33.67
CA THR J 284 -35.19 16.42 33.63
C THR J 284 -35.29 14.90 33.58
N ILE J 285 -34.63 14.29 32.60
CA ILE J 285 -34.60 12.82 32.48
C ILE J 285 -33.40 12.30 33.27
N ALA J 286 -33.64 11.33 34.15
CA ALA J 286 -32.58 10.79 34.99
C ALA J 286 -31.79 9.72 34.24
N TYR J 287 -30.51 9.61 34.59
CA TYR J 287 -29.64 8.58 34.01
C TYR J 287 -29.55 8.71 32.48
N SER J 288 -29.37 9.93 32.00
CA SER J 288 -29.27 10.14 30.56
C SER J 288 -28.20 11.16 30.22
N GLY J 289 -27.40 10.82 29.22
CA GLY J 289 -26.56 11.81 28.58
C GLY J 289 -27.37 12.55 27.54
N HIS J 290 -26.65 13.11 26.57
CA HIS J 290 -27.27 13.99 25.58
C HIS J 290 -28.33 13.28 24.75
N PHE J 291 -28.16 11.98 24.50
CA PHE J 291 -28.99 11.31 23.52
C PHE J 291 -30.23 10.70 24.17
N ILE J 292 -31.03 11.60 24.77
CA ILE J 292 -32.18 11.12 25.54
C ILE J 292 -33.08 10.17 24.82
N PRO J 293 -33.50 10.38 23.57
CA PRO J 293 -34.40 9.41 22.92
C PRO J 293 -33.86 7.99 22.85
N GLU J 294 -32.53 7.82 22.76
CA GLU J 294 -31.95 6.47 22.71
C GLU J 294 -31.57 5.94 24.08
N GLU J 295 -31.22 6.82 25.01
CA GLU J 295 -30.71 6.41 26.32
C GLU J 295 -31.83 6.09 27.32
N GLN J 296 -32.90 6.90 27.35
CA GLN J 296 -34.03 6.67 28.26
C GLN J 296 -35.33 6.79 27.47
N PRO J 297 -35.58 5.89 26.53
CA PRO J 297 -36.76 6.05 25.68
C PRO J 297 -38.07 5.99 26.46
N GLN J 298 -38.18 5.10 27.43
CA GLN J 298 -39.37 4.96 28.25
C GLN J 298 -39.67 6.21 29.02
N ALA J 299 -38.71 6.69 29.77
CA ALA J 299 -38.89 7.91 30.55
C ALA J 299 -39.25 9.09 29.65
N LEU J 300 -38.58 9.21 28.49
CA LEU J 300 -38.92 10.31 27.58
C LEU J 300 -40.32 10.17 27.02
N ALA J 301 -40.71 8.94 26.64
CA ALA J 301 -42.04 8.70 26.11
C ALA J 301 -43.08 9.12 27.10
N ARG J 302 -42.84 8.82 28.36
CA ARG J 302 -43.77 9.16 29.40
C ARG J 302 -43.96 10.64 29.50
N GLU J 303 -42.90 11.41 29.57
CA GLU J 303 -43.04 12.85 29.61
C GLU J 303 -43.77 13.36 28.36
N LEU J 304 -43.41 12.86 27.18
CA LEU J 304 -44.04 13.41 25.97
C LEU J 304 -45.53 13.09 25.93
N ARG J 305 -45.88 11.85 26.23
CA ARG J 305 -47.27 11.46 26.22
C ARG J 305 -48.06 12.30 27.24
N ASP J 306 -47.47 12.56 28.40
CA ASP J 306 -48.17 13.34 29.42
C ASP J 306 -48.28 14.80 29.01
N PHE J 307 -47.27 15.35 28.33
CA PHE J 307 -47.33 16.75 27.92
C PHE J 307 -48.15 16.95 26.66
N PHE J 308 -48.17 15.96 25.76
CA PHE J 308 -48.83 16.09 24.47
C PHE J 308 -50.32 15.73 24.64
N ARG J 309 -51.03 16.63 25.31
CA ARG J 309 -52.40 16.42 25.71
C ARG J 309 -53.17 17.72 25.52
#